data_4Z7Q
#
_entry.id   4Z7Q
#
_cell.length_a   259.440
_cell.length_b   144.240
_cell.length_c   104.500
_cell.angle_alpha   90.00
_cell.angle_beta   90.00
_cell.angle_gamma   90.00
#
_symmetry.space_group_name_H-M   'P 21 21 2'
#
loop_
_entity.id
_entity.type
_entity.pdbx_description
1 polymer 'Integrin alpha-IIb'
2 polymer 'Integrin beta-3'
3 polymer 'Monoclonal antibody 10E5 heavy chain'
4 polymer 'Monoclonal antibody 10E5 light chain'
5 polymer 'Tetrapeptide AGDV-NH2'
6 branched alpha-D-mannopyranose-(1-3)-[alpha-D-mannopyranose-(1-6)]beta-D-mannopyranose-(1-4)-2-acetamido-2-deoxy-beta-D-glucopyranose-(1-4)-2-acetamido-2-deoxy-beta-D-glucopyranose
7 branched 2-acetamido-2-deoxy-beta-D-glucopyranose-(1-4)-2-acetamido-2-deoxy-beta-D-glucopyranose
8 branched beta-D-mannopyranose-(1-4)-2-acetamido-2-deoxy-beta-D-glucopyranose-(1-4)-2-acetamido-2-deoxy-beta-D-glucopyranose
9 non-polymer 'CALCIUM ION'
10 non-polymer 'SULFATE ION'
11 non-polymer GLYCEROL
12 non-polymer 'MANGANESE (II) ION'
13 non-polymer 2-acetamido-2-deoxy-beta-D-glucopyranose
14 non-polymer alpha-D-mannopyranose
15 non-polymer 'CHLORIDE ION'
16 water water
#
loop_
_entity_poly.entity_id
_entity_poly.type
_entity_poly.pdbx_seq_one_letter_code
_entity_poly.pdbx_strand_id
1 'polypeptide(L)'
;LNLDPVQLTFYAGPNGSQFGFSLDFHKDSHGRVAIVVGAPRTLGPSQEETGGVFLCPWRAEGGQCPSLLFDLRDETRNVG
SQTLQTFKARQGLGASVVSWSDVIVACAPWQHWNVLEKTEEAEKTPVGSCFLAQPESGRRAEYSPCRGNTLSRIYVENDF
SWDKRYCEAGFSSVVTQAGELVLGAPGGYYFLGLLAQAPVADIFSSYRPGILLWHVSSQSLSFDSSNPEYFDGYWGYSVA
VGEFDGDLNTTEYVVGAPTWSWTLGAVEILDSYYQRLHRLRGEQMASYFGHSVAVTDVNGDGRHDLLVGAPLYMESRADR
KLAEVGRVYLFLQPRGPHALGAPSLLLTGTQLYGRFGSAIAPLGDLDRDGYNDIAVAAPYGGPSGRGQVLVFLGQSEGLR
SRPSQVLDSPFPTGSAFGFSLRGAVDIDDNGYPDLIVGAYGANQVAVYRAQPVV
;
A,C
2 'polypeptide(L)'
;GPNICTTRGVSSCQQCLAVSPMCAWCSDEALPLGSPRCDLKENLLKDNCAPESIEFPVSEARVLEDRPLSDKGSGDSSQV
TQVSPQRIALRLRPDDSKNFSIQVRQVEDYPVDIYYLMDLSYSMKDDLWSIQNLGTKLATQMRKLTSNLRIGFGAFVDKP
VSPYMYISPPEALENPCYDMKTTCLPMFGYKHVLTLTDQVTRFNEEVKKQSVSRNRDAPEGGFDAIMQATVCDEKIGWRN
DASHLLVFTTDAKTHIALDGRLAGIVQPNDGQCHVGSDNHYSASTTMDYPSLGLMTEKLSQKNINLIFAVTENVVNLYQN
YSELIPGTTVGVLSMDSSNVLQLIVDAYGKIRSKVELEVRDLPEELSLSFNATCLNNEVIPGLKSCMGLKIGDTVSFSIE
AKVRGCPQEKEKSFTIKPVGFKDSLIVQVTFDCDCACQAQAEPNSHRCNNGNGTFECGVCRCGPGWLGSQC
;
B,D
3 'polypeptide(L)'
;EVQLQQSGAELVKPGASVKLSCTASGFNIKDTYVHWVKQRPEQGLEWIGRIDPANGYTKYDPKFQGKATITADTSSNTAY
LQLSSLTSEDTAVYYCVRPLYDYYAMDYWGQGTSVTVSSAKTTAPSVYPLAPVCGDTTGSSVTLGCLVKGYFPEPVTLTW
NSGSLSSGVHTFPAVLQSDLYTLSSSVTVTSSTWPSQSITCNVAHPASSTKVDKKIEPR
;
E,H
4 'polypeptide(L)'
;DILMTQSPSSMSVSLGDTVSITCHASQGISSNIGWLQQKPGKSFMGLIYYGTNLVDGVPSRFSGSGSGADYSLTISSLDS
EDFADYYCVQYAQLPYTFGGGTKLEIKRADAAPTVSIFPPSSEQLTSGGASVVCFLNNFYPKDINVKWKIDGSERQNGVL
NSWTDQDSKDSTYSMSSTLTLTKDEYERHNSYTCEATHKTSTSPIVKSFNRNEC
;
F,L
5 'polypeptide(L)' AGDV(NH2) G,I
#
loop_
_chem_comp.id
_chem_comp.type
_chem_comp.name
_chem_comp.formula
BMA D-saccharide, beta linking beta-D-mannopyranose 'C6 H12 O6'
CA non-polymer 'CALCIUM ION' 'Ca 2'
CL non-polymer 'CHLORIDE ION' 'Cl -1'
GOL non-polymer GLYCEROL 'C3 H8 O3'
MAN D-saccharide, alpha linking alpha-D-mannopyranose 'C6 H12 O6'
MN non-polymer 'MANGANESE (II) ION' 'Mn 2'
NAG D-saccharide, beta linking 2-acetamido-2-deoxy-beta-D-glucopyranose 'C8 H15 N O6'
NH2 non-polymer 'AMINO GROUP' 'H2 N'
SO4 non-polymer 'SULFATE ION' 'O4 S -2'
#
# COMPACT_ATOMS: atom_id res chain seq x y z
N LEU A 1 30.42 -0.04 -37.38
CA LEU A 1 31.03 -0.97 -38.38
C LEU A 1 31.94 -0.22 -39.35
N ASN A 2 31.41 0.84 -39.95
CA ASN A 2 32.12 1.55 -41.01
C ASN A 2 32.55 2.96 -40.62
N LEU A 3 32.69 3.22 -39.32
CA LEU A 3 33.35 4.42 -38.85
C LEU A 3 34.86 4.25 -39.05
N ASP A 4 35.56 5.35 -39.28
CA ASP A 4 37.00 5.30 -39.57
C ASP A 4 37.82 5.58 -38.30
N PRO A 5 38.44 4.54 -37.72
CA PRO A 5 39.18 4.75 -36.47
C PRO A 5 40.66 5.08 -36.70
N VAL A 6 41.04 5.30 -37.96
CA VAL A 6 42.43 5.55 -38.31
C VAL A 6 42.73 7.03 -38.49
N GLN A 7 42.00 7.68 -39.40
CA GLN A 7 42.14 9.11 -39.63
C GLN A 7 41.03 9.89 -38.92
N LEU A 8 41.29 10.27 -37.67
CA LEU A 8 40.33 11.04 -36.90
C LEU A 8 40.55 12.53 -37.09
N THR A 9 39.66 13.32 -36.49
CA THR A 9 39.76 14.77 -36.48
C THR A 9 39.62 15.26 -35.05
N PHE A 10 40.52 16.15 -34.63
CA PHE A 10 40.58 16.59 -33.25
C PHE A 10 40.37 18.10 -33.10
N TYR A 11 39.35 18.47 -32.34
CA TYR A 11 39.16 19.84 -31.90
C TYR A 11 39.58 19.94 -30.44
N ALA A 12 40.14 21.08 -30.05
CA ALA A 12 40.66 21.25 -28.69
C ALA A 12 40.35 22.63 -28.14
N GLY A 13 40.14 22.70 -26.83
CA GLY A 13 39.87 23.94 -26.14
C GLY A 13 40.92 24.22 -25.07
N PRO A 14 40.71 25.28 -24.28
CA PRO A 14 41.66 25.67 -23.23
C PRO A 14 41.89 24.55 -22.21
N ASN A 15 43.07 24.55 -21.59
CA ASN A 15 43.41 23.57 -20.57
C ASN A 15 42.54 23.77 -19.33
N GLY A 16 41.83 22.71 -18.94
CA GLY A 16 41.00 22.76 -17.75
C GLY A 16 39.67 23.45 -17.93
N SER A 17 39.18 23.49 -19.18
CA SER A 17 37.91 24.13 -19.49
C SER A 17 36.80 23.10 -19.65
N GLN A 18 37.16 21.82 -19.60
CA GLN A 18 36.22 20.73 -19.84
C GLN A 18 35.56 20.87 -21.20
N PHE A 19 36.32 21.40 -22.15
CA PHE A 19 35.92 21.46 -23.55
C PHE A 19 35.53 20.07 -24.05
N GLY A 20 34.26 19.90 -24.42
CA GLY A 20 33.75 18.62 -24.88
C GLY A 20 32.80 17.98 -23.90
N PHE A 21 32.47 18.69 -22.83
CA PHE A 21 31.54 18.20 -21.82
C PHE A 21 30.17 17.96 -22.45
N SER A 22 29.82 18.80 -23.43
CA SER A 22 28.60 18.66 -24.20
C SER A 22 28.87 19.11 -25.63
N LEU A 23 28.12 18.55 -26.57
CA LEU A 23 28.29 18.93 -27.97
C LEU A 23 27.07 18.59 -28.80
N ASP A 24 27.02 19.12 -30.02
CA ASP A 24 25.93 18.84 -30.95
C ASP A 24 26.30 19.35 -32.34
N PHE A 25 25.63 18.83 -33.35
CA PHE A 25 25.80 19.32 -34.71
C PHE A 25 24.94 20.56 -34.92
N HIS A 26 25.45 21.52 -35.69
CA HIS A 26 24.72 22.76 -35.97
C HIS A 26 24.77 23.13 -37.45
N LYS A 27 23.59 23.23 -38.06
CA LYS A 27 23.46 23.63 -39.46
C LYS A 27 23.01 25.08 -39.56
N ASP A 28 23.77 25.92 -40.26
CA ASP A 28 23.36 27.30 -40.48
C ASP A 28 22.26 27.36 -41.54
N SER A 29 21.81 28.56 -41.85
CA SER A 29 20.70 28.75 -42.79
C SER A 29 21.00 28.15 -44.17
N HIS A 30 22.28 27.96 -44.47
CA HIS A 30 22.70 27.45 -45.77
C HIS A 30 22.86 25.93 -45.77
N GLY A 31 22.78 25.32 -44.59
CA GLY A 31 22.88 23.88 -44.46
C GLY A 31 24.31 23.41 -44.21
N ARG A 32 25.20 24.33 -43.86
CA ARG A 32 26.57 24.01 -43.53
C ARG A 32 26.67 23.50 -42.10
N VAL A 33 27.10 22.25 -41.93
CA VAL A 33 27.20 21.65 -40.61
C VAL A 33 28.43 22.14 -39.85
N ALA A 34 28.22 22.48 -38.58
CA ALA A 34 29.30 22.82 -37.67
C ALA A 34 29.16 21.97 -36.40
N ILE A 35 30.09 22.15 -35.47
CA ILE A 35 30.02 21.47 -34.18
C ILE A 35 30.03 22.47 -33.05
N VAL A 36 28.92 22.56 -32.30
CA VAL A 36 28.88 23.39 -31.10
C VAL A 36 29.41 22.57 -29.94
N VAL A 37 30.25 23.20 -29.11
CA VAL A 37 30.88 22.52 -27.99
C VAL A 37 30.79 23.37 -26.74
N GLY A 38 30.38 22.74 -25.64
CA GLY A 38 30.30 23.41 -24.36
C GLY A 38 31.53 23.13 -23.51
N ALA A 39 32.05 24.17 -22.88
CA ALA A 39 33.25 24.06 -22.04
C ALA A 39 32.98 24.71 -20.69
N PRO A 40 32.24 24.00 -19.82
CA PRO A 40 31.66 24.56 -18.59
C PRO A 40 32.64 25.12 -17.54
N ARG A 41 33.95 25.02 -17.78
CA ARG A 41 34.94 25.54 -16.84
C ARG A 41 35.83 26.60 -17.47
N THR A 42 35.41 27.11 -18.62
CA THR A 42 36.15 28.16 -19.32
C THR A 42 36.19 29.43 -18.48
N LEU A 43 37.36 30.04 -18.39
CA LEU A 43 37.53 31.27 -17.61
C LEU A 43 36.74 32.43 -18.21
N GLY A 44 36.29 33.33 -17.34
CA GLY A 44 35.56 34.50 -17.76
C GLY A 44 36.45 35.73 -17.73
N PRO A 45 35.87 36.90 -17.43
CA PRO A 45 36.66 38.14 -17.39
C PRO A 45 37.42 38.31 -16.08
N SER A 46 36.81 37.88 -14.98
CA SER A 46 37.40 38.04 -13.65
C SER A 46 38.35 36.89 -13.32
N GLN A 47 38.85 36.21 -14.34
CA GLN A 47 39.76 35.07 -14.17
C GLN A 47 39.13 33.99 -13.29
N GLU A 48 37.81 33.89 -13.35
CA GLU A 48 37.05 32.88 -12.60
C GLU A 48 36.27 32.01 -13.57
N GLU A 49 36.11 30.73 -13.22
CA GLU A 49 35.37 29.80 -14.07
C GLU A 49 33.92 30.27 -14.23
N THR A 50 33.47 30.31 -15.48
CA THR A 50 32.08 30.64 -15.78
C THR A 50 31.52 29.76 -16.90
N GLY A 51 32.39 29.01 -17.57
CA GLY A 51 31.99 28.20 -18.70
C GLY A 51 31.97 29.02 -19.98
N GLY A 52 31.78 28.34 -21.11
CA GLY A 52 31.76 29.00 -22.40
C GLY A 52 31.40 28.04 -23.51
N VAL A 53 31.01 28.59 -24.66
CA VAL A 53 30.59 27.79 -25.80
C VAL A 53 31.46 28.08 -27.02
N PHE A 54 31.73 27.05 -27.80
CA PHE A 54 32.54 27.17 -29.02
C PHE A 54 31.78 26.63 -30.21
N LEU A 55 31.89 27.33 -31.35
CA LEU A 55 31.25 26.89 -32.59
C LEU A 55 32.31 26.52 -33.61
N CYS A 56 32.55 25.22 -33.75
CA CYS A 56 33.65 24.70 -34.56
C CYS A 56 33.24 24.44 -36.00
N PRO A 57 33.86 25.15 -36.96
CA PRO A 57 33.59 24.83 -38.37
C PRO A 57 34.24 23.51 -38.79
N TRP A 58 33.59 22.78 -39.69
CA TRP A 58 34.12 21.49 -40.13
C TRP A 58 35.40 21.65 -40.93
N ARG A 59 36.49 21.09 -40.39
CA ARG A 59 37.76 21.01 -41.08
C ARG A 59 38.38 19.66 -40.77
N ALA A 60 38.75 18.91 -41.80
CA ALA A 60 39.30 17.57 -41.61
C ALA A 60 40.54 17.58 -40.72
N GLU A 61 41.18 18.74 -40.62
CA GLU A 61 42.39 18.89 -39.82
C GLU A 61 42.06 19.13 -38.36
N GLY A 62 40.90 19.72 -38.10
CA GLY A 62 40.51 20.10 -36.76
C GLY A 62 41.24 21.36 -36.32
N GLY A 63 41.47 21.48 -35.01
CA GLY A 63 42.22 22.60 -34.46
C GLY A 63 41.44 23.38 -33.43
N GLN A 64 41.81 24.65 -33.26
CA GLN A 64 41.15 25.54 -32.32
C GLN A 64 39.87 26.11 -32.92
N CYS A 65 38.92 26.46 -32.05
CA CYS A 65 37.64 26.99 -32.48
C CYS A 65 37.39 28.38 -31.92
N PRO A 66 36.56 29.18 -32.60
CA PRO A 66 36.20 30.51 -32.11
C PRO A 66 35.09 30.44 -31.07
N SER A 67 35.14 31.33 -30.08
CA SER A 67 34.11 31.37 -29.05
C SER A 67 32.79 31.87 -29.62
N LEU A 68 31.69 31.30 -29.10
CA LEU A 68 30.37 31.86 -29.31
C LEU A 68 30.06 32.72 -28.09
N LEU A 69 30.27 34.02 -28.22
CA LEU A 69 30.28 34.92 -27.07
C LEU A 69 28.92 35.10 -26.42
N PHE A 70 28.91 35.05 -25.09
CA PHE A 70 27.72 35.34 -24.29
C PHE A 70 28.09 36.33 -23.20
N ASP A 71 27.07 36.99 -22.63
CA ASP A 71 27.29 37.90 -21.51
C ASP A 71 27.67 37.10 -20.27
N LEU A 72 28.77 37.48 -19.63
CA LEU A 72 29.30 36.76 -18.47
C LEU A 72 29.33 37.62 -17.22
N ARG A 73 28.87 38.86 -17.34
CA ARG A 73 28.86 39.79 -16.21
C ARG A 73 27.69 39.50 -15.27
N ASP A 74 27.93 39.60 -13.97
CA ASP A 74 26.86 39.49 -13.00
C ASP A 74 25.94 40.70 -13.10
N GLU A 75 24.64 40.44 -13.11
CA GLU A 75 23.63 41.48 -13.28
C GLU A 75 22.96 41.85 -11.97
N THR A 76 22.45 43.07 -11.89
CA THR A 76 21.75 43.54 -10.71
C THR A 76 20.65 44.54 -11.11
N ARG A 77 19.48 44.41 -10.51
CA ARG A 77 18.36 45.28 -10.81
C ARG A 77 17.55 45.60 -9.56
N ASN A 78 17.61 46.86 -9.13
CA ASN A 78 16.78 47.33 -8.04
C ASN A 78 15.42 47.75 -8.58
N VAL A 79 14.39 46.99 -8.25
CA VAL A 79 13.05 47.23 -8.76
C VAL A 79 11.99 46.67 -7.83
N GLY A 80 10.84 47.33 -7.78
CA GLY A 80 9.74 46.89 -6.93
C GLY A 80 10.15 46.83 -5.47
N SER A 81 11.02 47.75 -5.07
CA SER A 81 11.57 47.79 -3.72
C SER A 81 12.31 46.48 -3.40
N GLN A 82 12.68 45.75 -4.44
CA GLN A 82 13.47 44.53 -4.30
C GLN A 82 14.76 44.66 -5.11
N THR A 83 15.71 43.77 -4.84
CA THR A 83 16.98 43.75 -5.54
C THR A 83 17.23 42.38 -6.16
N LEU A 84 17.19 42.32 -7.49
CA LEU A 84 17.42 41.08 -8.21
C LEU A 84 18.91 40.89 -8.47
N GLN A 85 19.40 39.66 -8.25
CA GLN A 85 20.82 39.36 -8.41
C GLN A 85 21.03 38.06 -9.20
N THR A 86 21.92 38.11 -10.18
CA THR A 86 22.38 36.91 -10.89
C THR A 86 23.88 36.74 -10.68
N PHE A 87 24.29 35.50 -10.42
CA PHE A 87 25.70 35.17 -10.19
C PHE A 87 26.15 34.08 -11.15
N LYS A 88 27.11 34.43 -11.99
CA LYS A 88 27.54 33.55 -13.07
C LYS A 88 28.86 32.85 -12.75
N ALA A 89 29.39 33.10 -11.56
CA ALA A 89 30.60 32.41 -11.12
C ALA A 89 30.35 30.91 -11.01
N ARG A 90 31.18 30.13 -11.71
CA ARG A 90 31.08 28.67 -11.68
CA ARG A 90 31.08 28.67 -11.67
C ARG A 90 29.68 28.20 -12.09
N GLN A 91 29.05 28.94 -12.99
CA GLN A 91 27.70 28.62 -13.44
C GLN A 91 27.68 27.39 -14.35
N GLY A 92 28.78 27.15 -15.04
CA GLY A 92 28.90 25.99 -15.91
C GLY A 92 28.23 26.18 -17.27
N LEU A 93 28.41 27.36 -17.85
CA LEU A 93 27.90 27.62 -19.19
C LEU A 93 28.52 26.66 -20.20
N GLY A 94 27.68 25.86 -20.84
CA GLY A 94 28.12 24.84 -21.77
C GLY A 94 28.06 23.45 -21.16
N ALA A 95 27.51 23.35 -19.96
CA ALA A 95 27.31 22.05 -19.31
C ALA A 95 26.31 21.23 -20.10
N SER A 96 25.59 21.89 -21.01
CA SER A 96 24.76 21.23 -21.99
C SER A 96 24.54 22.17 -23.17
N VAL A 97 24.60 21.62 -24.38
CA VAL A 97 24.32 22.41 -25.58
C VAL A 97 23.42 21.61 -26.51
N VAL A 98 22.59 22.31 -27.27
CA VAL A 98 21.73 21.69 -28.26
C VAL A 98 21.46 22.67 -29.39
N SER A 99 21.34 22.14 -30.61
CA SER A 99 21.06 22.96 -31.78
C SER A 99 19.73 22.59 -32.41
N TRP A 100 19.00 23.61 -32.85
CA TRP A 100 17.76 23.43 -33.60
C TRP A 100 17.61 24.60 -34.56
N SER A 101 17.34 24.29 -35.83
CA SER A 101 17.30 25.31 -36.87
C SER A 101 18.65 26.01 -36.91
N ASP A 102 18.64 27.32 -37.15
CA ASP A 102 19.88 28.10 -37.12
C ASP A 102 20.06 28.76 -35.74
N VAL A 103 19.70 28.01 -34.71
CA VAL A 103 19.74 28.51 -33.33
C VAL A 103 20.46 27.54 -32.40
N ILE A 104 21.21 28.10 -31.45
CA ILE A 104 21.97 27.31 -30.49
C ILE A 104 21.52 27.64 -29.07
N VAL A 105 21.28 26.58 -28.29
CA VAL A 105 20.91 26.72 -26.88
C VAL A 105 22.00 26.12 -26.01
N ALA A 106 22.66 26.97 -25.23
CA ALA A 106 23.68 26.53 -24.29
C ALA A 106 23.29 26.97 -22.88
N CYS A 107 23.38 26.04 -21.94
CA CYS A 107 22.83 26.26 -20.60
C CYS A 107 23.91 26.25 -19.51
N ALA A 108 23.63 27.03 -18.47
CA ALA A 108 24.47 27.07 -17.26
C ALA A 108 23.65 26.60 -16.07
N PRO A 109 23.63 25.28 -15.81
CA PRO A 109 22.75 24.71 -14.78
C PRO A 109 23.03 25.25 -13.38
N TRP A 110 24.19 25.85 -13.17
CA TRP A 110 24.59 26.26 -11.83
C TRP A 110 24.73 27.78 -11.71
N GLN A 111 24.05 28.51 -12.59
CA GLN A 111 23.93 29.95 -12.42
C GLN A 111 23.08 30.20 -11.20
N HIS A 112 23.60 30.99 -10.27
CA HIS A 112 22.91 31.25 -9.02
C HIS A 112 22.05 32.51 -9.10
N TRP A 113 21.09 32.59 -8.19
CA TRP A 113 20.08 33.64 -8.23
C TRP A 113 19.63 33.97 -6.82
N ASN A 114 19.52 35.26 -6.52
CA ASN A 114 19.00 35.70 -5.24
C ASN A 114 18.22 37.00 -5.38
N VAL A 115 17.29 37.22 -4.46
CA VAL A 115 16.50 38.45 -4.41
C VAL A 115 16.57 39.01 -3.00
N LEU A 116 16.86 40.30 -2.89
CA LEU A 116 16.95 40.96 -1.59
C LEU A 116 15.82 41.96 -1.40
N GLU A 117 15.27 41.97 -0.19
CA GLU A 117 14.28 42.95 0.21
C GLU A 117 14.52 43.33 1.66
N LYS A 118 15.10 44.51 1.86
CA LYS A 118 15.51 44.96 3.19
C LYS A 118 16.49 43.96 3.81
N THR A 119 16.05 43.25 4.85
CA THR A 119 16.91 42.30 5.56
C THR A 119 16.68 40.86 5.11
N GLU A 120 15.55 40.63 4.44
CA GLU A 120 15.20 39.29 3.99
C GLU A 120 15.81 38.97 2.62
N GLU A 121 15.78 37.70 2.25
CA GLU A 121 16.28 37.28 0.96
C GLU A 121 15.58 36.02 0.47
N ALA A 122 15.65 35.76 -0.83
CA ALA A 122 15.08 34.56 -1.43
C ALA A 122 16.05 33.38 -1.36
N GLU A 123 17.21 33.63 -0.76
CA GLU A 123 18.33 32.67 -0.68
C GLU A 123 19.04 32.52 -2.02
N LYS A 124 20.36 32.57 -1.95
CA LYS A 124 21.22 32.40 -3.13
C LYS A 124 21.26 30.93 -3.54
N THR A 125 20.62 30.62 -4.66
CA THR A 125 20.45 29.23 -5.09
C THR A 125 20.61 29.07 -6.61
N PRO A 126 20.97 27.85 -7.06
CA PRO A 126 21.23 27.62 -8.48
C PRO A 126 19.98 27.29 -9.29
N VAL A 127 19.25 28.33 -9.71
CA VAL A 127 18.06 28.14 -10.53
C VAL A 127 18.43 27.71 -11.94
N GLY A 128 19.67 27.99 -12.33
CA GLY A 128 20.14 27.69 -13.67
C GLY A 128 19.58 28.67 -14.69
N SER A 129 20.20 28.73 -15.85
CA SER A 129 19.75 29.60 -16.93
C SER A 129 20.22 29.07 -18.27
N CYS A 130 19.50 29.43 -19.33
CA CYS A 130 19.84 29.02 -20.69
C CYS A 130 20.11 30.24 -21.57
N PHE A 131 21.21 30.19 -22.29
CA PHE A 131 21.58 31.24 -23.24
C PHE A 131 21.29 30.77 -24.66
N LEU A 132 20.57 31.60 -25.41
CA LEU A 132 20.21 31.27 -26.79
C LEU A 132 20.86 32.25 -27.74
N ALA A 133 21.22 31.77 -28.93
CA ALA A 133 21.92 32.59 -29.91
C ALA A 133 21.56 32.22 -31.34
N GLN A 134 21.54 33.24 -32.20
CA GLN A 134 21.42 33.05 -33.64
C GLN A 134 22.68 33.61 -34.29
N PRO A 135 23.74 32.79 -34.39
CA PRO A 135 25.08 33.23 -34.80
C PRO A 135 25.11 34.11 -36.06
N GLU A 136 24.35 33.75 -37.08
CA GLU A 136 24.38 34.47 -38.35
C GLU A 136 23.90 35.90 -38.22
N SER A 137 22.97 36.15 -37.30
CA SER A 137 22.38 37.46 -37.11
C SER A 137 22.92 38.17 -35.87
N GLY A 138 23.48 37.39 -34.95
CA GLY A 138 24.05 37.93 -33.74
C GLY A 138 23.02 38.11 -32.63
N ARG A 139 21.77 37.75 -32.91
CA ARG A 139 20.71 37.84 -31.92
C ARG A 139 21.01 36.97 -30.71
N ARG A 140 20.72 37.50 -29.53
CA ARG A 140 20.92 36.78 -28.27
C ARG A 140 19.66 36.83 -27.42
N ALA A 141 19.55 35.88 -26.49
CA ALA A 141 18.43 35.85 -25.57
C ALA A 141 18.75 34.91 -24.42
N GLU A 142 17.90 34.93 -23.39
CA GLU A 142 18.07 34.06 -22.24
C GLU A 142 16.76 33.42 -21.84
N TYR A 143 16.84 32.41 -20.99
CA TYR A 143 15.66 31.74 -20.46
C TYR A 143 16.00 31.12 -19.11
N SER A 144 15.29 31.56 -18.08
CA SER A 144 15.54 31.11 -16.72
C SER A 144 14.21 30.99 -15.96
N PRO A 145 13.41 29.96 -16.30
CA PRO A 145 12.03 29.83 -15.82
C PRO A 145 11.90 29.64 -14.31
N CYS A 146 12.99 29.24 -13.66
CA CYS A 146 12.96 28.92 -12.24
C CYS A 146 13.25 30.13 -11.35
N ARG A 147 13.64 31.24 -11.96
CA ARG A 147 13.82 32.48 -11.22
C ARG A 147 12.51 32.91 -10.56
N GLY A 148 12.60 33.38 -9.32
CA GLY A 148 11.45 33.87 -8.60
C GLY A 148 11.81 35.06 -7.74
N ASN A 149 10.79 35.70 -7.16
CA ASN A 149 10.99 36.86 -6.29
C ASN A 149 10.33 36.64 -4.94
N THR A 150 10.07 35.37 -4.61
CA THR A 150 9.49 35.01 -3.33
C THR A 150 10.59 34.95 -2.27
N LEU A 151 10.28 35.42 -1.07
CA LEU A 151 11.26 35.46 0.01
C LEU A 151 11.32 34.14 0.76
N SER A 152 12.44 33.92 1.45
CA SER A 152 12.68 32.68 2.19
C SER A 152 11.57 32.38 3.19
N ARG A 153 11.09 33.43 3.86
CA ARG A 153 10.06 33.29 4.88
C ARG A 153 8.78 32.66 4.32
N ILE A 154 8.40 33.09 3.12
CA ILE A 154 7.17 32.60 2.50
C ILE A 154 7.24 31.10 2.23
N TYR A 155 8.36 30.64 1.66
CA TYR A 155 8.55 29.22 1.39
C TYR A 155 8.39 28.38 2.66
N VAL A 156 8.92 28.89 3.76
CA VAL A 156 8.82 28.21 5.05
C VAL A 156 7.36 28.15 5.51
N GLU A 157 6.67 29.28 5.41
CA GLU A 157 5.28 29.36 5.84
C GLU A 157 4.34 28.53 4.96
N ASN A 158 4.80 28.20 3.75
CA ASN A 158 4.02 27.39 2.82
C ASN A 158 4.59 25.97 2.69
N ASP A 159 5.44 25.59 3.65
CA ASP A 159 5.98 24.22 3.71
C ASP A 159 6.75 23.83 2.45
N PHE A 160 7.49 24.79 1.91
CA PHE A 160 8.39 24.55 0.78
C PHE A 160 7.70 23.88 -0.41
N SER A 161 6.51 24.38 -0.74
CA SER A 161 5.77 23.90 -1.90
C SER A 161 6.15 24.72 -3.12
N TRP A 162 6.24 24.06 -4.27
CA TRP A 162 6.53 24.74 -5.53
C TRP A 162 7.81 25.55 -5.43
N ASP A 163 8.82 24.96 -4.80
CA ASP A 163 10.11 25.60 -4.59
C ASP A 163 11.02 25.36 -5.79
N LYS A 164 11.09 26.34 -6.69
CA LYS A 164 11.90 26.24 -7.89
C LYS A 164 13.27 26.87 -7.73
N ARG A 165 13.69 27.10 -6.49
CA ARG A 165 14.91 27.85 -6.22
C ARG A 165 16.19 27.10 -6.62
N TYR A 166 16.10 25.78 -6.77
CA TYR A 166 17.28 24.96 -7.06
C TYR A 166 17.14 24.16 -8.35
N CYS A 167 16.18 24.55 -9.19
CA CYS A 167 15.88 23.85 -10.43
C CYS A 167 17.11 23.38 -11.20
N GLU A 168 18.11 24.24 -11.29
CA GLU A 168 19.25 24.01 -12.17
C GLU A 168 18.76 23.73 -13.58
N ALA A 169 17.90 24.60 -14.08
CA ALA A 169 17.36 24.46 -15.42
C ALA A 169 18.48 24.50 -16.46
N GLY A 170 18.47 23.54 -17.37
CA GLY A 170 19.49 23.42 -18.39
C GLY A 170 20.41 22.25 -18.15
N PHE A 171 20.27 21.62 -16.98
CA PHE A 171 21.00 20.39 -16.65
C PHE A 171 21.01 19.43 -17.83
N SER A 172 19.80 19.15 -18.34
CA SER A 172 19.63 18.48 -19.61
C SER A 172 18.72 19.33 -20.50
N SER A 173 18.75 19.06 -21.80
CA SER A 173 18.00 19.89 -22.74
C SER A 173 17.68 19.12 -24.01
N VAL A 174 16.64 19.57 -24.69
CA VAL A 174 16.23 18.99 -25.97
C VAL A 174 15.25 19.95 -26.63
N VAL A 175 15.15 19.86 -27.96
CA VAL A 175 14.24 20.73 -28.71
C VAL A 175 13.40 19.91 -29.69
N THR A 176 12.10 20.12 -29.65
CA THR A 176 11.19 19.42 -30.55
C THR A 176 11.34 19.98 -31.96
N GLN A 177 10.93 19.19 -32.95
N GLN A 177 10.93 19.19 -32.95
CA GLN A 177 11.04 19.63 -34.34
CA GLN A 177 11.02 19.60 -34.34
C GLN A 177 10.16 20.84 -34.61
C GLN A 177 10.18 20.85 -34.59
N ALA A 178 9.20 21.09 -33.72
CA ALA A 178 8.32 22.24 -33.84
C ALA A 178 8.96 23.52 -33.28
N GLY A 179 10.12 23.37 -32.65
CA GLY A 179 10.86 24.50 -32.12
C GLY A 179 10.50 24.82 -30.68
N GLU A 180 10.21 23.77 -29.91
CA GLU A 180 9.88 23.92 -28.50
C GLU A 180 11.02 23.39 -27.63
N LEU A 181 11.64 24.30 -26.88
CA LEU A 181 12.74 23.94 -25.99
C LEU A 181 12.20 23.24 -24.76
N VAL A 182 12.95 22.25 -24.26
CA VAL A 182 12.56 21.50 -23.08
C VAL A 182 13.77 21.29 -22.17
N LEU A 183 13.70 21.86 -20.98
CA LEU A 183 14.83 21.84 -20.05
C LEU A 183 14.56 20.92 -18.86
N GLY A 184 15.50 20.03 -18.59
CA GLY A 184 15.45 19.20 -17.40
C GLY A 184 16.00 19.96 -16.21
N ALA A 185 15.26 19.94 -15.11
CA ALA A 185 15.62 20.68 -13.91
C ALA A 185 15.60 19.76 -12.69
N PRO A 186 16.67 18.96 -12.49
CA PRO A 186 16.66 17.90 -11.48
C PRO A 186 16.48 18.39 -10.04
N GLY A 187 16.65 19.69 -9.82
CA GLY A 187 16.57 20.24 -8.47
C GLY A 187 15.25 20.94 -8.21
N GLY A 188 14.34 20.90 -9.18
CA GLY A 188 13.07 21.60 -9.06
C GLY A 188 12.18 21.01 -7.98
N TYR A 189 11.36 21.87 -7.38
CA TYR A 189 10.40 21.45 -6.37
C TYR A 189 11.09 20.70 -5.23
N TYR A 190 12.20 21.28 -4.76
CA TYR A 190 13.01 20.72 -3.69
C TYR A 190 13.56 19.34 -4.06
N PHE A 191 14.28 19.30 -5.18
CA PHE A 191 15.03 18.12 -5.61
C PHE A 191 14.13 16.96 -6.03
N LEU A 192 12.87 17.24 -6.29
CA LEU A 192 12.00 16.26 -6.94
C LEU A 192 12.36 16.21 -8.42
N GLY A 193 12.45 17.39 -9.02
CA GLY A 193 12.79 17.52 -10.43
C GLY A 193 11.59 17.97 -11.24
N LEU A 194 11.82 18.89 -12.17
CA LEU A 194 10.76 19.36 -13.05
C LEU A 194 11.25 19.57 -14.48
N LEU A 195 10.30 19.72 -15.39
CA LEU A 195 10.58 20.05 -16.77
C LEU A 195 10.01 21.43 -17.08
N ALA A 196 10.71 22.20 -17.90
CA ALA A 196 10.24 23.50 -18.34
C ALA A 196 10.29 23.60 -19.85
N GLN A 197 9.14 23.91 -20.45
CA GLN A 197 9.02 23.98 -21.90
C GLN A 197 8.62 25.39 -22.33
N ALA A 198 9.11 25.80 -23.49
CA ALA A 198 8.72 27.09 -24.07
C ALA A 198 9.18 27.18 -25.53
N PRO A 199 8.32 27.73 -26.42
CA PRO A 199 8.76 27.91 -27.80
C PRO A 199 9.97 28.83 -27.92
N VAL A 200 10.93 28.46 -28.76
CA VAL A 200 12.13 29.26 -28.96
C VAL A 200 11.79 30.64 -29.49
N ALA A 201 10.75 30.71 -30.33
CA ALA A 201 10.34 31.97 -30.91
C ALA A 201 9.86 32.92 -29.83
N ASP A 202 9.10 32.38 -28.89
CA ASP A 202 8.52 33.20 -27.82
C ASP A 202 9.56 33.61 -26.79
N ILE A 203 10.61 32.80 -26.65
CA ILE A 203 11.73 33.15 -25.78
C ILE A 203 12.41 34.42 -26.30
N PHE A 204 12.84 34.39 -27.55
CA PHE A 204 13.51 35.52 -28.17
C PHE A 204 12.67 36.79 -28.17
N SER A 205 11.37 36.65 -28.44
CA SER A 205 10.50 37.82 -28.62
C SER A 205 10.06 38.41 -27.30
N SER A 206 10.25 37.67 -26.20
CA SER A 206 9.83 38.12 -24.88
C SER A 206 11.03 38.53 -24.03
N TYR A 207 12.24 38.22 -24.50
CA TYR A 207 13.44 38.58 -23.76
C TYR A 207 13.93 39.98 -24.06
N ARG A 208 14.29 40.70 -23.02
CA ARG A 208 15.01 41.96 -23.13
C ARG A 208 16.10 41.98 -22.06
N PRO A 209 17.29 42.51 -22.38
CA PRO A 209 18.37 42.52 -21.39
C PRO A 209 18.09 43.47 -20.22
N GLY A 210 18.49 43.07 -19.02
CA GLY A 210 18.38 43.92 -17.84
C GLY A 210 17.13 43.67 -17.02
N ILE A 211 16.16 42.96 -17.60
CA ILE A 211 14.89 42.71 -16.93
C ILE A 211 15.02 41.64 -15.84
N LEU A 212 15.72 40.55 -16.18
CA LEU A 212 16.03 39.46 -15.25
C LEU A 212 14.81 38.62 -14.88
N LEU A 213 13.70 39.28 -14.52
CA LEU A 213 12.44 38.58 -14.28
C LEU A 213 11.41 39.01 -15.31
N TRP A 214 11.15 38.12 -16.28
CA TRP A 214 10.17 38.41 -17.31
C TRP A 214 9.28 37.21 -17.58
N HIS A 215 8.10 37.47 -18.14
CA HIS A 215 7.10 36.44 -18.39
C HIS A 215 7.18 35.86 -19.79
N VAL A 216 7.20 34.53 -19.86
CA VAL A 216 7.05 33.81 -21.12
C VAL A 216 5.73 33.05 -21.06
N SER A 217 4.67 33.69 -21.54
CA SER A 217 3.30 33.21 -21.35
C SER A 217 3.07 31.81 -21.91
N SER A 218 3.76 31.49 -23.00
CA SER A 218 3.56 30.23 -23.70
C SER A 218 4.33 29.07 -23.06
N GLN A 219 5.00 29.34 -21.94
CA GLN A 219 5.81 28.32 -21.31
C GLN A 219 4.94 27.32 -20.56
N SER A 220 5.54 26.23 -20.10
CA SER A 220 4.81 25.17 -19.42
C SER A 220 5.73 24.36 -18.51
N LEU A 221 5.52 24.48 -17.20
CA LEU A 221 6.31 23.75 -16.22
C LEU A 221 5.56 22.53 -15.68
N SER A 222 6.29 21.47 -15.36
CA SER A 222 5.69 20.29 -14.76
C SER A 222 5.31 20.60 -13.32
N PHE A 223 4.87 19.58 -12.58
CA PHE A 223 4.18 19.80 -11.31
C PHE A 223 4.88 19.19 -10.10
N ASP A 224 4.64 19.79 -8.95
CA ASP A 224 5.13 19.27 -7.67
C ASP A 224 4.37 17.98 -7.35
N SER A 225 4.79 17.26 -6.31
CA SER A 225 4.12 16.04 -5.93
C SER A 225 4.26 15.74 -4.44
N SER A 226 3.24 15.08 -3.89
CA SER A 226 3.25 14.65 -2.50
C SER A 226 3.75 13.21 -2.37
N ASN A 227 3.97 12.55 -3.51
CA ASN A 227 4.39 11.15 -3.53
C ASN A 227 5.87 10.99 -3.18
N PRO A 228 6.18 10.22 -2.11
CA PRO A 228 7.59 10.04 -1.74
C PRO A 228 8.42 9.32 -2.81
N GLU A 229 7.77 8.63 -3.75
CA GLU A 229 8.47 7.93 -4.82
C GLU A 229 9.28 8.90 -5.68
N TYR A 230 8.87 10.17 -5.70
CA TYR A 230 9.50 11.19 -6.52
C TYR A 230 10.53 12.02 -5.75
N PHE A 231 10.59 11.83 -4.44
CA PHE A 231 11.50 12.62 -3.61
C PHE A 231 12.96 12.33 -3.93
N ASP A 232 13.74 13.38 -4.13
CA ASP A 232 15.16 13.26 -4.44
C ASP A 232 15.40 12.33 -5.62
N GLY A 233 14.49 12.40 -6.60
CA GLY A 233 14.55 11.54 -7.76
C GLY A 233 15.30 12.14 -8.92
N TYR A 234 15.50 13.46 -8.87
CA TYR A 234 16.22 14.19 -9.91
C TYR A 234 15.56 13.98 -11.26
N TRP A 235 14.23 14.07 -11.24
CA TRP A 235 13.39 13.98 -12.42
C TRP A 235 13.75 15.07 -13.44
N GLY A 236 14.45 14.67 -14.50
CA GLY A 236 14.95 15.60 -15.51
C GLY A 236 16.46 15.59 -15.60
N TYR A 237 17.07 14.57 -14.99
CA TYR A 237 18.51 14.37 -15.07
C TYR A 237 18.92 14.27 -16.54
N SER A 238 18.06 13.62 -17.32
CA SER A 238 18.21 13.53 -18.76
C SER A 238 16.83 13.69 -19.41
N VAL A 239 16.81 14.16 -20.66
CA VAL A 239 15.54 14.35 -21.36
CA VAL A 239 15.55 14.36 -21.36
C VAL A 239 15.68 14.05 -22.84
N ALA A 240 14.58 13.60 -23.45
CA ALA A 240 14.51 13.33 -24.88
C ALA A 240 13.07 13.48 -25.35
N VAL A 241 12.86 13.40 -26.66
CA VAL A 241 11.53 13.51 -27.24
C VAL A 241 11.30 12.41 -28.27
N GLY A 242 10.05 12.16 -28.61
CA GLY A 242 9.71 11.14 -29.57
C GLY A 242 8.22 11.02 -29.83
N GLU A 243 7.83 9.95 -30.52
CA GLU A 243 6.43 9.66 -30.81
C GLU A 243 6.08 8.28 -30.25
N PHE A 244 5.21 8.28 -29.23
CA PHE A 244 4.90 7.05 -28.49
C PHE A 244 3.41 6.82 -28.27
N ASP A 245 2.57 7.75 -28.74
CA ASP A 245 1.13 7.66 -28.51
C ASP A 245 0.32 7.52 -29.80
N GLY A 246 1.02 7.39 -30.92
CA GLY A 246 0.36 7.18 -32.21
C GLY A 246 -0.09 8.47 -32.87
N ASP A 247 -0.28 9.52 -32.08
CA ASP A 247 -0.70 10.81 -32.60
C ASP A 247 0.52 11.60 -33.08
N LEU A 248 0.61 11.77 -34.39
CA LEU A 248 1.76 12.46 -35.00
C LEU A 248 1.74 13.97 -34.71
N ASN A 249 0.58 14.50 -34.34
CA ASN A 249 0.44 15.93 -34.07
C ASN A 249 0.92 16.31 -32.67
N THR A 250 0.87 15.36 -31.74
CA THR A 250 1.36 15.57 -30.39
C THR A 250 2.81 15.10 -30.29
N THR A 251 3.58 15.76 -29.41
CA THR A 251 4.97 15.38 -29.16
C THR A 251 5.12 14.91 -27.72
N GLU A 252 5.64 13.69 -27.55
CA GLU A 252 5.81 13.11 -26.24
C GLU A 252 7.21 13.35 -25.69
N TYR A 253 7.32 13.51 -24.37
CA TYR A 253 8.58 13.76 -23.70
C TYR A 253 9.06 12.51 -22.96
N VAL A 254 10.37 12.28 -23.00
CA VAL A 254 10.99 11.20 -22.23
C VAL A 254 11.87 11.83 -21.15
N VAL A 255 11.64 11.46 -19.90
CA VAL A 255 12.34 12.04 -18.76
C VAL A 255 13.00 10.96 -17.93
N GLY A 256 14.25 11.21 -17.51
CA GLY A 256 14.98 10.29 -16.67
C GLY A 256 15.08 10.77 -15.25
N ALA A 257 14.76 9.88 -14.31
CA ALA A 257 14.87 10.16 -12.88
C ALA A 257 15.66 9.04 -12.22
N PRO A 258 17.00 9.13 -12.29
CA PRO A 258 17.87 8.00 -11.93
C PRO A 258 17.87 7.63 -10.44
N THR A 259 17.25 8.46 -9.60
CA THR A 259 17.16 8.18 -8.18
C THR A 259 15.70 8.12 -7.74
N TRP A 260 14.83 7.79 -8.69
CA TRP A 260 13.40 7.69 -8.43
C TRP A 260 13.06 6.50 -7.54
N SER A 261 12.14 6.72 -6.60
CA SER A 261 11.71 5.70 -5.66
C SER A 261 12.89 5.09 -4.90
N TRP A 262 13.53 5.90 -4.07
CA TRP A 262 14.64 5.46 -3.24
C TRP A 262 15.77 4.84 -4.06
N THR A 263 16.25 5.60 -5.04
CA THR A 263 17.40 5.22 -5.87
C THR A 263 17.16 3.99 -6.72
N LEU A 264 15.90 3.61 -6.91
CA LEU A 264 15.58 2.53 -7.83
C LEU A 264 15.84 3.02 -9.26
N GLY A 265 15.47 4.28 -9.50
CA GLY A 265 15.62 4.89 -10.80
C GLY A 265 14.42 4.63 -11.66
N ALA A 266 14.17 5.53 -12.62
CA ALA A 266 13.03 5.36 -13.50
C ALA A 266 13.10 6.27 -14.71
N VAL A 267 12.37 5.87 -15.76
CA VAL A 267 12.18 6.71 -16.93
C VAL A 267 10.68 6.80 -17.22
N GLU A 268 10.20 8.02 -17.45
CA GLU A 268 8.79 8.26 -17.72
C GLU A 268 8.58 8.89 -19.08
N ILE A 269 7.54 8.42 -19.78
CA ILE A 269 7.12 9.00 -21.05
C ILE A 269 5.83 9.79 -20.82
N LEU A 270 5.80 11.03 -21.30
CA LEU A 270 4.70 11.95 -21.02
C LEU A 270 4.19 12.60 -22.29
N ASP A 271 2.95 13.11 -22.23
CA ASP A 271 2.46 13.98 -23.29
C ASP A 271 2.97 15.38 -23.03
N SER A 272 2.67 16.31 -23.94
CA SER A 272 3.16 17.68 -23.81
C SER A 272 2.57 18.41 -22.59
N TYR A 273 1.57 17.80 -21.96
CA TYR A 273 0.96 18.36 -20.75
C TYR A 273 1.47 17.67 -19.49
N TYR A 274 2.54 16.89 -19.63
CA TYR A 274 3.20 16.21 -18.51
C TYR A 274 2.32 15.16 -17.82
N GLN A 275 1.29 14.68 -18.52
CA GLN A 275 0.53 13.54 -18.05
C GLN A 275 1.27 12.26 -18.43
N ARG A 276 1.41 11.36 -17.46
CA ARG A 276 2.24 10.17 -17.63
C ARG A 276 1.58 9.11 -18.51
N LEU A 277 2.35 8.60 -19.48
CA LEU A 277 1.87 7.59 -20.40
C LEU A 277 2.47 6.22 -20.09
N HIS A 278 3.73 6.21 -19.71
CA HIS A 278 4.36 4.98 -19.25
CA HIS A 278 4.45 4.98 -19.36
C HIS A 278 5.50 5.27 -18.29
N ARG A 279 5.87 4.25 -17.52
CA ARG A 279 6.99 4.36 -16.59
C ARG A 279 7.81 3.08 -16.61
N LEU A 280 9.10 3.24 -16.89
CA LEU A 280 10.06 2.14 -16.83
C LEU A 280 10.79 2.22 -15.50
N ARG A 281 10.75 1.12 -14.75
CA ARG A 281 11.38 1.07 -13.44
C ARG A 281 12.80 0.53 -13.54
N GLY A 282 13.68 1.01 -12.67
CA GLY A 282 15.04 0.49 -12.62
C GLY A 282 15.06 -0.95 -12.15
N GLU A 283 16.06 -1.70 -12.62
CA GLU A 283 16.19 -3.11 -12.28
C GLU A 283 16.94 -3.28 -10.97
N GLN A 284 17.81 -2.32 -10.68
CA GLN A 284 18.71 -2.40 -9.53
C GLN A 284 18.92 -1.03 -8.90
N MET A 285 18.99 -0.99 -7.58
CA MET A 285 19.11 0.27 -6.85
C MET A 285 20.51 0.86 -6.97
N ALA A 286 20.57 2.18 -7.08
CA ALA A 286 21.81 2.94 -7.22
C ALA A 286 22.50 2.67 -8.56
N SER A 287 21.83 1.97 -9.47
CA SER A 287 22.39 1.72 -10.79
C SER A 287 22.34 2.98 -11.65
N TYR A 288 21.54 3.94 -11.20
CA TYR A 288 21.30 5.17 -11.94
C TYR A 288 20.63 4.89 -13.29
N PHE A 289 19.61 4.04 -13.22
CA PHE A 289 18.74 3.76 -14.35
C PHE A 289 17.98 5.02 -14.77
N GLY A 290 18.35 5.58 -15.92
CA GLY A 290 17.79 6.82 -16.40
C GLY A 290 18.83 7.92 -16.47
N HIS A 291 20.09 7.55 -16.27
CA HIS A 291 21.20 8.49 -16.38
C HIS A 291 21.24 9.12 -17.76
N SER A 292 20.85 8.32 -18.75
CA SER A 292 20.82 8.77 -20.14
C SER A 292 19.70 8.05 -20.87
N VAL A 293 19.04 8.76 -21.77
CA VAL A 293 17.96 8.20 -22.57
C VAL A 293 18.14 8.58 -24.03
N ALA A 294 17.67 7.70 -24.92
CA ALA A 294 17.76 7.94 -26.35
C ALA A 294 16.51 7.41 -27.05
N VAL A 295 16.11 8.11 -28.11
CA VAL A 295 14.91 7.75 -28.86
C VAL A 295 15.23 7.63 -30.34
N THR A 296 15.07 6.42 -30.88
CA THR A 296 15.25 6.18 -32.29
C THR A 296 14.67 4.82 -32.68
N ASP A 297 14.06 4.75 -33.87
CA ASP A 297 13.54 3.48 -34.38
C ASP A 297 14.68 2.60 -34.86
N VAL A 298 14.99 1.56 -34.09
CA VAL A 298 16.13 0.71 -34.42
C VAL A 298 15.77 -0.49 -35.31
N ASN A 299 14.50 -0.90 -35.30
CA ASN A 299 14.09 -2.10 -36.02
C ASN A 299 13.26 -1.81 -37.27
N GLY A 300 13.23 -0.54 -37.69
CA GLY A 300 12.64 -0.17 -38.96
C GLY A 300 11.17 -0.53 -39.14
N ASP A 301 10.35 -0.17 -38.15
CA ASP A 301 8.90 -0.30 -38.28
C ASP A 301 8.23 1.06 -38.21
N GLY A 302 9.03 2.12 -38.25
CA GLY A 302 8.52 3.48 -38.23
C GLY A 302 8.13 3.93 -36.85
N ARG A 303 8.21 3.04 -35.87
CA ARG A 303 7.87 3.35 -34.49
C ARG A 303 9.13 3.55 -33.65
N HIS A 304 9.26 4.73 -33.05
CA HIS A 304 10.39 5.05 -32.19
C HIS A 304 10.58 4.01 -31.09
N ASP A 305 11.84 3.73 -30.78
CA ASP A 305 12.19 2.80 -29.71
C ASP A 305 13.03 3.53 -28.68
N LEU A 306 13.01 3.03 -27.44
CA LEU A 306 13.60 3.73 -26.31
C LEU A 306 14.79 2.97 -25.74
N LEU A 307 15.88 3.70 -25.52
CA LEU A 307 17.08 3.15 -24.90
C LEU A 307 17.36 3.88 -23.60
N VAL A 308 17.71 3.12 -22.56
CA VAL A 308 17.95 3.68 -21.24
C VAL A 308 19.27 3.15 -20.68
N GLY A 309 20.05 4.05 -20.11
CA GLY A 309 21.34 3.69 -19.54
C GLY A 309 21.33 3.62 -18.03
N ALA A 310 21.96 2.56 -17.50
CA ALA A 310 22.16 2.41 -16.07
C ALA A 310 23.64 2.12 -15.82
N PRO A 311 24.49 3.16 -15.92
CA PRO A 311 25.94 2.99 -15.95
C PRO A 311 26.55 2.32 -14.73
N LEU A 312 25.82 2.27 -13.61
CA LEU A 312 26.36 1.68 -12.40
C LEU A 312 25.70 0.34 -12.06
N TYR A 313 25.09 -0.29 -13.05
CA TYR A 313 24.50 -1.60 -12.84
C TYR A 313 25.58 -2.62 -12.52
N MET A 314 25.36 -3.39 -11.47
CA MET A 314 26.31 -4.42 -11.05
C MET A 314 25.84 -5.80 -11.50
N GLU A 315 26.59 -6.39 -12.42
CA GLU A 315 26.25 -7.69 -12.98
C GLU A 315 26.56 -8.81 -12.00
N SER A 316 25.72 -9.84 -11.99
CA SER A 316 25.91 -10.99 -11.11
CA SER A 316 25.91 -10.99 -11.11
C SER A 316 26.93 -11.95 -11.70
N ARG A 317 27.95 -12.29 -10.92
CA ARG A 317 29.00 -13.20 -11.36
C ARG A 317 29.15 -14.35 -10.38
N ALA A 318 30.16 -15.19 -10.61
CA ALA A 318 30.37 -16.40 -9.82
C ALA A 318 30.61 -16.09 -8.34
N ASP A 319 30.17 -17.01 -7.49
CA ASP A 319 30.40 -16.92 -6.05
C ASP A 319 29.66 -15.73 -5.42
N ARG A 320 28.44 -15.49 -5.89
CA ARG A 320 27.56 -14.47 -5.31
C ARG A 320 28.17 -13.07 -5.31
N LYS A 321 29.16 -12.84 -6.16
CA LYS A 321 29.82 -11.54 -6.23
C LYS A 321 29.29 -10.68 -7.36
N LEU A 322 29.26 -9.37 -7.12
CA LEU A 322 28.75 -8.39 -8.08
C LEU A 322 29.90 -7.59 -8.68
N ALA A 323 29.64 -6.96 -9.82
CA ALA A 323 30.66 -6.18 -10.51
C ALA A 323 30.04 -5.04 -11.30
N GLU A 324 30.20 -3.82 -10.79
CA GLU A 324 29.72 -2.63 -11.48
C GLU A 324 30.33 -2.53 -12.87
N VAL A 325 29.47 -2.56 -13.89
CA VAL A 325 29.91 -2.49 -15.29
C VAL A 325 28.99 -1.62 -16.13
N GLY A 326 27.77 -1.40 -15.65
CA GLY A 326 26.80 -0.62 -16.39
C GLY A 326 25.98 -1.48 -17.34
N ARG A 327 24.81 -1.01 -17.70
CA ARG A 327 23.90 -1.77 -18.56
C ARG A 327 23.01 -0.84 -19.39
N VAL A 328 22.57 -1.32 -20.54
CA VAL A 328 21.65 -0.58 -21.39
C VAL A 328 20.40 -1.41 -21.67
N TYR A 329 19.24 -0.76 -21.62
CA TYR A 329 17.97 -1.43 -21.82
C TYR A 329 17.30 -0.95 -23.12
N LEU A 330 16.84 -1.89 -23.93
CA LEU A 330 16.14 -1.58 -25.17
C LEU A 330 14.65 -1.88 -25.03
N PHE A 331 13.82 -0.87 -25.31
CA PHE A 331 12.38 -1.03 -25.28
C PHE A 331 11.77 -0.73 -26.64
N LEU A 332 11.25 -1.77 -27.29
CA LEU A 332 10.65 -1.62 -28.61
C LEU A 332 9.18 -1.25 -28.49
N GLN A 333 8.79 -0.17 -29.15
CA GLN A 333 7.41 0.30 -29.10
C GLN A 333 6.48 -0.68 -29.83
N PRO A 334 5.38 -1.08 -29.19
CA PRO A 334 4.46 -2.04 -29.82
C PRO A 334 3.55 -1.41 -30.86
N ARG A 335 2.89 -2.25 -31.65
CA ARG A 335 1.99 -1.78 -32.70
C ARG A 335 0.73 -1.19 -32.10
N GLY A 336 0.50 0.10 -32.33
CA GLY A 336 -0.70 0.76 -31.87
C GLY A 336 -0.66 1.11 -30.39
N PRO A 337 -1.84 1.38 -29.80
CA PRO A 337 -1.93 1.77 -28.39
C PRO A 337 -1.73 0.60 -27.42
N HIS A 338 -0.48 0.37 -27.02
CA HIS A 338 -0.16 -0.66 -26.04
C HIS A 338 1.03 -0.22 -25.19
N ALA A 339 1.10 -0.75 -23.98
CA ALA A 339 2.16 -0.40 -23.06
C ALA A 339 3.50 -1.01 -23.48
N LEU A 340 4.58 -0.26 -23.30
CA LEU A 340 5.92 -0.80 -23.50
C LEU A 340 6.15 -1.92 -22.49
N GLY A 341 6.46 -3.11 -23.00
CA GLY A 341 6.63 -4.28 -22.16
C GLY A 341 8.00 -4.33 -21.51
N ALA A 342 8.45 -5.55 -21.21
CA ALA A 342 9.78 -5.76 -20.65
C ALA A 342 10.84 -5.39 -21.68
N PRO A 343 12.08 -5.19 -21.24
CA PRO A 343 13.16 -4.86 -22.19
C PRO A 343 13.34 -5.92 -23.27
N SER A 344 13.41 -5.50 -24.52
CA SER A 344 13.59 -6.41 -25.64
C SER A 344 15.01 -6.95 -25.67
N LEU A 345 15.93 -6.20 -25.06
CA LEU A 345 17.34 -6.56 -25.06
C LEU A 345 18.07 -5.92 -23.87
N LEU A 346 19.03 -6.66 -23.31
CA LEU A 346 19.88 -6.15 -22.25
C LEU A 346 21.34 -6.17 -22.70
N LEU A 347 21.93 -4.99 -22.85
CA LEU A 347 23.36 -4.88 -23.14
C LEU A 347 24.12 -4.52 -21.87
N THR A 348 25.10 -5.35 -21.53
CA THR A 348 25.86 -5.16 -20.29
C THR A 348 27.34 -4.96 -20.58
N GLY A 349 27.95 -4.03 -19.85
CA GLY A 349 29.37 -3.77 -19.97
C GLY A 349 30.21 -4.95 -19.51
N THR A 350 31.51 -4.86 -19.76
CA THR A 350 32.45 -5.92 -19.38
CA THR A 350 32.46 -5.92 -19.41
C THR A 350 33.52 -5.39 -18.45
N GLN A 351 33.95 -4.16 -18.68
CA GLN A 351 35.01 -3.55 -17.89
C GLN A 351 34.48 -3.01 -16.57
N LEU A 352 35.10 -3.43 -15.48
CA LEU A 352 34.72 -2.96 -14.14
C LEU A 352 34.87 -1.44 -14.04
N TYR A 353 33.86 -0.79 -13.47
CA TYR A 353 33.85 0.67 -13.31
C TYR A 353 33.94 1.39 -14.64
N GLY A 354 33.54 0.71 -15.72
CA GLY A 354 33.60 1.28 -17.05
C GLY A 354 32.46 2.23 -17.34
N ARG A 355 31.36 2.07 -16.61
CA ARG A 355 30.18 2.91 -16.76
C ARG A 355 29.58 2.82 -18.17
N PHE A 356 29.47 1.60 -18.66
CA PHE A 356 28.76 1.29 -19.89
C PHE A 356 27.31 1.75 -19.80
N GLY A 357 26.93 2.70 -20.65
CA GLY A 357 25.58 3.23 -20.66
C GLY A 357 25.51 4.64 -20.12
N SER A 358 26.68 5.28 -19.97
CA SER A 358 26.74 6.64 -19.50
C SER A 358 26.24 7.60 -20.57
N ALA A 359 26.35 7.17 -21.83
CA ALA A 359 25.87 7.97 -22.96
C ALA A 359 25.39 7.05 -24.07
N ILE A 360 24.28 7.43 -24.70
CA ILE A 360 23.69 6.65 -25.78
C ILE A 360 23.27 7.60 -26.90
N ALA A 361 23.85 7.40 -28.07
CA ALA A 361 23.66 8.32 -29.19
C ALA A 361 23.10 7.59 -30.41
N PRO A 362 21.91 7.99 -30.87
CA PRO A 362 21.42 7.52 -32.17
C PRO A 362 22.37 7.89 -33.30
N LEU A 363 22.70 6.92 -34.16
CA LEU A 363 23.64 7.12 -35.25
C LEU A 363 22.95 7.29 -36.60
N GLY A 364 21.64 7.11 -36.62
CA GLY A 364 20.93 6.97 -37.87
C GLY A 364 21.35 5.63 -38.46
N ASP A 365 21.21 5.48 -39.78
CA ASP A 365 21.65 4.26 -40.44
C ASP A 365 23.11 4.39 -40.85
N LEU A 366 24.01 3.82 -40.04
CA LEU A 366 25.43 3.93 -40.27
C LEU A 366 25.86 3.17 -41.53
N ASP A 367 25.61 1.87 -41.54
CA ASP A 367 26.03 1.02 -42.65
C ASP A 367 25.04 1.02 -43.81
N ARG A 368 23.97 1.83 -43.68
CA ARG A 368 23.00 2.02 -44.76
C ARG A 368 22.26 0.73 -45.13
N ASP A 369 22.01 -0.12 -44.14
CA ASP A 369 21.34 -1.39 -44.38
C ASP A 369 19.82 -1.27 -44.24
N GLY A 370 19.35 -0.14 -43.73
CA GLY A 370 17.93 0.14 -43.61
C GLY A 370 17.42 0.16 -42.19
N TYR A 371 18.30 -0.13 -41.23
CA TYR A 371 17.95 -0.09 -39.81
C TYR A 371 18.88 0.88 -39.07
N ASN A 372 18.29 1.78 -38.29
CA ASN A 372 19.09 2.74 -37.52
C ASN A 372 19.91 2.05 -36.45
N ASP A 373 21.09 2.60 -36.20
CA ASP A 373 22.05 2.01 -35.28
C ASP A 373 22.33 3.00 -34.14
N ILE A 374 23.02 2.53 -33.11
CA ILE A 374 23.36 3.40 -31.98
C ILE A 374 24.81 3.22 -31.53
N ALA A 375 25.25 4.15 -30.68
CA ALA A 375 26.57 4.08 -30.07
C ALA A 375 26.46 4.27 -28.56
N VAL A 376 27.08 3.35 -27.81
CA VAL A 376 27.07 3.39 -26.36
C VAL A 376 28.47 3.68 -25.83
N ALA A 377 28.56 4.45 -24.75
CA ALA A 377 29.84 4.85 -24.18
C ALA A 377 30.13 4.16 -22.85
N ALA A 378 31.36 3.69 -22.71
CA ALA A 378 31.90 3.24 -21.43
C ALA A 378 33.13 4.09 -21.12
N PRO A 379 32.91 5.33 -20.64
CA PRO A 379 33.96 6.35 -20.58
C PRO A 379 35.22 5.93 -19.83
N TYR A 380 35.11 4.93 -18.96
CA TYR A 380 36.25 4.41 -18.23
C TYR A 380 36.41 2.92 -18.52
N GLY A 381 35.94 2.52 -19.69
CA GLY A 381 35.98 1.13 -20.11
C GLY A 381 37.18 0.86 -20.99
N GLY A 382 37.16 -0.30 -21.65
CA GLY A 382 38.30 -0.75 -22.42
C GLY A 382 39.30 -1.40 -21.50
N PRO A 383 40.24 -2.18 -22.07
CA PRO A 383 41.20 -2.91 -21.25
C PRO A 383 42.10 -1.98 -20.44
N SER A 384 42.35 -0.79 -20.98
CA SER A 384 43.19 0.21 -20.33
C SER A 384 42.40 1.09 -19.36
N GLY A 385 41.07 1.00 -19.43
CA GLY A 385 40.21 1.83 -18.62
C GLY A 385 40.20 3.28 -19.09
N ARG A 386 40.71 3.50 -20.30
CA ARG A 386 40.82 4.86 -20.85
C ARG A 386 39.49 5.33 -21.44
N GLY A 387 38.65 4.38 -21.84
CA GLY A 387 37.34 4.69 -22.38
C GLY A 387 37.10 4.03 -23.71
N GLN A 388 35.85 3.64 -23.95
CA GLN A 388 35.46 3.01 -25.20
C GLN A 388 34.07 3.46 -25.64
N VAL A 389 33.86 3.45 -26.96
CA VAL A 389 32.55 3.65 -27.54
C VAL A 389 32.22 2.44 -28.40
N LEU A 390 31.06 1.84 -28.16
CA LEU A 390 30.66 0.61 -28.85
C LEU A 390 29.49 0.88 -29.76
N VAL A 391 29.59 0.40 -31.00
CA VAL A 391 28.52 0.56 -31.99
C VAL A 391 27.67 -0.71 -32.07
N PHE A 392 26.36 -0.54 -31.99
CA PHE A 392 25.41 -1.64 -32.14
C PHE A 392 24.47 -1.35 -33.30
N LEU A 393 24.28 -2.33 -34.18
CA LEU A 393 23.52 -2.14 -35.40
C LEU A 393 22.06 -2.57 -35.24
N GLY A 394 21.17 -1.87 -35.95
CA GLY A 394 19.76 -2.20 -35.94
C GLY A 394 19.47 -3.45 -36.74
N GLN A 395 18.34 -4.08 -36.44
CA GLN A 395 17.90 -5.26 -37.15
C GLN A 395 16.39 -5.43 -37.01
N SER A 396 15.81 -6.33 -37.79
CA SER A 396 14.36 -6.52 -37.81
C SER A 396 13.77 -6.81 -36.43
N GLU A 397 14.61 -7.32 -35.53
CA GLU A 397 14.14 -7.74 -34.21
C GLU A 397 14.67 -6.86 -33.08
N GLY A 398 15.28 -5.73 -33.44
CA GLY A 398 15.80 -4.79 -32.45
C GLY A 398 17.22 -4.37 -32.72
N LEU A 399 18.14 -4.90 -31.92
CA LEU A 399 19.57 -4.61 -32.06
C LEU A 399 20.39 -5.89 -32.00
N ARG A 400 21.60 -5.82 -32.54
CA ARG A 400 22.56 -6.91 -32.42
C ARG A 400 23.08 -6.94 -30.98
N SER A 401 23.18 -8.14 -30.41
CA SER A 401 23.62 -8.27 -29.03
C SER A 401 25.11 -7.98 -28.88
N ARG A 402 25.84 -8.05 -29.99
CA ARG A 402 27.29 -7.83 -29.99
C ARG A 402 27.66 -6.61 -30.82
N PRO A 403 28.69 -5.86 -30.38
CA PRO A 403 29.08 -4.66 -31.13
C PRO A 403 29.69 -4.98 -32.50
N SER A 404 29.42 -4.11 -33.48
CA SER A 404 29.97 -4.27 -34.82
C SER A 404 31.32 -3.57 -34.92
N GLN A 405 31.57 -2.63 -34.01
CA GLN A 405 32.80 -1.86 -34.00
C GLN A 405 33.04 -1.27 -32.61
N VAL A 406 34.30 -1.15 -32.24
CA VAL A 406 34.67 -0.59 -30.93
C VAL A 406 35.74 0.48 -31.11
N LEU A 407 35.46 1.67 -30.59
CA LEU A 407 36.37 2.80 -30.71
C LEU A 407 37.12 3.06 -29.41
N ASP A 408 38.40 2.68 -29.38
CA ASP A 408 39.25 2.89 -28.21
C ASP A 408 39.68 4.35 -28.15
N SER A 409 39.67 4.90 -26.94
CA SER A 409 39.99 6.32 -26.74
C SER A 409 41.39 6.68 -27.25
N PRO A 410 41.50 7.73 -28.07
CA PRO A 410 42.81 8.20 -28.51
C PRO A 410 43.46 9.15 -27.50
N PHE A 411 42.82 9.33 -26.35
CA PHE A 411 43.30 10.28 -25.36
C PHE A 411 43.93 9.55 -24.17
N PRO A 412 44.58 10.29 -23.26
CA PRO A 412 45.17 9.66 -22.07
C PRO A 412 44.12 9.26 -21.04
N THR A 413 44.56 8.61 -19.97
CA THR A 413 43.67 8.19 -18.90
C THR A 413 43.03 9.39 -18.22
N GLY A 414 41.74 9.28 -17.96
CA GLY A 414 40.99 10.32 -17.25
C GLY A 414 40.36 11.35 -18.16
N SER A 415 40.30 11.05 -19.46
CA SER A 415 39.76 11.98 -20.44
C SER A 415 38.23 11.91 -20.51
N ALA A 416 37.65 10.86 -19.94
CA ALA A 416 36.21 10.63 -19.98
C ALA A 416 35.72 10.55 -21.43
N PHE A 417 36.50 9.85 -22.26
CA PHE A 417 36.17 9.64 -23.66
C PHE A 417 34.84 8.93 -23.84
N GLY A 418 33.83 9.66 -24.31
CA GLY A 418 32.50 9.11 -24.55
C GLY A 418 31.46 9.64 -23.58
N PHE A 419 31.87 10.52 -22.68
CA PHE A 419 30.95 11.12 -21.71
C PHE A 419 29.85 11.88 -22.44
N SER A 420 30.17 12.41 -23.61
CA SER A 420 29.18 13.05 -24.48
C SER A 420 29.31 12.53 -25.91
N LEU A 421 28.16 12.33 -26.55
CA LEU A 421 28.11 11.79 -27.91
C LEU A 421 27.06 12.48 -28.76
N ARG A 422 27.20 12.35 -30.07
CA ARG A 422 26.19 12.81 -31.01
C ARG A 422 26.45 12.22 -32.39
N GLY A 423 25.39 11.70 -33.01
CA GLY A 423 25.50 11.07 -34.31
C GLY A 423 24.37 11.46 -35.25
N ALA A 424 24.18 10.65 -36.30
CA ALA A 424 23.07 10.83 -37.23
C ALA A 424 23.13 12.15 -37.99
N VAL A 425 24.35 12.66 -38.22
CA VAL A 425 24.55 13.85 -39.04
C VAL A 425 25.78 13.70 -39.92
N ASP A 426 25.59 13.92 -41.21
CA ASP A 426 26.66 13.81 -42.19
C ASP A 426 27.41 15.14 -42.27
N ILE A 427 28.59 15.20 -41.66
CA ILE A 427 29.33 16.45 -41.50
C ILE A 427 30.26 16.75 -42.68
N ASP A 428 30.80 15.70 -43.30
CA ASP A 428 31.67 15.86 -44.47
C ASP A 428 30.88 15.69 -45.76
N ASP A 429 29.58 15.44 -45.61
CA ASP A 429 28.66 15.36 -46.75
C ASP A 429 29.08 14.28 -47.74
N ASN A 430 29.35 13.07 -47.23
CA ASN A 430 29.74 11.95 -48.09
C ASN A 430 28.62 10.91 -48.20
N GLY A 431 27.46 11.23 -47.65
CA GLY A 431 26.30 10.35 -47.74
C GLY A 431 26.23 9.34 -46.59
N TYR A 432 27.17 9.43 -45.66
CA TYR A 432 27.20 8.55 -44.50
C TYR A 432 27.19 9.38 -43.22
N PRO A 433 26.29 9.07 -42.27
CA PRO A 433 26.21 9.84 -41.03
C PRO A 433 27.41 9.58 -40.12
N ASP A 434 27.85 10.61 -39.39
CA ASP A 434 29.10 10.55 -38.65
C ASP A 434 28.88 10.67 -37.14
N LEU A 435 29.97 10.59 -36.38
CA LEU A 435 29.92 10.55 -34.92
C LEU A 435 30.98 11.46 -34.29
N ILE A 436 30.53 12.34 -33.39
CA ILE A 436 31.44 13.19 -32.62
C ILE A 436 31.45 12.72 -31.16
N VAL A 437 32.64 12.71 -30.58
CA VAL A 437 32.84 12.20 -29.23
C VAL A 437 33.59 13.23 -28.39
N GLY A 438 33.01 13.58 -27.24
CA GLY A 438 33.62 14.54 -26.35
C GLY A 438 34.48 13.88 -25.31
N ALA A 439 35.55 14.56 -24.92
CA ALA A 439 36.45 14.09 -23.87
C ALA A 439 36.89 15.27 -23.02
N TYR A 440 36.02 15.73 -22.12
CA TYR A 440 36.27 16.95 -21.36
C TYR A 440 37.48 16.82 -20.46
N GLY A 441 37.78 15.60 -20.02
CA GLY A 441 38.94 15.35 -19.20
C GLY A 441 40.22 15.71 -19.93
N ALA A 442 40.18 15.62 -21.26
CA ALA A 442 41.31 15.97 -22.10
C ALA A 442 41.08 17.30 -22.83
N ASN A 443 39.91 17.90 -22.62
CA ASN A 443 39.56 19.17 -23.25
C ASN A 443 39.54 19.09 -24.77
N GLN A 444 39.06 17.97 -25.30
CA GLN A 444 39.06 17.76 -26.75
C GLN A 444 37.82 17.02 -27.25
N VAL A 445 37.60 17.11 -28.55
CA VAL A 445 36.52 16.39 -29.21
C VAL A 445 37.09 15.61 -30.40
N ALA A 446 36.64 14.36 -30.55
CA ALA A 446 37.06 13.52 -31.66
C ALA A 446 35.90 13.33 -32.62
N VAL A 447 36.19 13.50 -33.91
CA VAL A 447 35.20 13.27 -34.95
C VAL A 447 35.51 12.00 -35.71
N TYR A 448 34.55 11.07 -35.74
CA TYR A 448 34.68 9.85 -36.51
C TYR A 448 33.81 9.93 -37.75
N ARG A 449 34.44 9.86 -38.91
CA ARG A 449 33.73 9.90 -40.18
C ARG A 449 33.36 8.50 -40.65
N ALA A 450 32.13 8.36 -41.14
CA ALA A 450 31.67 7.09 -41.66
C ALA A 450 32.06 6.95 -43.13
N GLN A 451 32.62 5.80 -43.47
CA GLN A 451 33.06 5.52 -44.83
C GLN A 451 32.20 4.41 -45.42
N PRO A 452 32.34 4.15 -46.74
CA PRO A 452 31.64 3.00 -47.33
C PRO A 452 32.03 1.70 -46.64
N VAL A 453 31.13 0.71 -46.66
CA VAL A 453 31.35 -0.53 -45.93
C VAL A 453 32.36 -1.42 -46.64
N VAL A 454 33.35 -1.89 -45.89
CA VAL A 454 34.34 -2.83 -46.43
C VAL A 454 33.74 -4.23 -46.48
N GLY B 1 43.75 -60.41 -17.02
CA GLY B 1 43.32 -60.14 -18.41
C GLY B 1 43.64 -58.72 -18.82
N PRO B 2 43.35 -58.37 -20.09
CA PRO B 2 43.62 -57.03 -20.61
C PRO B 2 42.69 -55.96 -20.03
N ASN B 3 43.20 -54.74 -19.90
CA ASN B 3 42.43 -53.62 -19.36
C ASN B 3 42.72 -52.34 -20.15
N ILE B 4 42.18 -51.22 -19.68
CA ILE B 4 42.38 -49.94 -20.34
C ILE B 4 43.85 -49.53 -20.39
N CYS B 5 44.65 -50.12 -19.50
CA CYS B 5 46.08 -49.83 -19.45
C CYS B 5 46.83 -50.46 -20.61
N THR B 6 46.48 -51.70 -20.93
CA THR B 6 47.16 -52.45 -21.99
C THR B 6 46.51 -52.23 -23.35
N THR B 7 45.18 -52.24 -23.37
CA THR B 7 44.44 -52.14 -24.62
C THR B 7 44.66 -50.80 -25.33
N ARG B 8 45.05 -49.78 -24.57
CA ARG B 8 45.28 -48.46 -25.15
C ARG B 8 46.54 -48.44 -26.01
N GLY B 9 47.43 -49.40 -25.78
CA GLY B 9 48.66 -49.50 -26.55
C GLY B 9 49.51 -48.25 -26.48
N VAL B 10 50.02 -47.97 -25.28
CA VAL B 10 50.83 -46.77 -25.06
C VAL B 10 52.21 -46.94 -25.68
N SER B 11 52.99 -45.85 -25.69
CA SER B 11 54.30 -45.84 -26.35
C SER B 11 55.43 -45.49 -25.38
N SER B 12 55.10 -44.90 -24.25
CA SER B 12 56.11 -44.51 -23.27
C SER B 12 55.58 -44.62 -21.84
N CYS B 13 56.47 -44.39 -20.88
CA CYS B 13 56.10 -44.44 -19.47
C CYS B 13 55.20 -43.27 -19.11
N GLN B 14 55.42 -42.13 -19.76
CA GLN B 14 54.61 -40.93 -19.52
C GLN B 14 53.17 -41.16 -19.98
N GLN B 15 53.01 -41.65 -21.20
CA GLN B 15 51.69 -41.88 -21.77
C GLN B 15 50.92 -42.91 -20.94
N CYS B 16 51.64 -43.83 -20.32
CA CYS B 16 51.03 -44.90 -19.53
C CYS B 16 50.30 -44.36 -18.31
N LEU B 17 50.93 -43.43 -17.60
CA LEU B 17 50.36 -42.88 -16.39
C LEU B 17 49.18 -41.95 -16.68
N ALA B 18 49.14 -41.43 -17.90
CA ALA B 18 48.10 -40.49 -18.30
C ALA B 18 46.79 -41.22 -18.66
N VAL B 19 46.88 -42.52 -18.86
CA VAL B 19 45.69 -43.32 -19.19
C VAL B 19 44.71 -43.31 -18.02
N SER B 20 45.15 -43.80 -16.86
CA SER B 20 44.31 -43.89 -15.69
C SER B 20 45.17 -43.89 -14.42
N PRO B 21 44.62 -43.39 -13.29
CA PRO B 21 45.40 -43.35 -12.06
C PRO B 21 45.82 -44.73 -11.52
N MET B 22 45.23 -45.80 -12.04
CA MET B 22 45.50 -47.15 -11.56
C MET B 22 46.61 -47.84 -12.35
N CYS B 23 47.12 -47.16 -13.39
CA CYS B 23 48.10 -47.76 -14.27
C CYS B 23 49.53 -47.59 -13.76
N ALA B 24 50.38 -48.56 -14.09
CA ALA B 24 51.79 -48.54 -13.73
C ALA B 24 52.65 -48.92 -14.93
N TRP B 25 53.93 -48.58 -14.87
CA TRP B 25 54.86 -48.86 -15.96
C TRP B 25 56.08 -49.65 -15.47
N CYS B 26 56.56 -50.55 -16.32
CA CYS B 26 57.75 -51.34 -16.02
C CYS B 26 58.93 -50.91 -16.90
N SER B 27 60.05 -50.61 -16.25
CA SER B 27 61.24 -50.13 -16.95
C SER B 27 62.31 -51.21 -17.06
N ASP B 28 61.95 -52.44 -16.73
CA ASP B 28 62.91 -53.54 -16.72
C ASP B 28 63.31 -53.96 -18.12
N GLU B 29 64.52 -54.49 -18.25
CA GLU B 29 65.03 -54.98 -19.54
C GLU B 29 64.50 -56.39 -19.81
N ALA B 30 64.70 -57.27 -18.84
CA ALA B 30 64.27 -58.67 -18.98
C ALA B 30 62.75 -58.78 -18.91
N LEU B 31 62.10 -58.38 -20.00
CA LEU B 31 60.64 -58.45 -20.09
C LEU B 31 60.25 -59.04 -21.45
N PRO B 32 59.38 -60.07 -21.47
CA PRO B 32 59.00 -60.70 -22.73
C PRO B 32 58.50 -59.71 -23.78
N LEU B 33 58.72 -60.04 -25.05
CA LEU B 33 58.34 -59.15 -26.15
C LEU B 33 56.83 -58.92 -26.19
N GLY B 34 56.07 -60.00 -26.04
CA GLY B 34 54.62 -59.92 -26.12
C GLY B 34 53.99 -59.30 -24.88
N SER B 35 54.68 -59.39 -23.76
CA SER B 35 54.15 -58.86 -22.50
C SER B 35 54.18 -57.33 -22.49
N PRO B 36 53.02 -56.69 -22.23
CA PRO B 36 52.99 -55.22 -22.20
C PRO B 36 53.70 -54.65 -20.97
N ARG B 37 54.24 -53.44 -21.11
CA ARG B 37 54.97 -52.80 -20.02
C ARG B 37 54.09 -51.81 -19.27
N CYS B 38 52.80 -51.80 -19.59
CA CYS B 38 51.85 -50.88 -18.98
C CYS B 38 50.59 -51.62 -18.53
N ASP B 39 50.56 -52.00 -17.26
CA ASP B 39 49.45 -52.76 -16.71
C ASP B 39 49.31 -52.49 -15.21
N LEU B 40 48.35 -53.15 -14.56
CA LEU B 40 48.18 -53.00 -13.12
C LEU B 40 49.46 -53.38 -12.39
N LYS B 41 49.69 -52.74 -11.23
CA LYS B 41 50.87 -53.04 -10.43
C LYS B 41 50.86 -54.49 -9.97
N GLU B 42 49.67 -55.05 -9.80
CA GLU B 42 49.53 -56.43 -9.35
C GLU B 42 49.87 -57.40 -10.47
N ASN B 43 49.77 -56.93 -11.72
CA ASN B 43 50.02 -57.78 -12.88
C ASN B 43 51.49 -57.78 -13.31
N LEU B 44 52.17 -56.66 -13.10
CA LEU B 44 53.58 -56.56 -13.47
C LEU B 44 54.43 -57.46 -12.58
N LEU B 45 54.18 -57.41 -11.27
CA LEU B 45 54.88 -58.29 -10.34
C LEU B 45 54.56 -59.75 -10.64
N LYS B 46 53.35 -60.00 -11.14
CA LYS B 46 52.93 -61.34 -11.50
C LYS B 46 53.73 -61.86 -12.70
N ASP B 47 54.16 -60.93 -13.55
CA ASP B 47 54.95 -61.28 -14.73
C ASP B 47 56.45 -61.09 -14.46
N ASN B 48 56.83 -61.24 -13.19
CA ASN B 48 58.24 -61.19 -12.79
C ASN B 48 58.92 -59.87 -13.17
N CYS B 49 58.27 -58.76 -12.86
CA CYS B 49 58.84 -57.43 -13.08
C CYS B 49 59.59 -56.96 -11.84
N ALA B 50 60.77 -56.37 -12.05
CA ALA B 50 61.59 -55.89 -10.95
C ALA B 50 60.88 -54.77 -10.18
N PRO B 51 60.71 -54.93 -8.85
CA PRO B 51 59.97 -53.93 -8.07
C PRO B 51 60.55 -52.51 -8.17
N GLU B 52 61.87 -52.40 -8.35
CA GLU B 52 62.52 -51.10 -8.40
C GLU B 52 62.25 -50.39 -9.72
N SER B 53 61.96 -51.17 -10.76
CA SER B 53 61.73 -50.62 -12.09
C SER B 53 60.27 -50.25 -12.33
N ILE B 54 59.43 -50.46 -11.31
CA ILE B 54 58.01 -50.16 -11.42
C ILE B 54 57.73 -48.69 -11.11
N GLU B 55 57.18 -47.98 -12.09
CA GLU B 55 56.76 -46.59 -11.91
C GLU B 55 55.26 -46.53 -11.64
N PHE B 56 54.89 -46.17 -10.42
CA PHE B 56 53.48 -46.12 -10.03
C PHE B 56 53.25 -45.07 -8.95
N PRO B 57 53.13 -43.80 -9.34
CA PRO B 57 52.82 -42.74 -8.39
C PRO B 57 51.42 -42.90 -7.78
N VAL B 58 51.27 -42.49 -6.53
CA VAL B 58 49.98 -42.52 -5.84
C VAL B 58 49.62 -41.12 -5.36
N SER B 59 48.39 -40.71 -5.62
CA SER B 59 47.90 -39.42 -5.16
C SER B 59 47.79 -39.43 -3.63
N GLU B 60 48.48 -38.48 -3.00
CA GLU B 60 48.50 -38.39 -1.54
C GLU B 60 48.27 -36.95 -1.07
N ALA B 61 48.16 -36.78 0.24
CA ALA B 61 47.93 -35.47 0.83
C ALA B 61 48.44 -35.44 2.28
N ARG B 62 49.65 -34.91 2.46
CA ARG B 62 50.27 -34.84 3.78
C ARG B 62 50.34 -33.40 4.28
N VAL B 63 50.14 -33.23 5.58
CA VAL B 63 50.16 -31.91 6.20
C VAL B 63 51.58 -31.48 6.51
N LEU B 64 51.84 -30.17 6.43
CA LEU B 64 53.14 -29.60 6.75
C LEU B 64 53.04 -28.73 8.00
N GLU B 65 52.01 -27.88 8.03
CA GLU B 65 51.70 -27.06 9.20
C GLU B 65 50.35 -27.45 9.76
N ASP B 66 50.33 -27.89 11.02
CA ASP B 66 49.09 -28.32 11.65
C ASP B 66 49.02 -27.84 13.10
N ARG B 67 49.10 -26.53 13.28
CA ARG B 67 48.97 -25.94 14.62
C ARG B 67 47.60 -26.23 15.21
N PRO B 68 47.52 -26.36 16.54
CA PRO B 68 46.19 -26.57 17.14
C PRO B 68 45.37 -25.29 17.18
N LEU B 69 44.05 -25.42 17.12
CA LEU B 69 43.16 -24.28 17.23
C LEU B 69 43.25 -23.67 18.63
N SER B 70 43.31 -22.34 18.70
CA SER B 70 43.46 -21.65 19.96
C SER B 70 42.14 -21.56 20.71
N ASP B 71 42.20 -21.74 22.03
CA ASP B 71 41.02 -21.63 22.88
C ASP B 71 40.66 -20.17 23.14
N LYS B 72 41.68 -19.31 23.10
CA LYS B 72 41.51 -17.89 23.40
C LYS B 72 42.28 -17.02 22.42
N GLY B 73 41.56 -16.10 21.77
CA GLY B 73 42.19 -15.11 20.91
C GLY B 73 42.78 -13.97 21.72
N SER B 74 42.54 -14.00 23.03
CA SER B 74 43.06 -12.97 23.93
C SER B 74 44.58 -13.05 24.03
N GLY B 75 45.21 -11.89 24.19
CA GLY B 75 46.65 -11.82 24.34
C GLY B 75 47.40 -12.30 23.12
N ASP B 76 48.55 -12.91 23.35
CA ASP B 76 49.44 -13.39 22.29
C ASP B 76 49.90 -12.26 21.38
N SER B 77 50.75 -12.60 20.42
CA SER B 77 51.19 -11.66 19.39
C SER B 77 50.68 -12.14 18.04
N SER B 78 49.36 -12.23 17.92
CA SER B 78 48.71 -12.76 16.73
C SER B 78 49.13 -14.21 16.47
N GLN B 79 49.50 -14.91 17.54
CA GLN B 79 49.78 -16.34 17.46
C GLN B 79 48.48 -17.14 17.45
N VAL B 80 47.36 -16.43 17.46
CA VAL B 80 46.05 -17.07 17.47
C VAL B 80 45.85 -17.90 16.21
N THR B 81 45.35 -19.12 16.40
CA THR B 81 45.08 -20.03 15.29
C THR B 81 43.60 -20.34 15.22
N GLN B 82 43.00 -20.05 14.07
CA GLN B 82 41.57 -20.26 13.86
C GLN B 82 41.29 -21.05 12.58
N VAL B 83 42.36 -21.55 11.97
CA VAL B 83 42.26 -22.45 10.83
C VAL B 83 43.29 -23.56 10.97
N SER B 84 42.88 -24.79 10.70
CA SER B 84 43.78 -25.93 10.82
C SER B 84 43.39 -27.05 9.85
N PRO B 85 44.38 -27.60 9.11
CA PRO B 85 45.79 -27.21 9.08
C PRO B 85 46.00 -25.87 8.36
N GLN B 86 47.20 -25.32 8.48
CA GLN B 86 47.51 -24.03 7.86
C GLN B 86 48.23 -24.23 6.53
N ARG B 87 48.74 -25.44 6.31
CA ARG B 87 49.46 -25.75 5.08
C ARG B 87 49.56 -27.25 4.89
N ILE B 88 49.31 -27.71 3.67
CA ILE B 88 49.43 -29.12 3.33
C ILE B 88 50.07 -29.29 1.97
N ALA B 89 50.77 -30.40 1.78
CA ALA B 89 51.34 -30.75 0.49
C ALA B 89 50.37 -31.69 -0.23
N LEU B 90 50.14 -31.43 -1.51
CA LEU B 90 49.22 -32.24 -2.31
C LEU B 90 49.92 -32.76 -3.57
N ARG B 91 49.75 -34.05 -3.83
CA ARG B 91 50.32 -34.66 -5.03
C ARG B 91 49.22 -35.39 -5.82
N LEU B 92 49.17 -35.13 -7.11
CA LEU B 92 48.14 -35.69 -7.99
C LEU B 92 48.72 -36.15 -9.32
N ARG B 93 48.32 -37.35 -9.75
CA ARG B 93 48.62 -37.83 -11.09
C ARG B 93 47.41 -37.54 -11.98
N PRO B 94 47.61 -37.51 -13.31
CA PRO B 94 46.58 -37.08 -14.26
C PRO B 94 45.19 -37.70 -14.05
N ASP B 95 44.16 -36.86 -14.11
CA ASP B 95 42.76 -37.28 -14.04
C ASP B 95 42.40 -37.95 -12.72
N ASP B 96 43.27 -37.83 -11.73
CA ASP B 96 43.03 -38.44 -10.42
C ASP B 96 42.50 -37.38 -9.44
N SER B 97 42.28 -37.78 -8.20
CA SER B 97 41.80 -36.87 -7.16
C SER B 97 42.18 -37.38 -5.77
N LYS B 98 42.19 -36.46 -4.82
CA LYS B 98 42.51 -36.79 -3.43
C LYS B 98 41.71 -35.91 -2.48
N ASN B 99 41.40 -36.44 -1.30
CA ASN B 99 40.57 -35.73 -0.33
C ASN B 99 41.35 -35.29 0.90
N PHE B 100 40.99 -34.12 1.43
CA PHE B 100 41.62 -33.59 2.63
C PHE B 100 40.63 -32.72 3.43
N SER B 101 40.92 -32.55 4.72
CA SER B 101 40.01 -31.85 5.62
C SER B 101 40.55 -30.50 6.08
N ILE B 102 39.64 -29.65 6.53
CA ILE B 102 40.02 -28.36 7.13
C ILE B 102 39.09 -28.07 8.31
N GLN B 103 39.65 -27.42 9.34
CA GLN B 103 38.87 -27.01 10.50
C GLN B 103 38.88 -25.50 10.64
N VAL B 104 37.78 -24.95 11.14
CA VAL B 104 37.64 -23.51 11.36
C VAL B 104 36.94 -23.24 12.69
N ARG B 105 37.49 -22.30 13.46
CA ARG B 105 36.93 -21.96 14.76
C ARG B 105 36.69 -20.46 14.89
N GLN B 106 35.46 -20.10 15.23
CA GLN B 106 35.15 -18.72 15.59
C GLN B 106 35.66 -18.50 17.02
N VAL B 107 36.91 -18.05 17.12
CA VAL B 107 37.61 -18.01 18.40
C VAL B 107 36.93 -17.13 19.43
N GLU B 108 37.02 -17.55 20.69
CA GLU B 108 36.43 -16.82 21.81
C GLU B 108 37.40 -15.76 22.33
N ASP B 109 36.86 -14.60 22.68
CA ASP B 109 37.66 -13.50 23.22
C ASP B 109 38.65 -12.98 22.18
N TYR B 110 38.13 -12.65 21.00
CA TYR B 110 38.95 -12.10 19.91
C TYR B 110 38.87 -10.57 19.91
N PRO B 111 40.00 -9.88 19.70
CA PRO B 111 39.97 -8.41 19.69
C PRO B 111 38.99 -7.82 18.68
N VAL B 112 38.48 -6.63 18.98
CA VAL B 112 37.47 -5.99 18.14
C VAL B 112 37.72 -4.48 18.03
N ASP B 113 37.57 -3.96 16.81
CA ASP B 113 37.64 -2.52 16.56
C ASP B 113 36.27 -2.02 16.13
N ILE B 114 35.78 -1.00 16.81
CA ILE B 114 34.48 -0.40 16.48
C ILE B 114 34.65 1.09 16.20
N TYR B 115 34.41 1.48 14.94
CA TYR B 115 34.48 2.88 14.56
C TYR B 115 33.08 3.44 14.35
N TYR B 116 32.64 4.28 15.30
CA TYR B 116 31.32 4.90 15.22
C TYR B 116 31.33 6.03 14.21
N LEU B 117 30.61 5.82 13.10
CA LEU B 117 30.53 6.83 12.04
C LEU B 117 29.14 7.46 12.06
N MET B 118 29.06 8.69 12.55
CA MET B 118 27.79 9.31 12.91
C MET B 118 27.35 10.45 12.00
N ASP B 119 26.11 10.39 11.54
CA ASP B 119 25.46 11.52 10.88
C ASP B 119 25.24 12.63 11.89
N LEU B 120 25.79 13.81 11.62
CA LEU B 120 25.60 14.97 12.48
C LEU B 120 24.96 16.13 11.71
N SER B 121 24.07 15.79 10.80
CA SER B 121 23.22 16.80 10.17
C SER B 121 22.17 17.22 11.19
N TYR B 122 21.50 18.34 10.93
CA TYR B 122 20.59 18.94 11.91
C TYR B 122 19.51 17.96 12.38
N SER B 123 19.14 17.03 11.51
CA SER B 123 18.13 16.04 11.84
C SER B 123 18.56 15.12 12.99
N MET B 124 19.87 15.08 13.25
CA MET B 124 20.44 14.19 14.25
C MET B 124 20.78 14.89 15.56
N LYS B 125 20.15 16.04 15.82
CA LYS B 125 20.48 16.84 16.99
C LYS B 125 20.10 16.13 18.29
N ASP B 126 18.91 15.54 18.30
N ASP B 126 18.91 15.54 18.30
CA ASP B 126 18.41 14.83 19.48
CA ASP B 126 18.42 14.84 19.49
C ASP B 126 19.20 13.55 19.75
C ASP B 126 19.21 13.56 19.75
N ASP B 127 19.78 12.99 18.69
CA ASP B 127 20.54 11.74 18.81
C ASP B 127 21.84 11.92 19.60
N LEU B 128 22.46 13.09 19.50
CA LEU B 128 23.76 13.33 20.10
C LEU B 128 23.72 13.27 21.64
N TRP B 129 22.63 13.76 22.22
N TRP B 129 22.63 13.75 22.23
CA TRP B 129 22.48 13.80 23.67
CA TRP B 129 22.51 13.80 23.68
C TRP B 129 22.41 12.40 24.27
C TRP B 129 22.43 12.40 24.28
N SER B 130 21.86 11.46 23.52
N SER B 130 21.86 11.47 23.53
CA SER B 130 21.63 10.11 24.01
CA SER B 130 21.63 10.11 24.02
C SER B 130 22.93 9.34 24.20
C SER B 130 22.94 9.34 24.21
N ILE B 131 23.85 9.46 23.24
CA ILE B 131 25.08 8.68 23.25
C ILE B 131 26.23 9.34 24.01
N GLN B 132 25.92 10.26 24.91
CA GLN B 132 26.96 10.94 25.68
C GLN B 132 27.61 10.04 26.73
N ASN B 133 27.08 8.84 26.89
N ASN B 133 27.08 8.84 26.90
CA ASN B 133 27.60 7.87 27.86
CA ASN B 133 27.61 7.87 27.86
C ASN B 133 27.79 6.50 27.21
C ASN B 133 27.80 6.50 27.21
N LEU B 134 27.64 6.45 25.89
CA LEU B 134 27.73 5.19 25.14
C LEU B 134 29.05 4.44 25.34
N GLY B 135 30.16 5.17 25.24
CA GLY B 135 31.49 4.56 25.28
C GLY B 135 31.73 3.67 26.48
N THR B 136 31.37 4.14 27.67
CA THR B 136 31.57 3.37 28.89
C THR B 136 30.56 2.23 29.00
N LYS B 137 29.34 2.46 28.52
CA LYS B 137 28.31 1.44 28.55
C LYS B 137 28.60 0.35 27.51
N LEU B 138 29.18 0.77 26.38
CA LEU B 138 29.56 -0.17 25.33
C LEU B 138 30.74 -1.02 25.77
N ALA B 139 31.58 -0.44 26.61
CA ALA B 139 32.70 -1.17 27.19
C ALA B 139 32.20 -2.26 28.12
N THR B 140 31.14 -1.96 28.85
CA THR B 140 30.61 -2.86 29.86
C THR B 140 30.03 -4.14 29.25
N GLN B 141 29.37 -4.00 28.10
CA GLN B 141 28.67 -5.11 27.48
C GLN B 141 29.58 -5.94 26.57
N MET B 142 30.60 -5.30 25.99
CA MET B 142 31.54 -5.98 25.11
C MET B 142 32.64 -6.69 25.90
N ARG B 143 32.86 -6.25 27.14
CA ARG B 143 33.86 -6.85 28.01
C ARG B 143 33.55 -8.33 28.24
N LYS B 144 32.28 -8.69 28.07
CA LYS B 144 31.85 -10.07 28.22
C LYS B 144 32.26 -10.93 27.02
N LEU B 145 32.69 -10.26 25.94
CA LEU B 145 32.98 -10.94 24.68
C LEU B 145 34.42 -10.71 24.20
N THR B 146 35.11 -9.75 24.81
CA THR B 146 36.49 -9.47 24.46
C THR B 146 37.19 -8.61 25.50
N SER B 147 38.48 -8.87 25.72
CA SER B 147 39.29 -8.08 26.64
C SER B 147 40.16 -7.08 25.87
N ASN B 148 40.10 -7.15 24.53
CA ASN B 148 40.81 -6.22 23.66
C ASN B 148 39.84 -5.43 22.79
N LEU B 149 39.24 -4.38 23.35
CA LEU B 149 38.31 -3.53 22.63
C LEU B 149 38.92 -2.16 22.37
N ARG B 150 38.80 -1.69 21.12
CA ARG B 150 39.17 -0.33 20.76
C ARG B 150 38.01 0.34 20.03
N ILE B 151 37.71 1.58 20.41
CA ILE B 151 36.63 2.33 19.80
C ILE B 151 37.09 3.69 19.28
N GLY B 152 36.40 4.18 18.26
CA GLY B 152 36.73 5.45 17.63
C GLY B 152 35.48 6.15 17.14
N PHE B 153 35.62 7.41 16.76
CA PHE B 153 34.47 8.21 16.36
C PHE B 153 34.79 9.12 15.18
N GLY B 154 33.87 9.14 14.21
CA GLY B 154 33.95 10.03 13.07
C GLY B 154 32.56 10.53 12.76
N ALA B 155 32.49 11.70 12.11
CA ALA B 155 31.20 12.30 11.79
C ALA B 155 31.18 12.88 10.38
N PHE B 156 29.98 12.95 9.81
CA PHE B 156 29.78 13.49 8.48
C PHE B 156 28.51 14.32 8.41
N VAL B 157 28.38 15.10 7.35
CA VAL B 157 27.13 15.77 7.04
C VAL B 157 26.86 15.61 5.56
N ASP B 158 27.42 16.50 4.75
CA ASP B 158 27.26 16.44 3.31
C ASP B 158 28.33 17.31 2.68
N LYS B 159 28.50 17.21 1.37
CA LYS B 159 29.47 18.02 0.66
C LYS B 159 29.22 19.51 0.89
N PRO B 160 30.17 20.23 1.53
CA PRO B 160 29.97 21.65 1.82
C PRO B 160 30.03 22.52 0.56
N VAL B 161 29.00 22.39 -0.27
CA VAL B 161 28.91 23.15 -1.51
C VAL B 161 27.45 23.26 -1.93
N SER B 162 27.13 24.34 -2.64
CA SER B 162 25.77 24.52 -3.13
C SER B 162 25.43 23.42 -4.13
N PRO B 163 24.15 22.98 -4.17
CA PRO B 163 22.99 23.43 -3.38
C PRO B 163 22.82 22.69 -2.06
N TYR B 164 23.73 21.76 -1.76
CA TYR B 164 23.67 21.03 -0.50
C TYR B 164 23.79 21.99 0.68
N MET B 165 24.60 23.03 0.50
CA MET B 165 24.95 23.96 1.57
C MET B 165 24.28 25.32 1.40
N TYR B 166 23.87 25.92 2.51
CA TYR B 166 23.38 27.29 2.51
C TYR B 166 24.55 28.23 2.35
N ILE B 167 24.48 29.12 1.35
CA ILE B 167 25.59 30.00 1.02
C ILE B 167 25.23 31.47 1.15
N SER B 168 24.03 31.75 1.66
CA SER B 168 23.57 33.12 1.83
C SER B 168 22.68 33.24 3.06
N PRO B 169 22.84 34.32 3.85
CA PRO B 169 23.85 35.39 3.76
C PRO B 169 25.23 34.91 4.15
N PRO B 170 26.21 35.83 4.26
CA PRO B 170 27.55 35.45 4.72
C PRO B 170 27.52 34.86 6.12
N GLU B 171 26.57 35.32 6.93
CA GLU B 171 26.38 34.82 8.29
C GLU B 171 26.04 33.33 8.28
N ALA B 172 25.40 32.87 7.22
CA ALA B 172 24.93 31.49 7.14
C ALA B 172 26.08 30.50 6.99
N LEU B 173 27.22 30.96 6.47
CA LEU B 173 28.37 30.09 6.28
C LEU B 173 29.02 29.75 7.62
N GLU B 174 29.22 30.75 8.46
CA GLU B 174 29.78 30.54 9.78
C GLU B 174 28.75 29.85 10.68
N ASN B 175 27.48 30.08 10.40
CA ASN B 175 26.39 29.53 11.22
C ASN B 175 25.18 29.17 10.36
N PRO B 176 25.14 27.94 9.83
CA PRO B 176 24.02 27.47 9.01
C PRO B 176 22.65 27.58 9.68
N CYS B 177 22.63 27.81 10.99
CA CYS B 177 21.37 27.90 11.75
C CYS B 177 21.01 29.34 12.07
N TYR B 178 21.48 30.28 11.27
CA TYR B 178 21.34 31.70 11.58
C TYR B 178 19.88 32.16 11.54
N ASP B 179 19.11 31.66 10.58
CA ASP B 179 17.75 32.16 10.37
C ASP B 179 16.80 31.62 11.43
N MET B 180 17.23 30.60 12.14
CA MET B 180 16.51 30.10 13.30
C MET B 180 17.04 30.84 14.54
N LYS B 181 16.81 30.29 15.73
CA LYS B 181 17.26 30.95 16.96
C LYS B 181 18.31 30.11 17.70
N THR B 182 19.23 29.52 16.94
CA THR B 182 20.29 28.70 17.51
C THR B 182 21.58 28.80 16.70
N THR B 183 22.65 28.21 17.24
CA THR B 183 23.93 28.14 16.56
C THR B 183 24.24 26.68 16.22
N CYS B 184 24.98 26.48 15.14
CA CYS B 184 25.47 25.14 14.81
C CYS B 184 26.74 25.26 13.98
N LEU B 185 27.52 24.18 13.94
CA LEU B 185 28.81 24.20 13.27
C LEU B 185 28.68 24.48 11.77
N PRO B 186 29.70 25.09 11.17
CA PRO B 186 29.71 25.20 9.70
C PRO B 186 29.69 23.83 9.04
N MET B 187 29.16 23.76 7.83
CA MET B 187 29.07 22.49 7.12
C MET B 187 30.43 21.83 6.95
N PHE B 188 30.43 20.49 7.02
CA PHE B 188 31.63 19.71 6.78
C PHE B 188 31.28 18.36 6.16
N GLY B 189 32.07 17.93 5.19
CA GLY B 189 31.82 16.66 4.53
C GLY B 189 31.99 15.50 5.48
N TYR B 190 33.23 15.29 5.90
CA TYR B 190 33.55 14.25 6.87
C TYR B 190 34.74 14.68 7.71
N LYS B 191 34.71 14.35 8.99
CA LYS B 191 35.84 14.65 9.86
C LYS B 191 36.11 13.52 10.86
N HIS B 192 37.36 13.10 10.91
CA HIS B 192 37.80 12.12 11.89
C HIS B 192 38.00 12.81 13.23
N VAL B 193 37.55 12.17 14.31
CA VAL B 193 37.56 12.77 15.63
C VAL B 193 38.43 11.99 16.60
N LEU B 194 38.17 10.69 16.70
CA LEU B 194 38.87 9.83 17.65
C LEU B 194 39.40 8.56 16.99
N THR B 195 40.72 8.46 16.93
CA THR B 195 41.38 7.25 16.46
C THR B 195 41.05 6.09 17.39
N LEU B 196 40.93 4.89 16.84
CA LEU B 196 40.60 3.70 17.61
C LEU B 196 41.52 3.54 18.83
N THR B 197 40.91 3.54 20.02
CA THR B 197 41.65 3.46 21.27
C THR B 197 40.89 2.63 22.30
N ASP B 198 41.63 2.02 23.22
CA ASP B 198 41.04 1.21 24.28
C ASP B 198 40.54 2.07 25.44
N GLN B 199 41.00 3.33 25.48
CA GLN B 199 40.52 4.27 26.50
C GLN B 199 39.15 4.78 26.10
N VAL B 200 38.12 4.24 26.75
CA VAL B 200 36.73 4.48 26.34
C VAL B 200 36.19 5.83 26.81
N THR B 201 36.77 6.38 27.87
CA THR B 201 36.36 7.69 28.35
C THR B 201 36.76 8.78 27.36
N ARG B 202 37.69 8.46 26.46
CA ARG B 202 38.05 9.38 25.40
C ARG B 202 36.90 9.52 24.41
N PHE B 203 36.20 8.41 24.19
CA PHE B 203 35.03 8.40 23.32
C PHE B 203 33.96 9.32 23.89
N ASN B 204 33.66 9.14 25.17
CA ASN B 204 32.63 9.92 25.85
C ASN B 204 32.88 11.42 25.78
N GLU B 205 34.10 11.82 26.12
CA GLU B 205 34.43 13.23 26.21
C GLU B 205 34.56 13.89 24.84
N GLU B 206 34.85 13.09 23.83
CA GLU B 206 34.90 13.59 22.45
C GLU B 206 33.48 13.82 21.95
N VAL B 207 32.58 12.89 22.26
CA VAL B 207 31.18 13.01 21.89
C VAL B 207 30.53 14.21 22.55
N LYS B 208 30.85 14.43 23.82
CA LYS B 208 30.27 15.53 24.59
C LYS B 208 30.69 16.89 24.06
N LYS B 209 31.73 16.92 23.23
CA LYS B 209 32.21 18.17 22.63
C LYS B 209 31.76 18.33 21.18
N GLN B 210 31.04 17.34 20.67
CA GLN B 210 30.53 17.39 19.30
C GLN B 210 29.16 18.07 19.24
N SER B 211 28.83 18.61 18.07
CA SER B 211 27.52 19.19 17.83
C SER B 211 27.17 19.01 16.35
N VAL B 212 25.91 19.28 16.00
CA VAL B 212 25.44 19.07 14.64
C VAL B 212 25.67 20.28 13.75
N SER B 213 25.52 20.06 12.45
CA SER B 213 25.53 21.14 11.48
C SER B 213 24.16 21.17 10.80
N ARG B 214 24.10 21.74 9.60
CA ARG B 214 22.84 21.86 8.89
C ARG B 214 23.08 22.08 7.40
N ASN B 215 22.44 21.25 6.58
CA ASN B 215 22.51 21.38 5.13
C ASN B 215 21.09 21.46 4.57
N ARG B 216 20.97 21.57 3.25
CA ARG B 216 19.66 21.85 2.64
C ARG B 216 18.86 20.59 2.33
N ASP B 217 19.50 19.58 1.72
CA ASP B 217 18.79 18.42 1.22
C ASP B 217 18.89 17.20 2.14
N ALA B 218 17.78 16.48 2.25
CA ALA B 218 17.63 15.38 3.19
C ALA B 218 18.67 14.27 3.03
N PRO B 219 18.96 13.88 1.77
CA PRO B 219 20.00 12.86 1.62
C PRO B 219 21.36 13.41 2.07
N GLU B 220 22.12 12.62 2.81
CA GLU B 220 23.40 13.07 3.32
C GLU B 220 24.56 12.30 2.68
N GLY B 221 25.75 12.85 2.80
CA GLY B 221 26.94 12.30 2.17
C GLY B 221 27.68 11.35 3.08
N GLY B 222 27.01 10.29 3.52
CA GLY B 222 27.58 9.34 4.43
C GLY B 222 28.52 8.36 3.75
N PHE B 223 28.29 8.11 2.47
CA PHE B 223 29.11 7.15 1.74
C PHE B 223 30.53 7.68 1.52
N ASP B 224 30.67 9.00 1.40
CA ASP B 224 31.99 9.62 1.37
C ASP B 224 32.76 9.25 2.62
N ALA B 225 32.04 9.24 3.75
CA ALA B 225 32.65 8.96 5.04
C ALA B 225 32.97 7.48 5.19
N ILE B 226 32.10 6.61 4.67
CA ILE B 226 32.34 5.18 4.71
C ILE B 226 33.61 4.85 3.95
N MET B 227 33.79 5.48 2.79
CA MET B 227 34.97 5.27 1.97
C MET B 227 36.24 5.64 2.72
N GLN B 228 36.30 6.87 3.23
CA GLN B 228 37.49 7.40 3.87
C GLN B 228 37.84 6.65 5.15
N ALA B 229 36.82 6.29 5.92
CA ALA B 229 37.04 5.55 7.16
C ALA B 229 37.58 4.15 6.86
N THR B 230 37.45 3.72 5.61
CA THR B 230 37.91 2.39 5.20
C THR B 230 39.33 2.44 4.66
N VAL B 231 39.61 3.38 3.77
CA VAL B 231 40.89 3.42 3.06
C VAL B 231 41.94 4.28 3.78
N CYS B 232 41.55 4.90 4.90
CA CYS B 232 42.51 5.61 5.75
C CYS B 232 42.87 4.74 6.97
N ASP B 233 43.63 3.68 6.71
CA ASP B 233 43.98 2.71 7.75
C ASP B 233 44.68 3.35 8.94
N GLU B 234 45.73 4.11 8.66
CA GLU B 234 46.62 4.62 9.70
C GLU B 234 45.94 5.65 10.59
N LYS B 235 45.00 6.41 10.02
CA LYS B 235 44.35 7.48 10.76
C LYS B 235 43.20 6.96 11.63
N ILE B 236 42.35 6.11 11.05
CA ILE B 236 41.26 5.51 11.81
C ILE B 236 41.85 4.56 12.86
N GLY B 237 42.83 3.76 12.45
CA GLY B 237 43.60 2.96 13.37
C GLY B 237 43.20 1.49 13.46
N TRP B 238 42.62 0.96 12.38
CA TRP B 238 42.25 -0.45 12.34
C TRP B 238 43.46 -1.33 12.62
N ARG B 239 43.31 -2.26 13.56
CA ARG B 239 44.37 -3.22 13.89
C ARG B 239 44.38 -4.37 12.88
N ASN B 240 45.52 -5.01 12.72
CA ASN B 240 45.66 -6.10 11.75
C ASN B 240 44.90 -7.35 12.18
N ASP B 241 45.14 -7.79 13.42
CA ASP B 241 44.46 -8.96 13.96
C ASP B 241 43.33 -8.56 14.88
N ALA B 242 42.20 -8.19 14.28
CA ALA B 242 41.01 -7.79 15.03
C ALA B 242 39.80 -7.73 14.12
N SER B 243 38.62 -7.94 14.68
CA SER B 243 37.37 -7.80 13.93
C SER B 243 37.05 -6.33 13.74
N HIS B 244 36.92 -5.91 12.49
CA HIS B 244 36.70 -4.50 12.16
C HIS B 244 35.21 -4.20 11.94
N LEU B 245 34.62 -3.46 12.88
CA LEU B 245 33.22 -3.06 12.77
C LEU B 245 33.09 -1.57 12.48
N LEU B 246 32.50 -1.25 11.34
CA LEU B 246 32.24 0.12 10.95
C LEU B 246 30.74 0.43 11.10
N VAL B 247 30.39 1.16 12.17
CA VAL B 247 29.00 1.44 12.48
C VAL B 247 28.55 2.76 11.86
N PHE B 248 27.52 2.67 11.03
CA PHE B 248 27.02 3.81 10.27
C PHE B 248 25.60 4.17 10.70
N THR B 249 25.45 5.32 11.37
CA THR B 249 24.15 5.78 11.84
C THR B 249 23.65 6.99 11.06
N THR B 250 22.36 6.97 10.73
CA THR B 250 21.72 8.09 10.06
C THR B 250 20.20 7.90 10.09
N ASP B 251 19.46 9.01 9.99
CA ASP B 251 18.01 8.96 10.00
C ASP B 251 17.42 9.32 8.64
N ALA B 252 18.29 9.52 7.64
CA ALA B 252 17.86 9.97 6.32
C ALA B 252 18.45 9.11 5.21
N LYS B 253 18.01 9.39 3.99
CA LYS B 253 18.55 8.73 2.81
C LYS B 253 20.02 9.10 2.63
N THR B 254 20.64 8.57 1.58
CA THR B 254 22.04 8.85 1.33
C THR B 254 22.28 9.19 -0.13
N HIS B 255 23.23 10.08 -0.37
CA HIS B 255 23.68 10.36 -1.73
C HIS B 255 24.50 9.20 -2.25
N ILE B 256 24.40 8.96 -3.55
CA ILE B 256 25.14 7.87 -4.19
C ILE B 256 25.97 8.42 -5.34
N ALA B 257 26.67 7.54 -6.05
CA ALA B 257 27.52 7.97 -7.16
C ALA B 257 26.68 8.67 -8.22
N LEU B 258 27.28 9.68 -8.86
CA LEU B 258 26.65 10.49 -9.91
C LEU B 258 25.59 11.47 -9.37
N ASP B 259 25.41 11.52 -8.06
CA ASP B 259 24.57 12.58 -7.46
C ASP B 259 25.34 13.89 -7.41
N GLY B 260 26.66 13.80 -7.36
CA GLY B 260 27.51 14.96 -7.21
C GLY B 260 27.39 15.96 -8.35
N ARG B 261 26.84 15.52 -9.48
CA ARG B 261 26.74 16.38 -10.64
C ARG B 261 25.84 17.58 -10.37
N LEU B 262 24.98 17.48 -9.36
CA LEU B 262 24.10 18.59 -8.98
C LEU B 262 24.88 19.70 -8.30
N ALA B 263 26.11 19.41 -7.90
CA ALA B 263 27.00 20.40 -7.31
C ALA B 263 28.16 20.73 -8.25
N GLY B 264 28.07 20.25 -9.48
CA GLY B 264 29.10 20.47 -10.47
C GLY B 264 30.28 19.51 -10.34
N ILE B 265 30.11 18.48 -9.52
CA ILE B 265 31.16 17.48 -9.31
C ILE B 265 30.96 16.30 -10.24
N VAL B 266 31.99 16.00 -11.04
CA VAL B 266 31.91 14.94 -12.03
C VAL B 266 33.02 13.91 -11.89
N GLN B 267 34.10 14.28 -11.21
CA GLN B 267 35.23 13.38 -11.03
C GLN B 267 34.83 12.16 -10.20
N PRO B 268 34.98 10.96 -10.78
CA PRO B 268 34.68 9.74 -10.01
C PRO B 268 35.51 9.61 -8.74
N ASN B 269 34.96 8.97 -7.72
CA ASN B 269 35.69 8.67 -6.50
C ASN B 269 36.88 7.76 -6.82
N ASP B 270 38.06 8.15 -6.35
CA ASP B 270 39.29 7.44 -6.70
C ASP B 270 39.65 6.34 -5.69
N GLY B 271 38.89 6.26 -4.61
CA GLY B 271 39.06 5.18 -3.64
C GLY B 271 40.31 5.33 -2.79
N GLN B 272 40.93 6.51 -2.84
CA GLN B 272 42.14 6.78 -2.08
C GLN B 272 41.84 7.64 -0.86
N CYS B 273 42.81 7.75 0.03
CA CYS B 273 42.66 8.53 1.25
C CYS B 273 42.85 10.02 0.96
N HIS B 274 42.05 10.85 1.60
CA HIS B 274 42.14 12.30 1.43
C HIS B 274 41.83 13.02 2.74
N VAL B 275 42.16 12.38 3.86
CA VAL B 275 42.00 12.96 5.19
C VAL B 275 43.37 13.29 5.77
N GLY B 276 43.69 14.58 5.84
CA GLY B 276 45.00 15.03 6.24
C GLY B 276 45.14 15.29 7.73
N SER B 277 46.07 16.17 8.08
CA SER B 277 46.35 16.49 9.47
C SER B 277 45.19 17.24 10.12
N ASP B 278 44.41 17.93 9.30
CA ASP B 278 43.25 18.68 9.80
C ASP B 278 42.07 17.74 10.06
N ASN B 279 42.25 16.46 9.78
CA ASN B 279 41.24 15.44 10.05
C ASN B 279 39.91 15.68 9.33
N HIS B 280 39.96 16.40 8.21
CA HIS B 280 38.78 16.61 7.37
C HIS B 280 38.99 16.04 5.98
N TYR B 281 37.91 15.56 5.36
CA TYR B 281 37.94 15.04 4.01
C TYR B 281 38.09 16.19 3.01
N SER B 282 39.23 16.23 2.32
CA SER B 282 39.59 17.39 1.51
C SER B 282 39.01 17.33 0.09
N ALA B 283 38.71 16.13 -0.39
CA ALA B 283 38.19 15.95 -1.75
C ALA B 283 36.66 16.01 -1.77
N SER B 284 36.05 16.43 -0.67
CA SER B 284 34.60 16.46 -0.54
C SER B 284 33.93 17.32 -1.61
N THR B 285 34.55 18.45 -1.92
CA THR B 285 33.97 19.43 -2.82
C THR B 285 34.44 19.25 -4.28
N THR B 286 35.32 18.28 -4.50
CA THR B 286 35.95 18.11 -5.82
C THR B 286 35.80 16.69 -6.38
N MET B 287 35.28 15.77 -5.57
CA MET B 287 35.21 14.37 -5.95
C MET B 287 33.83 13.78 -5.64
N ASP B 288 33.29 13.04 -6.60
CA ASP B 288 31.92 12.53 -6.50
C ASP B 288 31.77 11.47 -5.41
N TYR B 289 30.54 11.25 -4.98
CA TYR B 289 30.25 10.19 -4.02
C TYR B 289 30.68 8.85 -4.61
N PRO B 290 31.04 7.89 -3.75
CA PRO B 290 31.48 6.59 -4.26
C PRO B 290 30.33 5.67 -4.67
N SER B 291 30.59 4.76 -5.60
CA SER B 291 29.60 3.75 -5.99
C SER B 291 29.61 2.60 -4.99
N LEU B 292 28.53 1.81 -4.98
CA LEU B 292 28.42 0.68 -4.07
C LEU B 292 29.53 -0.34 -4.33
N GLY B 293 29.83 -0.57 -5.60
CA GLY B 293 30.84 -1.53 -5.99
C GLY B 293 32.21 -1.14 -5.48
N LEU B 294 32.55 0.14 -5.60
CA LEU B 294 33.84 0.63 -5.12
C LEU B 294 33.93 0.51 -3.61
N MET B 295 32.83 0.80 -2.92
CA MET B 295 32.76 0.62 -1.48
C MET B 295 32.95 -0.85 -1.09
N THR B 296 32.27 -1.74 -1.80
CA THR B 296 32.38 -3.18 -1.55
C THR B 296 33.83 -3.64 -1.65
N GLU B 297 34.52 -3.16 -2.68
CA GLU B 297 35.91 -3.52 -2.91
C GLU B 297 36.80 -3.21 -1.72
N LYS B 298 36.71 -1.98 -1.22
CA LYS B 298 37.57 -1.51 -0.15
C LYS B 298 37.19 -2.11 1.21
N LEU B 299 35.90 -2.33 1.42
CA LEU B 299 35.44 -3.01 2.63
C LEU B 299 36.02 -4.42 2.69
N SER B 300 35.91 -5.13 1.57
CA SER B 300 36.44 -6.48 1.46
C SER B 300 37.96 -6.48 1.60
N GLN B 301 38.58 -5.46 1.01
CA GLN B 301 40.03 -5.33 1.00
C GLN B 301 40.61 -5.15 2.40
N LYS B 302 39.95 -4.33 3.20
CA LYS B 302 40.41 -4.00 4.55
C LYS B 302 39.70 -4.84 5.61
N ASN B 303 38.97 -5.86 5.18
CA ASN B 303 38.24 -6.73 6.09
C ASN B 303 37.32 -5.97 7.04
N ILE B 304 36.58 -5.01 6.49
CA ILE B 304 35.67 -4.19 7.28
C ILE B 304 34.25 -4.72 7.19
N ASN B 305 33.64 -4.97 8.35
CA ASN B 305 32.24 -5.35 8.42
C ASN B 305 31.33 -4.15 8.63
N LEU B 306 30.67 -3.73 7.56
CA LEU B 306 29.82 -2.54 7.60
C LEU B 306 28.50 -2.84 8.30
N ILE B 307 28.07 -1.90 9.14
CA ILE B 307 26.82 -2.04 9.88
C ILE B 307 25.94 -0.81 9.72
N PHE B 308 24.83 -0.98 9.04
CA PHE B 308 23.83 0.08 8.90
C PHE B 308 22.92 0.12 10.12
N ALA B 309 23.16 1.09 10.99
CA ALA B 309 22.32 1.31 12.17
C ALA B 309 21.43 2.52 11.94
N VAL B 310 20.35 2.34 11.20
CA VAL B 310 19.49 3.44 10.77
C VAL B 310 18.10 3.34 11.41
N THR B 311 17.30 4.38 11.19
CA THR B 311 15.96 4.45 11.78
C THR B 311 14.92 3.76 10.90
N GLU B 312 13.76 3.47 11.47
CA GLU B 312 12.73 2.67 10.80
C GLU B 312 12.32 3.22 9.43
N ASN B 313 12.27 4.54 9.31
CA ASN B 313 11.84 5.17 8.08
C ASN B 313 12.73 4.83 6.88
N VAL B 314 13.92 4.30 7.14
CA VAL B 314 14.86 3.97 6.07
C VAL B 314 15.51 2.59 6.23
N VAL B 315 14.89 1.73 7.04
CA VAL B 315 15.41 0.37 7.20
C VAL B 315 15.34 -0.41 5.90
N ASN B 316 14.18 -0.35 5.24
CA ASN B 316 13.99 -1.03 3.97
C ASN B 316 15.04 -0.61 2.95
N LEU B 317 15.38 0.67 2.95
CA LEU B 317 16.35 1.22 2.03
C LEU B 317 17.72 0.58 2.20
N TYR B 318 18.25 0.65 3.41
CA TYR B 318 19.59 0.15 3.69
C TYR B 318 19.61 -1.38 3.72
N GLN B 319 18.48 -2.00 4.01
CA GLN B 319 18.37 -3.45 3.93
CA GLN B 319 18.36 -3.45 3.92
C GLN B 319 18.60 -3.90 2.49
N ASN B 320 18.15 -3.09 1.54
CA ASN B 320 18.29 -3.40 0.13
C ASN B 320 19.70 -3.08 -0.39
N TYR B 321 20.33 -2.06 0.19
CA TYR B 321 21.74 -1.79 -0.08
C TYR B 321 22.60 -2.92 0.47
N SER B 322 22.23 -3.38 1.67
CA SER B 322 22.97 -4.42 2.36
C SER B 322 23.09 -5.68 1.53
N GLU B 323 22.10 -5.93 0.67
CA GLU B 323 22.12 -7.08 -0.21
C GLU B 323 23.06 -6.86 -1.39
N LEU B 324 23.39 -5.60 -1.64
CA LEU B 324 24.31 -5.24 -2.72
C LEU B 324 25.72 -5.01 -2.19
N ILE B 325 25.92 -5.32 -0.92
CA ILE B 325 27.21 -5.21 -0.26
C ILE B 325 27.35 -6.37 0.71
N PRO B 326 27.61 -7.58 0.19
CA PRO B 326 27.68 -8.81 0.99
C PRO B 326 28.53 -8.67 2.26
N GLY B 327 28.07 -9.27 3.34
CA GLY B 327 28.75 -9.17 4.62
C GLY B 327 28.26 -7.97 5.44
N THR B 328 27.37 -7.18 4.85
CA THR B 328 26.82 -6.02 5.52
C THR B 328 25.63 -6.40 6.39
N THR B 329 25.56 -5.81 7.58
CA THR B 329 24.50 -6.08 8.55
C THR B 329 23.64 -4.83 8.74
N VAL B 330 22.39 -5.03 9.13
CA VAL B 330 21.47 -3.91 9.38
C VAL B 330 20.80 -4.04 10.74
N GLY B 331 20.73 -2.92 11.46
CA GLY B 331 20.06 -2.86 12.74
C GLY B 331 19.13 -1.66 12.79
N VAL B 332 18.04 -1.78 13.53
CA VAL B 332 17.04 -0.72 13.61
C VAL B 332 17.36 0.24 14.76
N LEU B 333 17.56 1.50 14.42
CA LEU B 333 17.90 2.54 15.39
C LEU B 333 16.64 3.31 15.81
N SER B 334 16.59 3.72 17.07
CA SER B 334 15.47 4.53 17.55
C SER B 334 15.62 5.97 17.07
N MET B 335 14.59 6.77 17.27
CA MET B 335 14.58 8.15 16.77
C MET B 335 15.57 9.05 17.50
N ASP B 336 16.20 8.53 18.54
CA ASP B 336 17.17 9.28 19.32
C ASP B 336 18.41 8.44 19.65
N SER B 337 18.54 7.30 18.98
CA SER B 337 19.72 6.44 19.13
C SER B 337 19.90 5.93 20.55
N SER B 338 18.79 5.65 21.22
CA SER B 338 18.84 5.18 22.60
C SER B 338 19.23 3.71 22.70
N ASN B 339 18.99 2.96 21.62
CA ASN B 339 19.21 1.52 21.61
C ASN B 339 20.46 1.11 20.82
N VAL B 340 21.30 2.08 20.48
CA VAL B 340 22.46 1.83 19.63
C VAL B 340 23.41 0.82 20.24
N LEU B 341 23.42 0.75 21.58
CA LEU B 341 24.29 -0.17 22.29
C LEU B 341 23.96 -1.63 21.94
N GLN B 342 22.73 -2.04 22.23
CA GLN B 342 22.31 -3.43 22.00
C GLN B 342 22.37 -3.78 20.53
N LEU B 343 22.09 -2.81 19.67
CA LEU B 343 22.12 -2.99 18.22
C LEU B 343 23.47 -3.54 17.77
N ILE B 344 24.53 -2.93 18.28
CA ILE B 344 25.89 -3.29 17.91
C ILE B 344 26.24 -4.72 18.38
N VAL B 345 25.86 -5.04 19.62
CA VAL B 345 26.15 -6.34 20.18
C VAL B 345 25.48 -7.46 19.36
N ASP B 346 24.25 -7.20 18.93
CA ASP B 346 23.51 -8.18 18.13
C ASP B 346 24.13 -8.31 16.74
N ALA B 347 24.66 -7.21 16.22
CA ALA B 347 25.31 -7.21 14.93
C ALA B 347 26.60 -8.02 14.97
N TYR B 348 27.40 -7.79 16.00
CA TYR B 348 28.66 -8.52 16.19
C TYR B 348 28.42 -10.01 16.30
N GLY B 349 27.38 -10.39 17.02
CA GLY B 349 26.99 -11.79 17.14
C GLY B 349 26.61 -12.34 15.78
N LYS B 350 25.81 -11.58 15.04
CA LYS B 350 25.36 -11.99 13.71
C LYS B 350 26.54 -12.09 12.75
N ILE B 351 27.53 -11.21 12.92
CA ILE B 351 28.72 -11.21 12.09
C ILE B 351 29.51 -12.50 12.26
N ARG B 352 29.75 -12.88 13.51
CA ARG B 352 30.55 -14.06 13.82
C ARG B 352 29.69 -15.31 13.96
N SER B 353 28.50 -15.29 13.38
CA SER B 353 27.61 -16.46 13.37
C SER B 353 27.66 -17.16 12.02
N LYS B 354 28.72 -16.92 11.26
CA LYS B 354 28.86 -17.50 9.93
C LYS B 354 30.31 -17.83 9.60
N VAL B 355 30.50 -18.94 8.90
CA VAL B 355 31.79 -19.30 8.33
C VAL B 355 31.58 -19.67 6.88
N GLU B 356 32.21 -18.92 5.98
CA GLU B 356 32.04 -19.11 4.55
C GLU B 356 33.40 -19.18 3.87
N LEU B 357 33.70 -20.33 3.28
CA LEU B 357 35.00 -20.54 2.65
C LEU B 357 35.10 -19.78 1.33
N GLU B 358 36.31 -19.36 1.00
CA GLU B 358 36.60 -18.67 -0.24
C GLU B 358 37.92 -19.18 -0.80
N VAL B 359 38.04 -19.21 -2.13
CA VAL B 359 39.22 -19.78 -2.78
C VAL B 359 39.92 -18.73 -3.64
N ARG B 360 41.25 -18.68 -3.53
CA ARG B 360 42.06 -17.74 -4.28
C ARG B 360 43.14 -18.46 -5.09
N ASP B 361 43.40 -17.96 -6.30
CA ASP B 361 44.51 -18.45 -7.12
C ASP B 361 44.37 -19.94 -7.46
N LEU B 362 43.15 -20.42 -7.61
CA LEU B 362 42.92 -21.81 -7.99
C LEU B 362 43.24 -22.01 -9.47
N PRO B 363 44.14 -22.95 -9.80
CA PRO B 363 44.44 -23.22 -11.21
C PRO B 363 43.22 -23.58 -12.05
N GLU B 364 43.29 -23.31 -13.34
CA GLU B 364 42.21 -23.58 -14.27
C GLU B 364 41.79 -25.04 -14.25
N GLU B 365 42.78 -25.94 -14.29
CA GLU B 365 42.52 -27.36 -14.45
C GLU B 365 42.04 -28.04 -13.17
N LEU B 366 42.17 -27.35 -12.04
CA LEU B 366 41.73 -27.90 -10.76
C LEU B 366 40.29 -27.51 -10.43
N SER B 367 39.51 -28.50 -9.99
CA SER B 367 38.14 -28.28 -9.55
C SER B 367 37.96 -28.85 -8.16
N LEU B 368 37.08 -28.23 -7.37
CA LEU B 368 36.89 -28.62 -5.97
C LEU B 368 35.43 -28.95 -5.65
N SER B 369 35.24 -29.69 -4.57
CA SER B 369 33.92 -30.03 -4.05
C SER B 369 33.98 -30.08 -2.53
N PHE B 370 32.90 -29.67 -1.87
CA PHE B 370 32.91 -29.50 -0.42
C PHE B 370 31.74 -30.16 0.28
N ASN B 371 32.00 -30.71 1.47
CA ASN B 371 30.96 -31.18 2.38
C ASN B 371 31.13 -30.51 3.74
N ALA B 372 30.12 -29.74 4.15
CA ALA B 372 30.19 -28.98 5.39
C ALA B 372 29.68 -29.79 6.57
N THR B 373 30.30 -29.58 7.74
CA THR B 373 29.91 -30.24 8.97
C THR B 373 29.58 -29.20 10.04
N CYS B 374 28.33 -28.73 10.04
CA CYS B 374 27.90 -27.67 10.94
C CYS B 374 27.08 -28.21 12.11
N LEU B 375 26.79 -27.34 13.07
CA LEU B 375 25.98 -27.68 14.23
C LEU B 375 26.53 -28.87 15.00
N ASN B 376 26.02 -30.06 14.71
CA ASN B 376 26.40 -31.27 15.44
C ASN B 376 26.74 -32.44 14.52
N ASN B 377 27.94 -32.40 13.95
CA ASN B 377 28.44 -33.48 13.11
C ASN B 377 27.50 -33.83 11.96
N GLU B 378 26.66 -32.88 11.57
CA GLU B 378 25.72 -33.08 10.47
C GLU B 378 26.37 -32.71 9.14
N VAL B 379 26.65 -33.73 8.32
CA VAL B 379 27.27 -33.51 7.02
C VAL B 379 26.26 -32.92 6.03
N ILE B 380 26.68 -31.86 5.35
CA ILE B 380 25.84 -31.18 4.36
C ILE B 380 26.57 -31.14 3.04
N PRO B 381 26.33 -32.13 2.16
CA PRO B 381 27.10 -32.21 0.91
C PRO B 381 26.81 -31.08 -0.06
N GLY B 382 27.80 -30.73 -0.88
CA GLY B 382 27.66 -29.67 -1.86
C GLY B 382 27.42 -28.33 -1.21
N LEU B 383 28.14 -28.06 -0.13
CA LEU B 383 28.01 -26.80 0.59
C LEU B 383 29.36 -26.39 1.20
N LYS B 384 29.59 -25.08 1.27
CA LYS B 384 30.87 -24.55 1.75
C LYS B 384 30.67 -23.35 2.67
N SER B 385 29.52 -23.29 3.34
CA SER B 385 29.22 -22.19 4.25
C SER B 385 28.29 -22.62 5.38
N CYS B 386 28.76 -22.47 6.61
CA CYS B 386 27.96 -22.78 7.79
C CYS B 386 27.34 -21.52 8.36
N MET B 387 26.17 -21.67 8.99
CA MET B 387 25.44 -20.54 9.54
C MET B 387 24.75 -20.92 10.84
N GLY B 388 24.37 -19.92 11.63
CA GLY B 388 23.73 -20.15 12.91
C GLY B 388 24.74 -20.54 13.97
N LEU B 389 25.95 -20.02 13.85
CA LEU B 389 27.04 -20.33 14.77
C LEU B 389 27.09 -19.32 15.91
N LYS B 390 27.82 -19.68 16.97
CA LYS B 390 28.09 -18.78 18.08
C LYS B 390 29.60 -18.67 18.25
N ILE B 391 30.02 -17.79 19.16
CA ILE B 391 31.44 -17.66 19.46
C ILE B 391 31.92 -18.91 20.18
N GLY B 392 33.12 -19.36 19.83
CA GLY B 392 33.71 -20.54 20.46
C GLY B 392 33.36 -21.83 19.76
N ASP B 393 32.44 -21.77 18.80
CA ASP B 393 32.02 -22.95 18.06
C ASP B 393 33.06 -23.34 17.01
N THR B 394 32.97 -24.58 16.53
CA THR B 394 33.91 -25.11 15.55
C THR B 394 33.19 -25.92 14.47
N VAL B 395 33.68 -25.81 13.24
CA VAL B 395 33.15 -26.57 12.11
C VAL B 395 34.29 -27.13 11.28
N SER B 396 33.96 -27.99 10.33
CA SER B 396 34.97 -28.60 9.46
C SER B 396 34.39 -28.95 8.10
N PHE B 397 35.26 -28.93 7.08
CA PHE B 397 34.87 -29.24 5.71
C PHE B 397 35.75 -30.35 5.13
N SER B 398 35.14 -31.27 4.40
CA SER B 398 35.88 -32.27 3.63
C SER B 398 35.98 -31.80 2.19
N ILE B 399 37.20 -31.81 1.65
CA ILE B 399 37.47 -31.23 0.34
C ILE B 399 38.16 -32.21 -0.60
N GLU B 400 37.65 -32.31 -1.82
CA GLU B 400 38.25 -33.16 -2.85
C GLU B 400 38.71 -32.32 -4.04
N ALA B 401 39.94 -32.54 -4.46
CA ALA B 401 40.52 -31.82 -5.59
C ALA B 401 40.69 -32.74 -6.80
N LYS B 402 39.98 -32.42 -7.88
CA LYS B 402 39.99 -33.23 -9.09
C LYS B 402 40.72 -32.50 -10.22
N VAL B 403 41.86 -33.03 -10.65
CA VAL B 403 42.67 -32.42 -11.69
C VAL B 403 42.25 -32.95 -13.07
N ARG B 404 42.31 -32.08 -14.07
CA ARG B 404 41.98 -32.45 -15.44
C ARG B 404 43.25 -32.53 -16.30
N GLY B 405 43.58 -33.73 -16.74
CA GLY B 405 44.75 -33.94 -17.57
C GLY B 405 46.04 -33.67 -16.81
N CYS B 406 47.05 -33.18 -17.52
CA CYS B 406 48.34 -32.85 -16.92
C CYS B 406 48.80 -31.47 -17.38
N PRO B 407 48.83 -30.49 -16.45
CA PRO B 407 49.20 -29.13 -16.86
C PRO B 407 50.67 -28.99 -17.22
N GLN B 408 51.03 -27.85 -17.82
CA GLN B 408 52.41 -27.58 -18.18
C GLN B 408 53.27 -27.37 -16.94
N GLU B 409 52.83 -26.46 -16.08
CA GLU B 409 53.52 -26.18 -14.83
C GLU B 409 53.22 -27.28 -13.81
N LYS B 410 54.26 -27.98 -13.37
CA LYS B 410 54.09 -29.15 -12.52
C LYS B 410 53.93 -28.81 -11.04
N GLU B 411 54.00 -27.52 -10.70
CA GLU B 411 53.81 -27.09 -9.32
C GLU B 411 53.12 -25.74 -9.23
N LYS B 412 52.02 -25.70 -8.48
CA LYS B 412 51.28 -24.48 -8.22
C LYS B 412 50.77 -24.50 -6.78
N SER B 413 50.15 -23.42 -6.35
CA SER B 413 49.63 -23.34 -4.99
C SER B 413 48.48 -22.34 -4.89
N PHE B 414 47.45 -22.71 -4.14
CA PHE B 414 46.29 -21.86 -3.93
C PHE B 414 45.95 -21.78 -2.44
N THR B 415 44.97 -20.96 -2.10
CA THR B 415 44.63 -20.70 -0.70
C THR B 415 43.15 -20.94 -0.40
N ILE B 416 42.88 -21.59 0.72
CA ILE B 416 41.53 -21.73 1.25
C ILE B 416 41.42 -20.82 2.48
N LYS B 417 40.48 -19.88 2.44
CA LYS B 417 40.35 -18.89 3.51
C LYS B 417 38.89 -18.55 3.80
N PRO B 418 38.50 -18.59 5.09
CA PRO B 418 37.16 -18.09 5.42
C PRO B 418 37.06 -16.57 5.23
N VAL B 419 35.87 -16.09 4.87
CA VAL B 419 35.67 -14.67 4.65
C VAL B 419 35.85 -13.89 5.95
N GLY B 420 36.68 -12.85 5.90
CA GLY B 420 36.89 -11.97 7.04
C GLY B 420 37.90 -12.50 8.03
N PHE B 421 38.50 -13.64 7.73
CA PHE B 421 39.48 -14.27 8.61
C PHE B 421 40.91 -13.92 8.22
N LYS B 422 41.82 -13.97 9.19
CA LYS B 422 43.22 -13.68 8.94
C LYS B 422 43.96 -14.94 8.45
N ASP B 423 43.86 -16.00 9.24
CA ASP B 423 44.54 -17.25 8.93
C ASP B 423 43.93 -17.95 7.73
N SER B 424 44.67 -18.90 7.16
CA SER B 424 44.22 -19.60 5.96
C SER B 424 45.02 -20.88 5.71
N LEU B 425 44.43 -21.78 4.92
CA LEU B 425 45.09 -23.02 4.53
C LEU B 425 45.70 -22.88 3.13
N ILE B 426 47.03 -22.99 3.06
CA ILE B 426 47.74 -22.94 1.79
C ILE B 426 47.99 -24.36 1.27
N VAL B 427 47.39 -24.67 0.12
CA VAL B 427 47.56 -25.97 -0.51
C VAL B 427 48.68 -25.93 -1.54
N GLN B 428 49.74 -26.69 -1.30
CA GLN B 428 50.85 -26.80 -2.23
C GLN B 428 50.66 -28.02 -3.13
N VAL B 429 50.36 -27.77 -4.40
CA VAL B 429 50.07 -28.83 -5.36
C VAL B 429 51.31 -29.23 -6.14
N THR B 430 51.41 -30.52 -6.43
CA THR B 430 52.50 -31.06 -7.26
C THR B 430 51.93 -32.12 -8.21
N PHE B 431 52.04 -31.87 -9.51
CA PHE B 431 51.51 -32.79 -10.52
C PHE B 431 52.57 -33.79 -10.96
N ASP B 432 52.50 -34.99 -10.40
CA ASP B 432 53.43 -36.06 -10.73
C ASP B 432 53.00 -36.78 -12.02
N CYS B 433 53.31 -36.18 -13.16
CA CYS B 433 52.90 -36.72 -14.46
C CYS B 433 54.01 -37.53 -15.12
N ASP B 434 55.25 -37.33 -14.66
CA ASP B 434 56.42 -37.97 -15.28
C ASP B 434 56.90 -39.18 -14.49
N CYS B 435 57.91 -39.86 -15.03
CA CYS B 435 58.51 -41.02 -14.39
C CYS B 435 59.94 -40.71 -13.97
N ALA B 436 60.40 -41.38 -12.92
CA ALA B 436 61.74 -41.16 -12.39
C ALA B 436 62.80 -41.70 -13.34
N CYS B 437 62.42 -42.68 -14.15
CA CYS B 437 63.36 -43.30 -15.09
C CYS B 437 63.68 -42.37 -16.26
N GLN B 438 62.87 -41.33 -16.44
CA GLN B 438 63.08 -40.38 -17.52
C GLN B 438 64.28 -39.48 -17.24
N ALA B 439 64.57 -39.29 -15.95
CA ALA B 439 65.70 -38.46 -15.55
C ALA B 439 67.02 -39.12 -15.94
N GLN B 440 66.98 -40.40 -16.25
CA GLN B 440 68.16 -41.17 -16.64
C GLN B 440 67.96 -41.80 -18.02
N ALA B 441 67.43 -41.02 -18.95
CA ALA B 441 67.21 -41.47 -20.32
C ALA B 441 68.54 -41.53 -21.08
N GLU B 442 68.52 -42.18 -22.24
CA GLU B 442 69.71 -42.33 -23.08
C GLU B 442 69.46 -41.74 -24.47
N PRO B 443 69.81 -40.46 -24.67
CA PRO B 443 69.64 -39.84 -25.99
C PRO B 443 70.63 -40.41 -27.02
N ASN B 444 70.16 -40.56 -28.26
CA ASN B 444 70.96 -41.15 -29.33
C ASN B 444 71.50 -42.52 -28.91
N SER B 445 70.59 -43.39 -28.46
CA SER B 445 70.98 -44.69 -27.94
C SER B 445 71.37 -45.67 -29.04
N HIS B 446 72.35 -46.52 -28.74
CA HIS B 446 72.77 -47.58 -29.65
C HIS B 446 71.66 -48.59 -29.88
N ARG B 447 70.70 -48.63 -28.95
CA ARG B 447 69.62 -49.62 -28.99
C ARG B 447 68.48 -49.22 -29.92
N CYS B 448 68.43 -47.96 -30.33
CA CYS B 448 67.29 -47.43 -31.07
C CYS B 448 67.65 -46.98 -32.49
N ASN B 449 67.59 -47.91 -33.43
CA ASN B 449 67.72 -47.59 -34.86
C ASN B 449 69.01 -46.83 -35.19
N ASN B 450 70.14 -47.39 -34.75
CA ASN B 450 71.46 -46.81 -35.03
C ASN B 450 71.59 -45.35 -34.57
N GLY B 451 71.03 -45.04 -33.40
CA GLY B 451 71.20 -43.74 -32.80
C GLY B 451 70.21 -42.67 -33.25
N ASN B 452 69.19 -43.08 -34.00
CA ASN B 452 68.18 -42.15 -34.49
C ASN B 452 67.07 -41.90 -33.46
N GLY B 453 67.19 -42.53 -32.28
CA GLY B 453 66.17 -42.42 -31.25
C GLY B 453 66.74 -42.32 -29.84
N THR B 454 65.84 -42.30 -28.87
CA THR B 454 66.20 -42.17 -27.46
C THR B 454 65.66 -43.35 -26.65
N PHE B 455 66.51 -43.92 -25.80
CA PHE B 455 66.14 -45.07 -24.99
C PHE B 455 65.87 -44.66 -23.54
N GLU B 456 64.60 -44.54 -23.18
CA GLU B 456 64.21 -44.23 -21.81
C GLU B 456 63.12 -45.18 -21.32
N CYS B 457 63.18 -45.52 -20.04
CA CYS B 457 62.18 -46.37 -19.41
C CYS B 457 62.08 -47.74 -20.08
N GLY B 458 63.18 -48.18 -20.69
CA GLY B 458 63.27 -49.51 -21.27
C GLY B 458 62.72 -49.61 -22.68
N VAL B 459 62.28 -48.49 -23.25
CA VAL B 459 61.71 -48.47 -24.60
C VAL B 459 62.37 -47.40 -25.47
N CYS B 460 62.25 -47.57 -26.79
CA CYS B 460 62.84 -46.63 -27.74
C CYS B 460 61.84 -45.55 -28.15
N ARG B 461 62.26 -44.30 -28.01
CA ARG B 461 61.45 -43.15 -28.40
C ARG B 461 62.11 -42.39 -29.55
N CYS B 462 61.29 -41.82 -30.42
CA CYS B 462 61.81 -40.98 -31.51
C CYS B 462 62.34 -39.68 -30.93
N GLY B 463 63.61 -39.40 -31.18
CA GLY B 463 64.27 -38.23 -30.62
C GLY B 463 63.76 -36.92 -31.19
N PRO B 464 64.28 -35.79 -30.69
CA PRO B 464 63.90 -34.46 -31.16
C PRO B 464 64.20 -34.23 -32.64
N GLY B 465 63.19 -33.79 -33.39
CA GLY B 465 63.36 -33.47 -34.80
C GLY B 465 62.66 -34.44 -35.73
N TRP B 466 62.30 -35.62 -35.20
CA TRP B 466 61.63 -36.65 -36.00
C TRP B 466 60.11 -36.54 -35.86
N LEU C 1 -52.24 -17.38 13.53
CA LEU C 1 -53.72 -17.22 13.46
C LEU C 1 -54.40 -17.78 14.71
N ASN C 2 -53.84 -18.85 15.26
CA ASN C 2 -54.45 -19.54 16.40
C ASN C 2 -53.45 -19.84 17.52
N LEU C 3 -52.42 -19.01 17.63
CA LEU C 3 -51.50 -19.10 18.76
C LEU C 3 -52.02 -18.25 19.92
N ASP C 4 -52.41 -18.91 21.01
CA ASP C 4 -52.98 -18.23 22.16
C ASP C 4 -52.01 -17.20 22.74
N PRO C 5 -52.34 -15.90 22.61
CA PRO C 5 -51.45 -14.86 23.15
C PRO C 5 -51.78 -14.48 24.58
N VAL C 6 -52.82 -15.09 25.14
CA VAL C 6 -53.31 -14.73 26.46
C VAL C 6 -52.67 -15.58 27.56
N GLN C 7 -52.94 -16.89 27.53
N GLN C 7 -52.92 -16.88 27.53
CA GLN C 7 -52.37 -17.83 28.48
CA GLN C 7 -52.35 -17.80 28.51
C GLN C 7 -51.06 -18.42 27.95
C GLN C 7 -51.07 -18.43 27.99
N LEU C 8 -49.95 -17.77 28.27
CA LEU C 8 -48.64 -18.26 27.85
C LEU C 8 -48.00 -19.11 28.93
N THR C 9 -46.86 -19.72 28.60
CA THR C 9 -46.06 -20.49 29.54
C THR C 9 -44.64 -19.94 29.55
N PHE C 10 -44.13 -19.65 30.74
CA PHE C 10 -42.82 -19.02 30.89
C PHE C 10 -41.82 -19.89 31.65
N TYR C 11 -40.68 -20.14 31.01
CA TYR C 11 -39.55 -20.77 31.66
C TYR C 11 -38.47 -19.73 31.89
N ALA C 12 -37.84 -19.77 33.07
CA ALA C 12 -36.86 -18.77 33.46
C ALA C 12 -35.55 -19.41 33.91
N GLY C 13 -34.44 -18.80 33.49
CA GLY C 13 -33.12 -19.21 33.93
C GLY C 13 -32.50 -18.16 34.82
N PRO C 14 -31.27 -18.41 35.29
CA PRO C 14 -30.56 -17.47 36.18
C PRO C 14 -30.28 -16.13 35.50
N ASN C 15 -30.06 -15.09 36.32
CA ASN C 15 -29.79 -13.76 35.81
C ASN C 15 -28.44 -13.69 35.09
N GLY C 16 -28.41 -13.02 33.96
CA GLY C 16 -27.19 -12.83 33.20
C GLY C 16 -26.67 -14.11 32.56
N SER C 17 -27.49 -15.16 32.57
CA SER C 17 -27.11 -16.44 31.98
C SER C 17 -27.43 -16.49 30.49
N GLN C 18 -28.23 -15.53 30.04
CA GLN C 18 -28.73 -15.51 28.66
C GLN C 18 -29.50 -16.79 28.35
N PHE C 19 -30.26 -17.26 29.34
CA PHE C 19 -31.17 -18.37 29.18
C PHE C 19 -32.23 -18.02 28.14
N GLY C 20 -32.08 -18.59 26.95
CA GLY C 20 -32.99 -18.31 25.85
C GLY C 20 -32.26 -18.00 24.56
N PHE C 21 -30.93 -17.89 24.63
CA PHE C 21 -30.12 -17.57 23.47
C PHE C 21 -30.32 -18.59 22.35
N SER C 22 -30.63 -19.83 22.74
CA SER C 22 -30.96 -20.88 21.80
C SER C 22 -31.92 -21.87 22.45
N LEU C 23 -32.68 -22.59 21.63
CA LEU C 23 -33.60 -23.61 22.14
C LEU C 23 -34.07 -24.55 21.05
N ASP C 24 -34.70 -25.66 21.46
CA ASP C 24 -35.23 -26.63 20.52
C ASP C 24 -36.16 -27.61 21.24
N PHE C 25 -36.93 -28.37 20.47
CA PHE C 25 -37.79 -29.41 21.03
C PHE C 25 -37.01 -30.72 21.14
N HIS C 26 -37.27 -31.47 22.21
CA HIS C 26 -36.60 -32.75 22.44
C HIS C 26 -37.58 -33.85 22.83
N LYS C 27 -37.61 -34.91 22.03
CA LYS C 27 -38.35 -36.12 22.37
C LYS C 27 -37.42 -37.13 23.02
N ASP C 28 -37.80 -37.62 24.20
CA ASP C 28 -37.08 -38.72 24.82
C ASP C 28 -37.41 -40.01 24.07
N SER C 29 -36.96 -41.14 24.59
CA SER C 29 -37.21 -42.42 23.94
C SER C 29 -38.66 -42.86 24.06
N HIS C 30 -39.48 -42.08 24.77
CA HIS C 30 -40.89 -42.39 24.96
C HIS C 30 -41.80 -41.46 24.17
N GLY C 31 -41.20 -40.53 23.43
CA GLY C 31 -41.97 -39.61 22.60
C GLY C 31 -42.45 -38.39 23.36
N ARG C 32 -42.12 -38.31 24.65
CA ARG C 32 -42.54 -37.18 25.47
C ARG C 32 -41.71 -35.95 25.14
N VAL C 33 -42.39 -34.91 24.66
CA VAL C 33 -41.72 -33.69 24.23
C VAL C 33 -41.27 -32.81 25.40
N ALA C 34 -40.04 -32.32 25.31
CA ALA C 34 -39.50 -31.39 26.29
C ALA C 34 -38.77 -30.26 25.55
N ILE C 35 -38.35 -29.24 26.30
CA ILE C 35 -37.64 -28.10 25.72
C ILE C 35 -36.22 -28.04 26.24
N VAL C 36 -35.26 -27.98 25.32
CA VAL C 36 -33.86 -27.79 25.68
C VAL C 36 -33.52 -26.32 25.47
N VAL C 37 -32.84 -25.72 26.43
CA VAL C 37 -32.50 -24.30 26.38
C VAL C 37 -31.00 -24.09 26.58
N GLY C 38 -30.45 -23.13 25.85
CA GLY C 38 -29.05 -22.75 25.98
C GLY C 38 -28.90 -21.45 26.76
N ALA C 39 -27.87 -21.39 27.59
CA ALA C 39 -27.61 -20.21 28.42
C ALA C 39 -26.10 -19.94 28.45
N PRO C 40 -25.56 -19.33 27.38
CA PRO C 40 -24.12 -19.25 27.15
C PRO C 40 -23.33 -18.35 28.10
N ARG C 41 -23.96 -17.77 29.11
CA ARG C 41 -23.24 -16.98 30.11
C ARG C 41 -23.54 -17.48 31.52
N THR C 42 -23.95 -18.75 31.62
CA THR C 42 -24.17 -19.39 32.91
C THR C 42 -22.83 -19.53 33.63
N LEU C 43 -22.82 -19.17 34.91
CA LEU C 43 -21.61 -19.30 35.72
C LEU C 43 -21.24 -20.77 35.87
N GLY C 44 -19.95 -21.06 35.71
CA GLY C 44 -19.43 -22.40 35.89
C GLY C 44 -19.08 -22.64 37.34
N PRO C 45 -18.21 -23.63 37.60
CA PRO C 45 -17.76 -23.93 38.96
C PRO C 45 -16.63 -23.00 39.42
N SER C 46 -15.86 -22.49 38.48
CA SER C 46 -14.75 -21.60 38.77
C SER C 46 -15.21 -20.15 38.91
N GLN C 47 -16.54 -19.96 39.00
CA GLN C 47 -17.13 -18.64 39.17
C GLN C 47 -16.84 -17.73 37.98
N GLU C 48 -16.60 -18.34 36.82
CA GLU C 48 -16.46 -17.61 35.57
C GLU C 48 -17.49 -18.11 34.57
N GLU C 49 -17.92 -17.23 33.66
CA GLU C 49 -18.90 -17.60 32.65
C GLU C 49 -18.36 -18.70 31.75
N THR C 50 -19.16 -19.75 31.56
CA THR C 50 -18.80 -20.85 30.67
C THR C 50 -19.98 -21.27 29.80
N GLY C 51 -21.18 -20.89 30.22
CA GLY C 51 -22.39 -21.27 29.52
C GLY C 51 -22.94 -22.57 30.10
N GLY C 52 -24.20 -22.86 29.77
CA GLY C 52 -24.84 -24.07 30.28
C GLY C 52 -26.04 -24.48 29.45
N VAL C 53 -26.58 -25.65 29.76
CA VAL C 53 -27.74 -26.17 29.06
C VAL C 53 -28.78 -26.63 30.08
N PHE C 54 -30.04 -26.36 29.76
CA PHE C 54 -31.16 -26.76 30.61
C PHE C 54 -32.15 -27.58 29.81
N LEU C 55 -32.71 -28.60 30.46
CA LEU C 55 -33.68 -29.48 29.83
C LEU C 55 -35.03 -29.34 30.53
N CYS C 56 -35.89 -28.50 29.97
CA CYS C 56 -37.17 -28.15 30.59
C CYS C 56 -38.27 -29.15 30.24
N PRO C 57 -38.76 -29.91 31.24
CA PRO C 57 -39.91 -30.76 30.96
C PRO C 57 -41.17 -29.94 30.75
N TRP C 58 -42.10 -30.41 29.93
CA TRP C 58 -43.30 -29.66 29.64
C TRP C 58 -44.23 -29.55 30.84
N ARG C 59 -44.45 -28.33 31.30
CA ARG C 59 -45.39 -28.03 32.37
C ARG C 59 -46.16 -26.78 31.97
N ALA C 60 -47.49 -26.86 32.01
CA ALA C 60 -48.34 -25.75 31.58
C ALA C 60 -48.04 -24.46 32.35
N GLU C 61 -47.53 -24.62 33.57
CA GLU C 61 -47.21 -23.47 34.41
C GLU C 61 -45.77 -22.98 34.20
N GLY C 62 -44.90 -23.89 33.75
CA GLY C 62 -43.51 -23.56 33.51
C GLY C 62 -42.70 -23.52 34.79
N GLY C 63 -41.74 -22.58 34.85
CA GLY C 63 -40.92 -22.38 36.03
C GLY C 63 -39.44 -22.56 35.77
N GLN C 64 -38.74 -23.15 36.73
CA GLN C 64 -37.30 -23.40 36.61
C GLN C 64 -37.07 -24.74 35.90
N CYS C 65 -35.82 -24.99 35.51
CA CYS C 65 -35.48 -26.21 34.77
C CYS C 65 -34.19 -26.84 35.28
N PRO C 66 -34.12 -28.18 35.25
CA PRO C 66 -32.89 -28.85 35.69
C PRO C 66 -31.74 -28.66 34.71
N SER C 67 -30.52 -28.57 35.23
CA SER C 67 -29.35 -28.42 34.39
C SER C 67 -28.97 -29.74 33.73
N LEU C 68 -28.68 -29.69 32.43
CA LEU C 68 -28.09 -30.82 31.74
C LEU C 68 -26.57 -30.72 31.86
N LEU C 69 -26.03 -31.44 32.83
CA LEU C 69 -24.63 -31.26 33.22
C LEU C 69 -23.63 -31.77 32.19
N PHE C 70 -22.63 -30.94 31.92
CA PHE C 70 -21.50 -31.30 31.06
C PHE C 70 -20.19 -31.09 31.82
N ASP C 71 -19.09 -31.58 31.25
CA ASP C 71 -17.77 -31.36 31.84
C ASP C 71 -17.29 -29.96 31.49
N LEU C 72 -16.90 -29.20 32.51
CA LEU C 72 -16.47 -27.81 32.34
C LEU C 72 -15.04 -27.59 32.83
N ARG C 73 -14.30 -28.67 32.97
CA ARG C 73 -12.90 -28.60 33.40
C ARG C 73 -11.97 -28.30 32.24
N ASP C 74 -10.99 -27.43 32.48
CA ASP C 74 -9.92 -27.21 31.52
C ASP C 74 -9.01 -28.43 31.47
N GLU C 75 -8.95 -29.08 30.31
CA GLU C 75 -8.22 -30.32 30.15
C GLU C 75 -6.82 -30.10 29.58
N THR C 76 -5.85 -30.84 30.09
CA THR C 76 -4.47 -30.75 29.65
C THR C 76 -3.88 -32.15 29.42
N ARG C 77 -3.12 -32.30 28.33
CA ARG C 77 -2.50 -33.57 28.00
C ARG C 77 -1.10 -33.38 27.46
N ASN C 78 -0.12 -33.99 28.14
CA ASN C 78 1.26 -34.00 27.67
C ASN C 78 1.55 -35.24 26.85
N VAL C 79 1.51 -35.10 25.53
CA VAL C 79 1.66 -36.22 24.62
C VAL C 79 2.43 -35.82 23.36
N GLY C 80 3.28 -36.74 22.88
CA GLY C 80 4.05 -36.51 21.68
C GLY C 80 4.96 -35.30 21.79
N SER C 81 5.58 -35.14 22.96
CA SER C 81 6.44 -33.99 23.24
C SER C 81 5.68 -32.67 23.02
N GLN C 82 4.35 -32.74 23.10
CA GLN C 82 3.49 -31.57 22.98
C GLN C 82 2.56 -31.49 24.18
N THR C 83 2.02 -30.30 24.44
CA THR C 83 1.08 -30.09 25.53
C THR C 83 -0.23 -29.52 24.99
N LEU C 84 -1.26 -30.36 24.95
CA LEU C 84 -2.57 -29.96 24.47
C LEU C 84 -3.33 -29.23 25.57
N GLN C 85 -4.14 -28.25 25.18
CA GLN C 85 -4.89 -27.44 26.14
C GLN C 85 -6.27 -27.06 25.62
N THR C 86 -7.28 -27.26 26.48
CA THR C 86 -8.63 -26.76 26.21
C THR C 86 -8.96 -25.67 27.23
N PHE C 87 -9.67 -24.65 26.77
CA PHE C 87 -10.07 -23.54 27.63
C PHE C 87 -11.56 -23.28 27.47
N LYS C 88 -12.29 -23.43 28.57
CA LYS C 88 -13.75 -23.38 28.54
C LYS C 88 -14.30 -22.11 29.18
N ALA C 89 -13.42 -21.22 29.62
CA ALA C 89 -13.83 -19.93 30.15
C ALA C 89 -14.45 -19.09 29.04
N ARG C 90 -15.69 -18.65 29.26
CA ARG C 90 -16.40 -17.82 28.29
C ARG C 90 -16.52 -18.51 26.94
N GLN C 91 -16.68 -19.83 26.96
CA GLN C 91 -16.81 -20.61 25.73
C GLN C 91 -18.19 -20.46 25.10
N GLY C 92 -19.16 -20.03 25.89
CA GLY C 92 -20.51 -19.83 25.40
C GLY C 92 -21.24 -21.12 25.12
N LEU C 93 -21.19 -22.05 26.08
CA LEU C 93 -21.89 -23.32 25.97
C LEU C 93 -23.41 -23.09 25.97
N GLY C 94 -24.03 -23.36 24.83
CA GLY C 94 -25.46 -23.14 24.68
C GLY C 94 -25.75 -22.06 23.65
N ALA C 95 -24.72 -21.56 22.99
CA ALA C 95 -24.89 -20.56 21.95
C ALA C 95 -25.72 -21.12 20.79
N SER C 96 -25.72 -22.45 20.69
CA SER C 96 -26.59 -23.14 19.74
C SER C 96 -26.87 -24.56 20.25
N VAL C 97 -28.13 -24.96 20.19
CA VAL C 97 -28.53 -26.30 20.59
C VAL C 97 -29.50 -26.89 19.58
N VAL C 98 -29.45 -28.21 19.45
CA VAL C 98 -30.31 -28.93 18.52
C VAL C 98 -30.52 -30.35 19.04
N SER C 99 -31.70 -30.90 18.77
CA SER C 99 -32.05 -32.24 19.22
C SER C 99 -32.32 -33.15 18.02
N TRP C 100 -32.03 -34.43 18.20
CA TRP C 100 -32.31 -35.44 17.19
C TRP C 100 -32.43 -36.79 17.87
N SER C 101 -33.54 -37.48 17.63
CA SER C 101 -33.84 -38.74 18.32
C SER C 101 -33.81 -38.48 19.84
N ASP C 102 -32.99 -39.22 20.57
CA ASP C 102 -32.86 -39.03 22.01
C ASP C 102 -31.50 -38.43 22.35
N VAL C 103 -30.99 -37.61 21.45
CA VAL C 103 -29.67 -36.98 21.59
C VAL C 103 -29.76 -35.46 21.54
N ILE C 104 -29.01 -34.80 22.42
CA ILE C 104 -28.91 -33.34 22.43
C ILE C 104 -27.48 -32.93 22.10
N VAL C 105 -27.35 -31.95 21.21
CA VAL C 105 -26.06 -31.42 20.81
C VAL C 105 -25.94 -29.94 21.20
N ALA C 106 -25.17 -29.67 22.25
CA ALA C 106 -24.94 -28.31 22.73
C ALA C 106 -23.54 -27.85 22.37
N CYS C 107 -23.46 -26.71 21.68
CA CYS C 107 -22.19 -26.21 21.15
C CYS C 107 -21.64 -25.01 21.91
N ALA C 108 -20.32 -24.92 21.96
CA ALA C 108 -19.62 -23.78 22.55
C ALA C 108 -18.63 -23.22 21.53
N PRO C 109 -19.07 -22.25 20.72
CA PRO C 109 -18.25 -21.79 19.59
C PRO C 109 -17.04 -20.94 19.99
N TRP C 110 -16.89 -20.65 21.28
CA TRP C 110 -15.77 -19.80 21.72
C TRP C 110 -14.90 -20.53 22.74
N GLN C 111 -15.00 -21.85 22.76
CA GLN C 111 -14.07 -22.67 23.53
C GLN C 111 -12.72 -22.57 22.86
N HIS C 112 -11.72 -22.10 23.61
CA HIS C 112 -10.39 -21.89 23.06
C HIS C 112 -9.54 -23.15 23.14
N TRP C 113 -8.49 -23.18 22.31
CA TRP C 113 -7.65 -24.34 22.16
C TRP C 113 -6.22 -23.90 21.85
N ASN C 114 -5.25 -24.63 22.38
CA ASN C 114 -3.85 -24.30 22.19
C ASN C 114 -2.95 -25.52 22.34
N VAL C 115 -1.91 -25.57 21.53
CA VAL C 115 -0.93 -26.66 21.58
C VAL C 115 0.46 -26.07 21.77
N LEU C 116 1.16 -26.53 22.80
CA LEU C 116 2.49 -26.02 23.12
C LEU C 116 3.57 -27.03 22.73
N GLU C 117 4.70 -26.51 22.27
CA GLU C 117 5.86 -27.34 21.99
C GLU C 117 7.11 -26.50 22.27
N LYS C 118 7.65 -26.65 23.48
CA LYS C 118 8.78 -25.86 23.94
C LYS C 118 8.42 -24.37 23.94
N THR C 119 9.08 -23.58 23.10
CA THR C 119 8.79 -22.14 23.00
C THR C 119 7.63 -21.87 22.03
N GLU C 120 7.49 -22.72 21.02
CA GLU C 120 6.50 -22.51 19.96
C GLU C 120 5.10 -22.91 20.41
N GLU C 121 4.11 -22.46 19.65
CA GLU C 121 2.71 -22.79 19.92
C GLU C 121 1.87 -22.72 18.66
N ALA C 122 0.63 -23.22 18.76
CA ALA C 122 -0.33 -23.13 17.67
C ALA C 122 -1.21 -21.88 17.81
N GLU C 123 -0.94 -21.11 18.86
CA GLU C 123 -1.72 -19.92 19.23
C GLU C 123 -3.05 -20.31 19.87
N LYS C 124 -3.43 -19.55 20.90
CA LYS C 124 -4.66 -19.79 21.65
C LYS C 124 -5.86 -19.21 20.89
N THR C 125 -6.62 -20.08 20.25
CA THR C 125 -7.67 -19.65 19.32
C THR C 125 -9.01 -20.36 19.59
N PRO C 126 -10.13 -19.72 19.22
CA PRO C 126 -11.47 -20.29 19.43
C PRO C 126 -11.86 -21.27 18.33
N VAL C 127 -11.42 -22.52 18.46
CA VAL C 127 -11.74 -23.55 17.49
C VAL C 127 -13.18 -24.01 17.61
N GLY C 128 -13.77 -23.79 18.78
CA GLY C 128 -15.13 -24.22 19.06
C GLY C 128 -15.20 -25.71 19.36
N SER C 129 -16.25 -26.11 20.08
CA SER C 129 -16.46 -27.51 20.42
C SER C 129 -17.93 -27.79 20.70
N CYS C 130 -18.38 -28.99 20.33
CA CYS C 130 -19.76 -29.40 20.55
C CYS C 130 -19.84 -30.54 21.56
N PHE C 131 -20.73 -30.38 22.55
CA PHE C 131 -20.99 -31.41 23.54
C PHE C 131 -22.26 -32.18 23.16
N LEU C 132 -22.16 -33.51 23.15
CA LEU C 132 -23.32 -34.37 22.88
C LEU C 132 -23.75 -35.10 24.15
N ALA C 133 -25.05 -35.33 24.27
CA ALA C 133 -25.60 -36.00 25.44
C ALA C 133 -26.80 -36.87 25.09
N GLN C 134 -26.89 -38.02 25.75
CA GLN C 134 -28.06 -38.88 25.69
C GLN C 134 -28.65 -38.93 27.12
N PRO C 135 -29.48 -37.94 27.48
CA PRO C 135 -29.93 -37.70 28.85
C PRO C 135 -30.40 -38.94 29.62
N GLU C 136 -31.11 -39.83 28.95
CA GLU C 136 -31.68 -41.00 29.60
C GLU C 136 -30.60 -41.99 30.04
N SER C 137 -29.57 -42.15 29.20
CA SER C 137 -28.50 -43.11 29.47
C SER C 137 -27.33 -42.46 30.20
N GLY C 138 -27.33 -41.13 30.26
CA GLY C 138 -26.27 -40.41 30.92
C GLY C 138 -24.98 -40.37 30.11
N ARG C 139 -25.02 -40.92 28.90
CA ARG C 139 -23.84 -40.94 28.04
C ARG C 139 -23.50 -39.54 27.53
N ARG C 140 -22.20 -39.30 27.36
CA ARG C 140 -21.70 -38.01 26.88
C ARG C 140 -20.60 -38.20 25.83
N ALA C 141 -20.47 -37.23 24.95
CA ALA C 141 -19.43 -37.23 23.93
C ALA C 141 -19.18 -35.81 23.43
N GLU C 142 -17.97 -35.56 22.94
CA GLU C 142 -17.60 -34.25 22.43
C GLU C 142 -17.18 -34.33 20.96
N TYR C 143 -17.09 -33.18 20.30
CA TYR C 143 -16.72 -33.12 18.90
C TYR C 143 -16.17 -31.75 18.54
N SER C 144 -14.87 -31.68 18.28
CA SER C 144 -14.19 -30.44 17.96
C SER C 144 -13.31 -30.63 16.72
N PRO C 145 -13.92 -30.57 15.53
CA PRO C 145 -13.22 -30.91 14.29
C PRO C 145 -12.22 -29.87 13.80
N CYS C 146 -12.08 -28.77 14.53
CA CYS C 146 -11.18 -27.69 14.14
C CYS C 146 -9.88 -27.67 14.95
N ARG C 147 -9.77 -28.61 15.89
CA ARG C 147 -8.54 -28.76 16.66
C ARG C 147 -7.42 -29.28 15.78
N GLY C 148 -6.18 -28.89 16.11
CA GLY C 148 -5.02 -29.31 15.36
C GLY C 148 -3.75 -29.20 16.18
N ASN C 149 -2.66 -29.79 15.70
CA ASN C 149 -1.38 -29.77 16.39
C ASN C 149 -0.28 -29.10 15.57
N THR C 150 -0.68 -28.36 14.54
CA THR C 150 0.27 -27.61 13.73
C THR C 150 0.62 -26.29 14.44
N LEU C 151 1.89 -25.92 14.37
CA LEU C 151 2.37 -24.74 15.10
C LEU C 151 2.19 -23.45 14.30
N SER C 152 2.41 -22.32 14.98
CA SER C 152 2.22 -21.01 14.38
C SER C 152 3.16 -20.79 13.19
N ARG C 153 4.42 -21.18 13.36
CA ARG C 153 5.43 -21.02 12.32
C ARG C 153 5.02 -21.65 11.00
N ILE C 154 4.33 -22.78 11.06
CA ILE C 154 3.97 -23.54 9.87
C ILE C 154 2.92 -22.82 9.02
N TYR C 155 1.86 -22.33 9.65
CA TYR C 155 0.80 -21.63 8.93
C TYR C 155 1.35 -20.44 8.16
N VAL C 156 2.42 -19.84 8.68
CA VAL C 156 3.04 -18.69 8.03
C VAL C 156 3.72 -19.10 6.72
N GLU C 157 4.40 -20.24 6.73
CA GLU C 157 5.14 -20.71 5.57
C GLU C 157 4.24 -21.09 4.41
N ASN C 158 2.93 -21.21 4.68
CA ASN C 158 1.97 -21.68 3.67
C ASN C 158 0.84 -20.69 3.41
N ASP C 159 1.11 -19.40 3.62
CA ASP C 159 0.11 -18.35 3.39
C ASP C 159 -1.18 -18.60 4.17
N PHE C 160 -1.04 -19.21 5.34
CA PHE C 160 -2.18 -19.51 6.21
C PHE C 160 -3.25 -20.31 5.48
N SER C 161 -2.82 -21.39 4.82
CA SER C 161 -3.74 -22.28 4.11
C SER C 161 -4.30 -23.31 5.08
N TRP C 162 -5.58 -23.63 4.91
CA TRP C 162 -6.25 -24.62 5.75
C TRP C 162 -6.09 -24.29 7.23
N ASP C 163 -6.30 -23.01 7.56
CA ASP C 163 -6.18 -22.53 8.93
C ASP C 163 -7.51 -22.62 9.64
N LYS C 164 -7.72 -23.73 10.36
CA LYS C 164 -8.99 -23.98 11.05
C LYS C 164 -8.92 -23.56 12.52
N ARG C 165 -7.95 -22.73 12.86
CA ARG C 165 -7.70 -22.39 14.26
C ARG C 165 -8.80 -21.53 14.86
N TYR C 166 -9.51 -20.77 14.03
CA TYR C 166 -10.51 -19.82 14.51
C TYR C 166 -11.92 -20.21 14.06
N CYS C 167 -12.11 -21.49 13.78
CA CYS C 167 -13.37 -22.00 13.25
C CYS C 167 -14.62 -21.57 14.03
N GLU C 168 -14.54 -21.68 15.35
CA GLU C 168 -15.71 -21.50 16.20
C GLU C 168 -16.81 -22.47 15.78
N ALA C 169 -16.43 -23.73 15.62
CA ALA C 169 -17.37 -24.78 15.25
C ALA C 169 -18.52 -24.84 16.23
N GLY C 170 -19.74 -24.95 15.71
CA GLY C 170 -20.93 -24.96 16.53
C GLY C 170 -21.55 -23.58 16.64
N PHE C 171 -21.00 -22.63 15.90
CA PHE C 171 -21.60 -21.30 15.79
C PHE C 171 -23.05 -21.45 15.37
N SER C 172 -23.26 -22.33 14.39
CA SER C 172 -24.59 -22.78 13.99
C SER C 172 -24.55 -24.30 13.79
N SER C 173 -25.67 -24.97 14.04
CA SER C 173 -25.71 -26.42 13.97
C SER C 173 -27.03 -26.94 13.38
N VAL C 174 -27.01 -28.21 12.97
CA VAL C 174 -28.16 -28.87 12.39
C VAL C 174 -27.87 -30.36 12.25
N VAL C 175 -28.92 -31.18 12.28
CA VAL C 175 -28.78 -32.63 12.14
C VAL C 175 -29.74 -33.17 11.07
N THR C 176 -29.24 -33.99 10.17
CA THR C 176 -30.05 -34.57 9.11
C THR C 176 -30.98 -35.64 9.67
N GLN C 177 -31.98 -36.02 8.88
N GLN C 177 -31.98 -36.02 8.88
CA GLN C 177 -32.91 -37.08 9.28
CA GLN C 177 -32.91 -37.07 9.30
C GLN C 177 -32.17 -38.40 9.47
C GLN C 177 -32.21 -38.42 9.43
N ALA C 178 -31.05 -38.55 8.77
CA ALA C 178 -30.27 -39.77 8.84
C ALA C 178 -29.42 -39.82 10.11
N GLY C 179 -29.17 -38.66 10.69
CA GLY C 179 -28.39 -38.55 11.92
C GLY C 179 -26.98 -38.06 11.67
N GLU C 180 -26.84 -37.15 10.70
CA GLU C 180 -25.56 -36.54 10.39
C GLU C 180 -25.47 -35.13 10.96
N LEU C 181 -24.59 -34.94 11.93
CA LEU C 181 -24.37 -33.64 12.55
C LEU C 181 -23.55 -32.74 11.65
N VAL C 182 -24.10 -31.59 11.29
CA VAL C 182 -23.41 -30.61 10.45
C VAL C 182 -23.23 -29.30 11.20
N LEU C 183 -21.99 -28.89 11.41
CA LEU C 183 -21.67 -27.68 12.14
C LEU C 183 -21.25 -26.55 11.21
N GLY C 184 -21.61 -25.33 11.58
CA GLY C 184 -21.16 -24.14 10.87
C GLY C 184 -20.01 -23.49 11.62
N ALA C 185 -18.95 -23.16 10.88
CA ALA C 185 -17.76 -22.55 11.46
C ALA C 185 -17.38 -21.31 10.66
N PRO C 186 -18.03 -20.17 10.92
CA PRO C 186 -17.82 -18.96 10.11
C PRO C 186 -16.38 -18.45 10.15
N GLY C 187 -15.64 -18.82 11.18
CA GLY C 187 -14.27 -18.38 11.32
C GLY C 187 -13.26 -19.34 10.70
N GLY C 188 -13.77 -20.30 9.94
CA GLY C 188 -12.93 -21.32 9.33
C GLY C 188 -12.08 -20.81 8.19
N TYR C 189 -10.91 -21.40 8.02
CA TYR C 189 -9.99 -21.03 6.94
C TYR C 189 -9.73 -19.52 6.92
N TYR C 190 -9.40 -18.99 8.10
CA TYR C 190 -9.16 -17.57 8.27
C TYR C 190 -10.40 -16.75 7.92
N PHE C 191 -11.50 -17.10 8.58
CA PHE C 191 -12.75 -16.34 8.50
C PHE C 191 -13.40 -16.38 7.13
N LEU C 192 -12.99 -17.33 6.30
CA LEU C 192 -13.72 -17.62 5.07
C LEU C 192 -15.00 -18.36 5.44
N GLY C 193 -14.87 -19.26 6.41
CA GLY C 193 -15.98 -20.05 6.89
C GLY C 193 -15.94 -21.46 6.32
N LEU C 194 -16.33 -22.44 7.13
CA LEU C 194 -16.36 -23.82 6.67
C LEU C 194 -17.46 -24.61 7.38
N LEU C 195 -17.75 -25.80 6.85
CA LEU C 195 -18.71 -26.71 7.46
C LEU C 195 -18.00 -27.98 7.89
N ALA C 196 -18.53 -28.62 8.93
CA ALA C 196 -17.98 -29.86 9.46
C ALA C 196 -19.07 -30.88 9.71
N GLN C 197 -19.11 -31.91 8.87
CA GLN C 197 -20.12 -32.96 8.97
C GLN C 197 -19.54 -34.22 9.60
N ALA C 198 -20.37 -34.94 10.35
CA ALA C 198 -19.97 -36.21 10.95
C ALA C 198 -21.18 -36.93 11.53
N PRO C 199 -21.30 -38.25 11.30
CA PRO C 199 -22.40 -39.00 11.91
C PRO C 199 -22.37 -38.94 13.44
N VAL C 200 -23.55 -38.82 14.05
CA VAL C 200 -23.64 -38.76 15.51
C VAL C 200 -23.13 -40.05 16.14
N ALA C 201 -23.51 -41.18 15.54
CA ALA C 201 -23.11 -42.49 16.05
C ALA C 201 -21.59 -42.65 16.07
N ASP C 202 -20.94 -42.10 15.04
CA ASP C 202 -19.49 -42.24 14.91
C ASP C 202 -18.73 -41.30 15.84
N ILE C 203 -19.41 -40.26 16.32
CA ILE C 203 -18.82 -39.35 17.29
C ILE C 203 -18.80 -40.00 18.67
N PHE C 204 -19.92 -40.60 19.05
CA PHE C 204 -20.03 -41.25 20.35
C PHE C 204 -19.09 -42.45 20.47
N SER C 205 -18.93 -43.18 19.38
CA SER C 205 -18.15 -44.42 19.39
C SER C 205 -16.64 -44.15 19.28
N SER C 206 -16.28 -43.01 18.72
CA SER C 206 -14.87 -42.68 18.48
C SER C 206 -14.30 -41.79 19.58
N TYR C 207 -15.16 -41.31 20.48
CA TYR C 207 -14.73 -40.39 21.53
C TYR C 207 -14.40 -41.09 22.84
N ARG C 208 -13.28 -40.68 23.44
CA ARG C 208 -12.91 -41.09 24.79
C ARG C 208 -12.46 -39.86 25.56
N PRO C 209 -12.69 -39.83 26.87
CA PRO C 209 -12.29 -38.65 27.67
C PRO C 209 -10.78 -38.55 27.84
N GLY C 210 -10.24 -37.36 27.63
CA GLY C 210 -8.83 -37.09 27.87
C GLY C 210 -7.93 -37.26 26.66
N ILE C 211 -8.54 -37.48 25.50
CA ILE C 211 -7.79 -37.67 24.26
C ILE C 211 -7.60 -36.34 23.53
N LEU C 212 -8.65 -35.53 23.50
CA LEU C 212 -8.62 -34.18 22.95
C LEU C 212 -8.46 -34.15 21.42
N LEU C 213 -7.47 -34.87 20.89
CA LEU C 213 -7.29 -35.03 19.45
C LEU C 213 -7.53 -36.47 19.03
N TRP C 214 -8.64 -36.70 18.33
CA TRP C 214 -8.97 -38.04 17.85
C TRP C 214 -9.56 -38.00 16.44
N HIS C 215 -9.35 -39.07 15.69
CA HIS C 215 -9.79 -39.16 14.31
C HIS C 215 -11.22 -39.69 14.18
N VAL C 216 -12.06 -38.94 13.48
CA VAL C 216 -13.36 -39.42 13.06
C VAL C 216 -13.33 -39.58 11.54
N SER C 217 -13.04 -40.79 11.10
CA SER C 217 -12.79 -41.07 9.68
C SER C 217 -13.99 -40.74 8.79
N SER C 218 -15.18 -40.80 9.37
CA SER C 218 -16.41 -40.58 8.61
C SER C 218 -16.78 -39.11 8.48
N GLN C 219 -15.99 -38.24 9.11
CA GLN C 219 -16.28 -36.81 9.06
C GLN C 219 -15.86 -36.22 7.71
N SER C 220 -16.43 -35.08 7.36
CA SER C 220 -16.16 -34.44 6.08
C SER C 220 -16.27 -32.93 6.21
N LEU C 221 -15.15 -32.24 5.98
CA LEU C 221 -15.12 -30.78 6.07
C LEU C 221 -15.15 -30.13 4.69
N SER C 222 -15.69 -28.91 4.64
CA SER C 222 -15.70 -28.14 3.40
C SER C 222 -14.28 -27.67 3.09
N PHE C 223 -14.14 -26.86 2.05
CA PHE C 223 -12.83 -26.55 1.50
C PHE C 223 -12.48 -25.06 1.53
N ASP C 224 -11.18 -24.78 1.48
CA ASP C 224 -10.68 -23.42 1.43
C ASP C 224 -10.91 -22.83 0.04
N SER C 225 -10.45 -21.60 -0.18
CA SER C 225 -10.67 -20.94 -1.46
C SER C 225 -9.74 -19.75 -1.65
N SER C 226 -9.26 -19.58 -2.88
CA SER C 226 -8.40 -18.45 -3.23
C SER C 226 -9.20 -17.36 -3.93
N ASN C 227 -10.52 -17.42 -3.79
CA ASN C 227 -11.41 -16.43 -4.40
C ASN C 227 -11.72 -15.31 -3.42
N PRO C 228 -11.30 -14.07 -3.73
CA PRO C 228 -11.52 -12.97 -2.78
C PRO C 228 -12.99 -12.72 -2.44
N GLU C 229 -13.90 -13.29 -3.22
CA GLU C 229 -15.33 -13.16 -2.95
C GLU C 229 -15.72 -13.81 -1.63
N TYR C 230 -14.94 -14.81 -1.22
CA TYR C 230 -15.23 -15.57 -0.01
C TYR C 230 -14.50 -15.04 1.23
N PHE C 231 -13.51 -14.18 1.02
CA PHE C 231 -12.69 -13.67 2.11
C PHE C 231 -13.53 -12.93 3.15
N ASP C 232 -13.41 -13.36 4.40
CA ASP C 232 -14.13 -12.75 5.51
C ASP C 232 -15.63 -12.79 5.30
N GLY C 233 -16.11 -13.87 4.69
CA GLY C 233 -17.52 -14.00 4.33
C GLY C 233 -18.37 -14.65 5.41
N TYR C 234 -17.72 -15.21 6.43
CA TYR C 234 -18.42 -15.90 7.51
C TYR C 234 -19.35 -16.98 6.96
N TRP C 235 -18.76 -17.89 6.18
CA TRP C 235 -19.50 -18.98 5.56
C TRP C 235 -19.79 -20.08 6.59
N GLY C 236 -20.99 -20.03 7.15
CA GLY C 236 -21.40 -20.95 8.20
C GLY C 236 -22.04 -20.23 9.37
N TYR C 237 -22.32 -18.94 9.17
CA TYR C 237 -22.97 -18.12 10.20
C TYR C 237 -24.32 -18.73 10.57
N SER C 238 -24.96 -19.34 9.59
CA SER C 238 -26.23 -20.05 9.79
C SER C 238 -26.26 -21.28 8.89
N VAL C 239 -27.10 -22.25 9.23
CA VAL C 239 -27.15 -23.50 8.46
C VAL C 239 -28.48 -24.23 8.60
N ALA C 240 -28.87 -24.93 7.54
CA ALA C 240 -30.04 -25.79 7.54
C ALA C 240 -29.87 -26.91 6.51
N VAL C 241 -30.93 -27.71 6.33
CA VAL C 241 -30.89 -28.81 5.36
C VAL C 241 -32.25 -28.98 4.69
N GLY C 242 -32.27 -29.70 3.56
CA GLY C 242 -33.50 -29.95 2.84
C GLY C 242 -33.28 -30.81 1.60
N GLU C 243 -34.26 -30.78 0.70
CA GLU C 243 -34.20 -31.54 -0.55
C GLU C 243 -34.41 -30.59 -1.73
N PHE C 244 -33.42 -30.49 -2.61
CA PHE C 244 -33.42 -29.50 -3.68
C PHE C 244 -32.88 -30.01 -5.02
N ASP C 245 -32.47 -31.28 -5.07
CA ASP C 245 -31.86 -31.84 -6.27
C ASP C 245 -32.67 -32.98 -6.87
N GLY C 246 -33.85 -33.24 -6.32
CA GLY C 246 -34.72 -34.28 -6.84
C GLY C 246 -34.45 -35.64 -6.24
N ASP C 247 -33.18 -35.94 -5.99
CA ASP C 247 -32.78 -37.23 -5.41
C ASP C 247 -33.06 -37.22 -3.91
N LEU C 248 -33.92 -38.15 -3.47
CA LEU C 248 -34.29 -38.22 -2.06
C LEU C 248 -33.22 -38.91 -1.22
N ASN C 249 -32.40 -39.74 -1.86
CA ASN C 249 -31.30 -40.39 -1.16
C ASN C 249 -30.29 -39.37 -0.63
N THR C 250 -29.90 -38.44 -1.49
CA THR C 250 -28.95 -37.40 -1.10
C THR C 250 -29.60 -36.35 -0.21
N THR C 251 -28.80 -35.70 0.62
CA THR C 251 -29.27 -34.62 1.49
C THR C 251 -28.47 -33.35 1.20
N GLU C 252 -29.18 -32.28 0.85
CA GLU C 252 -28.55 -31.02 0.48
C GLU C 252 -28.48 -30.06 1.66
N TYR C 253 -27.34 -29.38 1.78
CA TYR C 253 -27.12 -28.42 2.86
C TYR C 253 -27.40 -26.99 2.42
N VAL C 254 -27.85 -26.16 3.35
CA VAL C 254 -28.06 -24.74 3.10
C VAL C 254 -27.18 -23.95 4.07
N VAL C 255 -26.33 -23.08 3.52
CA VAL C 255 -25.40 -22.30 4.32
C VAL C 255 -25.55 -20.81 4.05
N GLY C 256 -25.43 -20.01 5.11
CA GLY C 256 -25.50 -18.57 5.00
C GLY C 256 -24.14 -17.92 5.20
N ALA C 257 -23.84 -16.95 4.35
CA ALA C 257 -22.59 -16.20 4.43
C ALA C 257 -22.91 -14.70 4.39
N PRO C 258 -23.32 -14.13 5.54
CA PRO C 258 -23.87 -12.77 5.57
C PRO C 258 -22.91 -11.67 5.13
N THR C 259 -21.60 -11.93 5.20
CA THR C 259 -20.61 -10.93 4.80
C THR C 259 -19.87 -11.36 3.54
N TRP C 260 -20.51 -12.20 2.74
CA TRP C 260 -19.90 -12.72 1.51
C TRP C 260 -19.77 -11.63 0.46
N SER C 261 -18.69 -11.69 -0.31
CA SER C 261 -18.42 -10.75 -1.39
C SER C 261 -18.53 -9.30 -0.91
N TRP C 262 -17.59 -8.92 -0.04
CA TRP C 262 -17.55 -7.55 0.50
C TRP C 262 -18.89 -7.17 1.12
N THR C 263 -19.34 -7.98 2.07
CA THR C 263 -20.53 -7.71 2.87
C THR C 263 -21.82 -7.60 2.06
N LEU C 264 -21.80 -8.05 0.81
CA LEU C 264 -23.04 -8.15 0.04
C LEU C 264 -23.91 -9.25 0.64
N GLY C 265 -23.26 -10.29 1.16
CA GLY C 265 -23.94 -11.42 1.76
C GLY C 265 -24.47 -12.37 0.70
N ALA C 266 -24.60 -13.65 1.07
CA ALA C 266 -25.12 -14.64 0.15
C ALA C 266 -25.56 -15.91 0.87
N VAL C 267 -26.23 -16.79 0.13
CA VAL C 267 -26.67 -18.08 0.63
C VAL C 267 -26.43 -19.12 -0.46
N GLU C 268 -26.02 -20.32 -0.06
CA GLU C 268 -25.67 -21.37 -1.02
C GLU C 268 -26.28 -22.72 -0.65
N ILE C 269 -26.83 -23.39 -1.66
CA ILE C 269 -27.31 -24.76 -1.52
C ILE C 269 -26.26 -25.72 -2.04
N LEU C 270 -25.95 -26.75 -1.26
CA LEU C 270 -24.88 -27.69 -1.57
C LEU C 270 -25.38 -29.13 -1.50
N ASP C 271 -24.63 -30.04 -2.10
CA ASP C 271 -24.86 -31.47 -1.88
C ASP C 271 -24.03 -31.89 -0.67
N SER C 272 -24.14 -33.17 -0.31
CA SER C 272 -23.43 -33.68 0.87
C SER C 272 -21.90 -33.60 0.72
N TYR C 273 -21.43 -33.36 -0.51
CA TYR C 273 -19.99 -33.27 -0.77
C TYR C 273 -19.53 -31.83 -0.95
N TYR C 274 -20.35 -30.89 -0.48
CA TYR C 274 -20.01 -29.46 -0.46
C TYR C 274 -19.79 -28.87 -1.86
N GLN C 275 -20.38 -29.51 -2.87
CA GLN C 275 -20.38 -28.95 -4.23
C GLN C 275 -21.58 -28.02 -4.40
N ARG C 276 -21.35 -26.86 -4.98
CA ARG C 276 -22.37 -25.82 -5.09
C ARG C 276 -23.42 -26.14 -6.15
N LEU C 277 -24.69 -26.09 -5.76
CA LEU C 277 -25.80 -26.32 -6.67
C LEU C 277 -26.44 -25.01 -7.10
N HIS C 278 -26.63 -24.10 -6.14
CA HIS C 278 -27.17 -22.78 -6.44
CA HIS C 278 -27.22 -22.80 -6.39
C HIS C 278 -26.62 -21.75 -5.46
N ARG C 279 -26.65 -20.49 -5.89
CA ARG C 279 -26.20 -19.38 -5.05
C ARG C 279 -27.22 -18.24 -5.11
N LEU C 280 -27.56 -17.71 -3.94
CA LEU C 280 -28.45 -16.57 -3.84
C LEU C 280 -27.69 -15.39 -3.25
N ARG C 281 -27.67 -14.29 -4.01
CA ARG C 281 -26.89 -13.11 -3.65
C ARG C 281 -27.75 -12.12 -2.88
N GLY C 282 -27.12 -11.37 -1.99
CA GLY C 282 -27.82 -10.33 -1.25
C GLY C 282 -28.27 -9.22 -2.17
N GLU C 283 -29.28 -8.47 -1.73
CA GLU C 283 -29.81 -7.36 -2.51
C GLU C 283 -29.10 -6.06 -2.13
N GLN C 284 -28.61 -6.00 -0.90
CA GLN C 284 -28.01 -4.78 -0.36
C GLN C 284 -26.88 -5.12 0.60
N MET C 285 -25.82 -4.32 0.55
CA MET C 285 -24.64 -4.56 1.36
C MET C 285 -24.90 -4.24 2.84
N ALA C 286 -24.19 -4.96 3.71
CA ALA C 286 -24.30 -4.79 5.16
C ALA C 286 -25.70 -5.09 5.70
N SER C 287 -26.57 -5.64 4.86
CA SER C 287 -27.90 -6.04 5.29
C SER C 287 -27.83 -7.36 6.05
N TYR C 288 -26.68 -8.02 5.97
CA TYR C 288 -26.46 -9.31 6.59
C TYR C 288 -27.40 -10.37 6.01
N PHE C 289 -27.58 -10.32 4.70
CA PHE C 289 -28.34 -11.32 3.97
C PHE C 289 -27.76 -12.70 4.19
N GLY C 290 -28.43 -13.50 5.03
CA GLY C 290 -27.97 -14.84 5.35
C GLY C 290 -27.78 -15.02 6.85
N HIS C 291 -28.24 -14.05 7.62
CA HIS C 291 -28.17 -14.13 9.08
C HIS C 291 -28.93 -15.34 9.60
N SER C 292 -29.99 -15.71 8.88
CA SER C 292 -30.83 -16.82 9.26
C SER C 292 -31.43 -17.48 8.02
N VAL C 293 -31.48 -18.81 8.04
CA VAL C 293 -32.08 -19.58 6.95
C VAL C 293 -33.14 -20.52 7.48
N ALA C 294 -34.16 -20.78 6.66
CA ALA C 294 -35.23 -21.69 7.01
C ALA C 294 -35.66 -22.49 5.79
N VAL C 295 -35.99 -23.76 6.00
CA VAL C 295 -36.40 -24.65 4.92
C VAL C 295 -37.75 -25.30 5.24
N THR C 296 -38.74 -25.05 4.38
CA THR C 296 -40.05 -25.66 4.52
C THR C 296 -40.90 -25.44 3.28
N ASP C 297 -41.76 -26.40 2.97
CA ASP C 297 -42.66 -26.28 1.83
C ASP C 297 -43.93 -25.51 2.20
N VAL C 298 -44.01 -24.25 1.75
CA VAL C 298 -45.06 -23.34 2.19
C VAL C 298 -46.28 -23.31 1.28
N ASN C 299 -46.19 -23.95 0.12
CA ASN C 299 -47.29 -23.95 -0.86
C ASN C 299 -47.81 -25.35 -1.17
N GLY C 300 -47.51 -26.29 -0.28
CA GLY C 300 -48.05 -27.64 -0.37
C GLY C 300 -47.85 -28.34 -1.69
N ASP C 301 -46.77 -27.99 -2.39
CA ASP C 301 -46.44 -28.64 -3.67
C ASP C 301 -45.62 -29.90 -3.44
N GLY C 302 -44.99 -29.99 -2.27
CA GLY C 302 -44.16 -31.13 -1.91
C GLY C 302 -42.69 -30.77 -1.86
N ARG C 303 -42.31 -29.79 -2.68
CA ARG C 303 -40.91 -29.36 -2.77
C ARG C 303 -40.59 -28.32 -1.71
N HIS C 304 -39.46 -28.50 -1.04
CA HIS C 304 -39.02 -27.56 -0.01
C HIS C 304 -38.78 -26.16 -0.59
N ASP C 305 -39.03 -25.14 0.21
CA ASP C 305 -38.83 -23.75 -0.20
C ASP C 305 -37.92 -23.05 0.80
N LEU C 306 -37.12 -22.11 0.31
CA LEU C 306 -36.10 -21.45 1.12
C LEU C 306 -36.51 -20.06 1.55
N LEU C 307 -36.18 -19.71 2.80
CA LEU C 307 -36.38 -18.37 3.33
C LEU C 307 -35.08 -17.84 3.90
N VAL C 308 -34.76 -16.59 3.57
CA VAL C 308 -33.52 -15.96 4.01
C VAL C 308 -33.80 -14.65 4.71
N GLY C 309 -33.09 -14.40 5.81
CA GLY C 309 -33.26 -13.19 6.60
C GLY C 309 -32.12 -12.20 6.46
N ALA C 310 -32.46 -10.97 6.09
CA ALA C 310 -31.51 -9.87 6.02
C ALA C 310 -31.93 -8.80 7.03
N PRO C 311 -31.61 -9.01 8.31
CA PRO C 311 -32.16 -8.19 9.41
C PRO C 311 -31.75 -6.72 9.38
N LEU C 312 -30.73 -6.34 8.62
CA LEU C 312 -30.27 -4.96 8.60
C LEU C 312 -30.51 -4.28 7.26
N TYR C 313 -31.47 -4.81 6.50
CA TYR C 313 -31.81 -4.21 5.22
C TYR C 313 -32.45 -2.85 5.43
N MET C 314 -32.00 -1.88 4.64
CA MET C 314 -32.52 -0.52 4.71
C MET C 314 -33.51 -0.27 3.59
N GLU C 315 -34.76 -0.02 3.97
CA GLU C 315 -35.85 0.20 3.01
C GLU C 315 -35.82 1.63 2.49
N SER C 316 -36.19 1.80 1.22
CA SER C 316 -36.22 3.12 0.61
C SER C 316 -37.45 3.91 1.04
N ARG C 317 -37.22 5.02 1.73
CA ARG C 317 -38.29 5.94 2.12
C ARG C 317 -38.28 7.15 1.18
N ALA C 318 -39.17 8.10 1.43
CA ALA C 318 -39.25 9.30 0.61
C ALA C 318 -38.02 10.18 0.82
N ASP C 319 -37.82 11.14 -0.09
CA ASP C 319 -36.68 12.04 -0.06
C ASP C 319 -35.36 11.27 -0.09
N ARG C 320 -35.34 10.19 -0.87
CA ARG C 320 -34.12 9.38 -1.05
C ARG C 320 -33.57 8.87 0.28
N LYS C 321 -34.45 8.70 1.27
CA LYS C 321 -34.03 8.27 2.59
C LYS C 321 -33.90 6.75 2.68
N LEU C 322 -33.36 6.29 3.79
CA LEU C 322 -33.18 4.87 4.06
C LEU C 322 -33.50 4.56 5.51
N ALA C 323 -34.16 3.43 5.74
CA ALA C 323 -34.60 3.05 7.08
C ALA C 323 -34.34 1.58 7.37
N GLU C 324 -33.46 1.31 8.32
CA GLU C 324 -33.13 -0.06 8.71
C GLU C 324 -34.33 -0.72 9.38
N VAL C 325 -34.88 -1.75 8.74
CA VAL C 325 -36.04 -2.45 9.27
C VAL C 325 -35.89 -3.97 9.14
N GLY C 326 -35.07 -4.41 8.20
CA GLY C 326 -34.86 -5.83 7.95
C GLY C 326 -35.83 -6.36 6.92
N ARG C 327 -35.40 -7.40 6.19
CA ARG C 327 -36.22 -8.00 5.15
C ARG C 327 -36.06 -9.52 5.12
N VAL C 328 -37.10 -10.21 4.67
CA VAL C 328 -37.06 -11.67 4.51
C VAL C 328 -37.44 -12.04 3.08
N TYR C 329 -36.63 -12.91 2.49
CA TYR C 329 -36.81 -13.32 1.10
C TYR C 329 -37.39 -14.73 1.03
N LEU C 330 -38.28 -14.95 0.06
CA LEU C 330 -38.87 -16.27 -0.16
C LEU C 330 -38.50 -16.81 -1.55
N PHE C 331 -37.99 -18.03 -1.58
CA PHE C 331 -37.62 -18.68 -2.83
C PHE C 331 -38.33 -20.03 -2.96
N LEU C 332 -39.34 -20.08 -3.82
CA LEU C 332 -40.06 -21.31 -4.09
C LEU C 332 -39.27 -22.18 -5.06
N GLN C 333 -39.09 -23.46 -4.71
CA GLN C 333 -38.37 -24.38 -5.57
C GLN C 333 -39.22 -24.73 -6.79
N PRO C 334 -38.72 -24.46 -8.00
CA PRO C 334 -39.53 -24.72 -9.20
C PRO C 334 -39.59 -26.20 -9.57
N ARG C 335 -40.39 -26.53 -10.57
CA ARG C 335 -40.52 -27.91 -11.04
C ARG C 335 -39.19 -28.39 -11.63
N GLY C 336 -38.80 -29.61 -11.25
CA GLY C 336 -37.61 -30.22 -11.84
C GLY C 336 -36.31 -29.71 -11.25
N PRO C 337 -35.21 -29.89 -11.98
CA PRO C 337 -33.86 -29.53 -11.51
C PRO C 337 -33.53 -28.04 -11.69
N HIS C 338 -34.50 -27.26 -12.15
CA HIS C 338 -34.28 -25.85 -12.45
C HIS C 338 -33.73 -25.08 -11.25
N ALA C 339 -32.94 -24.05 -11.55
CA ALA C 339 -32.32 -23.24 -10.51
C ALA C 339 -33.33 -22.28 -9.88
N LEU C 340 -33.14 -21.99 -8.60
CA LEU C 340 -34.03 -21.10 -7.87
C LEU C 340 -33.90 -19.67 -8.38
N GLY C 341 -34.98 -19.16 -8.97
CA GLY C 341 -34.97 -17.85 -9.60
C GLY C 341 -35.07 -16.70 -8.61
N ALA C 342 -35.78 -15.66 -9.03
CA ALA C 342 -35.95 -14.47 -8.20
C ALA C 342 -36.84 -14.76 -7.01
N PRO C 343 -36.84 -13.86 -6.01
CA PRO C 343 -37.73 -14.03 -4.86
C PRO C 343 -39.20 -14.04 -5.26
N SER C 344 -39.96 -15.00 -4.74
CA SER C 344 -41.39 -15.08 -5.03
C SER C 344 -42.15 -14.08 -4.17
N LEU C 345 -41.54 -13.67 -3.06
CA LEU C 345 -42.16 -12.70 -2.16
C LEU C 345 -41.08 -12.01 -1.32
N LEU C 346 -41.32 -10.74 -0.99
CA LEU C 346 -40.40 -9.96 -0.16
C LEU C 346 -41.11 -9.37 1.04
N LEU C 347 -40.90 -10.00 2.20
CA LEU C 347 -41.45 -9.49 3.46
C LEU C 347 -40.47 -8.50 4.09
N THR C 348 -40.94 -7.28 4.31
CA THR C 348 -40.11 -6.23 4.88
C THR C 348 -40.66 -5.76 6.22
N GLY C 349 -39.76 -5.48 7.16
CA GLY C 349 -40.13 -4.99 8.47
C GLY C 349 -40.64 -3.56 8.41
N THR C 350 -41.04 -3.03 9.56
CA THR C 350 -41.64 -1.70 9.63
C THR C 350 -41.03 -0.86 10.75
N GLN C 351 -40.67 -1.50 11.85
CA GLN C 351 -40.11 -0.81 13.00
C GLN C 351 -38.62 -0.55 12.80
N LEU C 352 -38.22 0.70 12.98
CA LEU C 352 -36.82 1.09 12.83
C LEU C 352 -35.93 0.31 13.80
N TYR C 353 -34.86 -0.27 13.27
CA TYR C 353 -33.93 -1.09 14.07
C TYR C 353 -34.61 -2.33 14.64
N GLY C 354 -35.73 -2.71 14.04
CA GLY C 354 -36.48 -3.87 14.50
C GLY C 354 -35.75 -5.17 14.27
N ARG C 355 -34.88 -5.17 13.26
CA ARG C 355 -34.14 -6.36 12.85
C ARG C 355 -35.08 -7.50 12.47
N PHE C 356 -36.09 -7.17 11.68
CA PHE C 356 -37.01 -8.14 11.12
C PHE C 356 -36.26 -9.13 10.24
N GLY C 357 -36.24 -10.40 10.65
CA GLY C 357 -35.55 -11.44 9.92
C GLY C 357 -34.37 -12.01 10.68
N SER C 358 -34.22 -11.61 11.94
CA SER C 358 -33.15 -12.11 12.78
CA SER C 358 -33.15 -12.11 12.78
C SER C 358 -33.30 -13.61 13.02
N ALA C 359 -34.55 -14.08 12.98
CA ALA C 359 -34.85 -15.49 13.14
C ALA C 359 -36.05 -15.86 12.29
N ILE C 360 -36.04 -17.09 11.79
CA ILE C 360 -37.14 -17.60 10.96
C ILE C 360 -37.36 -19.07 11.31
N ALA C 361 -38.57 -19.39 11.74
CA ALA C 361 -38.90 -20.72 12.22
C ALA C 361 -40.07 -21.31 11.44
N PRO C 362 -39.89 -22.52 10.88
CA PRO C 362 -41.05 -23.24 10.36
C PRO C 362 -42.01 -23.64 11.48
N LEU C 363 -43.30 -23.43 11.27
CA LEU C 363 -44.31 -23.73 12.28
C LEU C 363 -45.08 -25.00 11.96
N GLY C 364 -44.76 -25.63 10.84
CA GLY C 364 -45.59 -26.71 10.32
C GLY C 364 -46.91 -26.11 9.89
N ASP C 365 -47.95 -26.93 9.80
CA ASP C 365 -49.28 -26.43 9.46
C ASP C 365 -50.00 -26.00 10.74
N LEU C 366 -50.17 -24.70 10.90
CA LEU C 366 -50.70 -24.14 12.13
C LEU C 366 -52.22 -24.21 12.19
N ASP C 367 -52.87 -23.83 11.10
CA ASP C 367 -54.34 -23.87 11.02
C ASP C 367 -54.83 -25.14 10.32
N ARG C 368 -53.90 -26.03 9.99
CA ARG C 368 -54.24 -27.33 9.40
C ARG C 368 -55.12 -27.19 8.17
N ASP C 369 -54.72 -26.28 7.27
CA ASP C 369 -55.46 -26.05 6.03
C ASP C 369 -54.80 -26.76 4.85
N GLY C 370 -53.60 -27.29 5.07
CA GLY C 370 -52.87 -28.03 4.06
C GLY C 370 -51.58 -27.37 3.63
N TYR C 371 -51.33 -26.17 4.14
CA TYR C 371 -50.13 -25.41 3.79
C TYR C 371 -49.33 -25.05 5.04
N ASN C 372 -48.05 -25.40 5.04
CA ASN C 372 -47.17 -25.06 6.16
C ASN C 372 -46.99 -23.57 6.28
N ASP C 373 -46.72 -23.11 7.50
CA ASP C 373 -46.63 -21.68 7.80
C ASP C 373 -45.30 -21.38 8.49
N ILE C 374 -45.00 -20.09 8.67
CA ILE C 374 -43.75 -19.67 9.29
C ILE C 374 -43.94 -18.59 10.35
N ALA C 375 -42.87 -18.33 11.10
CA ALA C 375 -42.81 -17.22 12.03
C ALA C 375 -41.54 -16.43 11.79
N VAL C 376 -41.62 -15.11 11.96
CA VAL C 376 -40.47 -14.24 11.73
C VAL C 376 -40.29 -13.28 12.91
N ALA C 377 -39.07 -13.21 13.42
CA ALA C 377 -38.77 -12.41 14.60
C ALA C 377 -38.23 -11.03 14.26
N ALA C 378 -38.65 -10.04 15.05
CA ALA C 378 -38.05 -8.72 15.07
C ALA C 378 -37.69 -8.41 16.53
N PRO C 379 -36.52 -8.90 16.98
CA PRO C 379 -36.13 -8.84 18.40
C PRO C 379 -36.20 -7.46 19.04
N TYR C 380 -36.24 -6.41 18.23
CA TYR C 380 -36.33 -5.05 18.74
C TYR C 380 -37.41 -4.28 17.98
N GLY C 381 -38.37 -5.03 17.44
CA GLY C 381 -39.45 -4.46 16.65
C GLY C 381 -40.72 -4.25 17.45
N GLY C 382 -41.82 -4.04 16.74
CA GLY C 382 -43.08 -3.70 17.38
C GLY C 382 -43.10 -2.22 17.72
N PRO C 383 -44.32 -1.66 17.95
CA PRO C 383 -44.47 -0.23 18.20
C PRO C 383 -43.63 0.28 19.38
N SER C 384 -43.32 -0.59 20.33
CA SER C 384 -42.55 -0.22 21.52
C SER C 384 -41.08 -0.62 21.40
N GLY C 385 -40.76 -1.37 20.35
CA GLY C 385 -39.40 -1.86 20.14
C GLY C 385 -38.99 -2.90 21.16
N ARG C 386 -39.97 -3.55 21.78
CA ARG C 386 -39.70 -4.53 22.82
C ARG C 386 -39.52 -5.95 22.27
N GLY C 387 -39.81 -6.13 20.99
CA GLY C 387 -39.70 -7.43 20.34
C GLY C 387 -41.04 -7.88 19.82
N GLN C 388 -41.03 -8.55 18.68
CA GLN C 388 -42.28 -8.92 18.00
C GLN C 388 -42.07 -10.08 17.05
N VAL C 389 -42.88 -11.13 17.22
CA VAL C 389 -42.87 -12.28 16.32
C VAL C 389 -44.12 -12.23 15.44
N LEU C 390 -43.92 -12.31 14.13
CA LEU C 390 -44.99 -12.23 13.15
C LEU C 390 -45.21 -13.56 12.45
N VAL C 391 -46.45 -14.02 12.44
CA VAL C 391 -46.81 -15.27 11.79
C VAL C 391 -47.31 -15.02 10.38
N PHE C 392 -46.80 -15.80 9.43
CA PHE C 392 -47.23 -15.74 8.03
C PHE C 392 -47.77 -17.10 7.60
N LEU C 393 -49.02 -17.13 7.16
CA LEU C 393 -49.67 -18.36 6.73
C LEU C 393 -49.31 -18.73 5.30
N GLY C 394 -49.24 -20.02 5.02
CA GLY C 394 -48.92 -20.51 3.70
C GLY C 394 -50.10 -20.46 2.74
N GLN C 395 -49.81 -20.49 1.45
CA GLN C 395 -50.84 -20.48 0.42
C GLN C 395 -50.27 -21.05 -0.87
N SER C 396 -51.14 -21.32 -1.83
CA SER C 396 -50.74 -21.91 -3.10
C SER C 396 -49.72 -21.04 -3.83
N GLU C 397 -49.74 -19.74 -3.55
CA GLU C 397 -48.84 -18.79 -4.21
C GLU C 397 -47.61 -18.47 -3.37
N GLY C 398 -47.52 -19.08 -2.19
CA GLY C 398 -46.37 -18.91 -1.32
C GLY C 398 -46.75 -18.57 0.11
N LEU C 399 -46.73 -17.28 0.43
CA LEU C 399 -47.07 -16.79 1.76
C LEU C 399 -47.96 -15.55 1.67
N ARG C 400 -48.70 -15.30 2.74
CA ARG C 400 -49.49 -14.08 2.82
C ARG C 400 -48.56 -12.88 2.96
N SER C 401 -48.83 -11.83 2.19
CA SER C 401 -48.00 -10.63 2.21
C SER C 401 -48.08 -9.95 3.57
N ARG C 402 -49.17 -10.19 4.28
CA ARG C 402 -49.38 -9.62 5.61
C ARG C 402 -49.51 -10.73 6.65
N PRO C 403 -49.11 -10.44 7.90
CA PRO C 403 -49.16 -11.46 8.95
C PRO C 403 -50.57 -11.73 9.46
N SER C 404 -50.89 -13.01 9.64
CA SER C 404 -52.19 -13.41 10.17
C SER C 404 -52.29 -13.08 11.65
N GLN C 405 -51.13 -13.02 12.31
CA GLN C 405 -51.07 -12.81 13.74
C GLN C 405 -49.73 -12.18 14.14
N VAL C 406 -49.75 -11.42 15.23
CA VAL C 406 -48.55 -10.78 15.74
C VAL C 406 -48.40 -11.04 17.24
N LEU C 407 -47.22 -11.50 17.64
CA LEU C 407 -46.93 -11.76 19.05
C LEU C 407 -45.98 -10.70 19.59
N ASP C 408 -46.52 -9.77 20.38
CA ASP C 408 -45.70 -8.73 20.99
C ASP C 408 -44.99 -9.29 22.22
N SER C 409 -43.84 -8.72 22.55
CA SER C 409 -43.02 -9.22 23.64
C SER C 409 -43.69 -8.98 25.00
N PRO C 410 -43.84 -10.05 25.80
CA PRO C 410 -44.38 -9.88 27.15
C PRO C 410 -43.32 -9.49 28.19
N PHE C 411 -42.11 -9.19 27.73
CA PHE C 411 -41.00 -8.87 28.63
C PHE C 411 -40.61 -7.40 28.57
N PRO C 412 -39.82 -6.93 29.55
CA PRO C 412 -39.33 -5.55 29.49
C PRO C 412 -38.42 -5.30 28.30
N THR C 413 -38.09 -4.04 28.06
CA THR C 413 -37.23 -3.66 26.93
C THR C 413 -35.84 -4.29 27.06
N GLY C 414 -35.26 -4.66 25.93
CA GLY C 414 -33.92 -5.21 25.90
C GLY C 414 -33.86 -6.71 26.13
N SER C 415 -34.99 -7.38 25.93
CA SER C 415 -35.06 -8.82 26.16
C SER C 415 -34.67 -9.61 24.91
N ALA C 416 -34.62 -8.93 23.77
CA ALA C 416 -34.31 -9.56 22.49
C ALA C 416 -35.30 -10.69 22.18
N PHE C 417 -36.52 -10.49 22.64
CA PHE C 417 -37.63 -11.42 22.39
C PHE C 417 -37.76 -11.78 20.91
N GLY C 418 -37.40 -13.01 20.58
CA GLY C 418 -37.51 -13.51 19.21
C GLY C 418 -36.18 -13.87 18.58
N PHE C 419 -35.09 -13.53 19.27
CA PHE C 419 -33.75 -13.83 18.77
C PHE C 419 -33.58 -15.33 18.48
N SER C 420 -34.37 -16.15 19.16
CA SER C 420 -34.42 -17.58 18.86
C SER C 420 -35.86 -18.07 18.78
N LEU C 421 -36.14 -18.88 17.76
CA LEU C 421 -37.48 -19.41 17.52
C LEU C 421 -37.43 -20.90 17.21
N ARG C 422 -38.56 -21.57 17.43
CA ARG C 422 -38.69 -22.98 17.08
C ARG C 422 -40.15 -23.41 17.18
N GLY C 423 -40.65 -24.08 16.15
CA GLY C 423 -42.04 -24.50 16.12
C GLY C 423 -42.23 -25.87 15.50
N ALA C 424 -43.42 -26.10 14.96
CA ALA C 424 -43.75 -27.34 14.25
C ALA C 424 -43.73 -28.57 15.16
N VAL C 425 -43.91 -28.36 16.47
CA VAL C 425 -43.97 -29.46 17.42
C VAL C 425 -45.14 -29.28 18.39
N ASP C 426 -45.99 -30.31 18.44
CA ASP C 426 -47.13 -30.32 19.35
C ASP C 426 -46.68 -30.80 20.73
N ILE C 427 -46.45 -29.86 21.63
CA ILE C 427 -45.88 -30.18 22.95
C ILE C 427 -46.96 -30.57 23.97
N ASP C 428 -48.18 -30.07 23.77
CA ASP C 428 -49.29 -30.38 24.66
C ASP C 428 -50.14 -31.54 24.12
N ASP C 429 -49.78 -32.04 22.95
CA ASP C 429 -50.46 -33.17 22.33
C ASP C 429 -51.93 -32.87 22.05
N ASN C 430 -52.23 -31.60 21.75
CA ASN C 430 -53.58 -31.20 21.39
C ASN C 430 -53.77 -31.20 19.87
N GLY C 431 -52.83 -31.80 19.16
CA GLY C 431 -52.94 -31.98 17.73
C GLY C 431 -52.34 -30.87 16.89
N TYR C 432 -52.12 -29.70 17.50
CA TYR C 432 -51.65 -28.53 16.78
C TYR C 432 -50.22 -28.16 17.14
N PRO C 433 -49.39 -27.82 16.15
CA PRO C 433 -47.99 -27.47 16.40
C PRO C 433 -47.86 -26.15 17.16
N ASP C 434 -46.94 -26.10 18.12
CA ASP C 434 -46.78 -24.94 18.98
C ASP C 434 -45.49 -24.17 18.64
N LEU C 435 -45.20 -23.15 19.46
CA LEU C 435 -44.06 -22.27 19.21
C LEU C 435 -43.39 -21.85 20.50
N ILE C 436 -42.06 -22.00 20.55
CA ILE C 436 -41.26 -21.51 21.67
C ILE C 436 -40.41 -20.32 21.22
N VAL C 437 -40.35 -19.29 22.06
CA VAL C 437 -39.63 -18.07 21.75
C VAL C 437 -38.64 -17.75 22.87
N GLY C 438 -37.40 -17.45 22.48
CA GLY C 438 -36.37 -17.13 23.45
C GLY C 438 -36.24 -15.64 23.68
N ALA C 439 -35.75 -15.29 24.87
CA ALA C 439 -35.48 -13.90 25.21
C ALA C 439 -34.33 -13.85 26.20
N TYR C 440 -33.11 -14.07 25.70
CA TYR C 440 -31.94 -14.20 26.55
C TYR C 440 -31.70 -12.94 27.37
N GLY C 441 -32.18 -11.81 26.88
CA GLY C 441 -32.04 -10.55 27.60
C GLY C 441 -32.73 -10.59 28.94
N ALA C 442 -33.89 -11.24 28.99
CA ALA C 442 -34.65 -11.38 30.21
C ALA C 442 -34.41 -12.74 30.86
N ASN C 443 -33.57 -13.56 30.23
CA ASN C 443 -33.24 -14.89 30.73
C ASN C 443 -34.49 -15.75 30.90
N GLN C 444 -35.36 -15.74 29.88
CA GLN C 444 -36.59 -16.50 29.92
C GLN C 444 -36.98 -17.02 28.54
N VAL C 445 -37.93 -17.96 28.53
CA VAL C 445 -38.46 -18.54 27.31
C VAL C 445 -39.98 -18.57 27.38
N ALA C 446 -40.64 -18.14 26.31
CA ALA C 446 -42.09 -18.09 26.25
C ALA C 446 -42.63 -19.15 25.29
N VAL C 447 -43.65 -19.89 25.73
CA VAL C 447 -44.27 -20.93 24.91
C VAL C 447 -45.68 -20.52 24.51
N TYR C 448 -45.95 -20.59 23.21
CA TYR C 448 -47.27 -20.26 22.66
C TYR C 448 -47.96 -21.52 22.16
N ARG C 449 -49.09 -21.85 22.78
CA ARG C 449 -49.86 -23.04 22.41
C ARG C 449 -50.86 -22.77 21.31
N ALA C 450 -50.84 -23.60 20.29
CA ALA C 450 -51.79 -23.50 19.19
C ALA C 450 -53.11 -24.13 19.60
N GLN C 451 -54.18 -23.33 19.55
CA GLN C 451 -55.50 -23.79 19.95
C GLN C 451 -56.28 -24.22 18.70
N PRO C 452 -57.26 -25.13 18.87
CA PRO C 452 -58.04 -25.63 17.73
C PRO C 452 -58.75 -24.53 16.94
N VAL C 453 -58.92 -24.76 15.64
CA VAL C 453 -59.62 -23.84 14.77
C VAL C 453 -61.07 -24.29 14.57
N GLY D 1 -71.83 36.24 -16.04
CA GLY D 1 -73.02 35.97 -15.18
C GLY D 1 -72.90 34.67 -14.42
N PRO D 2 -73.10 33.53 -15.12
CA PRO D 2 -73.05 32.22 -14.48
C PRO D 2 -71.64 31.69 -14.25
N ASN D 3 -71.43 31.02 -13.12
CA ASN D 3 -70.15 30.40 -12.80
C ASN D 3 -70.29 29.44 -11.63
N ILE D 4 -69.19 28.77 -11.28
CA ILE D 4 -69.21 27.75 -10.23
C ILE D 4 -69.54 28.33 -8.85
N CYS D 5 -69.47 29.65 -8.73
CA CYS D 5 -69.75 30.32 -7.46
C CYS D 5 -71.25 30.38 -7.16
N THR D 6 -72.02 30.80 -8.16
CA THR D 6 -73.46 30.98 -8.00
C THR D 6 -74.22 29.66 -8.10
N THR D 7 -73.78 28.79 -9.01
CA THR D 7 -74.50 27.56 -9.30
C THR D 7 -74.44 26.55 -8.17
N ARG D 8 -73.46 26.69 -7.28
CA ARG D 8 -73.29 25.76 -6.17
C ARG D 8 -74.44 25.85 -5.17
N GLY D 9 -74.99 27.05 -4.99
CA GLY D 9 -76.04 27.27 -4.02
C GLY D 9 -75.49 27.11 -2.61
N VAL D 10 -74.63 28.04 -2.22
CA VAL D 10 -73.95 27.97 -0.93
C VAL D 10 -74.83 28.52 0.20
N SER D 11 -74.69 27.94 1.39
CA SER D 11 -75.52 28.30 2.53
C SER D 11 -74.83 29.31 3.45
N SER D 12 -73.52 29.49 3.27
CA SER D 12 -72.75 30.36 4.14
C SER D 12 -71.59 31.03 3.41
N CYS D 13 -71.02 32.05 4.04
CA CYS D 13 -69.84 32.72 3.50
C CYS D 13 -68.63 31.80 3.61
N GLN D 14 -68.53 31.10 4.74
CA GLN D 14 -67.46 30.14 4.97
C GLN D 14 -67.48 29.08 3.87
N GLN D 15 -68.68 28.71 3.44
CA GLN D 15 -68.86 27.71 2.40
C GLN D 15 -68.58 28.29 1.03
N CYS D 16 -68.80 29.59 0.88
CA CYS D 16 -68.60 30.27 -0.40
C CYS D 16 -67.12 30.34 -0.77
N LEU D 17 -66.28 30.71 0.20
CA LEU D 17 -64.85 30.81 -0.02
C LEU D 17 -64.24 29.43 -0.28
N ALA D 18 -64.93 28.39 0.21
CA ALA D 18 -64.44 27.02 0.06
C ALA D 18 -64.65 26.50 -1.36
N VAL D 19 -65.57 27.13 -2.09
CA VAL D 19 -65.86 26.72 -3.47
C VAL D 19 -64.63 26.90 -4.36
N SER D 20 -64.01 28.07 -4.27
CA SER D 20 -62.86 28.38 -5.10
C SER D 20 -62.16 29.65 -4.61
N PRO D 21 -60.85 29.79 -4.89
CA PRO D 21 -60.16 31.04 -4.55
C PRO D 21 -60.62 32.23 -5.39
N MET D 22 -61.44 31.95 -6.39
CA MET D 22 -61.93 32.98 -7.30
C MET D 22 -63.21 33.64 -6.79
N CYS D 23 -63.93 32.93 -5.92
CA CYS D 23 -65.24 33.39 -5.45
C CYS D 23 -65.12 34.44 -4.35
N ALA D 24 -66.16 35.26 -4.23
CA ALA D 24 -66.27 36.27 -3.19
C ALA D 24 -67.64 36.18 -2.53
N TRP D 25 -67.83 36.93 -1.44
CA TRP D 25 -69.09 36.92 -0.72
C TRP D 25 -69.54 38.34 -0.38
N CYS D 26 -70.85 38.57 -0.42
CA CYS D 26 -71.44 39.84 -0.05
C CYS D 26 -72.39 39.67 1.14
N SER D 27 -72.14 40.43 2.20
CA SER D 27 -72.92 40.34 3.42
C SER D 27 -73.86 41.53 3.58
N ASP D 28 -74.15 42.20 2.48
CA ASP D 28 -75.05 43.36 2.50
C ASP D 28 -76.48 42.91 2.77
N GLU D 29 -77.05 43.39 3.87
CA GLU D 29 -78.40 43.00 4.29
C GLU D 29 -79.44 43.49 3.28
N ALA D 30 -79.18 44.65 2.68
CA ALA D 30 -80.11 45.25 1.73
C ALA D 30 -79.82 44.83 0.30
N LEU D 31 -79.38 43.58 0.12
CA LEU D 31 -79.11 43.05 -1.20
C LEU D 31 -80.42 42.61 -1.86
N PRO D 32 -80.55 42.81 -3.19
CA PRO D 32 -81.74 42.31 -3.87
C PRO D 32 -81.94 40.81 -3.67
N LEU D 33 -83.19 40.39 -3.46
CA LEU D 33 -83.48 38.98 -3.22
C LEU D 33 -83.07 38.14 -4.43
N GLY D 34 -83.41 38.63 -5.62
CA GLY D 34 -83.03 37.97 -6.86
C GLY D 34 -81.60 38.28 -7.22
N SER D 35 -80.67 37.87 -6.36
CA SER D 35 -79.25 38.12 -6.59
C SER D 35 -78.40 37.14 -5.77
N PRO D 36 -77.34 36.58 -6.38
CA PRO D 36 -76.50 35.64 -5.66
C PRO D 36 -75.52 36.32 -4.72
N ARG D 37 -75.35 35.79 -3.51
CA ARG D 37 -74.42 36.35 -2.54
C ARG D 37 -73.00 35.84 -2.77
N CYS D 38 -72.88 34.78 -3.58
CA CYS D 38 -71.58 34.19 -3.90
C CYS D 38 -71.27 34.27 -5.39
N ASP D 39 -70.38 35.19 -5.75
CA ASP D 39 -70.03 35.41 -7.15
C ASP D 39 -68.62 36.02 -7.23
N LEU D 40 -68.17 36.32 -8.44
CA LEU D 40 -66.91 37.03 -8.64
C LEU D 40 -67.03 38.41 -8.00
N LYS D 41 -65.92 38.95 -7.49
CA LYS D 41 -65.95 40.24 -6.81
C LYS D 41 -66.52 41.33 -7.70
N GLU D 42 -66.25 41.23 -9.00
CA GLU D 42 -66.72 42.22 -9.96
C GLU D 42 -68.24 42.16 -10.08
N ASN D 43 -68.78 40.96 -10.26
CA ASN D 43 -70.21 40.77 -10.44
C ASN D 43 -71.02 41.24 -9.24
N LEU D 44 -70.43 41.19 -8.05
CA LEU D 44 -71.11 41.63 -6.84
C LEU D 44 -71.17 43.15 -6.79
N LEU D 45 -70.08 43.81 -7.17
CA LEU D 45 -70.03 45.26 -7.19
C LEU D 45 -71.02 45.85 -8.19
N LYS D 46 -71.37 45.07 -9.20
CA LYS D 46 -72.34 45.50 -10.20
C LYS D 46 -73.72 45.67 -9.58
N ASP D 47 -74.03 44.84 -8.58
CA ASP D 47 -75.32 44.90 -7.90
C ASP D 47 -75.30 45.87 -6.72
N ASN D 48 -74.49 46.92 -6.84
CA ASN D 48 -74.40 47.97 -5.83
C ASN D 48 -74.05 47.42 -4.44
N CYS D 49 -73.36 46.28 -4.41
CA CYS D 49 -72.94 45.68 -3.16
C CYS D 49 -71.97 46.61 -2.44
N ALA D 50 -72.30 46.94 -1.20
CA ALA D 50 -71.46 47.81 -0.37
C ALA D 50 -70.02 47.29 -0.35
N PRO D 51 -69.09 48.01 -1.00
CA PRO D 51 -67.70 47.55 -1.13
C PRO D 51 -67.06 47.13 0.19
N GLU D 52 -67.48 47.74 1.29
CA GLU D 52 -66.96 47.39 2.60
C GLU D 52 -67.54 46.08 3.09
N SER D 53 -68.73 45.74 2.61
CA SER D 53 -69.42 44.53 3.03
C SER D 53 -69.02 43.31 2.20
N ILE D 54 -67.96 43.46 1.40
CA ILE D 54 -67.49 42.38 0.54
C ILE D 54 -66.33 41.62 1.20
N GLU D 55 -66.47 40.30 1.27
CA GLU D 55 -65.44 39.43 1.81
C GLU D 55 -64.70 38.72 0.68
N PHE D 56 -63.40 38.98 0.58
CA PHE D 56 -62.59 38.39 -0.48
C PHE D 56 -61.11 38.35 -0.10
N PRO D 57 -60.74 37.39 0.76
CA PRO D 57 -59.33 37.26 1.16
C PRO D 57 -58.44 36.83 -0.01
N VAL D 58 -57.19 37.29 0.01
CA VAL D 58 -56.23 36.98 -1.06
C VAL D 58 -55.03 36.24 -0.49
N SER D 59 -54.64 35.16 -1.16
CA SER D 59 -53.45 34.42 -0.75
C SER D 59 -52.21 35.26 -1.00
N GLU D 60 -51.52 35.62 0.07
CA GLU D 60 -50.38 36.53 -0.01
C GLU D 60 -49.16 35.99 0.74
N ALA D 61 -47.98 36.34 0.26
CA ALA D 61 -46.74 36.07 0.95
C ALA D 61 -46.14 37.39 1.43
N ARG D 62 -45.63 37.40 2.66
CA ARG D 62 -45.09 38.61 3.27
C ARG D 62 -43.84 38.29 4.08
N VAL D 63 -42.83 39.15 3.95
CA VAL D 63 -41.54 38.93 4.60
C VAL D 63 -41.49 39.63 5.97
N LEU D 64 -40.96 38.91 6.96
CA LEU D 64 -40.84 39.42 8.31
C LEU D 64 -39.37 39.74 8.62
N GLU D 65 -38.53 38.72 8.54
CA GLU D 65 -37.10 38.86 8.76
C GLU D 65 -36.35 38.73 7.45
N ASP D 66 -35.60 39.76 7.09
CA ASP D 66 -34.88 39.79 5.82
C ASP D 66 -33.47 40.36 5.99
N ARG D 67 -32.66 39.71 6.81
CA ARG D 67 -31.27 40.10 6.98
C ARG D 67 -30.49 39.75 5.71
N PRO D 68 -29.64 40.67 5.24
CA PRO D 68 -28.85 40.36 4.03
C PRO D 68 -27.92 39.16 4.21
N LEU D 69 -27.61 38.49 3.10
CA LEU D 69 -26.64 37.39 3.13
C LEU D 69 -25.25 37.92 3.46
N SER D 70 -24.58 37.28 4.40
CA SER D 70 -23.25 37.72 4.83
C SER D 70 -22.22 37.46 3.75
N ASP D 71 -21.20 38.32 3.71
CA ASP D 71 -20.12 38.18 2.73
C ASP D 71 -19.03 37.26 3.27
N LYS D 72 -18.69 37.44 4.55
CA LYS D 72 -17.65 36.66 5.20
C LYS D 72 -18.23 35.88 6.39
N GLY D 73 -17.64 34.73 6.68
CA GLY D 73 -18.11 33.88 7.75
C GLY D 73 -17.33 34.03 9.06
N SER D 74 -16.39 34.98 9.07
CA SER D 74 -15.57 35.23 10.25
C SER D 74 -16.32 36.12 11.25
N GLY D 75 -15.66 36.43 12.35
CA GLY D 75 -16.24 37.26 13.39
C GLY D 75 -17.17 36.46 14.29
N ASP D 76 -18.31 37.07 14.64
CA ASP D 76 -19.29 36.42 15.49
C ASP D 76 -20.19 35.51 14.66
N SER D 77 -20.41 34.29 15.13
CA SER D 77 -21.23 33.33 14.42
C SER D 77 -22.70 33.73 14.43
N SER D 78 -23.09 34.48 15.45
CA SER D 78 -24.47 34.95 15.57
C SER D 78 -24.82 35.96 14.47
N GLN D 79 -23.80 36.51 13.83
CA GLN D 79 -23.99 37.53 12.80
C GLN D 79 -24.02 36.92 11.40
N VAL D 80 -23.70 35.64 11.29
CA VAL D 80 -23.63 34.98 10.00
C VAL D 80 -25.02 34.63 9.47
N THR D 81 -25.27 34.96 8.21
CA THR D 81 -26.54 34.67 7.56
C THR D 81 -26.29 33.90 6.26
N GLN D 82 -26.74 32.66 6.21
CA GLN D 82 -26.54 31.79 5.06
C GLN D 82 -27.81 31.67 4.23
N VAL D 83 -28.94 32.03 4.84
CA VAL D 83 -30.25 31.92 4.18
C VAL D 83 -30.97 33.26 4.22
N SER D 84 -31.68 33.57 3.14
CA SER D 84 -32.45 34.81 3.05
C SER D 84 -33.67 34.62 2.14
N PRO D 85 -34.87 35.00 2.61
CA PRO D 85 -35.18 35.53 3.94
C PRO D 85 -35.16 34.44 5.02
N GLN D 86 -35.21 34.84 6.29
CA GLN D 86 -35.17 33.89 7.40
C GLN D 86 -36.57 33.59 7.93
N ARG D 87 -37.51 34.49 7.66
CA ARG D 87 -38.88 34.32 8.14
C ARG D 87 -39.89 35.05 7.26
N ILE D 88 -40.92 34.33 6.82
CA ILE D 88 -42.02 34.92 6.06
C ILE D 88 -43.35 34.44 6.61
N ALA D 89 -44.42 35.11 6.20
CA ALA D 89 -45.77 34.77 6.63
C ALA D 89 -46.67 34.50 5.43
N LEU D 90 -47.14 33.26 5.33
CA LEU D 90 -47.95 32.82 4.20
C LEU D 90 -49.44 32.77 4.54
N ARG D 91 -50.25 33.40 3.70
CA ARG D 91 -51.69 33.34 3.83
C ARG D 91 -52.28 32.54 2.67
N LEU D 92 -53.15 31.58 2.98
CA LEU D 92 -53.74 30.71 1.97
C LEU D 92 -55.20 30.41 2.25
N ARG D 93 -56.08 30.85 1.35
CA ARG D 93 -57.48 30.48 1.40
C ARG D 93 -57.64 29.09 0.78
N PRO D 94 -58.76 28.41 1.05
CA PRO D 94 -58.95 27.01 0.65
C PRO D 94 -58.63 26.71 -0.82
N ASP D 95 -57.84 25.65 -1.03
CA ASP D 95 -57.53 25.16 -2.37
C ASP D 95 -56.80 26.19 -3.25
N ASP D 96 -56.21 27.19 -2.61
CA ASP D 96 -55.46 28.21 -3.34
C ASP D 96 -53.97 27.91 -3.23
N SER D 97 -53.15 28.68 -3.95
CA SER D 97 -51.71 28.49 -3.94
C SER D 97 -50.97 29.80 -4.18
N LYS D 98 -49.97 30.07 -3.34
CA LYS D 98 -49.13 31.24 -3.49
C LYS D 98 -47.67 30.79 -3.53
N ASN D 99 -46.81 31.59 -4.16
CA ASN D 99 -45.41 31.24 -4.31
C ASN D 99 -44.48 32.32 -3.75
N PHE D 100 -43.37 31.86 -3.18
CA PHE D 100 -42.35 32.75 -2.62
C PHE D 100 -40.96 32.27 -3.04
N SER D 101 -39.92 32.94 -2.54
CA SER D 101 -38.56 32.64 -2.94
C SER D 101 -37.60 32.60 -1.76
N ILE D 102 -36.51 31.87 -1.93
CA ILE D 102 -35.47 31.74 -0.90
C ILE D 102 -34.09 31.80 -1.56
N GLN D 103 -33.12 32.40 -0.86
CA GLN D 103 -31.75 32.47 -1.34
C GLN D 103 -30.82 31.75 -0.37
N VAL D 104 -29.86 31.01 -0.92
CA VAL D 104 -28.90 30.26 -0.12
C VAL D 104 -27.50 30.53 -0.62
N ARG D 105 -26.56 30.65 0.31
CA ARG D 105 -25.17 30.95 -0.02
C ARG D 105 -24.18 30.10 0.78
N GLN D 106 -23.16 29.59 0.08
CA GLN D 106 -22.03 28.98 0.75
C GLN D 106 -21.07 30.10 1.17
N VAL D 107 -21.22 30.54 2.41
CA VAL D 107 -20.49 31.72 2.89
C VAL D 107 -18.98 31.48 2.90
N GLU D 108 -18.26 32.40 2.28
CA GLU D 108 -16.81 32.34 2.22
C GLU D 108 -16.21 32.48 3.61
N ASP D 109 -15.07 31.82 3.84
CA ASP D 109 -14.36 31.91 5.10
C ASP D 109 -15.25 31.47 6.28
N TYR D 110 -15.73 30.24 6.21
CA TYR D 110 -16.53 29.65 7.28
C TYR D 110 -15.62 28.82 8.17
N PRO D 111 -15.87 28.83 9.50
CA PRO D 111 -15.02 28.01 10.38
C PRO D 111 -15.10 26.52 10.05
N VAL D 112 -14.02 25.78 10.30
CA VAL D 112 -13.96 24.37 9.97
C VAL D 112 -13.30 23.54 11.07
N ASP D 113 -13.96 22.45 11.45
CA ASP D 113 -13.41 21.47 12.38
C ASP D 113 -13.06 20.20 11.61
N ILE D 114 -11.83 19.72 11.78
CA ILE D 114 -11.37 18.50 11.12
C ILE D 114 -10.84 17.49 12.12
N TYR D 115 -11.61 16.45 12.38
CA TYR D 115 -11.18 15.37 13.27
C TYR D 115 -10.59 14.22 12.45
N TYR D 116 -9.28 14.03 12.60
CA TYR D 116 -8.55 13.00 11.85
C TYR D 116 -8.66 11.65 12.56
N LEU D 117 -9.40 10.73 11.95
CA LEU D 117 -9.60 9.39 12.52
C LEU D 117 -8.78 8.37 11.73
N MET D 118 -7.79 7.78 12.39
CA MET D 118 -6.77 6.98 11.70
C MET D 118 -6.73 5.51 12.11
N ASP D 119 -6.70 4.64 11.11
CA ASP D 119 -6.44 3.23 11.32
C ASP D 119 -4.98 3.06 11.74
N LEU D 120 -4.75 2.59 12.96
CA LEU D 120 -3.40 2.31 13.45
C LEU D 120 -3.17 0.82 13.64
N SER D 121 -3.83 0.03 12.81
CA SER D 121 -3.55 -1.39 12.71
C SER D 121 -2.19 -1.54 12.04
N TYR D 122 -1.55 -2.70 12.17
CA TYR D 122 -0.18 -2.89 11.68
C TYR D 122 -0.05 -2.60 10.20
N SER D 123 -1.17 -2.68 9.49
CA SER D 123 -1.20 -2.38 8.06
C SER D 123 -0.79 -0.93 7.75
N MET D 124 -0.84 -0.09 8.78
CA MET D 124 -0.72 1.36 8.61
C MET D 124 0.51 1.94 9.30
N LYS D 125 1.57 1.15 9.42
CA LYS D 125 2.79 1.63 10.08
C LYS D 125 3.53 2.63 9.20
N ASP D 126 3.67 2.31 7.92
CA ASP D 126 4.31 3.20 6.98
C ASP D 126 3.50 4.48 6.75
N ASP D 127 2.23 4.46 7.17
CA ASP D 127 1.33 5.59 6.99
C ASP D 127 1.54 6.67 8.06
N LEU D 128 2.28 6.33 9.11
CA LEU D 128 2.52 7.26 10.20
C LEU D 128 3.68 8.20 9.90
N TRP D 129 4.68 7.71 9.17
CA TRP D 129 5.84 8.52 8.81
C TRP D 129 5.44 9.67 7.87
N SER D 130 4.30 9.51 7.21
CA SER D 130 3.86 10.46 6.20
C SER D 130 3.18 11.69 6.79
N ILE D 131 2.47 11.50 7.91
CA ILE D 131 1.68 12.57 8.51
C ILE D 131 2.33 13.16 9.75
N GLN D 132 3.65 13.03 9.85
CA GLN D 132 4.40 13.58 10.98
C GLN D 132 4.21 15.09 11.08
N ASN D 133 4.05 15.74 9.93
CA ASN D 133 3.88 17.19 9.86
C ASN D 133 2.61 17.56 9.10
N LEU D 134 1.56 16.76 9.29
CA LEU D 134 0.28 17.01 8.62
C LEU D 134 -0.44 18.21 9.22
N GLY D 135 -0.44 18.32 10.54
CA GLY D 135 -1.11 19.40 11.23
C GLY D 135 -0.61 20.77 10.80
N THR D 136 0.70 20.87 10.56
CA THR D 136 1.30 22.12 10.11
C THR D 136 0.98 22.40 8.65
N LYS D 137 1.10 21.37 7.82
CA LYS D 137 0.91 21.52 6.38
C LYS D 137 -0.57 21.61 6.01
N LEU D 138 -1.41 20.91 6.75
CA LEU D 138 -2.86 20.96 6.52
C LEU D 138 -3.41 22.33 6.91
N ALA D 139 -2.85 22.89 7.98
CA ALA D 139 -3.24 24.22 8.44
C ALA D 139 -2.91 25.27 7.39
N THR D 140 -1.80 25.06 6.69
CA THR D 140 -1.31 25.98 5.67
C THR D 140 -2.30 26.13 4.52
N GLN D 141 -2.84 25.01 4.06
CA GLN D 141 -3.69 25.00 2.88
C GLN D 141 -5.13 25.38 3.21
N MET D 142 -5.56 25.09 4.43
CA MET D 142 -6.91 25.45 4.87
C MET D 142 -7.00 26.94 5.19
N ARG D 143 -5.87 27.55 5.52
CA ARG D 143 -5.82 28.98 5.81
C ARG D 143 -6.33 29.79 4.62
N LYS D 144 -6.16 29.25 3.43
CA LYS D 144 -6.64 29.89 2.20
C LYS D 144 -8.16 29.88 2.15
N LEU D 145 -8.77 28.89 2.81
CA LEU D 145 -10.22 28.69 2.74
C LEU D 145 -10.94 29.19 3.98
N THR D 146 -10.25 29.21 5.12
CA THR D 146 -10.88 29.60 6.38
C THR D 146 -9.90 30.26 7.35
N SER D 147 -10.45 31.09 8.24
CA SER D 147 -9.65 31.77 9.26
C SER D 147 -9.71 31.01 10.59
N ASN D 148 -10.87 30.42 10.87
CA ASN D 148 -11.08 29.67 12.10
C ASN D 148 -10.97 28.16 11.87
N LEU D 149 -9.75 27.64 12.00
CA LEU D 149 -9.49 26.22 11.83
C LEU D 149 -9.21 25.54 13.16
N ARG D 150 -9.79 24.36 13.35
CA ARG D 150 -9.48 23.51 14.50
C ARG D 150 -9.31 22.07 14.02
N ILE D 151 -8.28 21.39 14.54
CA ILE D 151 -7.99 20.03 14.14
C ILE D 151 -7.73 19.14 15.36
N GLY D 152 -8.16 17.88 15.26
CA GLY D 152 -7.99 16.91 16.33
C GLY D 152 -7.61 15.56 15.76
N PHE D 153 -7.30 14.62 16.63
CA PHE D 153 -6.81 13.31 16.20
C PHE D 153 -7.35 12.18 17.07
N GLY D 154 -7.74 11.10 16.41
CA GLY D 154 -8.17 9.89 17.08
C GLY D 154 -7.71 8.69 16.27
N ALA D 155 -7.55 7.56 16.96
CA ALA D 155 -7.08 6.34 16.30
C ALA D 155 -7.92 5.15 16.70
N PHE D 156 -7.83 4.08 15.91
CA PHE D 156 -8.57 2.86 16.17
C PHE D 156 -7.84 1.66 15.58
N VAL D 157 -8.19 0.47 16.05
CA VAL D 157 -7.69 -0.77 15.48
C VAL D 157 -8.86 -1.73 15.30
N ASP D 158 -9.27 -2.38 16.39
CA ASP D 158 -10.35 -3.35 16.35
C ASP D 158 -10.71 -3.70 17.79
N LYS D 159 -11.75 -4.50 17.98
CA LYS D 159 -12.18 -4.86 19.33
C LYS D 159 -11.10 -5.68 20.05
N PRO D 160 -10.57 -5.16 21.17
CA PRO D 160 -9.49 -5.88 21.86
C PRO D 160 -9.96 -7.15 22.55
N VAL D 161 -10.38 -8.12 21.75
CA VAL D 161 -10.88 -9.39 22.27
C VAL D 161 -10.66 -10.47 21.21
N SER D 162 -10.48 -11.70 21.66
CA SER D 162 -10.34 -12.82 20.74
C SER D 162 -11.63 -13.01 19.95
N PRO D 163 -11.53 -13.44 18.67
CA PRO D 163 -10.34 -13.80 17.91
C PRO D 163 -9.63 -12.63 17.23
N TYR D 164 -10.17 -11.42 17.35
CA TYR D 164 -9.55 -10.26 16.74
C TYR D 164 -8.16 -10.04 17.32
N MET D 165 -8.04 -10.26 18.62
CA MET D 165 -6.82 -9.98 19.35
C MET D 165 -5.95 -11.23 19.53
N TYR D 166 -4.64 -11.06 19.42
CA TYR D 166 -3.70 -12.11 19.78
C TYR D 166 -3.66 -12.21 21.31
N ILE D 167 -3.98 -13.39 21.84
CA ILE D 167 -4.11 -13.57 23.29
C ILE D 167 -3.11 -14.55 23.86
N SER D 168 -2.10 -14.93 23.07
CA SER D 168 -1.07 -15.84 23.55
C SER D 168 0.24 -15.63 22.80
N PRO D 169 1.38 -15.76 23.49
CA PRO D 169 1.53 -15.97 24.94
C PRO D 169 1.20 -14.71 25.72
N PRO D 170 1.42 -14.72 27.05
CA PRO D 170 1.22 -13.51 27.87
C PRO D 170 2.02 -12.32 27.34
N GLU D 171 3.12 -12.61 26.63
CA GLU D 171 3.95 -11.58 26.03
C GLU D 171 3.23 -10.85 24.91
N ALA D 172 2.25 -11.51 24.30
CA ALA D 172 1.57 -10.97 23.12
C ALA D 172 0.51 -9.92 23.47
N LEU D 173 0.10 -9.89 24.74
CA LEU D 173 -0.90 -8.92 25.18
C LEU D 173 -0.26 -7.56 25.42
N GLU D 174 0.97 -7.57 25.93
CA GLU D 174 1.72 -6.34 26.17
C GLU D 174 2.43 -5.89 24.89
N ASN D 175 2.61 -6.83 23.97
CA ASN D 175 3.32 -6.57 22.72
C ASN D 175 2.89 -7.56 21.64
N PRO D 176 1.83 -7.22 20.88
CA PRO D 176 1.33 -8.10 19.83
C PRO D 176 2.34 -8.42 18.74
N CYS D 177 3.47 -7.70 18.72
CA CYS D 177 4.52 -7.92 17.74
C CYS D 177 5.68 -8.71 18.35
N TYR D 178 5.36 -9.65 19.23
CA TYR D 178 6.40 -10.40 19.95
C TYR D 178 7.11 -11.39 19.05
N ASP D 179 6.38 -12.02 18.13
CA ASP D 179 6.94 -13.07 17.28
C ASP D 179 7.80 -12.46 16.19
N MET D 180 7.50 -11.22 15.84
CA MET D 180 8.34 -10.45 14.94
C MET D 180 9.45 -9.79 15.75
N LYS D 181 10.54 -9.43 15.08
CA LYS D 181 11.70 -8.86 15.76
C LYS D 181 11.52 -7.37 16.02
N THR D 182 10.33 -6.98 16.47
CA THR D 182 10.01 -5.57 16.70
C THR D 182 9.03 -5.43 17.87
N THR D 183 8.49 -4.22 18.05
CA THR D 183 7.60 -3.91 19.16
C THR D 183 6.48 -2.96 18.71
N CYS D 184 5.29 -3.16 19.27
CA CYS D 184 4.16 -2.27 19.02
C CYS D 184 3.28 -2.15 20.26
N LEU D 185 2.25 -1.32 20.19
CA LEU D 185 1.40 -1.06 21.34
C LEU D 185 0.43 -2.21 21.61
N PRO D 186 -0.04 -2.33 22.87
CA PRO D 186 -1.14 -3.25 23.15
C PRO D 186 -2.38 -2.89 22.33
N MET D 187 -3.22 -3.87 22.06
N MET D 187 -3.22 -3.88 22.07
CA MET D 187 -4.39 -3.64 21.22
CA MET D 187 -4.43 -3.68 21.28
C MET D 187 -5.41 -2.74 21.92
C MET D 187 -5.37 -2.69 21.94
N PHE D 188 -6.05 -1.88 21.13
CA PHE D 188 -7.05 -0.94 21.64
C PHE D 188 -8.18 -0.75 20.64
N GLY D 189 -9.39 -0.59 21.15
CA GLY D 189 -10.56 -0.39 20.31
C GLY D 189 -10.51 0.95 19.62
N TYR D 190 -10.66 2.01 20.41
CA TYR D 190 -10.62 3.38 19.92
C TYR D 190 -10.20 4.31 21.04
N LYS D 191 -9.35 5.29 20.72
CA LYS D 191 -8.91 6.26 21.71
C LYS D 191 -8.89 7.67 21.13
N HIS D 192 -9.39 8.62 21.91
CA HIS D 192 -9.34 10.04 21.56
C HIS D 192 -8.03 10.63 22.04
N VAL D 193 -7.24 11.16 21.10
CA VAL D 193 -5.91 11.66 21.42
C VAL D 193 -5.91 13.16 21.66
N LEU D 194 -6.40 13.92 20.69
CA LEU D 194 -6.35 15.38 20.75
C LEU D 194 -7.70 16.03 20.43
N THR D 195 -8.20 16.82 21.38
CA THR D 195 -9.41 17.60 21.17
C THR D 195 -9.18 18.63 20.07
N LEU D 196 -10.24 18.93 19.32
CA LEU D 196 -10.17 19.97 18.28
C LEU D 196 -9.67 21.28 18.88
N THR D 197 -8.56 21.77 18.35
CA THR D 197 -7.93 22.98 18.87
C THR D 197 -7.31 23.81 17.75
N ASP D 198 -7.25 25.13 17.95
CA ASP D 198 -6.70 26.05 16.96
C ASP D 198 -5.18 26.08 17.02
N GLN D 199 -4.60 25.36 17.97
CA GLN D 199 -3.14 25.23 18.08
C GLN D 199 -2.67 24.02 17.27
N VAL D 200 -2.25 24.27 16.04
CA VAL D 200 -1.96 23.20 15.09
C VAL D 200 -0.68 22.43 15.43
N THR D 201 0.20 23.06 16.21
CA THR D 201 1.44 22.40 16.61
C THR D 201 1.15 21.22 17.55
N ARG D 202 0.04 21.33 18.29
CA ARG D 202 -0.38 20.26 19.20
C ARG D 202 -0.70 18.98 18.43
N PHE D 203 -1.07 19.14 17.16
CA PHE D 203 -1.37 17.99 16.31
C PHE D 203 -0.11 17.17 16.05
N ASN D 204 0.94 17.84 15.56
CA ASN D 204 2.19 17.16 15.24
C ASN D 204 2.83 16.51 16.46
N GLU D 205 2.80 17.20 17.60
CA GLU D 205 3.36 16.67 18.83
C GLU D 205 2.75 15.32 19.19
N GLU D 206 1.43 15.25 19.22
CA GLU D 206 0.73 14.03 19.60
C GLU D 206 0.87 12.93 18.55
N VAL D 207 1.00 13.33 17.29
CA VAL D 207 1.13 12.36 16.20
C VAL D 207 2.49 11.66 16.24
N LYS D 208 3.54 12.42 16.52
CA LYS D 208 4.88 11.85 16.63
C LYS D 208 4.95 10.82 17.76
N LYS D 209 4.06 10.96 18.74
CA LYS D 209 4.04 10.07 19.89
C LYS D 209 3.20 8.81 19.64
N GLN D 210 2.55 8.75 18.48
CA GLN D 210 1.72 7.60 18.14
C GLN D 210 2.55 6.43 17.61
N SER D 211 1.94 5.25 17.62
CA SER D 211 2.56 4.05 17.05
C SER D 211 1.46 3.00 16.84
N VAL D 212 1.63 2.17 15.82
CA VAL D 212 0.60 1.21 15.45
C VAL D 212 0.47 0.08 16.47
N SER D 213 -0.55 -0.75 16.26
CA SER D 213 -0.71 -1.99 17.00
C SER D 213 -0.84 -3.13 15.99
N ARG D 214 -1.43 -4.25 16.40
CA ARG D 214 -1.57 -5.40 15.52
C ARG D 214 -2.72 -6.29 15.95
N ASN D 215 -3.48 -6.76 14.97
CA ASN D 215 -4.58 -7.70 15.22
C ASN D 215 -4.58 -8.79 14.15
N ARG D 216 -5.52 -9.72 14.28
CA ARG D 216 -5.50 -10.94 13.48
C ARG D 216 -6.23 -10.81 12.15
N ASP D 217 -7.43 -10.23 12.17
CA ASP D 217 -8.30 -10.21 10.99
C ASP D 217 -8.25 -8.88 10.23
N ALA D 218 -8.27 -8.99 8.91
CA ALA D 218 -8.09 -7.85 8.01
C ALA D 218 -9.14 -6.74 8.21
N PRO D 219 -10.42 -7.12 8.33
CA PRO D 219 -11.41 -6.07 8.62
C PRO D 219 -11.16 -5.45 9.99
N GLU D 220 -11.33 -4.14 10.10
CA GLU D 220 -11.00 -3.42 11.33
C GLU D 220 -12.24 -2.78 11.96
N GLY D 221 -12.13 -2.43 13.24
CA GLY D 221 -13.25 -1.88 13.98
C GLY D 221 -13.35 -0.37 13.88
N GLY D 222 -13.28 0.15 12.65
CA GLY D 222 -13.30 1.58 12.43
C GLY D 222 -14.65 2.23 12.68
N PHE D 223 -15.72 1.47 12.45
CA PHE D 223 -17.07 2.01 12.60
C PHE D 223 -17.41 2.33 14.05
N ASP D 224 -16.84 1.58 14.98
CA ASP D 224 -16.97 1.90 16.41
C ASP D 224 -16.41 3.29 16.65
N ALA D 225 -15.24 3.55 16.07
CA ALA D 225 -14.54 4.82 16.28
C ALA D 225 -15.28 5.99 15.63
N ILE D 226 -15.90 5.73 14.49
CA ILE D 226 -16.72 6.75 13.82
C ILE D 226 -17.87 7.15 14.72
N MET D 227 -18.56 6.16 15.27
CA MET D 227 -19.69 6.40 16.15
C MET D 227 -19.30 7.27 17.34
N GLN D 228 -18.24 6.87 18.04
CA GLN D 228 -17.80 7.57 19.24
C GLN D 228 -17.36 8.99 18.94
N ALA D 229 -16.66 9.18 17.83
CA ALA D 229 -16.19 10.51 17.44
C ALA D 229 -17.36 11.43 17.10
N THR D 230 -18.51 10.82 16.79
CA THR D 230 -19.70 11.59 16.41
C THR D 230 -20.52 12.01 17.63
N VAL D 231 -20.75 11.08 18.55
CA VAL D 231 -21.67 11.30 19.66
C VAL D 231 -21.00 11.89 20.90
N CYS D 232 -19.68 11.72 21.01
CA CYS D 232 -18.93 12.31 22.11
C CYS D 232 -18.64 13.79 21.81
N ASP D 233 -19.65 14.63 22.01
CA ASP D 233 -19.56 16.04 21.64
C ASP D 233 -18.47 16.78 22.40
N GLU D 234 -18.54 16.75 23.73
CA GLU D 234 -17.66 17.55 24.56
C GLU D 234 -16.18 17.19 24.38
N LYS D 235 -15.88 15.90 24.30
CA LYS D 235 -14.50 15.45 24.20
C LYS D 235 -13.88 15.77 22.86
N ILE D 236 -14.56 15.39 21.78
CA ILE D 236 -14.09 15.69 20.44
C ILE D 236 -14.12 17.21 20.23
N GLY D 237 -15.13 17.85 20.81
CA GLY D 237 -15.21 19.29 20.81
C GLY D 237 -15.64 19.88 19.49
N TRP D 238 -16.65 19.28 18.87
CA TRP D 238 -17.26 19.86 17.68
C TRP D 238 -17.87 21.22 18.02
N ARG D 239 -17.59 22.24 17.21
CA ARG D 239 -18.15 23.57 17.43
C ARG D 239 -19.54 23.69 16.82
N ASN D 240 -20.36 24.57 17.38
CA ASN D 240 -21.74 24.75 16.92
C ASN D 240 -21.80 25.32 15.51
N ASP D 241 -21.04 26.38 15.28
CA ASP D 241 -21.10 27.12 14.02
C ASP D 241 -19.87 26.86 13.16
N ALA D 242 -19.77 25.65 12.62
CA ALA D 242 -18.62 25.28 11.79
C ALA D 242 -18.92 24.02 10.98
N SER D 243 -18.19 23.87 9.88
CA SER D 243 -18.27 22.65 9.06
C SER D 243 -17.51 21.53 9.73
N HIS D 244 -18.18 20.39 9.94
CA HIS D 244 -17.60 19.27 10.66
C HIS D 244 -17.15 18.16 9.71
N LEU D 245 -15.84 18.04 9.54
CA LEU D 245 -15.27 17.00 8.69
C LEU D 245 -14.67 15.88 9.54
N LEU D 246 -15.15 14.67 9.32
CA LEU D 246 -14.61 13.47 9.96
C LEU D 246 -13.84 12.64 8.93
N VAL D 247 -12.52 12.63 9.05
CA VAL D 247 -11.65 11.97 8.09
C VAL D 247 -11.35 10.53 8.53
N PHE D 248 -11.89 9.57 7.78
CA PHE D 248 -11.72 8.15 8.08
C PHE D 248 -10.74 7.51 7.13
N THR D 249 -9.58 7.10 7.64
CA THR D 249 -8.54 6.48 6.83
C THR D 249 -8.31 5.02 7.21
N THR D 250 -8.27 4.15 6.20
CA THR D 250 -7.99 2.74 6.41
C THR D 250 -7.62 2.10 5.07
N ASP D 251 -6.96 0.94 5.14
CA ASP D 251 -6.52 0.25 3.94
C ASP D 251 -7.11 -1.16 3.85
N ALA D 252 -8.25 -1.36 4.52
CA ALA D 252 -8.85 -2.69 4.60
C ALA D 252 -10.37 -2.61 4.66
N LYS D 253 -11.01 -3.77 4.69
CA LYS D 253 -12.43 -3.86 4.94
C LYS D 253 -12.75 -3.32 6.33
N THR D 254 -14.03 -3.19 6.62
CA THR D 254 -14.47 -2.75 7.95
C THR D 254 -15.47 -3.73 8.54
N HIS D 255 -15.47 -3.83 9.86
CA HIS D 255 -16.47 -4.62 10.57
C HIS D 255 -17.79 -3.85 10.60
N ILE D 256 -18.89 -4.60 10.50
CA ILE D 256 -20.22 -4.02 10.49
C ILE D 256 -21.05 -4.64 11.60
N ALA D 257 -22.27 -4.14 11.81
CA ALA D 257 -23.15 -4.69 12.83
C ALA D 257 -23.38 -6.17 12.60
N LEU D 258 -23.44 -6.91 13.72
CA LEU D 258 -23.66 -8.37 13.75
C LEU D 258 -22.38 -9.17 13.46
N ASP D 259 -21.28 -8.48 13.18
CA ASP D 259 -19.98 -9.14 13.07
C ASP D 259 -19.46 -9.50 14.45
N GLY D 260 -19.85 -8.71 15.44
CA GLY D 260 -19.35 -8.86 16.80
C GLY D 260 -19.68 -10.19 17.45
N ARG D 261 -20.63 -10.92 16.86
CA ARG D 261 -21.05 -12.19 17.43
C ARG D 261 -19.92 -13.23 17.41
N LEU D 262 -18.91 -12.98 16.59
CA LEU D 262 -17.75 -13.87 16.54
C LEU D 262 -16.86 -13.69 17.77
N ALA D 263 -17.12 -12.64 18.54
CA ALA D 263 -16.41 -12.41 19.80
C ALA D 263 -17.34 -12.57 20.99
N GLY D 264 -18.55 -13.06 20.74
CA GLY D 264 -19.54 -13.25 21.78
C GLY D 264 -20.32 -11.98 22.05
N ILE D 265 -20.06 -10.94 21.26
CA ILE D 265 -20.74 -9.65 21.41
C ILE D 265 -22.07 -9.68 20.66
N VAL D 266 -23.16 -9.48 21.39
CA VAL D 266 -24.50 -9.56 20.80
C VAL D 266 -25.35 -8.33 21.12
N GLN D 267 -24.94 -7.55 22.12
CA GLN D 267 -25.67 -6.34 22.48
C GLN D 267 -25.57 -5.33 21.33
N PRO D 268 -26.72 -4.83 20.84
CA PRO D 268 -26.65 -3.83 19.77
C PRO D 268 -25.98 -2.54 20.21
N ASN D 269 -25.46 -1.78 19.25
CA ASN D 269 -24.86 -0.48 19.53
C ASN D 269 -25.95 0.50 19.94
N ASP D 270 -25.78 1.14 21.10
CA ASP D 270 -26.81 2.05 21.63
C ASP D 270 -26.66 3.46 21.08
N GLY D 271 -25.48 3.78 20.55
CA GLY D 271 -25.25 5.08 19.95
C GLY D 271 -24.96 6.17 20.98
N GLN D 272 -24.57 5.76 22.18
CA GLN D 272 -24.24 6.70 23.24
C GLN D 272 -22.73 6.77 23.44
N CYS D 273 -22.26 7.83 24.10
CA CYS D 273 -20.83 8.01 24.32
C CYS D 273 -20.35 7.11 25.45
N HIS D 274 -19.21 6.47 25.23
CA HIS D 274 -18.60 5.59 26.24
C HIS D 274 -17.09 5.80 26.27
N VAL D 275 -16.68 7.07 26.20
CA VAL D 275 -15.29 7.46 26.32
C VAL D 275 -15.12 8.34 27.55
N GLY D 276 -14.51 7.77 28.59
CA GLY D 276 -14.32 8.48 29.85
C GLY D 276 -12.95 9.11 29.95
N SER D 277 -12.59 9.53 31.16
CA SER D 277 -11.32 10.21 31.42
C SER D 277 -10.12 9.55 30.76
N ASP D 278 -10.14 8.23 30.71
CA ASP D 278 -9.03 7.46 30.11
C ASP D 278 -8.99 7.58 28.60
N ASN D 279 -9.96 8.29 28.02
CA ASN D 279 -10.01 8.55 26.59
C ASN D 279 -10.02 7.29 25.73
N HIS D 280 -10.46 6.17 26.30
CA HIS D 280 -10.61 4.93 25.55
C HIS D 280 -12.07 4.50 25.47
N TYR D 281 -12.44 3.93 24.33
CA TYR D 281 -13.79 3.41 24.13
C TYR D 281 -14.01 2.22 25.07
N SER D 282 -14.78 2.44 26.12
CA SER D 282 -14.92 1.46 27.20
C SER D 282 -15.92 0.34 26.86
N ALA D 283 -16.76 0.57 25.86
CA ALA D 283 -17.79 -0.40 25.49
C ALA D 283 -17.39 -1.19 24.24
N SER D 284 -16.09 -1.23 23.97
CA SER D 284 -15.60 -1.90 22.77
C SER D 284 -15.82 -3.42 22.83
N THR D 285 -15.70 -3.97 24.03
CA THR D 285 -15.75 -5.42 24.22
C THR D 285 -17.07 -5.93 24.79
N THR D 286 -18.07 -5.04 24.84
CA THR D 286 -19.38 -5.39 25.38
C THR D 286 -20.51 -4.98 24.45
N MET D 287 -20.15 -4.35 23.33
CA MET D 287 -21.13 -3.75 22.44
C MET D 287 -20.76 -3.97 20.97
N ASP D 288 -21.72 -4.44 20.19
CA ASP D 288 -21.50 -4.80 18.79
C ASP D 288 -21.27 -3.56 17.91
N TYR D 289 -20.64 -3.77 16.76
CA TYR D 289 -20.38 -2.68 15.82
C TYR D 289 -21.67 -2.00 15.41
N PRO D 290 -21.62 -0.68 15.14
CA PRO D 290 -22.84 0.03 14.76
C PRO D 290 -23.29 -0.28 13.33
N SER D 291 -24.59 -0.23 13.08
CA SER D 291 -25.14 -0.47 11.76
C SER D 291 -25.05 0.80 10.92
N LEU D 292 -25.22 0.66 9.61
CA LEU D 292 -25.14 1.80 8.70
C LEU D 292 -26.27 2.78 8.97
N GLY D 293 -27.43 2.25 9.36
CA GLY D 293 -28.58 3.08 9.66
C GLY D 293 -28.34 3.96 10.87
N LEU D 294 -27.76 3.37 11.91
CA LEU D 294 -27.50 4.11 13.14
C LEU D 294 -26.45 5.18 12.90
N MET D 295 -25.44 4.85 12.10
CA MET D 295 -24.38 5.78 11.75
C MET D 295 -24.93 6.99 10.98
N THR D 296 -25.84 6.74 10.05
CA THR D 296 -26.47 7.81 9.28
C THR D 296 -27.22 8.76 10.22
N GLU D 297 -27.92 8.18 11.19
CA GLU D 297 -28.71 8.97 12.14
C GLU D 297 -27.86 9.92 12.95
N LYS D 298 -26.84 9.39 13.61
CA LYS D 298 -26.00 10.19 14.52
C LYS D 298 -25.14 11.19 13.76
N LEU D 299 -24.75 10.86 12.54
CA LEU D 299 -23.99 11.79 11.70
C LEU D 299 -24.88 12.96 11.29
N SER D 300 -26.12 12.64 10.90
CA SER D 300 -27.08 13.66 10.50
C SER D 300 -27.44 14.56 11.68
N GLN D 301 -27.59 13.94 12.85
CA GLN D 301 -27.97 14.68 14.05
C GLN D 301 -26.90 15.70 14.45
N LYS D 302 -25.65 15.28 14.42
CA LYS D 302 -24.53 16.13 14.86
C LYS D 302 -23.94 16.93 13.72
N ASN D 303 -24.57 16.87 12.54
CA ASN D 303 -24.10 17.58 11.35
C ASN D 303 -22.64 17.28 11.02
N ILE D 304 -22.33 15.99 10.87
CA ILE D 304 -20.97 15.56 10.54
C ILE D 304 -20.87 15.13 9.08
N ASN D 305 -19.82 15.61 8.40
CA ASN D 305 -19.52 15.19 7.04
C ASN D 305 -18.44 14.12 7.04
N LEU D 306 -18.86 12.86 7.00
CA LEU D 306 -17.93 11.74 7.03
C LEU D 306 -17.24 11.56 5.68
N ILE D 307 -15.92 11.53 5.70
CA ILE D 307 -15.12 11.33 4.50
C ILE D 307 -14.39 10.00 4.55
N PHE D 308 -14.70 9.11 3.60
CA PHE D 308 -14.01 7.83 3.49
C PHE D 308 -12.74 8.00 2.66
N ALA D 309 -11.61 8.12 3.34
CA ALA D 309 -10.31 8.22 2.68
C ALA D 309 -9.63 6.86 2.67
N VAL D 310 -9.97 6.03 1.67
CA VAL D 310 -9.53 4.64 1.64
C VAL D 310 -8.64 4.35 0.43
N THR D 311 -7.89 3.26 0.53
CA THR D 311 -6.95 2.89 -0.52
C THR D 311 -7.64 2.24 -1.71
N GLU D 312 -6.90 2.15 -2.82
CA GLU D 312 -7.40 1.61 -4.09
C GLU D 312 -8.18 0.30 -3.94
N ASN D 313 -7.62 -0.61 -3.15
CA ASN D 313 -8.16 -1.96 -3.04
C ASN D 313 -9.57 -2.05 -2.44
N VAL D 314 -10.05 -0.96 -1.85
CA VAL D 314 -11.36 -0.95 -1.21
C VAL D 314 -12.16 0.32 -1.51
N VAL D 315 -11.79 1.04 -2.56
CA VAL D 315 -12.53 2.24 -2.94
C VAL D 315 -13.97 1.89 -3.29
N ASN D 316 -14.14 0.81 -4.05
CA ASN D 316 -15.47 0.39 -4.48
C ASN D 316 -16.33 -0.08 -3.33
N LEU D 317 -15.69 -0.58 -2.27
CA LEU D 317 -16.40 -1.00 -1.07
C LEU D 317 -17.02 0.19 -0.35
N TYR D 318 -16.21 1.21 -0.11
CA TYR D 318 -16.66 2.38 0.63
C TYR D 318 -17.43 3.36 -0.25
N GLN D 319 -17.26 3.25 -1.56
CA GLN D 319 -18.06 4.02 -2.50
C GLN D 319 -19.48 3.49 -2.47
N ASN D 320 -19.61 2.19 -2.23
CA ASN D 320 -20.92 1.56 -2.06
C ASN D 320 -21.58 1.94 -0.74
N TYR D 321 -20.80 1.90 0.33
CA TYR D 321 -21.28 2.33 1.64
C TYR D 321 -21.71 3.79 1.61
N SER D 322 -21.00 4.59 0.82
CA SER D 322 -21.28 6.02 0.73
C SER D 322 -22.66 6.29 0.16
N GLU D 323 -23.13 5.40 -0.72
CA GLU D 323 -24.44 5.54 -1.33
C GLU D 323 -25.55 5.16 -0.36
N LEU D 324 -25.19 4.41 0.69
CA LEU D 324 -26.14 4.01 1.71
C LEU D 324 -26.12 4.99 2.90
N ILE D 325 -25.09 5.82 2.95
CA ILE D 325 -24.99 6.90 3.93
C ILE D 325 -24.90 8.23 3.19
N PRO D 326 -26.05 8.78 2.76
CA PRO D 326 -26.05 10.03 2.01
C PRO D 326 -25.31 11.16 2.72
N GLY D 327 -24.53 11.93 1.95
CA GLY D 327 -23.76 13.03 2.48
C GLY D 327 -22.28 12.74 2.58
N THR D 328 -21.95 11.46 2.75
CA THR D 328 -20.56 11.05 2.88
C THR D 328 -19.83 11.19 1.56
N THR D 329 -18.50 11.32 1.63
CA THR D 329 -17.67 11.49 0.45
C THR D 329 -16.53 10.47 0.46
N VAL D 330 -16.05 10.10 -0.72
CA VAL D 330 -14.97 9.12 -0.85
C VAL D 330 -13.83 9.66 -1.70
N GLY D 331 -12.62 9.53 -1.17
CA GLY D 331 -11.40 9.90 -1.89
C GLY D 331 -10.42 8.74 -1.87
N VAL D 332 -9.61 8.63 -2.92
CA VAL D 332 -8.65 7.54 -3.03
C VAL D 332 -7.38 7.85 -2.24
N LEU D 333 -7.16 7.09 -1.17
CA LEU D 333 -5.97 7.25 -0.34
C LEU D 333 -4.82 6.45 -0.93
N SER D 334 -3.59 6.89 -0.67
CA SER D 334 -2.40 6.15 -1.09
C SER D 334 -2.06 5.10 -0.03
N MET D 335 -1.18 4.17 -0.40
CA MET D 335 -0.79 3.11 0.52
C MET D 335 0.09 3.63 1.66
N ASP D 336 0.41 4.91 1.62
CA ASP D 336 1.22 5.55 2.65
C ASP D 336 0.59 6.85 3.14
N SER D 337 -0.67 7.09 2.74
CA SER D 337 -1.41 8.28 3.15
C SER D 337 -0.69 9.57 2.77
N SER D 338 0.16 9.51 1.75
CA SER D 338 0.95 10.67 1.36
C SER D 338 0.11 11.75 0.67
N ASN D 339 -1.04 11.35 0.12
CA ASN D 339 -1.91 12.26 -0.61
C ASN D 339 -3.11 12.69 0.21
N VAL D 340 -3.04 12.48 1.52
CA VAL D 340 -4.20 12.71 2.39
C VAL D 340 -4.57 14.18 2.48
N LEU D 341 -3.57 15.06 2.43
CA LEU D 341 -3.80 16.49 2.55
C LEU D 341 -4.73 17.00 1.45
N GLN D 342 -4.36 16.72 0.21
CA GLN D 342 -5.15 17.16 -0.95
C GLN D 342 -6.50 16.44 -0.99
N LEU D 343 -6.55 15.25 -0.41
CA LEU D 343 -7.79 14.47 -0.35
C LEU D 343 -8.81 15.20 0.53
N ILE D 344 -8.34 15.76 1.64
CA ILE D 344 -9.19 16.52 2.54
C ILE D 344 -9.69 17.81 1.87
N VAL D 345 -8.79 18.50 1.19
CA VAL D 345 -9.13 19.76 0.52
C VAL D 345 -10.17 19.53 -0.56
N ASP D 346 -9.97 18.50 -1.38
CA ASP D 346 -10.91 18.20 -2.46
C ASP D 346 -12.27 17.82 -1.91
N ALA D 347 -12.30 17.04 -0.84
CA ALA D 347 -13.54 16.60 -0.24
C ALA D 347 -14.29 17.78 0.40
N TYR D 348 -13.55 18.69 1.02
CA TYR D 348 -14.15 19.87 1.63
C TYR D 348 -14.82 20.73 0.55
N GLY D 349 -14.16 20.84 -0.60
CA GLY D 349 -14.71 21.58 -1.72
C GLY D 349 -15.92 20.87 -2.29
N LYS D 350 -15.82 19.55 -2.40
CA LYS D 350 -16.92 18.72 -2.91
C LYS D 350 -18.10 18.74 -1.94
N ILE D 351 -17.79 18.82 -0.64
CA ILE D 351 -18.83 18.88 0.39
C ILE D 351 -19.60 20.19 0.28
N ARG D 352 -18.87 21.29 0.07
CA ARG D 352 -19.49 22.61 0.00
C ARG D 352 -19.80 23.03 -1.43
N SER D 353 -19.89 22.04 -2.33
CA SER D 353 -20.26 22.29 -3.72
C SER D 353 -21.74 22.03 -3.96
N LYS D 354 -22.45 21.66 -2.90
CA LYS D 354 -23.85 21.27 -3.00
C LYS D 354 -24.73 22.07 -2.04
N VAL D 355 -25.97 22.31 -2.46
CA VAL D 355 -26.98 22.92 -1.60
C VAL D 355 -28.29 22.18 -1.83
N GLU D 356 -28.68 21.37 -0.85
CA GLU D 356 -29.88 20.55 -0.94
C GLU D 356 -30.87 20.94 0.15
N LEU D 357 -32.10 21.25 -0.25
CA LEU D 357 -33.13 21.68 0.68
C LEU D 357 -33.90 20.50 1.25
N GLU D 358 -34.17 20.56 2.56
CA GLU D 358 -35.06 19.61 3.21
C GLU D 358 -36.11 20.37 4.01
N VAL D 359 -37.35 19.87 3.99
CA VAL D 359 -38.46 20.52 4.66
C VAL D 359 -38.83 19.79 5.94
N ARG D 360 -38.93 20.54 7.04
CA ARG D 360 -39.27 19.98 8.35
C ARG D 360 -40.63 20.48 8.83
N ASP D 361 -41.46 19.55 9.29
CA ASP D 361 -42.76 19.85 9.88
C ASP D 361 -43.77 20.40 8.86
N LEU D 362 -43.79 19.81 7.67
CA LEU D 362 -44.79 20.18 6.67
C LEU D 362 -46.12 19.52 6.99
N PRO D 363 -47.21 20.32 7.10
CA PRO D 363 -48.49 19.71 7.46
C PRO D 363 -49.05 18.77 6.38
N GLU D 364 -49.95 17.89 6.79
CA GLU D 364 -50.49 16.85 5.92
C GLU D 364 -51.15 17.41 4.67
N GLU D 365 -51.70 18.63 4.79
CA GLU D 365 -52.51 19.21 3.73
C GLU D 365 -51.72 20.09 2.77
N LEU D 366 -50.47 20.40 3.12
CA LEU D 366 -49.62 21.22 2.26
C LEU D 366 -48.73 20.37 1.35
N SER D 367 -48.48 20.88 0.15
CA SER D 367 -47.57 20.27 -0.81
C SER D 367 -46.79 21.37 -1.51
N LEU D 368 -45.49 21.11 -1.73
CA LEU D 368 -44.60 22.12 -2.30
C LEU D 368 -44.04 21.70 -3.65
N SER D 369 -43.66 22.70 -4.45
CA SER D 369 -43.00 22.47 -5.73
C SER D 369 -41.83 23.44 -5.85
N PHE D 370 -40.68 22.93 -6.32
CA PHE D 370 -39.44 23.71 -6.34
C PHE D 370 -38.91 23.93 -7.75
N ASN D 371 -38.38 25.16 -7.93
CA ASN D 371 -37.71 25.65 -9.15
C ASN D 371 -36.40 26.21 -8.74
N ALA D 372 -35.35 25.52 -9.14
CA ALA D 372 -34.03 25.97 -8.71
C ALA D 372 -33.32 26.82 -9.76
N THR D 373 -32.53 27.78 -9.29
CA THR D 373 -31.67 28.59 -10.15
C THR D 373 -30.22 28.44 -9.70
N CYS D 374 -29.54 27.44 -10.26
CA CYS D 374 -28.20 27.09 -9.82
C CYS D 374 -27.13 27.90 -10.58
N LEU D 375 -26.17 27.19 -11.19
CA LEU D 375 -25.11 27.81 -11.98
C LEU D 375 -25.67 28.81 -12.98
N ASN D 376 -25.09 30.01 -13.00
CA ASN D 376 -25.60 31.13 -13.81
C ASN D 376 -27.07 31.38 -13.44
N ASN D 377 -27.93 31.60 -14.45
CA ASN D 377 -29.36 31.79 -14.21
C ASN D 377 -30.17 30.69 -14.90
N GLU D 378 -29.64 29.48 -14.85
CA GLU D 378 -30.29 28.33 -15.47
C GLU D 378 -31.40 27.79 -14.56
N VAL D 379 -32.65 28.06 -14.92
CA VAL D 379 -33.78 27.58 -14.13
C VAL D 379 -34.04 26.11 -14.43
N ILE D 380 -34.19 25.32 -13.37
CA ILE D 380 -34.36 23.88 -13.47
C ILE D 380 -35.62 23.44 -12.72
N PRO D 381 -36.71 23.15 -13.44
CA PRO D 381 -37.98 22.84 -12.77
C PRO D 381 -38.02 21.46 -12.11
N GLY D 382 -38.75 21.35 -11.01
CA GLY D 382 -38.94 20.08 -10.34
C GLY D 382 -37.72 19.61 -9.59
N LEU D 383 -36.86 20.54 -9.20
CA LEU D 383 -35.63 20.22 -8.48
C LEU D 383 -35.44 21.13 -7.28
N LYS D 384 -34.95 20.56 -6.18
CA LYS D 384 -34.75 21.29 -4.93
C LYS D 384 -33.30 21.19 -4.46
N SER D 385 -32.39 20.95 -5.39
CA SER D 385 -30.98 20.77 -5.07
C SER D 385 -30.09 21.32 -6.18
N CYS D 386 -28.90 21.79 -5.80
CA CYS D 386 -27.94 22.32 -6.75
C CYS D 386 -26.60 21.61 -6.63
N MET D 387 -25.88 21.53 -7.75
CA MET D 387 -24.57 20.88 -7.79
C MET D 387 -23.62 21.67 -8.68
N GLY D 388 -22.32 21.43 -8.52
CA GLY D 388 -21.31 22.11 -9.30
C GLY D 388 -21.11 23.54 -8.83
N LEU D 389 -21.13 23.72 -7.50
CA LEU D 389 -20.99 25.04 -6.90
C LEU D 389 -19.62 25.22 -6.26
N LYS D 390 -19.23 26.48 -6.09
CA LYS D 390 -17.98 26.82 -5.41
C LYS D 390 -18.28 27.62 -4.15
N ILE D 391 -17.28 27.80 -3.30
CA ILE D 391 -17.44 28.60 -2.09
C ILE D 391 -17.66 30.07 -2.46
N GLY D 392 -18.74 30.64 -1.94
CA GLY D 392 -19.05 32.04 -2.17
C GLY D 392 -20.21 32.25 -3.12
N ASP D 393 -20.53 31.22 -3.90
CA ASP D 393 -21.62 31.30 -4.87
C ASP D 393 -22.97 31.31 -4.18
N THR D 394 -23.96 31.92 -4.84
CA THR D 394 -25.32 32.01 -4.32
C THR D 394 -26.30 31.37 -5.29
N VAL D 395 -27.34 30.75 -4.75
CA VAL D 395 -28.40 30.14 -5.55
C VAL D 395 -29.76 30.50 -4.95
N SER D 396 -30.82 30.23 -5.71
CA SER D 396 -32.17 30.57 -5.29
C SER D 396 -33.19 29.54 -5.77
N PHE D 397 -34.30 29.45 -5.04
CA PHE D 397 -35.38 28.53 -5.39
C PHE D 397 -36.73 29.26 -5.37
N SER D 398 -37.50 29.06 -6.43
CA SER D 398 -38.89 29.52 -6.44
C SER D 398 -39.76 28.39 -5.88
N ILE D 399 -40.58 28.72 -4.89
CA ILE D 399 -41.37 27.73 -4.16
C ILE D 399 -42.85 28.08 -4.18
N GLU D 400 -43.69 27.14 -4.61
CA GLU D 400 -45.13 27.33 -4.64
C GLU D 400 -45.84 26.37 -3.70
N ALA D 401 -46.48 26.92 -2.67
CA ALA D 401 -47.23 26.13 -1.71
C ALA D 401 -48.69 26.00 -2.14
N LYS D 402 -49.21 24.77 -2.10
CA LYS D 402 -50.58 24.49 -2.49
C LYS D 402 -51.29 23.70 -1.41
N VAL D 403 -52.26 24.33 -0.77
CA VAL D 403 -53.05 23.69 0.29
C VAL D 403 -54.27 23.00 -0.31
N ARG D 404 -54.66 21.87 0.28
CA ARG D 404 -55.85 21.14 -0.15
C ARG D 404 -56.94 21.23 0.91
N GLY D 405 -58.02 21.92 0.55
CA GLY D 405 -59.13 22.13 1.47
C GLY D 405 -58.77 23.12 2.55
N CYS D 406 -59.46 23.01 3.69
CA CYS D 406 -59.21 23.87 4.84
C CYS D 406 -58.88 23.01 6.07
N PRO D 407 -57.67 23.19 6.63
CA PRO D 407 -57.32 22.38 7.81
C PRO D 407 -58.04 22.82 9.08
N GLN D 408 -57.87 22.05 10.15
CA GLN D 408 -58.50 22.36 11.43
C GLN D 408 -57.77 23.51 12.12
N GLU D 409 -56.46 23.35 12.28
CA GLU D 409 -55.63 24.38 12.89
C GLU D 409 -55.36 25.48 11.87
N LYS D 410 -55.73 26.71 12.21
CA LYS D 410 -55.65 27.83 11.28
C LYS D 410 -54.25 28.46 11.28
N GLU D 411 -53.40 28.05 12.21
CA GLU D 411 -52.04 28.57 12.29
C GLU D 411 -51.01 27.47 12.55
N LYS D 412 -50.15 27.24 11.58
CA LYS D 412 -49.02 26.34 11.71
C LYS D 412 -47.77 27.00 11.16
N SER D 413 -46.65 26.32 11.29
CA SER D 413 -45.39 26.84 10.75
C SER D 413 -44.41 25.70 10.51
N PHE D 414 -43.64 25.83 9.43
CA PHE D 414 -42.67 24.81 9.04
C PHE D 414 -41.36 25.45 8.61
N THR D 415 -40.31 24.63 8.57
CA THR D 415 -38.96 25.11 8.28
C THR D 415 -38.46 24.59 6.93
N ILE D 416 -37.79 25.45 6.18
CA ILE D 416 -37.05 25.05 4.98
C ILE D 416 -35.56 25.29 5.24
N LYS D 417 -34.83 24.21 5.45
CA LYS D 417 -33.41 24.28 5.78
C LYS D 417 -32.56 23.54 4.76
N PRO D 418 -31.40 24.11 4.37
CA PRO D 418 -30.47 23.33 3.55
C PRO D 418 -29.74 22.29 4.40
N VAL D 419 -29.50 21.11 3.82
CA VAL D 419 -28.82 20.04 4.56
C VAL D 419 -27.44 20.50 5.04
N GLY D 420 -27.24 20.47 6.35
CA GLY D 420 -25.96 20.80 6.94
C GLY D 420 -25.83 22.25 7.35
N PHE D 421 -26.80 23.07 6.97
CA PHE D 421 -26.76 24.51 7.26
C PHE D 421 -27.43 24.82 8.60
N LYS D 422 -26.98 25.90 9.23
CA LYS D 422 -27.52 26.35 10.50
C LYS D 422 -28.78 27.18 10.28
N ASP D 423 -28.64 28.27 9.53
CA ASP D 423 -29.75 29.18 9.27
C ASP D 423 -30.85 28.48 8.50
N SER D 424 -32.07 29.01 8.60
CA SER D 424 -33.23 28.38 7.99
C SER D 424 -34.33 29.39 7.71
N LEU D 425 -35.25 29.02 6.82
CA LEU D 425 -36.42 29.82 6.51
C LEU D 425 -37.64 29.28 7.25
N ILE D 426 -38.04 29.98 8.31
CA ILE D 426 -39.26 29.63 9.03
C ILE D 426 -40.47 30.24 8.32
N VAL D 427 -41.37 29.38 7.86
CA VAL D 427 -42.57 29.82 7.15
C VAL D 427 -43.79 29.71 8.07
N GLN D 428 -44.37 30.86 8.41
CA GLN D 428 -45.55 30.90 9.27
C GLN D 428 -46.82 30.96 8.42
N VAL D 429 -47.53 29.84 8.34
CA VAL D 429 -48.71 29.73 7.49
C VAL D 429 -49.98 30.05 8.27
N THR D 430 -50.87 30.81 7.63
CA THR D 430 -52.18 31.12 8.18
C THR D 430 -53.25 30.79 7.14
N PHE D 431 -54.26 30.02 7.56
CA PHE D 431 -55.30 29.58 6.65
C PHE D 431 -56.54 30.48 6.75
N ASP D 432 -56.88 31.12 5.62
CA ASP D 432 -57.97 32.08 5.59
C ASP D 432 -59.27 31.40 5.14
N CYS D 433 -59.88 30.66 6.06
CA CYS D 433 -61.09 29.89 5.76
C CYS D 433 -62.34 30.66 6.17
N ASP D 434 -62.24 31.38 7.28
CA ASP D 434 -63.38 32.11 7.83
C ASP D 434 -63.48 33.52 7.26
N CYS D 435 -64.68 34.09 7.34
CA CYS D 435 -64.92 35.46 6.93
C CYS D 435 -64.85 36.39 8.14
N ALA D 436 -64.57 37.67 7.89
CA ALA D 436 -64.44 38.64 8.98
C ALA D 436 -65.81 38.99 9.56
N CYS D 437 -66.87 38.74 8.79
CA CYS D 437 -68.22 39.05 9.23
C CYS D 437 -68.76 38.01 10.20
N GLN D 438 -68.00 36.94 10.40
CA GLN D 438 -68.41 35.88 11.32
C GLN D 438 -68.22 36.31 12.78
N ALA D 439 -67.44 37.35 12.99
CA ALA D 439 -67.20 37.87 14.34
C ALA D 439 -68.43 38.61 14.85
N GLN D 440 -69.12 39.30 13.95
CA GLN D 440 -70.34 40.02 14.29
C GLN D 440 -71.56 39.12 14.18
N ALA D 441 -71.32 37.80 14.17
CA ALA D 441 -72.41 36.84 14.16
C ALA D 441 -73.31 37.05 15.37
N GLU D 442 -74.61 36.90 15.15
CA GLU D 442 -75.61 37.16 16.19
C GLU D 442 -76.35 35.88 16.55
N PRO D 443 -75.92 35.19 17.62
CA PRO D 443 -76.59 33.95 18.01
C PRO D 443 -78.01 34.20 18.53
N ASN D 444 -78.91 33.26 18.26
CA ASN D 444 -80.29 33.36 18.74
C ASN D 444 -80.95 34.66 18.29
N SER D 445 -80.77 34.99 17.01
CA SER D 445 -81.26 36.24 16.46
C SER D 445 -82.76 36.19 16.16
N HIS D 446 -83.45 37.28 16.49
CA HIS D 446 -84.88 37.41 16.20
C HIS D 446 -85.15 37.29 14.71
N ARG D 447 -84.16 37.66 13.91
CA ARG D 447 -84.31 37.73 12.46
C ARG D 447 -84.28 36.34 11.81
N CYS D 448 -84.06 35.31 12.61
CA CYS D 448 -84.02 33.94 12.11
C CYS D 448 -84.90 33.01 12.94
N ASN D 449 -86.11 32.76 12.46
CA ASN D 449 -87.04 31.83 13.10
C ASN D 449 -87.37 32.24 14.54
N ASN D 450 -87.35 33.53 14.80
CA ASN D 450 -87.69 34.07 16.12
C ASN D 450 -86.74 33.59 17.21
N GLY D 451 -85.45 33.51 16.88
CA GLY D 451 -84.42 33.23 17.87
C GLY D 451 -83.98 31.78 17.95
N ASN D 452 -84.14 31.03 16.87
CA ASN D 452 -83.75 29.62 16.84
C ASN D 452 -82.49 29.37 16.01
N GLY D 453 -82.09 30.36 15.22
CA GLY D 453 -80.92 30.24 14.36
C GLY D 453 -79.89 31.31 14.65
N THR D 454 -78.92 31.45 13.74
CA THR D 454 -77.84 32.43 13.87
C THR D 454 -77.79 33.33 12.63
N PHE D 455 -77.58 34.62 12.86
CA PHE D 455 -77.50 35.60 11.80
C PHE D 455 -76.05 36.03 11.57
N GLU D 456 -75.38 35.37 10.62
CA GLU D 456 -74.00 35.70 10.29
C GLU D 456 -73.88 36.03 8.79
N CYS D 457 -73.19 37.12 8.50
CA CYS D 457 -72.89 37.51 7.13
C CYS D 457 -74.15 37.74 6.29
N GLY D 458 -75.21 38.20 6.92
CA GLY D 458 -76.42 38.61 6.21
C GLY D 458 -77.36 37.48 5.82
N VAL D 459 -77.11 36.28 6.34
CA VAL D 459 -77.99 35.14 6.09
C VAL D 459 -78.21 34.32 7.36
N CYS D 460 -79.21 33.46 7.33
CA CYS D 460 -79.61 32.68 8.51
C CYS D 460 -79.03 31.27 8.48
N ARG D 461 -78.10 30.99 9.40
CA ARG D 461 -77.56 29.66 9.57
C ARG D 461 -78.32 28.92 10.67
N CYS D 462 -78.43 27.60 10.54
CA CYS D 462 -78.97 26.79 11.63
C CYS D 462 -77.94 26.71 12.75
N GLY D 463 -78.36 27.06 13.96
CA GLY D 463 -77.47 27.09 15.10
C GLY D 463 -77.02 25.70 15.53
N PRO D 464 -76.30 25.62 16.66
CA PRO D 464 -75.80 24.35 17.19
C PRO D 464 -76.92 23.50 17.80
N GLY D 465 -76.82 22.18 17.64
CA GLY D 465 -77.79 21.26 18.21
C GLY D 465 -78.88 20.87 17.23
N TRP D 466 -79.10 21.70 16.22
CA TRP D 466 -80.12 21.42 15.21
C TRP D 466 -79.54 20.57 14.09
N LEU D 467 -80.42 19.85 13.39
CA LEU D 467 -80.03 19.00 12.27
C LEU D 467 -80.75 19.43 10.99
N GLY D 468 -80.03 19.36 9.88
CA GLY D 468 -80.57 19.76 8.58
C GLY D 468 -80.08 21.13 8.17
N SER D 469 -80.12 21.41 6.87
CA SER D 469 -79.70 22.70 6.34
C SER D 469 -80.81 23.74 6.46
N GLN D 470 -82.03 23.26 6.73
CA GLN D 470 -83.19 24.14 6.89
C GLN D 470 -84.03 23.72 8.09
N CYS D 471 -83.53 22.76 8.86
CA CYS D 471 -84.21 22.29 10.07
C CYS D 471 -85.61 21.80 9.78
N GLU E 1 -12.91 -51.16 5.56
CA GLU E 1 -12.03 -51.74 6.64
C GLU E 1 -10.61 -51.24 6.49
N VAL E 2 -9.97 -50.94 7.62
CA VAL E 2 -8.60 -50.46 7.63
C VAL E 2 -7.61 -51.62 7.54
N GLN E 3 -6.59 -51.47 6.70
CA GLN E 3 -5.56 -52.49 6.55
C GLN E 3 -4.35 -51.92 5.82
N LEU E 4 -3.16 -52.20 6.36
CA LEU E 4 -1.91 -51.71 5.78
C LEU E 4 -1.22 -52.82 5.00
N GLN E 5 -0.93 -52.56 3.72
CA GLN E 5 -0.27 -53.51 2.85
C GLN E 5 1.10 -53.01 2.42
N GLN E 6 2.15 -53.64 2.95
CA GLN E 6 3.52 -53.23 2.67
C GLN E 6 4.11 -54.03 1.49
N SER E 7 5.37 -53.74 1.18
CA SER E 7 6.08 -54.46 0.11
C SER E 7 6.53 -55.83 0.60
N GLY E 8 7.06 -56.63 -0.32
CA GLY E 8 7.55 -57.95 0.01
C GLY E 8 8.96 -57.88 0.59
N ALA E 9 9.45 -59.02 1.06
CA ALA E 9 10.79 -59.10 1.66
C ALA E 9 11.85 -58.60 0.68
N GLU E 10 12.96 -58.09 1.23
CA GLU E 10 14.03 -57.53 0.43
C GLU E 10 15.39 -58.12 0.83
N LEU E 11 16.13 -58.60 -0.17
CA LEU E 11 17.48 -59.13 0.03
C LEU E 11 18.49 -58.28 -0.73
N VAL E 12 19.38 -57.62 0.00
CA VAL E 12 20.36 -56.73 -0.59
C VAL E 12 21.74 -56.93 0.03
N LYS E 13 22.73 -56.23 -0.48
CA LYS E 13 24.10 -56.33 0.01
C LYS E 13 24.49 -55.09 0.81
N PRO E 14 25.54 -55.19 1.63
CA PRO E 14 25.99 -54.04 2.43
C PRO E 14 26.36 -52.83 1.57
N GLY E 15 26.04 -51.63 2.04
CA GLY E 15 26.36 -50.41 1.33
C GLY E 15 25.33 -50.05 0.28
N ALA E 16 24.27 -50.84 0.18
CA ALA E 16 23.20 -50.61 -0.78
C ALA E 16 22.17 -49.64 -0.22
N SER E 17 21.06 -49.47 -0.93
CA SER E 17 19.98 -48.60 -0.50
C SER E 17 18.64 -49.10 -1.02
N VAL E 18 17.81 -49.61 -0.11
CA VAL E 18 16.50 -50.17 -0.46
C VAL E 18 15.38 -49.26 0.04
N LYS E 19 14.26 -49.27 -0.66
CA LYS E 19 13.11 -48.42 -0.33
C LYS E 19 11.86 -49.26 -0.10
N LEU E 20 11.42 -49.32 1.15
CA LEU E 20 10.23 -50.08 1.51
C LEU E 20 8.96 -49.28 1.31
N SER E 21 7.86 -49.98 1.05
CA SER E 21 6.57 -49.35 0.77
C SER E 21 5.51 -49.75 1.80
N CYS E 22 4.51 -48.90 1.96
CA CYS E 22 3.38 -49.18 2.84
C CYS E 22 2.10 -48.57 2.26
N THR E 23 1.37 -49.38 1.50
CA THR E 23 0.17 -48.90 0.82
C THR E 23 -1.06 -49.02 1.71
N ALA E 24 -1.90 -47.97 1.69
CA ALA E 24 -3.12 -47.95 2.48
C ALA E 24 -4.25 -48.64 1.73
N SER E 25 -5.13 -49.30 2.47
CA SER E 25 -6.26 -50.02 1.88
C SER E 25 -7.54 -49.83 2.69
N GLY E 26 -8.50 -49.14 2.09
CA GLY E 26 -9.78 -48.89 2.73
C GLY E 26 -9.88 -47.51 3.34
N PHE E 27 -8.88 -46.68 3.08
CA PHE E 27 -8.84 -45.33 3.62
C PHE E 27 -7.77 -44.50 2.93
N ASN E 28 -7.94 -43.18 2.93
CA ASN E 28 -6.93 -42.29 2.41
C ASN E 28 -5.80 -42.12 3.41
N ILE E 29 -4.57 -42.41 2.97
CA ILE E 29 -3.40 -42.37 3.84
C ILE E 29 -3.18 -40.99 4.45
N LYS E 30 -3.76 -39.98 3.81
CA LYS E 30 -3.61 -38.60 4.24
C LYS E 30 -4.23 -38.34 5.62
N ASP E 31 -5.16 -39.20 6.02
CA ASP E 31 -5.94 -39.01 7.25
C ASP E 31 -5.10 -38.86 8.52
N THR E 32 -4.13 -39.74 8.69
CA THR E 32 -3.41 -39.84 9.96
C THR E 32 -1.89 -39.82 9.81
N TYR E 33 -1.20 -39.74 10.93
CA TYR E 33 0.24 -39.95 10.97
C TYR E 33 0.55 -41.36 10.49
N VAL E 34 1.78 -41.57 10.03
CA VAL E 34 2.25 -42.90 9.65
C VAL E 34 3.67 -43.12 10.17
N HIS E 35 3.81 -44.07 11.08
CA HIS E 35 5.10 -44.36 11.69
C HIS E 35 5.77 -45.56 11.03
N TRP E 36 7.06 -45.71 11.28
CA TRP E 36 7.80 -46.90 10.86
C TRP E 36 8.52 -47.50 12.08
N VAL E 37 8.40 -48.82 12.24
CA VAL E 37 8.95 -49.50 13.40
C VAL E 37 9.86 -50.66 13.00
N LYS E 38 11.01 -50.74 13.67
CA LYS E 38 12.01 -51.77 13.42
C LYS E 38 11.97 -52.83 14.52
N GLN E 39 12.06 -54.10 14.13
CA GLN E 39 12.00 -55.21 15.09
C GLN E 39 13.14 -56.20 14.88
N ARG E 40 13.97 -56.35 15.91
CA ARG E 40 15.02 -57.36 15.94
C ARG E 40 14.76 -58.36 17.07
N PRO E 41 15.27 -59.59 16.92
CA PRO E 41 15.03 -60.62 17.96
C PRO E 41 15.60 -60.24 19.33
N GLU E 42 16.88 -59.87 19.36
CA GLU E 42 17.56 -59.58 20.62
C GLU E 42 17.26 -58.18 21.14
N GLN E 43 17.50 -57.18 20.29
CA GLN E 43 17.34 -55.78 20.70
C GLN E 43 15.88 -55.48 21.03
N GLY E 44 14.98 -55.96 20.18
CA GLY E 44 13.55 -55.73 20.36
C GLY E 44 13.04 -54.67 19.40
N LEU E 45 11.97 -53.99 19.82
CA LEU E 45 11.33 -52.98 18.97
C LEU E 45 12.00 -51.62 19.11
N GLU E 46 12.07 -50.90 17.99
CA GLU E 46 12.66 -49.57 17.96
C GLU E 46 11.88 -48.65 17.03
N TRP E 47 11.44 -47.52 17.55
CA TRP E 47 10.73 -46.52 16.76
C TRP E 47 11.70 -45.77 15.85
N ILE E 48 11.38 -45.71 14.57
CA ILE E 48 12.23 -45.03 13.59
C ILE E 48 11.82 -43.56 13.47
N GLY E 49 10.60 -43.34 13.01
CA GLY E 49 10.10 -41.98 12.83
C GLY E 49 8.65 -42.00 12.37
N ARG E 50 8.14 -40.82 12.00
CA ARG E 50 6.78 -40.70 11.50
C ARG E 50 6.71 -39.70 10.37
N ILE E 51 5.52 -39.57 9.78
CA ILE E 51 5.27 -38.58 8.74
C ILE E 51 3.79 -38.19 8.74
N ASP E 52 3.51 -36.97 8.30
CA ASP E 52 2.14 -36.50 8.11
C ASP E 52 1.91 -36.31 6.61
N PRO E 53 1.38 -37.35 5.93
CA PRO E 53 1.19 -37.30 4.48
C PRO E 53 0.37 -36.12 3.98
N ALA E 54 -0.31 -35.42 4.90
CA ALA E 54 -1.11 -34.26 4.54
C ALA E 54 -0.25 -33.02 4.35
N ASN E 55 1.06 -33.16 4.54
CA ASN E 55 1.99 -32.05 4.35
C ASN E 55 3.42 -32.49 4.07
N GLY E 56 3.78 -33.69 4.54
CA GLY E 56 5.09 -34.26 4.26
C GLY E 56 6.13 -33.96 5.32
N TYR E 57 5.71 -33.36 6.43
CA TYR E 57 6.62 -33.08 7.53
C TYR E 57 6.93 -34.36 8.29
N THR E 58 8.14 -34.46 8.82
CA THR E 58 8.64 -35.70 9.41
C THR E 58 9.26 -35.52 10.80
N LYS E 59 9.33 -36.63 11.52
CA LYS E 59 10.04 -36.70 12.80
C LYS E 59 10.83 -38.01 12.83
N TYR E 60 12.01 -37.98 13.42
CA TYR E 60 12.87 -39.17 13.46
C TYR E 60 13.50 -39.41 14.84
N ASP E 61 13.66 -40.68 15.19
CA ASP E 61 14.53 -41.06 16.31
C ASP E 61 15.96 -40.70 15.87
N PRO E 62 16.65 -39.85 16.65
CA PRO E 62 17.97 -39.38 16.21
C PRO E 62 18.99 -40.49 15.94
N LYS E 63 18.68 -41.71 16.35
CA LYS E 63 19.53 -42.85 16.06
C LYS E 63 19.51 -43.19 14.57
N PHE E 64 18.34 -43.05 13.96
CA PHE E 64 18.15 -43.39 12.56
C PHE E 64 18.25 -42.17 11.65
N GLN E 65 19.17 -41.26 11.97
CA GLN E 65 19.41 -40.09 11.13
C GLN E 65 20.43 -40.40 10.05
N GLY E 66 20.18 -39.91 8.84
CA GLY E 66 21.03 -40.21 7.71
C GLY E 66 20.67 -41.54 7.08
N LYS E 67 20.48 -42.54 7.93
CA LYS E 67 20.09 -43.88 7.49
C LYS E 67 18.65 -43.89 6.99
N ALA E 68 17.71 -43.68 7.90
CA ALA E 68 16.29 -43.72 7.57
C ALA E 68 15.81 -42.41 6.96
N THR E 69 14.98 -42.52 5.94
CA THR E 69 14.40 -41.36 5.25
C THR E 69 12.96 -41.67 4.85
N ILE E 70 12.01 -41.15 5.62
CA ILE E 70 10.60 -41.41 5.38
C ILE E 70 10.00 -40.36 4.44
N THR E 71 9.19 -40.84 3.50
CA THR E 71 8.49 -39.96 2.56
C THR E 71 7.09 -40.52 2.29
N ALA E 72 6.34 -39.85 1.43
CA ALA E 72 5.00 -40.29 1.10
C ALA E 72 4.49 -39.65 -0.19
N ASP E 73 3.60 -40.36 -0.88
CA ASP E 73 2.98 -39.86 -2.10
C ASP E 73 1.46 -40.06 -1.99
N THR E 74 0.72 -38.96 -1.96
CA THR E 74 -0.73 -39.02 -1.79
C THR E 74 -1.40 -39.67 -2.99
N SER E 75 -0.81 -39.50 -4.17
CA SER E 75 -1.35 -40.06 -5.40
C SER E 75 -1.39 -41.59 -5.34
N SER E 76 -0.27 -42.19 -4.95
CA SER E 76 -0.18 -43.64 -4.86
C SER E 76 -0.79 -44.17 -3.57
N ASN E 77 -1.16 -43.25 -2.68
CA ASN E 77 -1.77 -43.62 -1.41
C ASN E 77 -0.83 -44.50 -0.59
N THR E 78 0.45 -44.12 -0.60
CA THR E 78 1.50 -44.96 -0.02
C THR E 78 2.53 -44.13 0.74
N ALA E 79 3.03 -44.69 1.83
CA ALA E 79 4.15 -44.12 2.57
C ALA E 79 5.38 -45.00 2.38
N TYR E 80 6.56 -44.38 2.30
CA TYR E 80 7.79 -45.09 2.01
C TYR E 80 8.82 -44.95 3.13
N LEU E 81 9.79 -45.85 3.14
CA LEU E 81 10.92 -45.79 4.07
C LEU E 81 12.22 -46.13 3.34
N GLN E 82 12.96 -45.10 2.95
CA GLN E 82 14.22 -45.28 2.24
C GLN E 82 15.39 -45.43 3.20
N LEU E 83 15.99 -46.62 3.21
CA LEU E 83 17.18 -46.89 4.01
C LEU E 83 18.41 -46.82 3.13
N SER E 84 19.48 -46.21 3.64
CA SER E 84 20.72 -46.03 2.89
C SER E 84 21.94 -46.44 3.73
N SER E 85 23.01 -46.84 3.06
CA SER E 85 24.24 -47.27 3.72
C SER E 85 23.96 -48.40 4.70
N LEU E 86 23.44 -49.51 4.19
CA LEU E 86 23.00 -50.61 5.03
C LEU E 86 24.17 -51.37 5.66
N THR E 87 23.87 -52.07 6.75
CA THR E 87 24.83 -52.92 7.43
C THR E 87 24.14 -54.20 7.90
N SER E 88 24.88 -55.07 8.56
CA SER E 88 24.32 -56.30 9.10
C SER E 88 23.40 -55.99 10.27
N GLU E 89 23.65 -54.86 10.94
CA GLU E 89 22.86 -54.45 12.09
C GLU E 89 21.48 -53.94 11.65
N ASP E 90 21.35 -53.62 10.37
CA ASP E 90 20.09 -53.13 9.82
C ASP E 90 19.17 -54.27 9.38
N THR E 91 19.62 -55.51 9.58
CA THR E 91 18.80 -56.68 9.28
C THR E 91 17.69 -56.82 10.31
N ALA E 92 16.46 -56.50 9.90
CA ALA E 92 15.33 -56.51 10.82
C ALA E 92 13.99 -56.46 10.09
N VAL E 93 12.92 -56.75 10.82
CA VAL E 93 11.57 -56.66 10.28
C VAL E 93 11.05 -55.24 10.49
N TYR E 94 10.56 -54.63 9.41
CA TYR E 94 10.09 -53.24 9.45
C TYR E 94 8.58 -53.15 9.21
N TYR E 95 7.90 -52.44 10.11
CA TYR E 95 6.44 -52.28 10.05
C TYR E 95 6.05 -50.82 9.84
N CYS E 96 4.92 -50.63 9.16
CA CYS E 96 4.28 -49.32 9.10
C CYS E 96 3.11 -49.32 10.08
N VAL E 97 2.87 -48.19 10.74
CA VAL E 97 1.88 -48.12 11.81
C VAL E 97 1.09 -46.80 11.77
N ARG E 98 -0.19 -46.90 12.12
CA ARG E 98 -1.03 -45.71 12.29
C ARG E 98 -2.00 -45.93 13.45
N PRO E 99 -2.52 -44.82 14.01
CA PRO E 99 -3.50 -44.93 15.10
C PRO E 99 -4.92 -45.24 14.61
N LEU E 100 -5.79 -45.57 15.55
CA LEU E 100 -7.21 -45.76 15.26
C LEU E 100 -7.96 -44.45 15.49
N TYR E 101 -7.99 -44.02 16.75
CA TYR E 101 -8.66 -42.77 17.12
C TYR E 101 -7.64 -41.76 17.63
N ASP E 102 -6.98 -42.09 18.74
CA ASP E 102 -5.98 -41.22 19.34
C ASP E 102 -4.89 -40.82 18.35
N TYR E 103 -4.78 -39.53 18.09
CA TYR E 103 -3.80 -38.99 17.14
C TYR E 103 -2.40 -39.54 17.31
N TYR E 104 -2.03 -39.85 18.55
CA TYR E 104 -0.64 -40.19 18.89
C TYR E 104 -0.43 -41.68 19.18
N ALA E 105 -1.49 -42.48 19.11
CA ALA E 105 -1.41 -43.89 19.49
C ALA E 105 -0.79 -44.75 18.39
N MET E 106 -0.62 -46.03 18.70
CA MET E 106 -0.05 -47.00 17.77
C MET E 106 -0.92 -48.26 17.76
N ASP E 107 -1.86 -48.33 16.83
CA ASP E 107 -2.92 -49.34 16.87
C ASP E 107 -2.92 -50.29 15.66
N TYR E 108 -2.96 -49.74 14.46
CA TYR E 108 -3.00 -50.54 13.24
C TYR E 108 -1.61 -50.82 12.69
N TRP E 109 -1.32 -52.08 12.40
CA TRP E 109 0.01 -52.51 11.97
C TRP E 109 -0.03 -53.32 10.68
N GLY E 110 0.93 -53.05 9.79
CA GLY E 110 1.07 -53.81 8.56
C GLY E 110 1.62 -55.19 8.84
N GLN E 111 1.65 -56.04 7.83
CA GLN E 111 2.11 -57.42 8.01
C GLN E 111 3.64 -57.47 8.17
N GLY E 112 4.30 -56.35 7.88
CA GLY E 112 5.74 -56.23 8.09
C GLY E 112 6.55 -56.74 6.92
N THR E 113 7.73 -56.13 6.74
CA THR E 113 8.65 -56.53 5.68
C THR E 113 10.01 -56.89 6.26
N SER E 114 10.47 -58.10 5.97
CA SER E 114 11.77 -58.56 6.44
C SER E 114 12.88 -58.12 5.49
N VAL E 115 13.82 -57.34 6.01
CA VAL E 115 14.96 -56.87 5.24
C VAL E 115 16.23 -57.59 5.71
N THR E 116 16.88 -58.28 4.79
CA THR E 116 18.12 -58.99 5.09
C THR E 116 19.28 -58.36 4.31
N VAL E 117 20.41 -58.19 4.98
CA VAL E 117 21.59 -57.59 4.38
C VAL E 117 22.79 -58.53 4.51
N SER E 118 23.31 -58.97 3.37
CA SER E 118 24.43 -59.91 3.36
C SER E 118 25.16 -59.89 2.01
N SER E 119 26.43 -60.27 2.03
CA SER E 119 27.28 -60.22 0.83
C SER E 119 27.23 -61.51 0.02
N ALA E 120 26.98 -62.63 0.71
CA ALA E 120 27.01 -63.94 0.08
C ALA E 120 26.04 -64.07 -1.08
N LYS E 121 26.49 -64.67 -2.17
CA LYS E 121 25.66 -64.91 -3.34
C LYS E 121 24.80 -66.16 -3.11
N THR E 122 23.96 -66.48 -4.09
CA THR E 122 23.11 -67.67 -4.00
C THR E 122 23.97 -68.92 -3.85
N THR E 123 23.59 -69.77 -2.91
CA THR E 123 24.36 -70.98 -2.60
C THR E 123 23.43 -72.13 -2.22
N ALA E 124 23.66 -73.28 -2.84
CA ALA E 124 22.85 -74.47 -2.55
C ALA E 124 23.41 -75.19 -1.31
N PRO E 125 22.53 -75.84 -0.54
CA PRO E 125 22.94 -76.49 0.71
C PRO E 125 23.60 -77.84 0.51
N SER E 126 24.35 -78.28 1.52
CA SER E 126 24.86 -79.64 1.58
C SER E 126 23.93 -80.47 2.45
N VAL E 127 24.13 -81.78 2.44
CA VAL E 127 23.31 -82.69 3.26
C VAL E 127 24.19 -83.77 3.87
N TYR E 128 24.14 -83.87 5.21
CA TYR E 128 24.95 -84.82 5.95
C TYR E 128 24.08 -85.69 6.86
N PRO E 129 24.11 -87.01 6.67
CA PRO E 129 23.30 -87.90 7.51
C PRO E 129 23.91 -88.09 8.90
N LEU E 130 23.07 -88.43 9.89
CA LEU E 130 23.54 -88.65 11.25
C LEU E 130 22.90 -89.89 11.87
N ALA E 131 23.73 -90.85 12.25
CA ALA E 131 23.26 -92.09 12.86
C ALA E 131 23.90 -92.29 14.23
N PRO E 132 23.28 -93.12 15.09
CA PRO E 132 23.79 -93.35 16.45
C PRO E 132 25.22 -93.89 16.48
N VAL E 133 25.88 -93.71 17.62
CA VAL E 133 27.24 -94.21 17.82
C VAL E 133 27.22 -95.72 18.00
N CYS E 134 28.31 -96.38 17.60
CA CYS E 134 28.44 -97.82 17.75
C CYS E 134 28.32 -98.23 19.21
N SER E 140 14.87 -99.52 22.88
CA SER E 140 13.43 -99.39 22.78
C SER E 140 13.04 -98.26 21.83
N SER E 141 13.93 -97.29 21.69
CA SER E 141 13.70 -96.15 20.79
C SER E 141 15.03 -95.60 20.29
N VAL E 142 15.01 -94.98 19.11
CA VAL E 142 16.21 -94.44 18.48
C VAL E 142 15.93 -93.08 17.84
N THR E 143 16.94 -92.21 17.85
CA THR E 143 16.83 -90.88 17.26
C THR E 143 17.84 -90.72 16.12
N LEU E 144 17.39 -90.16 15.01
CA LEU E 144 18.24 -89.92 13.85
C LEU E 144 18.45 -88.42 13.66
N GLY E 145 19.09 -88.04 12.55
CA GLY E 145 19.35 -86.65 12.25
C GLY E 145 19.68 -86.42 10.78
N CYS E 146 19.57 -85.17 10.36
CA CYS E 146 19.86 -84.79 8.98
C CYS E 146 20.32 -83.34 8.91
N LEU E 147 21.65 -83.15 8.97
CA LEU E 147 22.23 -81.82 8.99
C LEU E 147 22.27 -81.20 7.60
N VAL E 148 21.92 -79.92 7.53
CA VAL E 148 21.96 -79.15 6.30
C VAL E 148 22.68 -77.84 6.56
N LYS E 149 23.66 -77.51 5.71
CA LYS E 149 24.53 -76.37 5.98
C LYS E 149 25.05 -75.72 4.70
N GLY E 150 25.41 -74.44 4.80
CA GLY E 150 26.04 -73.72 3.72
C GLY E 150 25.11 -73.42 2.57
N TYR E 151 24.17 -72.50 2.79
CA TYR E 151 23.24 -72.10 1.74
C TYR E 151 22.76 -70.67 1.94
N PHE E 152 22.26 -70.08 0.87
CA PHE E 152 21.74 -68.71 0.91
C PHE E 152 20.93 -68.43 -0.35
N PRO E 153 19.79 -67.73 -0.22
CA PRO E 153 19.15 -67.23 1.01
C PRO E 153 18.16 -68.25 1.60
N GLU E 154 17.39 -67.82 2.58
CA GLU E 154 16.33 -68.65 3.16
C GLU E 154 15.10 -68.63 2.26
N PRO E 155 14.16 -69.56 2.47
CA PRO E 155 14.17 -70.68 3.41
C PRO E 155 14.40 -72.03 2.71
N VAL E 156 14.13 -73.12 3.42
CA VAL E 156 14.26 -74.46 2.86
C VAL E 156 13.11 -75.36 3.34
N THR E 157 13.03 -76.55 2.75
CA THR E 157 11.99 -77.52 3.10
C THR E 157 12.61 -78.86 3.45
N LEU E 158 12.58 -79.22 4.73
CA LEU E 158 13.11 -80.49 5.20
C LEU E 158 11.99 -81.46 5.55
N THR E 159 12.00 -82.61 4.91
CA THR E 159 11.03 -83.67 5.19
C THR E 159 11.75 -85.01 5.32
N TRP E 160 11.04 -86.02 5.83
CA TRP E 160 11.60 -87.35 6.01
C TRP E 160 10.84 -88.36 5.15
N ASN E 161 11.56 -89.02 4.25
CA ASN E 161 10.95 -89.90 3.26
C ASN E 161 9.88 -89.17 2.45
N SER E 162 10.25 -88.00 1.95
CA SER E 162 9.37 -87.21 1.09
C SER E 162 8.07 -86.82 1.77
N GLY E 163 8.16 -86.44 3.04
CA GLY E 163 7.01 -85.92 3.77
C GLY E 163 6.08 -86.98 4.31
N SER E 164 6.54 -88.22 4.38
CA SER E 164 5.72 -89.31 4.90
C SER E 164 5.48 -89.14 6.40
N LEU E 165 6.56 -89.19 7.17
CA LEU E 165 6.48 -89.06 8.62
C LEU E 165 6.71 -87.62 9.05
N SER E 166 5.78 -87.08 9.84
CA SER E 166 5.87 -85.73 10.35
C SER E 166 5.69 -85.69 11.86
N SER E 167 4.95 -86.68 12.39
CA SER E 167 4.72 -86.77 13.82
C SER E 167 6.00 -87.16 14.55
N GLY E 168 6.61 -86.19 15.22
CA GLY E 168 7.85 -86.41 15.95
C GLY E 168 9.06 -85.89 15.19
N VAL E 169 8.83 -84.88 14.36
CA VAL E 169 9.90 -84.27 13.55
C VAL E 169 10.17 -82.85 14.03
N HIS E 170 11.21 -82.70 14.86
CA HIS E 170 11.59 -81.40 15.41
C HIS E 170 12.60 -80.69 14.51
N THR E 171 12.10 -80.00 13.49
CA THR E 171 12.95 -79.22 12.59
C THR E 171 13.29 -77.88 13.22
N PHE E 172 14.57 -77.64 13.44
CA PHE E 172 15.03 -76.43 14.11
C PHE E 172 15.14 -75.24 13.16
N PRO E 173 14.90 -74.01 13.67
CA PRO E 173 15.07 -72.83 12.82
C PRO E 173 16.52 -72.64 12.36
N ALA E 174 16.70 -72.05 11.18
CA ALA E 174 18.03 -71.83 10.63
C ALA E 174 18.80 -70.79 11.45
N VAL E 175 20.12 -70.93 11.45
CA VAL E 175 21.01 -70.00 12.15
C VAL E 175 22.05 -69.45 11.19
N LEU E 176 22.24 -68.14 11.19
CA LEU E 176 23.15 -67.50 10.25
C LEU E 176 24.56 -67.33 10.83
N GLN E 177 25.53 -67.97 10.17
CA GLN E 177 26.93 -67.87 10.54
C GLN E 177 27.80 -67.66 9.31
N SER E 178 28.59 -66.58 9.32
CA SER E 178 29.48 -66.27 8.21
C SER E 178 28.71 -66.12 6.90
N ASP E 179 27.61 -65.38 6.95
CA ASP E 179 26.79 -65.06 5.79
C ASP E 179 26.15 -66.29 5.14
N LEU E 180 26.17 -67.43 5.84
CA LEU E 180 25.52 -68.65 5.36
C LEU E 180 24.74 -69.33 6.48
N TYR E 181 23.62 -69.94 6.14
CA TYR E 181 22.72 -70.53 7.14
C TYR E 181 23.06 -71.99 7.42
N THR E 182 22.54 -72.49 8.55
CA THR E 182 22.72 -73.88 8.95
C THR E 182 21.47 -74.39 9.67
N LEU E 183 20.70 -75.22 8.98
CA LEU E 183 19.46 -75.78 9.53
C LEU E 183 19.63 -77.25 9.87
N SER E 184 18.97 -77.69 10.94
CA SER E 184 19.03 -79.08 11.37
C SER E 184 17.65 -79.59 11.78
N SER E 185 17.47 -80.90 11.68
CA SER E 185 16.21 -81.54 12.06
C SER E 185 16.49 -82.91 12.69
N SER E 186 15.46 -83.49 13.30
CA SER E 186 15.60 -84.78 13.95
C SER E 186 14.26 -85.52 13.98
N VAL E 187 14.33 -86.86 13.97
CA VAL E 187 13.15 -87.71 14.01
C VAL E 187 13.41 -88.89 14.95
N THR E 188 12.35 -89.36 15.61
CA THR E 188 12.47 -90.45 16.57
C THR E 188 11.48 -91.57 16.25
N VAL E 189 11.97 -92.81 16.35
CA VAL E 189 11.15 -94.00 16.13
C VAL E 189 11.57 -95.11 17.09
N THR E 190 10.80 -96.19 17.10
CA THR E 190 11.11 -97.33 17.96
C THR E 190 12.25 -98.17 17.38
N SER E 191 12.74 -99.12 18.17
CA SER E 191 13.83 -99.98 17.72
C SER E 191 13.38 -100.92 16.60
N SER E 192 12.08 -101.12 16.49
CA SER E 192 11.51 -101.98 15.45
C SER E 192 11.13 -101.16 14.22
N THR E 193 11.87 -100.09 13.97
CA THR E 193 11.65 -99.23 12.81
C THR E 193 12.95 -99.03 12.04
N TRP E 194 14.07 -99.07 12.75
CA TRP E 194 15.39 -98.97 12.14
C TRP E 194 16.39 -99.86 12.88
N PRO E 195 17.31 -100.51 12.16
CA PRO E 195 17.46 -100.56 10.70
C PRO E 195 16.68 -101.73 10.08
N SER E 196 15.37 -101.75 10.31
CA SER E 196 14.49 -102.75 9.73
C SER E 196 13.78 -102.21 8.50
N GLN E 197 13.76 -100.88 8.37
CA GLN E 197 13.13 -100.21 7.24
C GLN E 197 14.01 -99.08 6.73
N SER E 198 14.13 -98.98 5.41
CA SER E 198 14.94 -97.93 4.80
C SER E 198 14.33 -96.56 5.06
N ILE E 199 15.18 -95.60 5.42
CA ILE E 199 14.75 -94.23 5.72
C ILE E 199 15.71 -93.23 5.09
N THR E 200 15.14 -92.16 4.52
CA THR E 200 15.92 -91.12 3.86
C THR E 200 15.44 -89.73 4.28
N CYS E 201 16.38 -88.80 4.35
CA CYS E 201 16.08 -87.42 4.74
C CYS E 201 16.06 -86.50 3.52
N ASN E 202 14.87 -86.07 3.11
CA ASN E 202 14.71 -85.20 1.96
C ASN E 202 15.02 -83.73 2.29
N VAL E 203 15.57 -83.02 1.31
CA VAL E 203 15.89 -81.60 1.46
C VAL E 203 15.62 -80.88 0.15
N ALA E 204 15.19 -79.63 0.24
CA ALA E 204 14.91 -78.82 -0.94
C ALA E 204 15.24 -77.35 -0.69
N HIS E 205 15.72 -76.68 -1.72
CA HIS E 205 16.10 -75.27 -1.64
C HIS E 205 15.62 -74.52 -2.89
N PRO E 206 14.39 -73.99 -2.85
CA PRO E 206 13.77 -73.31 -4.00
C PRO E 206 14.64 -72.21 -4.63
N ALA E 207 15.54 -71.62 -3.86
CA ALA E 207 16.37 -70.53 -4.36
C ALA E 207 17.29 -71.02 -5.49
N SER E 208 17.97 -72.15 -5.25
CA SER E 208 18.85 -72.73 -6.25
C SER E 208 18.18 -73.89 -6.99
N SER E 209 16.91 -74.13 -6.68
CA SER E 209 16.13 -75.16 -7.37
C SER E 209 16.77 -76.54 -7.29
N THR E 210 17.16 -76.95 -6.08
CA THR E 210 17.79 -78.24 -5.86
C THR E 210 16.94 -79.11 -4.92
N LYS E 211 16.99 -80.42 -5.14
CA LYS E 211 16.19 -81.38 -4.36
C LYS E 211 16.99 -82.63 -4.02
N VAL E 212 18.15 -82.44 -3.39
CA VAL E 212 19.03 -83.56 -3.03
C VAL E 212 18.62 -84.16 -1.69
N ASP E 213 18.89 -85.45 -1.51
CA ASP E 213 18.60 -86.15 -0.27
C ASP E 213 19.70 -87.17 0.04
N LYS E 214 19.78 -87.56 1.31
CA LYS E 214 20.80 -88.53 1.76
C LYS E 214 20.18 -89.61 2.64
N LYS E 215 20.50 -90.87 2.32
CA LYS E 215 19.97 -92.01 3.06
C LYS E 215 20.79 -92.28 4.32
N ILE E 216 20.11 -92.34 5.46
CA ILE E 216 20.77 -92.61 6.74
C ILE E 216 21.27 -94.06 6.77
N GLU E 217 22.46 -94.26 7.31
CA GLU E 217 23.09 -95.59 7.36
C GLU E 217 23.58 -95.92 8.76
N PRO E 218 23.46 -97.19 9.19
CA PRO E 218 23.99 -97.56 10.51
C PRO E 218 25.52 -97.53 10.54
N ARG E 219 26.08 -97.33 11.74
CA ARG E 219 27.53 -97.31 11.92
C ARG E 219 28.01 -98.65 12.48
N ASP F 1 16.04 -40.20 26.28
CA ASP F 1 14.78 -40.90 25.92
C ASP F 1 14.19 -41.61 27.14
N ILE F 2 12.93 -42.01 27.02
CA ILE F 2 12.23 -42.71 28.10
C ILE F 2 12.49 -44.21 28.02
N LEU F 3 12.70 -44.84 29.17
CA LEU F 3 12.93 -46.28 29.25
C LEU F 3 11.69 -47.01 29.76
N MET F 4 11.29 -48.06 29.06
CA MET F 4 10.12 -48.84 29.42
C MET F 4 10.52 -50.23 29.92
N THR F 5 10.42 -50.44 31.22
CA THR F 5 10.72 -51.72 31.84
C THR F 5 9.47 -52.60 31.85
N GLN F 6 9.54 -53.74 31.16
CA GLN F 6 8.41 -54.67 31.08
C GLN F 6 8.78 -56.02 31.70
N SER F 7 8.05 -56.39 32.75
CA SER F 7 8.29 -57.65 33.45
C SER F 7 6.99 -58.39 33.69
N PRO F 8 7.04 -59.74 33.79
CA PRO F 8 8.24 -60.56 33.64
C PRO F 8 8.64 -60.75 32.19
N SER F 9 9.87 -61.18 31.94
CA SER F 9 10.34 -61.46 30.59
C SER F 9 9.54 -62.61 29.99
N SER F 10 9.09 -63.51 30.85
CA SER F 10 8.30 -64.66 30.43
C SER F 10 7.58 -65.29 31.62
N MET F 11 6.44 -65.92 31.37
CA MET F 11 5.69 -66.61 32.40
C MET F 11 5.06 -67.88 31.87
N SER F 12 5.10 -68.94 32.67
CA SER F 12 4.47 -70.21 32.31
C SER F 12 3.12 -70.33 33.01
N VAL F 13 2.05 -70.31 32.22
CA VAL F 13 0.69 -70.34 32.76
C VAL F 13 -0.19 -71.29 31.96
N SER F 14 -1.47 -71.39 32.35
CA SER F 14 -2.40 -72.32 31.71
C SER F 14 -3.71 -71.63 31.31
N LEU F 15 -4.58 -72.38 30.65
CA LEU F 15 -5.86 -71.88 30.21
C LEU F 15 -6.79 -71.59 31.40
N GLY F 16 -7.54 -70.50 31.29
CA GLY F 16 -8.48 -70.13 32.34
C GLY F 16 -7.85 -69.31 33.45
N ASP F 17 -6.53 -69.13 33.37
CA ASP F 17 -5.80 -68.37 34.39
C ASP F 17 -5.99 -66.87 34.20
N THR F 18 -5.91 -66.13 35.29
CA THR F 18 -6.01 -64.67 35.26
C THR F 18 -4.66 -64.05 35.59
N VAL F 19 -3.95 -63.59 34.56
CA VAL F 19 -2.59 -63.08 34.70
C VAL F 19 -2.53 -61.56 34.54
N SER F 20 -1.37 -60.99 34.82
CA SER F 20 -1.19 -59.54 34.70
C SER F 20 0.28 -59.18 34.40
N ILE F 21 0.48 -58.47 33.31
CA ILE F 21 1.79 -57.94 32.94
C ILE F 21 1.90 -56.50 33.40
N THR F 22 3.07 -56.12 33.92
CA THR F 22 3.32 -54.77 34.40
C THR F 22 4.29 -54.03 33.48
N CYS F 23 4.23 -52.71 33.52
CA CYS F 23 5.14 -51.87 32.75
C CYS F 23 5.55 -50.65 33.57
N HIS F 24 6.86 -50.37 33.59
CA HIS F 24 7.40 -49.27 34.38
C HIS F 24 8.21 -48.31 33.53
N ALA F 25 7.77 -47.06 33.48
CA ALA F 25 8.48 -46.01 32.76
C ALA F 25 9.42 -45.28 33.71
N SER F 26 10.54 -44.78 33.17
CA SER F 26 11.52 -44.06 33.98
C SER F 26 10.94 -42.76 34.54
N GLN F 27 9.80 -42.33 34.00
CA GLN F 27 9.14 -41.12 34.45
C GLN F 27 7.64 -41.23 34.21
N GLY F 28 6.88 -40.35 34.84
CA GLY F 28 5.43 -40.33 34.66
C GLY F 28 5.07 -40.02 33.21
N ILE F 29 4.11 -40.76 32.68
CA ILE F 29 3.68 -40.60 31.29
C ILE F 29 2.19 -40.26 31.18
N SER F 30 1.51 -40.23 32.32
CA SER F 30 0.11 -39.82 32.39
C SER F 30 -0.79 -40.61 31.45
N SER F 31 -0.75 -41.94 31.58
CA SER F 31 -1.64 -42.85 30.85
C SER F 31 -1.42 -42.84 29.34
N ASN F 32 -0.38 -42.15 28.87
CA ASN F 32 -0.05 -42.15 27.45
C ASN F 32 0.73 -43.40 27.08
N ILE F 33 0.03 -44.53 27.06
CA ILE F 33 0.66 -45.83 26.84
C ILE F 33 -0.24 -46.74 26.01
N GLY F 34 0.37 -47.63 25.24
CA GLY F 34 -0.35 -48.59 24.43
C GLY F 34 0.13 -50.00 24.72
N TRP F 35 -0.72 -50.98 24.45
CA TRP F 35 -0.38 -52.39 24.62
C TRP F 35 -0.56 -53.13 23.30
N LEU F 36 0.34 -54.06 23.01
CA LEU F 36 0.38 -54.75 21.73
C LEU F 36 0.41 -56.27 21.89
N GLN F 37 0.04 -56.96 20.83
CA GLN F 37 0.08 -58.42 20.78
C GLN F 37 0.75 -58.88 19.48
N GLN F 38 1.50 -59.97 19.55
CA GLN F 38 2.09 -60.56 18.36
C GLN F 38 2.01 -62.08 18.43
N LYS F 39 1.02 -62.65 17.75
CA LYS F 39 0.84 -64.09 17.71
C LYS F 39 2.00 -64.74 16.97
N PRO F 40 2.32 -66.01 17.31
CA PRO F 40 3.46 -66.71 16.71
C PRO F 40 3.49 -66.66 15.19
N GLY F 41 4.50 -65.97 14.64
CA GLY F 41 4.68 -65.90 13.20
C GLY F 41 3.90 -64.79 12.53
N LYS F 42 2.85 -64.32 13.20
CA LYS F 42 1.96 -63.31 12.64
C LYS F 42 2.43 -61.89 13.00
N SER F 43 1.76 -60.90 12.45
CA SER F 43 2.11 -59.50 12.68
C SER F 43 1.52 -59.00 14.00
N PHE F 44 1.49 -57.69 14.17
CA PHE F 44 1.02 -57.08 15.41
C PHE F 44 -0.46 -56.71 15.36
N MET F 45 -1.08 -56.65 16.53
CA MET F 45 -2.47 -56.22 16.66
C MET F 45 -2.60 -55.32 17.89
N GLY F 46 -3.42 -54.28 17.78
CA GLY F 46 -3.61 -53.34 18.86
C GLY F 46 -4.56 -53.86 19.93
N LEU F 47 -4.18 -53.67 21.19
CA LEU F 47 -5.01 -54.08 22.32
C LEU F 47 -5.55 -52.88 23.09
N ILE F 48 -4.65 -51.99 23.50
CA ILE F 48 -5.00 -50.85 24.33
C ILE F 48 -4.38 -49.57 23.77
N TYR F 49 -5.08 -48.45 23.95
CA TYR F 49 -4.52 -47.13 23.70
C TYR F 49 -4.93 -46.18 24.82
N TYR F 50 -4.01 -45.29 25.19
CA TYR F 50 -4.23 -44.35 26.29
C TYR F 50 -4.61 -45.06 27.59
N GLY F 51 -3.90 -46.15 27.89
CA GLY F 51 -3.98 -46.77 29.20
C GLY F 51 -5.08 -47.80 29.42
N THR F 52 -6.33 -47.39 29.22
CA THR F 52 -7.48 -48.21 29.63
C THR F 52 -8.45 -48.54 28.49
N ASN F 53 -8.32 -47.84 27.36
CA ASN F 53 -9.28 -47.97 26.28
C ASN F 53 -8.95 -49.11 25.31
N LEU F 54 -9.89 -50.05 25.17
CA LEU F 54 -9.74 -51.17 24.25
C LEU F 54 -9.81 -50.72 22.80
N VAL F 55 -9.02 -51.36 21.94
CA VAL F 55 -9.14 -51.16 20.50
C VAL F 55 -10.41 -51.85 20.02
N ASP F 56 -11.01 -51.34 18.95
CA ASP F 56 -12.23 -51.93 18.41
C ASP F 56 -11.98 -53.34 17.92
N GLY F 57 -12.73 -54.30 18.45
CA GLY F 57 -12.62 -55.70 18.06
C GLY F 57 -11.95 -56.56 19.11
N VAL F 58 -11.28 -55.92 20.06
CA VAL F 58 -10.58 -56.64 21.13
C VAL F 58 -11.59 -57.22 22.13
N PRO F 59 -11.48 -58.52 22.47
CA PRO F 59 -12.37 -59.11 23.47
C PRO F 59 -12.33 -58.36 24.80
N SER F 60 -13.45 -58.39 25.53
CA SER F 60 -13.58 -57.61 26.76
C SER F 60 -12.84 -58.24 27.95
N ARG F 61 -12.21 -59.39 27.73
CA ARG F 61 -11.45 -60.04 28.79
C ARG F 61 -10.13 -59.32 29.03
N PHE F 62 -9.69 -58.56 28.05
CA PHE F 62 -8.50 -57.72 28.19
C PHE F 62 -8.85 -56.45 28.97
N SER F 63 -7.87 -55.88 29.67
CA SER F 63 -8.08 -54.67 30.44
C SER F 63 -6.76 -54.03 30.87
N GLY F 64 -6.67 -52.71 30.70
CA GLY F 64 -5.50 -51.95 31.09
C GLY F 64 -5.79 -51.08 32.29
N SER F 65 -4.74 -50.76 33.05
CA SER F 65 -4.89 -49.97 34.26
C SER F 65 -3.57 -49.33 34.69
N GLY F 66 -3.61 -48.60 35.79
CA GLY F 66 -2.43 -47.96 36.35
C GLY F 66 -2.38 -46.47 36.05
N SER F 67 -1.40 -45.79 36.63
CA SER F 67 -1.22 -44.36 36.43
C SER F 67 0.20 -43.93 36.77
N GLY F 68 0.53 -42.68 36.48
CA GLY F 68 1.87 -42.16 36.75
C GLY F 68 2.92 -42.83 35.90
N ALA F 69 3.72 -43.68 36.53
CA ALA F 69 4.81 -44.39 35.85
C ALA F 69 4.73 -45.89 36.07
N ASP F 70 3.57 -46.37 36.51
CA ASP F 70 3.34 -47.80 36.71
C ASP F 70 1.99 -48.21 36.13
N TYR F 71 2.03 -49.10 35.15
CA TYR F 71 0.83 -49.54 34.44
C TYR F 71 0.79 -51.06 34.32
N SER F 72 -0.38 -51.59 34.00
CA SER F 72 -0.56 -53.04 33.95
C SER F 72 -1.61 -53.47 32.93
N LEU F 73 -1.27 -54.50 32.16
CA LEU F 73 -2.22 -55.17 31.28
C LEU F 73 -2.72 -56.43 31.98
N THR F 74 -3.98 -56.80 31.73
CA THR F 74 -4.60 -57.92 32.42
C THR F 74 -5.50 -58.73 31.50
N ILE F 75 -5.35 -60.05 31.55
CA ILE F 75 -6.19 -60.96 30.77
C ILE F 75 -6.90 -61.94 31.69
N SER F 76 -8.22 -61.85 31.74
CA SER F 76 -9.03 -62.77 32.56
C SER F 76 -9.46 -63.97 31.73
N SER F 77 -9.25 -65.16 32.29
CA SER F 77 -9.60 -66.41 31.62
C SER F 77 -8.92 -66.52 30.27
N LEU F 78 -7.65 -66.94 30.28
CA LEU F 78 -6.85 -67.06 29.07
C LEU F 78 -7.47 -68.02 28.04
N ASP F 79 -7.21 -67.74 26.77
CA ASP F 79 -7.67 -68.59 25.67
C ASP F 79 -6.45 -69.08 24.87
N SER F 80 -6.65 -70.12 24.08
CA SER F 80 -5.57 -70.73 23.31
C SER F 80 -4.90 -69.73 22.37
N GLU F 81 -5.64 -68.70 21.96
CA GLU F 81 -5.11 -67.68 21.06
C GLU F 81 -4.24 -66.68 21.80
N ASP F 82 -4.47 -66.53 23.09
CA ASP F 82 -3.78 -65.50 23.88
C ASP F 82 -2.31 -65.84 24.13
N PHE F 83 -1.93 -67.09 23.89
CA PHE F 83 -0.54 -67.49 24.06
C PHE F 83 0.33 -66.88 22.99
N ALA F 84 0.77 -65.64 23.22
CA ALA F 84 1.54 -64.89 22.26
C ALA F 84 2.48 -63.90 22.95
N ASP F 85 3.17 -63.08 22.16
CA ASP F 85 4.05 -62.04 22.69
C ASP F 85 3.26 -60.77 22.95
N TYR F 86 3.70 -60.00 23.94
CA TYR F 86 3.04 -58.73 24.29
C TYR F 86 4.07 -57.65 24.59
N TYR F 87 3.78 -56.43 24.16
CA TYR F 87 4.68 -55.29 24.37
C TYR F 87 3.90 -54.04 24.77
N CYS F 88 4.54 -53.21 25.60
CA CYS F 88 3.99 -51.91 25.95
C CYS F 88 4.75 -50.82 25.20
N VAL F 89 4.04 -49.76 24.82
CA VAL F 89 4.64 -48.64 24.10
C VAL F 89 4.14 -47.32 24.65
N GLN F 90 5.05 -46.39 24.88
CA GLN F 90 4.71 -45.05 25.35
C GLN F 90 4.80 -44.06 24.19
N TYR F 91 3.88 -43.10 24.17
CA TYR F 91 3.92 -42.00 23.21
C TYR F 91 3.70 -40.67 23.93
N ALA F 92 4.23 -40.58 25.14
CA ALA F 92 4.19 -39.33 25.90
C ALA F 92 5.25 -38.36 25.39
N GLN F 93 6.41 -38.89 25.02
CA GLN F 93 7.49 -38.11 24.45
C GLN F 93 8.02 -38.74 23.18
N LEU F 94 8.62 -37.92 22.32
CA LEU F 94 9.41 -38.41 21.21
C LEU F 94 10.85 -38.54 21.67
N PRO F 95 11.55 -39.62 21.27
CA PRO F 95 11.08 -40.72 20.42
C PRO F 95 10.19 -41.69 21.17
N TYR F 96 9.28 -42.35 20.47
CA TYR F 96 8.49 -43.42 21.07
C TYR F 96 9.43 -44.55 21.46
N THR F 97 9.09 -45.26 22.53
CA THR F 97 9.92 -46.36 23.02
C THR F 97 9.05 -47.54 23.48
N PHE F 98 9.57 -48.74 23.27
CA PHE F 98 8.83 -49.97 23.56
C PHE F 98 9.40 -50.69 24.78
N GLY F 99 8.63 -51.64 25.30
CA GLY F 99 9.07 -52.44 26.43
C GLY F 99 9.90 -53.63 25.97
N GLY F 100 10.58 -54.26 26.92
CA GLY F 100 11.43 -55.41 26.61
C GLY F 100 10.65 -56.57 26.02
N GLY F 101 9.38 -56.66 26.39
CA GLY F 101 8.51 -57.70 25.87
C GLY F 101 8.19 -58.77 26.91
N THR F 102 7.11 -59.51 26.66
CA THR F 102 6.69 -60.60 27.54
C THR F 102 6.18 -61.76 26.70
N LYS F 103 6.55 -62.97 27.09
CA LYS F 103 6.16 -64.17 26.35
C LYS F 103 5.41 -65.15 27.25
N LEU F 104 4.12 -65.32 26.95
CA LEU F 104 3.29 -66.29 27.68
C LEU F 104 3.53 -67.69 27.14
N GLU F 105 3.68 -68.64 28.06
CA GLU F 105 3.96 -70.03 27.71
C GLU F 105 3.01 -70.97 28.44
N ILE F 106 2.82 -72.17 27.90
CA ILE F 106 1.91 -73.14 28.49
C ILE F 106 2.61 -73.92 29.61
N LYS F 107 2.05 -73.83 30.83
CA LYS F 107 2.59 -74.52 31.98
C LYS F 107 2.29 -76.02 31.89
N ARG F 108 3.23 -76.84 32.34
CA ARG F 108 3.06 -78.28 32.34
C ARG F 108 4.07 -78.94 33.29
N ALA F 109 4.03 -80.27 33.33
CA ALA F 109 4.95 -81.03 34.18
C ALA F 109 6.37 -80.92 33.64
N ASP F 110 7.34 -80.95 34.54
CA ASP F 110 8.75 -80.88 34.16
C ASP F 110 9.16 -82.17 33.45
N ALA F 111 9.93 -82.02 32.38
CA ALA F 111 10.38 -83.16 31.59
C ALA F 111 11.87 -83.09 31.32
N ALA F 112 12.56 -84.21 31.49
CA ALA F 112 13.99 -84.28 31.25
C ALA F 112 14.28 -84.36 29.75
N PRO F 113 15.44 -83.86 29.31
CA PRO F 113 15.77 -83.83 27.89
C PRO F 113 16.31 -85.16 27.35
N THR F 114 15.99 -85.45 26.10
CA THR F 114 16.48 -86.67 25.43
C THR F 114 17.76 -86.34 24.66
N VAL F 115 18.90 -86.47 25.33
CA VAL F 115 20.18 -86.14 24.72
C VAL F 115 20.56 -87.20 23.68
N SER F 116 21.12 -86.76 22.56
CA SER F 116 21.52 -87.65 21.48
C SER F 116 22.66 -87.07 20.68
N ILE F 117 23.87 -87.60 20.88
CA ILE F 117 25.05 -87.12 20.17
C ILE F 117 25.23 -87.85 18.84
N PHE F 118 25.82 -87.16 17.87
CA PHE F 118 26.03 -87.72 16.54
C PHE F 118 27.33 -87.21 15.93
N PRO F 119 28.29 -88.12 15.64
CA PRO F 119 29.57 -87.68 15.06
C PRO F 119 29.43 -87.26 13.60
N PRO F 120 30.51 -86.72 13.00
CA PRO F 120 30.48 -86.27 11.61
C PRO F 120 30.20 -87.39 10.62
N SER F 121 29.52 -87.06 9.52
CA SER F 121 29.24 -88.03 8.48
C SER F 121 30.46 -88.25 7.60
N SER F 122 30.35 -89.19 6.66
CA SER F 122 31.45 -89.48 5.75
C SER F 122 31.48 -88.45 4.62
N GLU F 123 30.31 -87.99 4.21
CA GLU F 123 30.21 -87.01 3.13
C GLU F 123 30.73 -85.64 3.57
N GLN F 124 30.81 -85.44 4.88
CA GLN F 124 31.28 -84.17 5.43
C GLN F 124 32.79 -84.19 5.64
N LEU F 125 33.31 -85.33 6.09
CA LEU F 125 34.75 -85.48 6.30
C LEU F 125 35.52 -85.50 4.99
N THR F 126 34.79 -85.62 3.87
CA THR F 126 35.42 -85.61 2.56
C THR F 126 35.65 -84.19 2.05
N SER F 127 34.77 -83.28 2.43
CA SER F 127 34.85 -81.89 1.98
C SER F 127 35.73 -81.04 2.89
N GLY F 128 36.61 -81.68 3.64
CA GLY F 128 37.53 -80.98 4.51
C GLY F 128 36.81 -80.20 5.61
N GLY F 129 35.92 -80.88 6.32
CA GLY F 129 35.17 -80.26 7.40
C GLY F 129 34.66 -81.30 8.39
N ALA F 130 34.11 -80.83 9.50
CA ALA F 130 33.58 -81.72 10.53
C ALA F 130 32.63 -80.98 11.45
N SER F 131 31.53 -81.65 11.82
CA SER F 131 30.53 -81.06 12.71
C SER F 131 29.86 -82.13 13.57
N VAL F 132 30.01 -81.99 14.88
CA VAL F 132 29.37 -82.88 15.85
C VAL F 132 28.07 -82.26 16.34
N VAL F 133 26.97 -82.99 16.17
CA VAL F 133 25.65 -82.51 16.54
C VAL F 133 25.16 -83.18 17.82
N CYS F 134 24.34 -82.47 18.57
CA CYS F 134 23.81 -82.97 19.84
C CYS F 134 22.38 -82.45 20.05
N PHE F 135 21.40 -83.33 19.86
CA PHE F 135 19.99 -82.95 19.97
C PHE F 135 19.45 -83.18 21.38
N LEU F 136 18.72 -82.19 21.89
CA LEU F 136 18.08 -82.27 23.20
C LEU F 136 16.57 -82.07 23.03
N ASN F 137 15.87 -83.13 22.63
CA ASN F 137 14.46 -83.04 22.27
C ASN F 137 13.51 -83.17 23.45
N ASN F 138 12.34 -82.55 23.32
CA ASN F 138 11.22 -82.74 24.24
C ASN F 138 11.58 -82.59 25.72
N PHE F 139 11.66 -81.34 26.19
CA PHE F 139 11.92 -81.08 27.60
C PHE F 139 11.14 -79.86 28.09
N TYR F 140 11.14 -79.67 29.42
CA TYR F 140 10.47 -78.54 30.03
C TYR F 140 10.96 -78.35 31.46
N PRO F 141 11.19 -77.09 31.88
CA PRO F 141 11.04 -75.81 31.16
C PRO F 141 12.09 -75.59 30.09
N LYS F 142 12.03 -74.43 29.44
CA LYS F 142 12.92 -74.10 28.33
C LYS F 142 14.36 -73.85 28.77
N ASP F 143 14.53 -73.48 30.04
CA ASP F 143 15.85 -73.17 30.58
C ASP F 143 16.77 -74.37 30.53
N ILE F 144 17.90 -74.23 29.83
CA ILE F 144 18.85 -75.32 29.67
C ILE F 144 20.20 -74.80 29.19
N ASN F 145 21.27 -75.46 29.63
CA ASN F 145 22.63 -75.11 29.24
C ASN F 145 23.39 -76.32 28.68
N VAL F 146 23.84 -76.20 27.43
CA VAL F 146 24.66 -77.24 26.82
C VAL F 146 26.13 -76.88 26.98
N LYS F 147 26.95 -77.90 27.23
CA LYS F 147 28.39 -77.71 27.44
C LYS F 147 29.19 -78.76 26.69
N TRP F 148 30.24 -78.33 26.01
CA TRP F 148 31.10 -79.22 25.24
C TRP F 148 32.46 -79.39 25.91
N LYS F 149 32.96 -80.62 25.91
CA LYS F 149 34.28 -80.91 26.48
C LYS F 149 35.08 -81.86 25.59
N ILE F 150 36.12 -81.33 24.96
CA ILE F 150 37.05 -82.16 24.19
C ILE F 150 38.12 -82.70 25.11
N ASP F 151 38.01 -83.98 25.46
CA ASP F 151 38.92 -84.62 26.39
C ASP F 151 38.93 -83.91 27.74
N GLY F 152 37.74 -83.60 28.24
CA GLY F 152 37.59 -82.94 29.53
C GLY F 152 37.68 -81.44 29.45
N SER F 153 38.52 -80.95 28.55
CA SER F 153 38.72 -79.50 28.38
C SER F 153 37.51 -78.85 27.72
N GLU F 154 36.97 -77.83 28.38
CA GLU F 154 35.77 -77.15 27.91
C GLU F 154 35.95 -76.55 26.51
N ARG F 155 34.84 -76.31 25.83
CA ARG F 155 34.85 -75.76 24.48
C ARG F 155 33.74 -74.72 24.30
N GLN F 156 34.13 -73.51 23.90
CA GLN F 156 33.19 -72.41 23.68
C GLN F 156 33.33 -71.84 22.27
N ASN F 157 34.14 -72.50 21.44
CA ASN F 157 34.48 -71.97 20.12
C ASN F 157 33.73 -72.68 18.99
N GLY F 158 33.15 -71.88 18.09
CA GLY F 158 32.51 -72.40 16.90
C GLY F 158 31.23 -73.16 17.18
N VAL F 159 30.52 -72.76 18.23
CA VAL F 159 29.26 -73.41 18.60
C VAL F 159 28.07 -72.70 17.96
N LEU F 160 27.16 -73.48 17.41
CA LEU F 160 25.93 -72.95 16.80
C LEU F 160 24.71 -73.61 17.41
N ASN F 161 23.96 -72.83 18.20
CA ASN F 161 22.78 -73.33 18.89
C ASN F 161 21.49 -72.79 18.30
N SER F 162 20.48 -73.65 18.22
CA SER F 162 19.16 -73.27 17.69
C SER F 162 18.04 -73.83 18.57
N TRP F 163 17.09 -72.97 18.92
CA TRP F 163 15.96 -73.36 19.75
C TRP F 163 14.65 -73.37 18.97
N THR F 164 13.87 -74.43 19.13
CA THR F 164 12.52 -74.48 18.58
C THR F 164 11.55 -73.84 19.56
N ASP F 165 10.45 -73.31 19.05
CA ASP F 165 9.42 -72.74 19.89
C ASP F 165 8.71 -73.85 20.66
N GLN F 166 7.80 -73.48 21.55
CA GLN F 166 7.06 -74.47 22.32
C GLN F 166 6.20 -75.31 21.37
N ASP F 167 6.49 -76.61 21.33
CA ASP F 167 5.83 -77.51 20.39
C ASP F 167 4.33 -77.58 20.63
N SER F 168 3.56 -77.28 19.59
CA SER F 168 2.10 -77.27 19.68
C SER F 168 1.55 -78.66 20.01
N LYS F 169 2.35 -79.68 19.76
CA LYS F 169 1.94 -81.07 19.98
C LYS F 169 1.83 -81.38 21.47
N ASP F 170 2.95 -81.29 22.17
CA ASP F 170 3.02 -81.69 23.58
C ASP F 170 3.58 -80.58 24.48
N SER F 171 3.69 -79.37 23.94
CA SER F 171 4.15 -78.22 24.72
C SER F 171 5.55 -78.44 25.28
N THR F 172 6.45 -78.96 24.46
CA THR F 172 7.83 -79.20 24.87
C THR F 172 8.80 -78.41 23.98
N TYR F 173 9.94 -78.05 24.55
CA TYR F 173 10.99 -77.38 23.82
C TYR F 173 12.07 -78.37 23.40
N SER F 174 12.77 -78.06 22.32
CA SER F 174 13.91 -78.86 21.88
C SER F 174 15.09 -77.95 21.55
N MET F 175 16.27 -78.52 21.46
CA MET F 175 17.49 -77.74 21.23
C MET F 175 18.48 -78.49 20.35
N SER F 176 19.11 -77.75 19.44
CA SER F 176 20.15 -78.28 18.56
C SER F 176 21.46 -77.53 18.79
N SER F 177 22.57 -78.24 18.67
CA SER F 177 23.89 -77.65 18.88
C SER F 177 24.89 -78.24 17.90
N THR F 178 25.69 -77.38 17.27
CA THR F 178 26.64 -77.80 16.24
C THR F 178 28.03 -77.24 16.50
N LEU F 179 28.95 -78.10 16.92
CA LEU F 179 30.34 -77.74 17.12
C LEU F 179 31.14 -77.99 15.84
N THR F 180 31.44 -76.92 15.12
CA THR F 180 32.09 -77.01 13.81
C THR F 180 33.58 -76.69 13.86
N LEU F 181 34.35 -77.38 13.02
CA LEU F 181 35.77 -77.09 12.85
C LEU F 181 36.32 -77.81 11.63
N THR F 182 37.61 -77.66 11.37
CA THR F 182 38.24 -78.23 10.18
C THR F 182 38.61 -79.71 10.40
N LYS F 183 38.59 -80.47 9.31
CA LYS F 183 38.91 -81.90 9.33
C LYS F 183 40.23 -82.18 10.05
N ASP F 184 41.20 -81.31 9.83
CA ASP F 184 42.54 -81.50 10.38
C ASP F 184 42.53 -81.40 11.91
N GLU F 185 41.68 -80.52 12.44
CA GLU F 185 41.61 -80.31 13.89
C GLU F 185 40.77 -81.39 14.56
N TYR F 186 39.81 -81.95 13.83
CA TYR F 186 38.98 -83.03 14.36
C TYR F 186 39.83 -84.26 14.62
N GLU F 187 40.83 -84.47 13.76
CA GLU F 187 41.72 -85.63 13.88
C GLU F 187 42.87 -85.32 14.83
N ARG F 188 42.53 -84.77 15.99
CA ARG F 188 43.53 -84.43 17.01
C ARG F 188 43.16 -85.06 18.36
N HIS F 189 41.87 -85.32 18.55
CA HIS F 189 41.35 -85.81 19.82
C HIS F 189 40.44 -87.02 19.60
N ASN F 190 40.11 -87.71 20.69
CA ASN F 190 39.28 -88.92 20.62
C ASN F 190 37.94 -88.74 21.35
N SER F 191 38.01 -88.42 22.63
CA SER F 191 36.81 -88.33 23.47
C SER F 191 36.15 -86.95 23.35
N TYR F 192 34.92 -86.94 22.83
CA TYR F 192 34.13 -85.71 22.70
C TYR F 192 32.86 -85.82 23.53
N THR F 193 32.75 -84.96 24.53
CA THR F 193 31.62 -84.99 25.46
C THR F 193 30.57 -83.94 25.10
N CYS F 194 29.32 -84.21 25.49
CA CYS F 194 28.21 -83.30 25.23
C CYS F 194 27.28 -83.22 26.45
N GLU F 195 27.68 -82.42 27.43
CA GLU F 195 26.91 -82.31 28.68
C GLU F 195 25.62 -81.52 28.49
N ALA F 196 24.81 -81.48 29.55
CA ALA F 196 23.53 -80.77 29.51
C ALA F 196 22.96 -80.62 30.92
N THR F 197 22.83 -79.38 31.38
CA THR F 197 22.28 -79.08 32.70
C THR F 197 20.80 -78.73 32.62
N HIS F 198 20.00 -79.31 33.50
CA HIS F 198 18.57 -79.07 33.54
C HIS F 198 18.07 -79.13 34.98
N LYS F 199 16.85 -78.66 35.23
CA LYS F 199 16.32 -78.64 36.59
C LYS F 199 15.81 -80.01 37.02
N THR F 200 15.37 -80.81 36.06
CA THR F 200 14.86 -82.14 36.34
C THR F 200 15.98 -83.10 36.72
N SER F 201 17.21 -82.71 36.39
CA SER F 201 18.39 -83.54 36.68
C SER F 201 19.41 -82.78 37.54
N THR F 202 19.59 -83.23 38.77
CA THR F 202 20.58 -82.65 39.66
C THR F 202 21.98 -82.78 39.05
N SER F 203 22.18 -83.83 38.27
CA SER F 203 23.44 -84.07 37.59
C SER F 203 23.32 -83.77 36.09
N PRO F 204 24.42 -83.35 35.45
CA PRO F 204 24.40 -83.10 34.02
C PRO F 204 24.38 -84.39 33.20
N ILE F 205 23.45 -84.48 32.25
CA ILE F 205 23.36 -85.66 31.38
C ILE F 205 24.48 -85.62 30.37
N VAL F 206 25.08 -86.79 30.09
CA VAL F 206 26.30 -86.88 29.30
C VAL F 206 26.17 -87.86 28.13
N LYS F 207 26.85 -87.55 27.04
CA LYS F 207 26.97 -88.43 25.88
C LYS F 207 28.36 -88.28 25.26
N SER F 208 29.04 -89.41 25.07
CA SER F 208 30.41 -89.40 24.55
C SER F 208 30.64 -90.47 23.48
N PHE F 209 31.81 -90.42 22.86
CA PHE F 209 32.19 -91.38 21.83
C PHE F 209 33.67 -91.26 21.50
N ASN F 210 34.25 -92.32 20.95
CA ASN F 210 35.64 -92.28 20.47
C ASN F 210 35.69 -92.03 18.97
N ARG F 211 36.66 -91.22 18.55
CA ARG F 211 36.78 -90.84 17.14
C ARG F 211 37.06 -92.05 16.26
N ASN F 212 36.16 -92.29 15.31
CA ASN F 212 36.29 -93.40 14.36
C ASN F 212 36.51 -94.73 15.09
N GLU F 213 35.44 -95.23 15.71
CA GLU F 213 35.54 -96.44 16.52
C GLU F 213 35.54 -97.71 15.67
N CYS F 214 34.40 -98.00 15.04
CA CYS F 214 34.25 -99.21 14.24
C CYS F 214 35.24 -99.26 13.09
N GLU G 1 -5.22 36.69 -27.77
CA GLU G 1 -4.91 38.12 -27.49
C GLU G 1 -5.31 38.48 -26.07
N VAL G 2 -4.53 39.35 -25.44
CA VAL G 2 -4.76 39.74 -24.05
C VAL G 2 -5.76 40.89 -23.95
N GLN G 3 -6.83 40.67 -23.19
CA GLN G 3 -7.82 41.69 -22.93
C GLN G 3 -8.34 41.60 -21.49
N LEU G 4 -8.50 42.76 -20.85
CA LEU G 4 -8.99 42.84 -19.48
C LEU G 4 -10.39 43.46 -19.47
N GLN G 5 -11.39 42.62 -19.26
CA GLN G 5 -12.78 43.04 -19.32
C GLN G 5 -13.35 43.28 -17.92
N GLN G 6 -13.37 44.55 -17.51
CA GLN G 6 -13.85 44.93 -16.19
C GLN G 6 -15.37 44.98 -16.12
N SER G 7 -15.89 45.24 -14.93
CA SER G 7 -17.33 45.33 -14.72
C SER G 7 -17.89 46.63 -15.28
N GLY G 8 -19.22 46.72 -15.32
CA GLY G 8 -19.89 47.93 -15.78
C GLY G 8 -19.83 49.02 -14.74
N ALA G 9 -20.26 50.22 -15.11
CA ALA G 9 -20.25 51.35 -14.21
C ALA G 9 -21.16 51.11 -13.01
N GLU G 10 -20.67 51.48 -11.82
CA GLU G 10 -21.43 51.31 -10.59
C GLU G 10 -21.98 52.67 -10.12
N LEU G 11 -23.08 52.62 -9.39
CA LEU G 11 -23.71 53.83 -8.85
C LEU G 11 -24.26 53.54 -7.45
N VAL G 12 -23.51 53.97 -6.44
CA VAL G 12 -23.81 53.61 -5.06
C VAL G 12 -23.90 54.82 -4.14
N LYS G 13 -24.33 54.57 -2.90
CA LYS G 13 -24.47 55.61 -1.88
C LYS G 13 -23.24 55.63 -0.97
N PRO G 14 -23.00 56.76 -0.30
CA PRO G 14 -21.88 56.84 0.64
C PRO G 14 -22.09 55.95 1.88
N GLY G 15 -20.99 55.46 2.44
CA GLY G 15 -21.06 54.59 3.61
C GLY G 15 -21.18 53.12 3.23
N ALA G 16 -21.61 52.86 2.00
CA ALA G 16 -21.78 51.49 1.52
C ALA G 16 -20.46 50.94 1.02
N SER G 17 -20.51 49.74 0.43
CA SER G 17 -19.34 49.09 -0.14
C SER G 17 -19.65 48.56 -1.54
N VAL G 18 -18.61 48.45 -2.35
CA VAL G 18 -18.76 47.98 -3.73
C VAL G 18 -17.58 47.08 -4.09
N LYS G 19 -17.81 46.15 -5.02
CA LYS G 19 -16.79 45.19 -5.42
C LYS G 19 -16.71 45.10 -6.94
N LEU G 20 -15.65 45.64 -7.51
CA LEU G 20 -15.45 45.62 -8.96
C LEU G 20 -14.82 44.31 -9.40
N SER G 21 -14.74 44.09 -10.71
CA SER G 21 -14.15 42.87 -11.25
C SER G 21 -13.25 43.18 -12.44
N CYS G 22 -12.43 42.20 -12.80
CA CYS G 22 -11.53 42.32 -13.94
C CYS G 22 -11.23 40.93 -14.49
N THR G 23 -12.07 40.47 -15.42
CA THR G 23 -11.95 39.12 -15.96
C THR G 23 -10.89 39.05 -17.05
N ALA G 24 -10.04 38.03 -16.97
CA ALA G 24 -9.00 37.82 -17.98
C ALA G 24 -9.59 37.16 -19.22
N SER G 25 -9.01 37.47 -20.38
CA SER G 25 -9.48 36.94 -21.65
C SER G 25 -8.32 36.65 -22.59
N GLY G 26 -8.19 35.40 -23.01
CA GLY G 26 -7.11 34.99 -23.89
C GLY G 26 -5.85 34.63 -23.12
N PHE G 27 -5.97 34.53 -21.81
CA PHE G 27 -4.84 34.18 -20.95
C PHE G 27 -5.33 33.81 -19.56
N ASN G 28 -4.42 33.26 -18.74
CA ASN G 28 -4.74 32.89 -17.37
C ASN G 28 -4.41 34.04 -16.43
N ILE G 29 -5.36 34.39 -15.56
CA ILE G 29 -5.19 35.47 -14.61
C ILE G 29 -3.98 35.23 -13.69
N LYS G 30 -3.65 33.96 -13.50
CA LYS G 30 -2.65 33.55 -12.52
C LYS G 30 -1.21 33.83 -12.95
N ASP G 31 -1.02 34.11 -14.24
CA ASP G 31 0.32 34.24 -14.80
C ASP G 31 1.15 35.39 -14.22
N THR G 32 0.51 36.54 -14.03
CA THR G 32 1.21 37.76 -13.65
C THR G 32 0.58 38.47 -12.45
N TYR G 33 1.22 39.53 -11.99
CA TYR G 33 0.63 40.43 -11.01
C TYR G 33 -0.61 41.08 -11.61
N VAL G 34 -1.48 41.59 -10.74
CA VAL G 34 -2.64 42.35 -11.17
C VAL G 34 -2.78 43.59 -10.29
N HIS G 35 -2.50 44.75 -10.87
CA HIS G 35 -2.56 46.02 -10.15
C HIS G 35 -3.92 46.68 -10.34
N TRP G 36 -4.23 47.61 -9.44
CA TRP G 36 -5.42 48.46 -9.59
C TRP G 36 -4.99 49.92 -9.52
N VAL G 37 -5.53 50.74 -10.41
CA VAL G 37 -5.18 52.15 -10.50
C VAL G 37 -6.43 53.02 -10.46
N LYS G 38 -6.34 54.12 -9.71
CA LYS G 38 -7.43 55.07 -9.58
C LYS G 38 -7.12 56.34 -10.37
N GLN G 39 -8.10 56.84 -11.11
CA GLN G 39 -7.93 58.05 -11.92
C GLN G 39 -9.01 59.08 -11.65
N ARG G 40 -8.57 60.29 -11.32
CA ARG G 40 -9.47 61.44 -11.18
C ARG G 40 -8.97 62.59 -12.07
N PRO G 41 -9.88 63.47 -12.50
CA PRO G 41 -9.47 64.60 -13.35
C PRO G 41 -8.46 65.53 -12.69
N GLU G 42 -8.67 65.84 -11.42
CA GLU G 42 -7.80 66.75 -10.69
C GLU G 42 -6.57 66.03 -10.14
N GLN G 43 -6.81 65.03 -9.29
CA GLN G 43 -5.73 64.35 -8.59
C GLN G 43 -4.89 63.48 -9.52
N GLY G 44 -5.44 63.17 -10.69
CA GLY G 44 -4.74 62.38 -11.67
C GLY G 44 -4.73 60.90 -11.34
N LEU G 45 -3.64 60.22 -11.72
CA LEU G 45 -3.53 58.77 -11.53
C LEU G 45 -2.90 58.42 -10.18
N GLU G 46 -3.43 57.37 -9.56
CA GLU G 46 -2.92 56.88 -8.29
C GLU G 46 -2.90 55.35 -8.26
N TRP G 47 -1.85 54.80 -7.68
CA TRP G 47 -1.70 53.35 -7.57
C TRP G 47 -2.30 52.85 -6.26
N ILE G 48 -3.28 51.96 -6.36
CA ILE G 48 -3.93 51.39 -5.18
C ILE G 48 -3.08 50.27 -4.59
N GLY G 49 -2.97 49.17 -5.32
CA GLY G 49 -2.23 48.02 -4.85
C GLY G 49 -2.09 46.96 -5.93
N ARG G 50 -1.55 45.81 -5.55
CA ARG G 50 -1.39 44.69 -6.47
C ARG G 50 -1.74 43.38 -5.78
N ILE G 51 -1.85 42.32 -6.58
CA ILE G 51 -2.03 40.98 -6.06
C ILE G 51 -1.43 39.95 -7.00
N ASP G 52 -0.84 38.91 -6.44
CA ASP G 52 -0.40 37.76 -7.20
C ASP G 52 -1.47 36.67 -7.06
N PRO G 53 -2.30 36.49 -8.11
CA PRO G 53 -3.43 35.56 -7.99
C PRO G 53 -3.02 34.10 -7.79
N ALA G 54 -1.73 33.82 -7.92
CA ALA G 54 -1.23 32.46 -7.74
C ALA G 54 -1.21 32.04 -6.28
N ASN G 55 -1.18 33.01 -5.38
CA ASN G 55 -1.04 32.75 -3.94
C ASN G 55 -1.88 33.70 -3.08
N GLY G 56 -2.29 34.83 -3.65
CA GLY G 56 -3.20 35.74 -2.97
C GLY G 56 -2.51 36.83 -2.16
N TYR G 57 -1.19 36.89 -2.21
CA TYR G 57 -0.46 37.92 -1.49
C TYR G 57 -0.67 39.28 -2.15
N THR G 58 -0.83 40.31 -1.31
CA THR G 58 -1.15 41.65 -1.78
C THR G 58 -0.18 42.69 -1.26
N LYS G 59 -0.16 43.83 -1.95
CA LYS G 59 0.55 45.02 -1.50
C LYS G 59 -0.35 46.23 -1.73
N TYR G 60 -0.23 47.23 -0.87
CA TYR G 60 -1.07 48.44 -0.97
C TYR G 60 -0.27 49.71 -0.71
N ASP G 61 -0.70 50.79 -1.37
CA ASP G 61 -0.26 52.12 -0.98
C ASP G 61 -0.90 52.42 0.37
N PRO G 62 -0.10 52.88 1.36
CA PRO G 62 -0.68 53.13 2.69
C PRO G 62 -1.81 54.16 2.69
N LYS G 63 -2.03 54.83 1.57
CA LYS G 63 -3.15 55.76 1.43
C LYS G 63 -4.48 55.01 1.39
N PHE G 64 -4.47 53.82 0.79
CA PHE G 64 -5.69 53.05 0.59
C PHE G 64 -5.83 51.89 1.57
N GLN G 65 -4.95 51.83 2.57
CA GLN G 65 -5.05 50.81 3.59
C GLN G 65 -6.28 51.05 4.46
N GLY G 66 -7.29 50.21 4.28
CA GLY G 66 -8.55 50.34 5.00
C GLY G 66 -9.73 50.34 4.07
N LYS G 67 -9.62 51.10 2.97
CA LYS G 67 -10.69 51.20 1.98
C LYS G 67 -10.55 50.12 0.91
N ALA G 68 -9.35 49.98 0.36
CA ALA G 68 -9.11 49.05 -0.73
C ALA G 68 -8.78 47.65 -0.22
N THR G 69 -9.44 46.65 -0.80
CA THR G 69 -9.15 45.25 -0.52
C THR G 69 -9.16 44.46 -1.83
N ILE G 70 -7.98 44.05 -2.26
CA ILE G 70 -7.82 43.35 -3.54
C ILE G 70 -7.80 41.84 -3.34
N THR G 71 -8.53 41.13 -4.17
CA THR G 71 -8.64 39.67 -4.10
C THR G 71 -8.68 39.06 -5.50
N ALA G 72 -8.73 37.74 -5.57
CA ALA G 72 -8.77 37.04 -6.85
C ALA G 72 -9.25 35.60 -6.69
N ASP G 73 -10.00 35.13 -7.69
CA ASP G 73 -10.45 33.74 -7.75
C ASP G 73 -10.02 33.12 -9.07
N THR G 74 -8.96 32.33 -9.02
CA THR G 74 -8.38 31.72 -10.22
C THR G 74 -9.39 30.87 -10.98
N SER G 75 -10.42 30.39 -10.27
CA SER G 75 -11.45 29.57 -10.89
C SER G 75 -12.17 30.33 -12.00
N SER G 76 -12.70 31.51 -11.68
CA SER G 76 -13.43 32.32 -12.65
C SER G 76 -12.49 33.20 -13.47
N ASN G 77 -11.19 33.11 -13.18
CA ASN G 77 -10.18 33.88 -13.91
C ASN G 77 -10.39 35.38 -13.73
N THR G 78 -10.84 35.77 -12.54
CA THR G 78 -11.21 37.16 -12.26
C THR G 78 -10.46 37.72 -11.06
N ALA G 79 -10.22 39.03 -11.08
CA ALA G 79 -9.62 39.75 -9.96
C ALA G 79 -10.58 40.86 -9.51
N TYR G 80 -10.66 41.07 -8.19
CA TYR G 80 -11.65 41.99 -7.63
C TYR G 80 -11.00 43.12 -6.83
N LEU G 81 -11.70 44.25 -6.77
CA LEU G 81 -11.30 45.38 -5.94
C LEU G 81 -12.48 45.84 -5.08
N GLN G 82 -12.45 45.49 -3.80
CA GLN G 82 -13.50 45.89 -2.88
C GLN G 82 -13.18 47.26 -2.27
N LEU G 83 -14.19 48.12 -2.23
CA LEU G 83 -14.08 49.42 -1.60
C LEU G 83 -15.13 49.53 -0.49
N SER G 84 -14.73 50.11 0.64
CA SER G 84 -15.60 50.18 1.82
C SER G 84 -15.67 51.60 2.40
N SER G 85 -16.76 51.88 3.09
CA SER G 85 -16.99 53.20 3.69
C SER G 85 -16.79 54.31 2.66
N LEU G 86 -17.49 54.16 1.53
CA LEU G 86 -17.30 55.04 0.38
C LEU G 86 -17.60 56.50 0.69
N THR G 87 -16.99 57.39 -0.09
CA THR G 87 -17.17 58.83 0.08
C THR G 87 -17.20 59.52 -1.27
N SER G 88 -17.34 60.84 -1.27
CA SER G 88 -17.44 61.61 -2.50
C SER G 88 -16.09 61.64 -3.24
N GLU G 89 -15.00 61.50 -2.49
CA GLU G 89 -13.67 61.53 -3.09
C GLU G 89 -13.36 60.22 -3.81
N ASP G 90 -14.05 59.15 -3.43
CA ASP G 90 -13.88 57.86 -4.08
C ASP G 90 -14.50 57.86 -5.47
N THR G 91 -15.23 58.92 -5.81
CA THR G 91 -15.78 59.10 -7.14
C THR G 91 -14.63 59.20 -8.15
N ALA G 92 -14.46 58.16 -8.96
CA ALA G 92 -13.32 58.09 -9.88
C ALA G 92 -13.49 56.95 -10.87
N VAL G 93 -12.54 56.85 -11.80
CA VAL G 93 -12.47 55.73 -12.73
C VAL G 93 -11.37 54.78 -12.28
N TYR G 94 -11.67 53.49 -12.29
CA TYR G 94 -10.76 52.46 -11.77
C TYR G 94 -10.35 51.47 -12.85
N TYR G 95 -9.05 51.28 -13.01
CA TYR G 95 -8.50 50.37 -14.01
C TYR G 95 -7.71 49.23 -13.37
N CYS G 96 -7.81 48.05 -13.96
CA CYS G 96 -6.96 46.92 -13.59
C CYS G 96 -5.84 46.81 -14.61
N VAL G 97 -4.63 46.52 -14.13
CA VAL G 97 -3.44 46.54 -14.98
C VAL G 97 -2.53 45.35 -14.73
N ARG G 98 -1.97 44.80 -15.81
CA ARG G 98 -0.96 43.76 -15.74
C ARG G 98 0.19 44.08 -16.69
N PRO G 99 1.38 43.52 -16.43
CA PRO G 99 2.52 43.75 -17.32
C PRO G 99 2.51 42.86 -18.56
N LEU G 100 3.37 43.19 -19.53
CA LEU G 100 3.52 42.39 -20.74
C LEU G 100 4.57 41.31 -20.53
N TYR G 101 5.81 41.74 -20.29
CA TYR G 101 6.93 40.83 -20.08
C TYR G 101 7.58 41.08 -18.72
N ASP G 102 8.02 42.32 -18.50
CA ASP G 102 8.63 42.71 -17.23
C ASP G 102 7.69 42.41 -16.07
N TYR G 103 8.19 41.66 -15.09
CA TYR G 103 7.39 41.28 -13.92
C TYR G 103 6.76 42.48 -13.21
N TYR G 104 7.40 43.64 -13.32
CA TYR G 104 7.03 44.81 -12.51
C TYR G 104 6.38 45.94 -13.32
N ALA G 105 6.15 45.73 -14.60
CA ALA G 105 5.67 46.81 -15.47
C ALA G 105 4.16 46.99 -15.42
N MET G 106 3.66 47.96 -16.19
CA MET G 106 2.25 48.30 -16.24
C MET G 106 1.84 48.56 -17.69
N ASP G 107 1.51 47.49 -18.41
CA ASP G 107 1.40 47.56 -19.87
C ASP G 107 -0.02 47.38 -20.40
N TYR G 108 -0.70 46.32 -20.00
CA TYR G 108 -2.07 46.06 -20.45
C TYR G 108 -3.09 46.62 -19.48
N TRP G 109 -4.06 47.36 -20.01
CA TRP G 109 -5.08 48.01 -19.19
C TRP G 109 -6.49 47.61 -19.62
N GLY G 110 -7.37 47.42 -18.65
CA GLY G 110 -8.77 47.19 -18.93
C GLY G 110 -9.45 48.46 -19.37
N GLN G 111 -10.68 48.36 -19.86
CA GLN G 111 -11.39 49.54 -20.37
C GLN G 111 -11.70 50.53 -19.25
N GLY G 112 -11.79 50.03 -18.02
CA GLY G 112 -12.02 50.87 -16.87
C GLY G 112 -13.44 50.77 -16.34
N THR G 113 -13.61 51.09 -15.05
CA THR G 113 -14.91 51.06 -14.40
C THR G 113 -15.19 52.39 -13.72
N SER G 114 -16.26 53.06 -14.16
CA SER G 114 -16.66 54.35 -13.59
C SER G 114 -17.43 54.17 -12.29
N VAL G 115 -17.05 54.94 -11.28
CA VAL G 115 -17.71 54.90 -9.98
C VAL G 115 -18.21 56.29 -9.59
N THR G 116 -19.45 56.35 -9.12
CA THR G 116 -20.05 57.61 -8.68
C THR G 116 -20.76 57.41 -7.35
N VAL G 117 -20.28 58.11 -6.33
CA VAL G 117 -20.86 58.04 -4.99
C VAL G 117 -21.69 59.29 -4.72
N SER G 118 -22.99 59.09 -4.47
CA SER G 118 -23.91 60.20 -4.24
C SER G 118 -25.20 59.75 -3.56
N SER G 119 -25.73 60.61 -2.70
CA SER G 119 -27.01 60.35 -2.04
C SER G 119 -28.18 60.80 -2.92
N ALA G 120 -27.86 61.24 -4.13
CA ALA G 120 -28.87 61.77 -5.04
C ALA G 120 -29.83 60.69 -5.53
N LYS G 121 -31.12 60.94 -5.37
CA LYS G 121 -32.14 60.06 -5.90
C LYS G 121 -32.32 60.30 -7.40
N THR G 122 -32.95 59.35 -8.09
CA THR G 122 -33.16 59.47 -9.52
C THR G 122 -34.13 60.62 -9.82
N THR G 123 -33.57 61.75 -10.24
CA THR G 123 -34.34 62.95 -10.54
C THR G 123 -34.38 63.24 -12.04
N ALA G 124 -35.52 63.69 -12.53
CA ALA G 124 -35.66 64.04 -13.94
C ALA G 124 -35.17 65.46 -14.19
N PRO G 125 -34.60 65.70 -15.39
CA PRO G 125 -34.07 67.03 -15.72
C PRO G 125 -35.13 68.10 -15.91
N SER G 126 -34.79 69.33 -15.56
CA SER G 126 -35.63 70.49 -15.85
C SER G 126 -35.09 71.18 -17.11
N VAL G 127 -35.82 71.05 -18.22
CA VAL G 127 -35.38 71.59 -19.50
C VAL G 127 -35.91 72.99 -19.71
N TYR G 128 -35.00 73.93 -20.01
CA TYR G 128 -35.35 75.33 -20.20
C TYR G 128 -34.86 75.84 -21.54
N PRO G 129 -35.74 76.48 -22.33
CA PRO G 129 -35.31 77.03 -23.63
C PRO G 129 -34.51 78.32 -23.47
N LEU G 130 -33.58 78.57 -24.38
CA LEU G 130 -32.74 79.77 -24.32
C LEU G 130 -32.83 80.57 -25.62
N ALA G 131 -33.54 81.68 -25.57
CA ALA G 131 -33.69 82.58 -26.71
C ALA G 131 -32.87 83.85 -26.48
N PRO G 132 -32.33 84.45 -27.56
CA PRO G 132 -31.55 85.67 -27.41
C PRO G 132 -32.40 86.87 -27.03
N VAL G 133 -31.75 87.96 -26.61
CA VAL G 133 -32.46 89.16 -26.21
C VAL G 133 -32.69 90.05 -27.43
N CYS G 134 -33.70 90.92 -27.33
CA CYS G 134 -34.04 91.82 -28.42
C CYS G 134 -32.88 92.73 -28.79
N THR G 138 -29.94 90.31 -34.63
CA THR G 138 -29.42 91.58 -35.11
C THR G 138 -28.30 91.38 -36.14
N GLY G 139 -27.53 90.32 -35.95
CA GLY G 139 -26.42 90.02 -36.84
C GLY G 139 -26.79 89.00 -37.90
N SER G 140 -25.79 88.58 -38.68
CA SER G 140 -26.00 87.60 -39.74
C SER G 140 -26.10 86.19 -39.16
N SER G 141 -25.53 86.01 -37.97
CA SER G 141 -25.54 84.71 -37.30
C SER G 141 -26.28 84.79 -35.97
N VAL G 142 -27.12 83.78 -35.72
CA VAL G 142 -27.89 83.71 -34.48
C VAL G 142 -27.47 82.49 -33.67
N THR G 143 -27.56 82.59 -32.35
CA THR G 143 -27.21 81.49 -31.46
C THR G 143 -28.31 81.21 -30.45
N LEU G 144 -28.75 79.96 -30.39
CA LEU G 144 -29.75 79.53 -29.41
C LEU G 144 -29.09 78.59 -28.40
N GLY G 145 -29.90 78.06 -27.47
CA GLY G 145 -29.39 77.16 -26.46
C GLY G 145 -30.47 76.36 -25.75
N CYS G 146 -30.04 75.44 -24.90
CA CYS G 146 -30.95 74.61 -24.13
C CYS G 146 -30.29 74.13 -22.84
N LEU G 147 -30.85 74.53 -21.71
CA LEU G 147 -30.32 74.17 -20.40
C LEU G 147 -31.02 72.92 -19.86
N VAL G 148 -30.23 72.03 -19.27
CA VAL G 148 -30.75 70.81 -18.65
C VAL G 148 -30.23 70.76 -17.21
N LYS G 149 -31.10 71.08 -16.26
CA LYS G 149 -30.67 71.34 -14.88
C LYS G 149 -31.37 70.44 -13.86
N GLY G 150 -30.57 69.90 -12.94
CA GLY G 150 -31.09 69.16 -11.82
C GLY G 150 -31.53 67.74 -12.15
N TYR G 151 -30.65 66.98 -12.79
CA TYR G 151 -30.94 65.58 -13.10
C TYR G 151 -29.88 64.65 -12.53
N PHE G 152 -30.28 63.41 -12.29
CA PHE G 152 -29.37 62.40 -11.77
C PHE G 152 -29.97 61.00 -11.98
N PRO G 153 -29.16 60.01 -12.34
CA PRO G 153 -27.72 60.06 -12.65
C PRO G 153 -27.43 60.34 -14.12
N GLU G 154 -26.17 60.34 -14.49
CA GLU G 154 -25.78 60.46 -15.89
C GLU G 154 -26.13 59.18 -16.65
N PRO G 155 -26.15 59.24 -17.99
CA PRO G 155 -25.94 60.41 -18.86
C PRO G 155 -27.24 60.96 -19.42
N VAL G 156 -27.13 61.89 -20.37
CA VAL G 156 -28.28 62.43 -21.07
C VAL G 156 -27.93 62.66 -22.54
N THR G 157 -28.84 62.29 -23.43
CA THR G 157 -28.65 62.48 -24.86
C THR G 157 -29.41 63.71 -25.33
N LEU G 158 -28.69 64.65 -25.95
CA LEU G 158 -29.28 65.90 -26.40
C LEU G 158 -29.11 66.08 -27.91
N THR G 159 -30.18 66.48 -28.57
CA THR G 159 -30.16 66.71 -30.01
C THR G 159 -31.07 67.89 -30.36
N TRP G 160 -31.00 68.33 -31.61
CA TRP G 160 -31.83 69.42 -32.10
C TRP G 160 -32.66 68.97 -33.29
N ASN G 161 -33.98 69.24 -33.23
CA ASN G 161 -34.92 68.78 -34.24
C ASN G 161 -34.81 67.28 -34.46
N SER G 162 -34.58 66.56 -33.37
CA SER G 162 -34.51 65.09 -33.39
C SER G 162 -33.42 64.59 -34.34
N GLY G 163 -32.19 65.05 -34.11
CA GLY G 163 -31.05 64.56 -34.86
C GLY G 163 -30.84 65.24 -36.20
N SER G 164 -31.85 65.99 -36.65
CA SER G 164 -31.77 66.69 -37.93
C SER G 164 -30.62 67.70 -37.91
N LEU G 165 -30.79 68.77 -37.15
CA LEU G 165 -29.75 69.78 -37.00
C LEU G 165 -28.62 69.24 -36.13
N SER G 166 -27.47 68.97 -36.76
CA SER G 166 -26.34 68.34 -36.09
C SER G 166 -25.07 69.19 -36.18
N SER G 167 -24.86 69.81 -37.34
CA SER G 167 -23.66 70.61 -37.56
C SER G 167 -23.80 71.99 -36.94
N GLY G 168 -22.68 72.53 -36.43
CA GLY G 168 -22.68 73.83 -35.80
C GLY G 168 -23.30 73.77 -34.40
N VAL G 169 -23.01 72.69 -33.68
CA VAL G 169 -23.57 72.46 -32.36
C VAL G 169 -22.45 72.23 -31.34
N HIS G 170 -22.69 72.64 -30.10
CA HIS G 170 -21.74 72.45 -29.01
C HIS G 170 -22.45 72.00 -27.74
N THR G 171 -22.46 70.69 -27.50
CA THR G 171 -23.01 70.12 -26.28
C THR G 171 -21.91 69.97 -25.23
N PHE G 172 -22.01 70.73 -24.15
CA PHE G 172 -20.96 70.77 -23.14
C PHE G 172 -21.07 69.62 -22.14
N PRO G 173 -19.93 69.20 -21.56
CA PRO G 173 -19.96 68.14 -20.55
C PRO G 173 -20.82 68.50 -19.34
N ALA G 174 -21.43 67.49 -18.72
CA ALA G 174 -22.23 67.70 -17.52
C ALA G 174 -21.35 68.12 -16.35
N VAL G 175 -21.93 68.84 -15.41
CA VAL G 175 -21.22 69.28 -14.21
C VAL G 175 -22.08 69.03 -12.98
N LEU G 176 -21.43 68.63 -11.88
CA LEU G 176 -22.14 68.30 -10.65
C LEU G 176 -22.48 69.56 -9.85
N GLN G 177 -23.77 69.84 -9.73
CA GLN G 177 -24.27 70.98 -8.97
C GLN G 177 -25.11 70.52 -7.79
N SER G 178 -24.48 70.42 -6.63
CA SER G 178 -25.16 70.00 -5.40
C SER G 178 -25.87 68.66 -5.60
N ASP G 179 -25.07 67.61 -5.80
CA ASP G 179 -25.56 66.23 -5.95
C ASP G 179 -26.41 66.00 -7.20
N LEU G 180 -26.66 67.06 -7.98
CA LEU G 180 -27.44 66.94 -9.21
C LEU G 180 -26.64 67.49 -10.39
N TYR G 181 -26.84 66.92 -11.56
CA TYR G 181 -26.08 67.29 -12.74
C TYR G 181 -26.75 68.41 -13.54
N THR G 182 -25.92 69.23 -14.18
CA THR G 182 -26.38 70.31 -15.04
C THR G 182 -25.63 70.26 -16.37
N LEU G 183 -26.36 70.46 -17.46
CA LEU G 183 -25.78 70.38 -18.80
C LEU G 183 -26.39 71.43 -19.71
N SER G 184 -25.59 71.92 -20.64
CA SER G 184 -26.03 72.95 -21.57
C SER G 184 -25.52 72.66 -22.99
N SER G 185 -26.30 73.08 -23.98
CA SER G 185 -25.96 72.88 -25.38
C SER G 185 -26.34 74.11 -26.20
N SER G 186 -25.45 74.53 -27.10
CA SER G 186 -25.68 75.68 -27.95
C SER G 186 -25.72 75.28 -29.41
N VAL G 187 -26.23 76.17 -30.26
CA VAL G 187 -26.33 75.91 -31.69
C VAL G 187 -26.30 77.23 -32.46
N THR G 188 -25.70 77.21 -33.64
CA THR G 188 -25.53 78.42 -34.44
C THR G 188 -25.96 78.20 -35.90
N VAL G 189 -26.72 79.15 -36.42
CA VAL G 189 -27.15 79.15 -37.82
C VAL G 189 -27.22 80.58 -38.33
N THR G 190 -27.81 80.78 -39.50
CA THR G 190 -27.97 82.12 -40.06
C THR G 190 -29.24 82.76 -39.53
N SER G 191 -29.32 84.08 -39.63
CA SER G 191 -30.45 84.84 -39.13
C SER G 191 -31.74 84.51 -39.88
N SER G 192 -31.60 84.10 -41.14
CA SER G 192 -32.75 83.79 -41.98
C SER G 192 -33.42 82.48 -41.59
N THR G 193 -32.76 81.69 -40.74
CA THR G 193 -33.26 80.37 -40.35
C THR G 193 -34.21 80.45 -39.16
N TRP G 194 -33.96 81.38 -38.26
CA TRP G 194 -34.73 81.50 -37.02
C TRP G 194 -35.16 82.94 -36.79
N PRO G 195 -36.39 83.17 -36.29
CA PRO G 195 -37.45 82.19 -35.98
C PRO G 195 -38.22 81.70 -37.20
N SER G 196 -37.61 81.76 -38.38
CA SER G 196 -38.27 81.31 -39.60
C SER G 196 -38.60 79.82 -39.54
N GLN G 197 -37.62 79.02 -39.14
CA GLN G 197 -37.79 77.57 -39.04
C GLN G 197 -37.83 77.12 -37.58
N SER G 198 -38.72 76.17 -37.29
CA SER G 198 -38.89 75.68 -35.93
C SER G 198 -37.70 74.86 -35.46
N ILE G 199 -37.09 75.31 -34.36
CA ILE G 199 -35.98 74.58 -33.74
C ILE G 199 -36.40 74.07 -32.36
N THR G 200 -36.19 72.78 -32.14
CA THR G 200 -36.62 72.12 -30.89
C THR G 200 -35.42 71.51 -30.17
N CYS G 201 -35.50 71.46 -28.85
CA CYS G 201 -34.47 70.87 -28.01
C CYS G 201 -34.94 69.54 -27.44
N ASN G 202 -34.42 68.44 -27.97
CA ASN G 202 -34.80 67.10 -27.54
C ASN G 202 -33.86 66.54 -26.48
N VAL G 203 -34.37 66.38 -25.27
CA VAL G 203 -33.59 65.84 -24.15
C VAL G 203 -34.20 64.55 -23.63
N ALA G 204 -33.37 63.52 -23.51
CA ALA G 204 -33.80 62.22 -23.01
C ALA G 204 -32.97 61.81 -21.79
N HIS G 205 -33.67 61.37 -20.74
CA HIS G 205 -33.02 60.89 -19.52
C HIS G 205 -33.52 59.48 -19.20
N PRO G 206 -32.93 58.46 -19.86
CA PRO G 206 -33.36 57.06 -19.77
C PRO G 206 -33.53 56.54 -18.34
N ALA G 207 -32.81 57.11 -17.38
CA ALA G 207 -32.90 56.67 -15.99
C ALA G 207 -34.33 56.75 -15.47
N SER G 208 -34.88 57.96 -15.47
CA SER G 208 -36.28 58.17 -15.07
C SER G 208 -37.23 57.98 -16.24
N SER G 209 -36.66 57.65 -17.41
CA SER G 209 -37.44 57.44 -18.62
C SER G 209 -38.30 58.67 -18.95
N THR G 210 -37.64 59.75 -19.35
CA THR G 210 -38.31 60.99 -19.68
C THR G 210 -37.69 61.62 -20.93
N LYS G 211 -38.52 61.88 -21.93
CA LYS G 211 -38.08 62.52 -23.16
C LYS G 211 -38.88 63.79 -23.44
N VAL G 212 -38.52 64.86 -22.74
CA VAL G 212 -39.19 66.15 -22.89
C VAL G 212 -38.68 66.85 -24.16
N ASP G 213 -39.49 67.74 -24.71
CA ASP G 213 -39.11 68.52 -25.88
C ASP G 213 -39.60 69.96 -25.76
N LYS G 214 -38.64 70.89 -25.70
CA LYS G 214 -38.94 72.31 -25.58
C LYS G 214 -38.61 73.07 -26.86
N LYS G 215 -39.59 73.80 -27.39
CA LYS G 215 -39.38 74.63 -28.56
C LYS G 215 -38.87 76.00 -28.13
N ILE G 216 -37.85 76.50 -28.83
CA ILE G 216 -37.28 77.81 -28.51
C ILE G 216 -38.13 78.92 -29.12
N GLU G 217 -38.64 79.79 -28.26
CA GLU G 217 -39.48 80.91 -28.69
C GLU G 217 -38.79 82.24 -28.43
N PRO G 218 -38.90 83.20 -29.37
CA PRO G 218 -38.27 84.50 -29.16
C PRO G 218 -38.93 85.29 -28.03
N ARG G 219 -38.39 86.48 -27.74
CA ARG G 219 -38.89 87.31 -26.65
C ARG G 219 -39.54 88.58 -27.18
N ASP H 1 7.37 58.40 -0.45
CA ASP H 1 7.14 57.90 -1.84
C ASP H 1 7.99 58.66 -2.85
N ILE H 2 8.08 58.12 -4.06
CA ILE H 2 8.84 58.76 -5.14
C ILE H 2 7.93 59.65 -5.98
N LEU H 3 8.27 60.93 -6.07
CA LEU H 3 7.49 61.88 -6.86
C LEU H 3 7.90 61.83 -8.33
N MET H 4 6.94 62.05 -9.21
CA MET H 4 7.20 62.06 -10.65
C MET H 4 6.73 63.37 -11.27
N THR H 5 7.66 64.29 -11.48
CA THR H 5 7.35 65.57 -12.10
C THR H 5 7.42 65.45 -13.62
N GLN H 6 6.24 65.37 -14.24
CA GLN H 6 6.14 65.25 -15.69
C GLN H 6 5.92 66.63 -16.32
N SER H 7 6.68 66.93 -17.37
CA SER H 7 6.58 68.22 -18.04
C SER H 7 6.79 68.10 -19.55
N PRO H 8 6.14 68.97 -20.33
CA PRO H 8 5.20 70.02 -19.89
C PRO H 8 3.80 69.47 -19.61
N SER H 9 2.94 70.29 -19.02
CA SER H 9 1.57 69.88 -18.73
C SER H 9 0.76 69.76 -20.01
N SER H 10 1.16 70.51 -21.03
CA SER H 10 0.49 70.48 -22.32
C SER H 10 1.34 71.18 -23.38
N MET H 11 1.05 70.91 -24.65
CA MET H 11 1.77 71.55 -25.75
C MET H 11 0.91 71.61 -27.01
N SER H 12 0.98 72.73 -27.71
CA SER H 12 0.26 72.90 -28.96
C SER H 12 1.22 72.66 -30.13
N VAL H 13 0.98 71.57 -30.87
CA VAL H 13 1.85 71.17 -31.97
C VAL H 13 1.03 70.70 -33.17
N SER H 14 1.71 70.54 -34.31
CA SER H 14 1.06 70.14 -35.56
C SER H 14 1.52 68.77 -36.02
N LEU H 15 0.84 68.24 -37.02
CA LEU H 15 1.17 66.95 -37.61
C LEU H 15 2.57 66.97 -38.23
N GLY H 16 3.31 65.88 -38.06
CA GLY H 16 4.63 65.76 -38.65
C GLY H 16 5.73 66.31 -37.76
N ASP H 17 5.35 67.03 -36.71
CA ASP H 17 6.33 67.62 -35.80
C ASP H 17 6.97 66.55 -34.92
N THR H 18 8.19 66.81 -34.50
CA THR H 18 8.89 65.96 -33.54
C THR H 18 8.85 66.63 -32.17
N VAL H 19 8.37 65.90 -31.17
CA VAL H 19 8.18 66.45 -29.83
C VAL H 19 8.80 65.54 -28.77
N SER H 20 8.93 66.07 -27.56
CA SER H 20 9.55 65.33 -26.46
C SER H 20 8.94 65.66 -25.11
N ILE H 21 8.43 64.63 -24.43
CA ILE H 21 7.91 64.76 -23.07
C ILE H 21 8.96 64.26 -22.09
N THR H 22 9.14 64.98 -20.99
CA THR H 22 10.14 64.63 -19.98
C THR H 22 9.49 64.17 -18.68
N CYS H 23 10.29 63.55 -17.81
CA CYS H 23 9.82 63.09 -16.51
C CYS H 23 10.97 63.08 -15.52
N HIS H 24 10.80 63.77 -14.40
CA HIS H 24 11.83 63.89 -13.38
C HIS H 24 11.41 63.21 -12.07
N ALA H 25 12.25 62.28 -11.61
CA ALA H 25 11.98 61.55 -10.37
C ALA H 25 12.70 62.20 -9.19
N SER H 26 12.16 61.98 -7.99
CA SER H 26 12.74 62.54 -6.78
C SER H 26 14.03 61.83 -6.39
N GLN H 27 14.31 60.71 -7.05
CA GLN H 27 15.56 59.98 -6.85
C GLN H 27 15.81 59.05 -8.03
N GLY H 28 16.98 58.41 -8.05
CA GLY H 28 17.32 57.50 -9.12
C GLY H 28 16.36 56.32 -9.16
N ILE H 29 15.98 55.90 -10.37
CA ILE H 29 15.07 54.77 -10.54
C ILE H 29 15.58 53.77 -11.58
N SER H 30 16.81 53.98 -12.04
CA SER H 30 17.50 53.07 -12.96
C SER H 30 16.59 52.48 -14.05
N SER H 31 16.03 53.36 -14.88
CA SER H 31 15.29 52.96 -16.07
C SER H 31 14.00 52.18 -15.79
N ASN H 32 13.67 51.99 -14.52
CA ASN H 32 12.42 51.33 -14.16
C ASN H 32 11.24 52.28 -14.34
N ILE H 33 10.91 52.59 -15.58
CA ILE H 33 9.87 53.54 -15.90
C ILE H 33 9.06 53.07 -17.11
N GLY H 34 7.77 53.42 -17.13
CA GLY H 34 6.89 53.07 -18.23
C GLY H 34 6.13 54.28 -18.74
N TRP H 35 5.77 54.26 -20.01
CA TRP H 35 5.02 55.36 -20.63
C TRP H 35 3.66 54.86 -21.14
N LEU H 36 2.64 55.71 -20.97
CA LEU H 36 1.26 55.31 -21.26
C LEU H 36 0.57 56.29 -22.20
N GLN H 37 -0.52 55.84 -22.82
CA GLN H 37 -1.30 56.66 -23.74
C GLN H 37 -2.79 56.45 -23.51
N GLN H 38 -3.50 57.52 -23.18
CA GLN H 38 -4.95 57.49 -23.01
C GLN H 38 -5.62 58.39 -24.02
N LYS H 39 -6.19 57.79 -25.06
CA LYS H 39 -6.89 58.55 -26.09
C LYS H 39 -8.17 59.13 -25.49
N PRO H 40 -8.64 60.27 -26.03
CA PRO H 40 -9.79 60.98 -25.47
C PRO H 40 -11.01 60.09 -25.25
N GLY H 41 -11.45 60.00 -24.00
CA GLY H 41 -12.63 59.23 -23.65
C GLY H 41 -12.43 57.75 -23.90
N LYS H 42 -11.26 57.24 -23.55
CA LYS H 42 -10.94 55.83 -23.73
C LYS H 42 -9.98 55.37 -22.63
N SER H 43 -9.55 54.12 -22.73
CA SER H 43 -8.67 53.53 -21.73
C SER H 43 -7.21 53.81 -22.05
N PHE H 44 -6.31 53.15 -21.32
CA PHE H 44 -4.87 53.31 -21.51
C PHE H 44 -4.30 52.23 -22.40
N MET H 45 -3.24 52.57 -23.13
CA MET H 45 -2.46 51.60 -23.90
C MET H 45 -0.99 51.77 -23.58
N GLY H 46 -0.30 50.66 -23.34
CA GLY H 46 1.12 50.70 -23.03
C GLY H 46 1.96 51.15 -24.20
N LEU H 47 2.97 51.97 -23.93
CA LEU H 47 3.90 52.43 -24.96
C LEU H 47 5.30 51.88 -24.71
N ILE H 48 5.83 52.15 -23.52
CA ILE H 48 7.20 51.79 -23.18
C ILE H 48 7.23 51.07 -21.83
N TYR H 49 8.21 50.18 -21.66
CA TYR H 49 8.51 49.61 -20.36
C TYR H 49 10.03 49.50 -20.19
N TYR H 50 10.48 49.54 -18.94
CA TYR H 50 11.89 49.58 -18.61
C TYR H 50 12.65 50.63 -19.43
N GLY H 51 12.06 51.81 -19.54
CA GLY H 51 12.78 52.97 -20.05
C GLY H 51 12.81 53.12 -21.55
N THR H 52 13.09 52.03 -22.27
CA THR H 52 13.38 52.12 -23.70
C THR H 52 12.70 51.04 -24.56
N ASN H 53 12.08 50.06 -23.92
CA ASN H 53 11.52 48.92 -24.65
C ASN H 53 10.08 49.14 -25.10
N LEU H 54 9.88 49.09 -26.41
CA LEU H 54 8.55 49.25 -27.00
C LEU H 54 7.62 48.09 -26.64
N VAL H 55 6.40 48.42 -26.25
CA VAL H 55 5.36 47.44 -26.07
C VAL H 55 4.97 46.89 -27.44
N ASP H 56 4.55 45.63 -27.49
CA ASP H 56 4.16 45.01 -28.75
C ASP H 56 3.00 45.74 -29.40
N GLY H 57 3.08 45.91 -30.73
CA GLY H 57 2.03 46.57 -31.47
C GLY H 57 2.22 48.07 -31.58
N VAL H 58 3.21 48.60 -30.85
CA VAL H 58 3.48 50.04 -30.84
C VAL H 58 4.41 50.43 -31.99
N PRO H 59 4.05 51.47 -32.75
CA PRO H 59 4.93 51.93 -33.84
C PRO H 59 6.31 52.39 -33.37
N SER H 60 7.30 52.33 -34.25
CA SER H 60 8.67 52.64 -33.88
C SER H 60 8.95 54.15 -33.88
N ARG H 61 7.95 54.95 -34.24
CA ARG H 61 8.09 56.39 -34.20
C ARG H 61 8.12 56.88 -32.74
N PHE H 62 7.70 56.02 -31.83
CA PHE H 62 7.86 56.26 -30.40
C PHE H 62 9.23 55.79 -29.95
N SER H 63 9.79 56.43 -28.92
CA SER H 63 11.09 56.05 -28.40
C SER H 63 11.29 56.58 -26.98
N GLY H 64 11.84 55.73 -26.11
CA GLY H 64 12.13 56.10 -24.75
C GLY H 64 13.63 56.26 -24.54
N SER H 65 14.00 57.13 -23.61
CA SER H 65 15.41 57.40 -23.34
C SER H 65 15.58 58.01 -21.96
N GLY H 66 16.83 58.06 -21.49
CA GLY H 66 17.16 58.67 -20.22
C GLY H 66 17.82 57.70 -19.26
N SER H 67 18.17 58.22 -18.09
CA SER H 67 18.81 57.42 -17.05
C SER H 67 18.80 58.20 -15.74
N GLY H 68 19.21 57.56 -14.65
CA GLY H 68 19.22 58.20 -13.35
C GLY H 68 17.83 58.60 -12.90
N ALA H 69 17.53 59.89 -12.99
CA ALA H 69 16.24 60.41 -12.56
C ALA H 69 15.54 61.23 -13.65
N ASP H 70 16.20 61.36 -14.80
CA ASP H 70 15.64 62.10 -15.93
C ASP H 70 15.41 61.19 -17.13
N TYR H 71 14.16 61.14 -17.58
CA TYR H 71 13.77 60.29 -18.71
C TYR H 71 12.90 61.07 -19.68
N SER H 72 12.74 60.54 -20.89
CA SER H 72 12.02 61.25 -21.94
C SER H 72 11.30 60.31 -22.91
N LEU H 73 10.16 60.78 -23.40
CA LEU H 73 9.41 60.10 -24.46
C LEU H 73 9.39 60.99 -25.70
N THR H 74 9.85 60.44 -26.83
CA THR H 74 9.94 61.19 -28.07
C THR H 74 9.08 60.56 -29.16
N ILE H 75 8.35 61.40 -29.88
CA ILE H 75 7.48 60.96 -30.97
C ILE H 75 7.90 61.64 -32.27
N SER H 76 8.52 60.87 -33.16
CA SER H 76 8.96 61.39 -34.46
C SER H 76 7.81 61.38 -35.46
N SER H 77 7.60 62.52 -36.12
CA SER H 77 6.54 62.64 -37.13
C SER H 77 5.17 62.30 -36.54
N LEU H 78 4.55 63.29 -35.89
CA LEU H 78 3.27 63.09 -35.23
C LEU H 78 2.16 62.68 -36.20
N ASP H 79 1.42 61.64 -35.82
CA ASP H 79 0.27 61.19 -36.58
C ASP H 79 -1.00 61.76 -35.95
N SER H 80 -2.10 61.73 -36.71
CA SER H 80 -3.37 62.27 -36.22
C SER H 80 -3.89 61.53 -34.99
N GLU H 81 -3.48 60.27 -34.84
CA GLU H 81 -3.91 59.46 -33.71
C GLU H 81 -3.16 59.81 -32.43
N ASP H 82 -1.95 60.36 -32.59
CA ASP H 82 -1.07 60.59 -31.45
C ASP H 82 -1.56 61.69 -30.50
N PHE H 83 -2.53 62.47 -30.94
CA PHE H 83 -3.07 63.54 -30.11
C PHE H 83 -3.91 62.95 -28.98
N ALA H 84 -3.33 62.91 -27.79
CA ALA H 84 -3.97 62.30 -26.63
C ALA H 84 -3.20 62.63 -25.34
N ASP H 85 -3.60 61.98 -24.25
CA ASP H 85 -2.91 62.14 -22.97
C ASP H 85 -1.75 61.16 -22.85
N TYR H 86 -0.72 61.57 -22.13
CA TYR H 86 0.44 60.71 -21.86
C TYR H 86 0.87 60.82 -20.41
N TYR H 87 1.17 59.66 -19.80
CA TYR H 87 1.59 59.59 -18.42
C TYR H 87 2.83 58.70 -18.27
N CYS H 88 3.73 59.10 -17.38
CA CYS H 88 4.86 58.26 -17.00
C CYS H 88 4.57 57.58 -15.67
N VAL H 89 5.10 56.37 -15.50
CA VAL H 89 4.93 55.63 -14.25
C VAL H 89 6.24 54.94 -13.85
N GLN H 90 6.62 55.11 -12.59
CA GLN H 90 7.81 54.46 -12.07
C GLN H 90 7.43 53.23 -11.26
N TYR H 91 8.23 52.18 -11.38
CA TYR H 91 8.04 50.98 -10.56
C TYR H 91 9.36 50.52 -9.97
N ALA H 92 10.21 51.48 -9.64
CA ALA H 92 11.47 51.20 -8.95
C ALA H 92 11.19 50.84 -7.50
N GLN H 93 10.17 51.48 -6.93
CA GLN H 93 9.78 51.24 -5.54
C GLN H 93 8.26 51.16 -5.42
N LEU H 94 7.81 50.46 -4.38
CA LEU H 94 6.42 50.49 -3.98
C LEU H 94 6.24 51.61 -2.95
N PRO H 95 5.13 52.37 -3.05
CA PRO H 95 4.06 52.26 -4.04
C PRO H 95 4.46 52.85 -5.40
N TYR H 96 3.91 52.29 -6.48
CA TYR H 96 4.09 52.89 -7.80
C TYR H 96 3.48 54.29 -7.78
N THR H 97 4.07 55.20 -8.57
CA THR H 97 3.56 56.56 -8.67
C THR H 97 3.58 57.04 -10.12
N PHE H 98 2.67 57.95 -10.43
CA PHE H 98 2.50 58.43 -11.80
C PHE H 98 2.87 59.92 -11.91
N GLY H 99 3.00 60.39 -13.14
CA GLY H 99 3.25 61.80 -13.40
C GLY H 99 1.94 62.56 -13.50
N GLY H 100 2.04 63.88 -13.48
CA GLY H 100 0.86 64.73 -13.55
C GLY H 100 0.10 64.56 -14.85
N GLY H 101 0.80 64.15 -15.91
CA GLY H 101 0.20 63.92 -17.20
C GLY H 101 0.57 64.99 -18.22
N THR H 102 0.47 64.63 -19.50
CA THR H 102 0.75 65.55 -20.59
C THR H 102 -0.25 65.36 -21.72
N LYS H 103 -0.86 66.46 -22.17
CA LYS H 103 -1.87 66.42 -23.21
C LYS H 103 -1.38 67.09 -24.50
N LEU H 104 -1.37 66.33 -25.58
CA LEU H 104 -1.02 66.87 -26.90
C LEU H 104 -2.26 67.44 -27.57
N GLU H 105 -2.16 68.70 -28.00
CA GLU H 105 -3.29 69.41 -28.61
C GLU H 105 -2.92 69.92 -29.99
N ILE H 106 -3.91 69.98 -30.88
CA ILE H 106 -3.71 70.44 -32.24
C ILE H 106 -3.52 71.96 -32.27
N LYS H 107 -2.43 72.40 -32.87
CA LYS H 107 -2.13 73.83 -32.96
C LYS H 107 -2.81 74.46 -34.16
N ARG H 108 -3.15 75.74 -34.03
CA ARG H 108 -3.77 76.47 -35.13
C ARG H 108 -3.67 77.99 -34.90
N ALA H 109 -4.14 78.75 -35.87
CA ALA H 109 -4.14 80.22 -35.75
C ALA H 109 -5.10 80.65 -34.66
N ASP H 110 -4.79 81.76 -34.00
CA ASP H 110 -5.65 82.29 -32.95
C ASP H 110 -7.01 82.68 -33.52
N ALA H 111 -8.03 82.65 -32.66
CA ALA H 111 -9.39 82.97 -33.07
C ALA H 111 -10.20 83.48 -31.89
N ALA H 112 -10.84 84.63 -32.07
CA ALA H 112 -11.65 85.22 -31.02
C ALA H 112 -12.95 84.42 -30.82
N PRO H 113 -13.50 84.46 -29.59
CA PRO H 113 -14.73 83.72 -29.28
C PRO H 113 -16.00 84.45 -29.70
N THR H 114 -17.04 83.69 -30.03
CA THR H 114 -18.36 84.26 -30.33
C THR H 114 -19.23 84.18 -29.08
N VAL H 115 -19.36 85.29 -28.38
CA VAL H 115 -20.07 85.34 -27.10
C VAL H 115 -21.58 85.49 -27.33
N SER H 116 -22.35 84.84 -26.46
CA SER H 116 -23.81 84.93 -26.49
C SER H 116 -24.39 84.77 -25.10
N ILE H 117 -25.23 85.72 -24.69
CA ILE H 117 -25.84 85.69 -23.36
C ILE H 117 -27.33 85.40 -23.46
N PHE H 118 -27.85 84.67 -22.48
CA PHE H 118 -29.25 84.22 -22.49
C PHE H 118 -29.90 84.39 -21.12
N PRO H 119 -30.91 85.29 -21.02
CA PRO H 119 -31.58 85.44 -19.73
C PRO H 119 -32.40 84.22 -19.33
N PRO H 120 -32.90 84.18 -18.09
CA PRO H 120 -33.73 83.06 -17.61
C PRO H 120 -35.00 82.88 -18.44
N SER H 121 -35.32 81.62 -18.75
CA SER H 121 -36.54 81.31 -19.50
C SER H 121 -37.77 81.59 -18.65
N SER H 122 -38.92 81.68 -19.29
CA SER H 122 -40.17 81.91 -18.58
C SER H 122 -40.53 80.69 -17.73
N GLU H 123 -40.21 79.51 -18.24
CA GLU H 123 -40.50 78.26 -17.54
C GLU H 123 -39.75 78.19 -16.21
N GLN H 124 -38.47 78.52 -16.23
CA GLN H 124 -37.62 78.45 -15.05
C GLN H 124 -38.04 79.46 -14.00
N LEU H 125 -38.40 80.67 -14.45
CA LEU H 125 -38.76 81.74 -13.54
C LEU H 125 -40.03 81.42 -12.77
N THR H 126 -40.99 80.78 -13.43
CA THR H 126 -42.24 80.43 -12.78
C THR H 126 -42.09 79.24 -11.83
N SER H 127 -40.88 78.69 -11.76
CA SER H 127 -40.59 77.58 -10.86
C SER H 127 -39.81 78.05 -9.61
N GLY H 128 -39.32 79.28 -9.66
CA GLY H 128 -38.64 79.88 -8.52
C GLY H 128 -37.12 79.91 -8.65
N GLY H 129 -36.63 79.79 -9.87
CA GLY H 129 -35.20 79.82 -10.14
C GLY H 129 -34.87 80.83 -11.22
N ALA H 130 -33.60 81.19 -11.32
CA ALA H 130 -33.14 82.17 -12.30
C ALA H 130 -31.69 81.89 -12.72
N SER H 131 -31.53 81.40 -13.94
CA SER H 131 -30.19 81.06 -14.47
C SER H 131 -29.86 81.87 -15.72
N VAL H 132 -28.80 82.65 -15.65
CA VAL H 132 -28.26 83.35 -16.81
C VAL H 132 -27.15 82.52 -17.41
N VAL H 133 -27.22 82.29 -18.72
CA VAL H 133 -26.22 81.49 -19.43
C VAL H 133 -25.39 82.38 -20.35
N CYS H 134 -24.12 82.05 -20.46
CA CYS H 134 -23.20 82.81 -21.32
C CYS H 134 -22.27 81.86 -22.06
N PHE H 135 -22.53 81.67 -23.35
CA PHE H 135 -21.72 80.79 -24.19
C PHE H 135 -20.53 81.54 -24.79
N LEU H 136 -19.41 80.85 -24.90
CA LEU H 136 -18.21 81.39 -25.53
C LEU H 136 -17.65 80.35 -26.50
N ASN H 137 -18.08 80.42 -27.75
CA ASN H 137 -17.85 79.35 -28.72
C ASN H 137 -16.68 79.60 -29.67
N ASN H 138 -16.02 78.51 -30.05
CA ASN H 138 -14.99 78.51 -31.10
C ASN H 138 -13.91 79.56 -30.89
N PHE H 139 -12.93 79.24 -30.05
CA PHE H 139 -11.79 80.12 -29.81
C PHE H 139 -10.49 79.32 -29.66
N TYR H 140 -9.37 80.03 -29.78
CA TYR H 140 -8.05 79.43 -29.61
C TYR H 140 -7.06 80.53 -29.25
N PRO H 141 -6.15 80.26 -28.30
CA PRO H 141 -5.96 79.04 -27.53
C PRO H 141 -7.02 78.84 -26.45
N LYS H 142 -6.85 77.80 -25.63
CA LYS H 142 -7.84 77.42 -24.63
C LYS H 142 -7.86 78.36 -23.43
N ASP H 143 -6.73 79.04 -23.19
CA ASP H 143 -6.59 79.91 -22.03
C ASP H 143 -7.60 81.05 -22.06
N ILE H 144 -8.61 80.99 -21.20
CA ILE H 144 -9.66 81.99 -21.17
C ILE H 144 -10.18 82.21 -19.74
N ASN H 145 -10.66 83.42 -19.47
CA ASN H 145 -11.19 83.77 -18.15
C ASN H 145 -12.52 84.52 -18.28
N VAL H 146 -13.54 84.03 -17.58
CA VAL H 146 -14.86 84.65 -17.59
C VAL H 146 -15.12 85.36 -16.27
N LYS H 147 -15.88 86.44 -16.32
CA LYS H 147 -16.21 87.24 -15.14
C LYS H 147 -17.63 87.74 -15.22
N TRP H 148 -18.46 87.35 -14.25
CA TRP H 148 -19.85 87.78 -14.19
C TRP H 148 -19.99 89.09 -13.44
N LYS H 149 -20.83 89.98 -13.95
CA LYS H 149 -21.10 91.26 -13.30
C LYS H 149 -22.60 91.52 -13.17
N ILE H 150 -23.03 91.86 -11.96
CA ILE H 150 -24.40 92.27 -11.69
C ILE H 150 -24.40 93.75 -11.30
N ASP H 151 -25.05 94.57 -12.11
CA ASP H 151 -25.03 96.01 -11.96
C ASP H 151 -23.58 96.52 -11.95
N GLY H 152 -22.76 95.90 -12.78
CA GLY H 152 -21.38 96.34 -12.99
C GLY H 152 -20.41 95.86 -11.94
N SER H 153 -20.87 95.09 -10.97
CA SER H 153 -20.04 94.59 -9.88
C SER H 153 -19.81 93.09 -10.00
N GLU H 154 -18.57 92.66 -9.80
CA GLU H 154 -18.18 91.27 -9.95
C GLU H 154 -18.98 90.34 -9.05
N ARG H 155 -19.35 89.17 -9.58
CA ARG H 155 -20.08 88.16 -8.81
C ARG H 155 -19.42 86.80 -9.03
N GLN H 156 -19.01 86.17 -7.94
CA GLN H 156 -18.22 84.95 -7.99
C GLN H 156 -18.99 83.75 -7.43
N ASN H 157 -20.00 84.02 -6.61
CA ASN H 157 -20.79 82.96 -5.99
C ASN H 157 -21.94 82.51 -6.88
N GLY H 158 -22.06 81.20 -7.08
CA GLY H 158 -23.15 80.63 -7.86
C GLY H 158 -22.84 80.50 -9.34
N VAL H 159 -21.56 80.40 -9.66
CA VAL H 159 -21.13 80.25 -11.05
C VAL H 159 -20.78 78.79 -11.34
N LEU H 160 -21.07 78.35 -12.56
CA LEU H 160 -20.88 76.95 -12.95
C LEU H 160 -20.36 76.87 -14.38
N ASN H 161 -19.08 76.52 -14.51
CA ASN H 161 -18.40 76.51 -15.81
C ASN H 161 -18.26 75.12 -16.39
N SER H 162 -18.16 75.04 -17.71
CA SER H 162 -17.96 73.78 -18.42
C SER H 162 -17.30 74.01 -19.77
N TRP H 163 -16.26 73.23 -20.06
CA TRP H 163 -15.49 73.37 -21.29
C TRP H 163 -15.60 72.13 -22.16
N THR H 164 -15.46 72.33 -23.47
CA THR H 164 -15.39 71.22 -24.41
C THR H 164 -13.95 70.90 -24.73
N ASP H 165 -13.67 69.64 -25.03
CA ASP H 165 -12.36 69.26 -25.54
C ASP H 165 -12.22 69.85 -26.94
N GLN H 166 -10.99 69.88 -27.45
CA GLN H 166 -10.73 70.50 -28.75
C GLN H 166 -11.62 69.90 -29.84
N ASP H 167 -12.43 70.75 -30.45
CA ASP H 167 -13.37 70.31 -31.47
C ASP H 167 -12.66 69.64 -32.63
N SER H 168 -13.23 68.54 -33.11
CA SER H 168 -12.60 67.73 -34.15
C SER H 168 -12.52 68.45 -35.49
N LYS H 169 -13.45 69.36 -35.74
CA LYS H 169 -13.54 70.04 -37.03
C LYS H 169 -12.55 71.19 -37.16
N ASP H 170 -12.77 72.25 -36.40
CA ASP H 170 -11.98 73.48 -36.54
C ASP H 170 -10.85 73.59 -35.51
N SER H 171 -10.69 72.57 -34.69
CA SER H 171 -9.61 72.52 -33.69
C SER H 171 -9.67 73.70 -32.73
N THR H 172 -10.88 74.11 -32.37
CA THR H 172 -11.09 75.21 -31.41
C THR H 172 -11.66 74.66 -30.11
N TYR H 173 -11.83 75.56 -29.14
CA TYR H 173 -12.42 75.21 -27.86
C TYR H 173 -13.69 76.03 -27.63
N SER H 174 -14.50 75.59 -26.67
CA SER H 174 -15.72 76.31 -26.31
C SER H 174 -15.95 76.23 -24.81
N MET H 175 -16.76 77.15 -24.29
CA MET H 175 -17.01 77.23 -22.86
C MET H 175 -18.46 77.63 -22.57
N SER H 176 -18.96 77.19 -21.41
CA SER H 176 -20.32 77.51 -21.00
C SER H 176 -20.35 77.93 -19.52
N SER H 177 -20.54 79.23 -19.30
CA SER H 177 -20.61 79.77 -17.94
C SER H 177 -22.08 80.02 -17.55
N THR H 178 -22.46 79.50 -16.38
CA THR H 178 -23.84 79.58 -15.92
C THR H 178 -23.92 80.20 -14.52
N LEU H 179 -24.63 81.31 -14.41
CA LEU H 179 -24.87 81.98 -13.14
C LEU H 179 -26.29 81.68 -12.66
N THR H 180 -26.39 81.00 -11.52
CA THR H 180 -27.68 80.63 -10.95
C THR H 180 -27.98 81.44 -9.69
N LEU H 181 -29.15 82.07 -9.67
CA LEU H 181 -29.63 82.82 -8.52
C LEU H 181 -31.05 82.39 -8.19
N THR H 182 -31.58 82.87 -7.07
CA THR H 182 -32.98 82.66 -6.74
C THR H 182 -33.81 83.67 -7.52
N LYS H 183 -35.10 83.37 -7.68
CA LYS H 183 -36.00 84.28 -8.39
C LYS H 183 -36.07 85.62 -7.68
N ASP H 184 -36.10 85.58 -6.35
CA ASP H 184 -36.19 86.78 -5.54
C ASP H 184 -34.92 87.64 -5.65
N GLU H 185 -33.77 86.97 -5.73
CA GLU H 185 -32.48 87.66 -5.78
C GLU H 185 -32.16 88.15 -7.19
N TYR H 186 -32.78 87.52 -8.19
CA TYR H 186 -32.57 87.90 -9.58
C TYR H 186 -33.26 89.23 -9.91
N GLU H 187 -34.29 89.56 -9.13
CA GLU H 187 -35.10 90.75 -9.40
C GLU H 187 -34.66 91.96 -8.58
N ARG H 188 -33.74 91.76 -7.65
CA ARG H 188 -33.18 92.88 -6.88
C ARG H 188 -32.32 93.76 -7.78
N HIS H 189 -31.82 93.17 -8.87
CA HIS H 189 -30.92 93.87 -9.79
C HIS H 189 -31.52 93.96 -11.18
N ASN H 190 -30.84 94.68 -12.07
CA ASN H 190 -31.35 94.96 -13.40
C ASN H 190 -30.39 94.51 -14.51
N SER H 191 -29.12 94.87 -14.36
CA SER H 191 -28.11 94.59 -15.38
C SER H 191 -27.39 93.26 -15.12
N TYR H 192 -27.11 92.52 -16.20
CA TYR H 192 -26.39 91.26 -16.12
C TYR H 192 -25.40 91.13 -17.28
N THR H 193 -24.14 90.86 -16.95
CA THR H 193 -23.05 90.90 -17.92
C THR H 193 -22.06 89.75 -17.71
N CYS H 194 -21.39 89.36 -18.80
CA CYS H 194 -20.28 88.40 -18.73
C CYS H 194 -19.12 88.88 -19.60
N GLU H 195 -17.96 89.08 -18.97
CA GLU H 195 -16.77 89.57 -19.67
C GLU H 195 -15.83 88.43 -20.04
N ALA H 196 -15.42 88.39 -21.30
CA ALA H 196 -14.47 87.39 -21.79
C ALA H 196 -13.08 88.01 -21.93
N THR H 197 -12.09 87.35 -21.31
CA THR H 197 -10.71 87.82 -21.36
C THR H 197 -9.82 86.82 -22.09
N HIS H 198 -9.43 87.17 -23.31
CA HIS H 198 -8.64 86.29 -24.17
C HIS H 198 -7.37 87.02 -24.63
N LYS H 199 -6.42 86.27 -25.18
CA LYS H 199 -5.17 86.86 -25.66
C LYS H 199 -5.36 87.50 -27.03
N THR H 200 -6.52 87.28 -27.63
CA THR H 200 -6.83 87.82 -28.95
C THR H 200 -7.23 89.30 -28.88
N SER H 201 -7.55 89.77 -27.67
CA SER H 201 -7.97 91.15 -27.48
C SER H 201 -7.63 91.66 -26.09
N THR H 202 -6.97 92.81 -26.04
CA THR H 202 -6.64 93.45 -24.76
C THR H 202 -7.92 93.89 -24.07
N SER H 203 -8.81 94.50 -24.84
CA SER H 203 -10.12 94.91 -24.32
C SER H 203 -11.02 93.69 -24.19
N PRO H 204 -11.67 93.52 -23.02
CA PRO H 204 -12.53 92.34 -22.85
C PRO H 204 -13.77 92.37 -23.73
N ILE H 205 -14.15 91.21 -24.26
CA ILE H 205 -15.34 91.09 -25.09
C ILE H 205 -16.57 91.02 -24.18
N VAL H 206 -17.36 92.10 -24.18
CA VAL H 206 -18.49 92.21 -23.27
C VAL H 206 -19.82 91.95 -23.97
N LYS H 207 -20.71 91.24 -23.27
CA LYS H 207 -22.08 91.04 -23.72
C LYS H 207 -23.02 91.04 -22.53
N SER H 208 -24.13 91.76 -22.63
CA SER H 208 -25.04 91.94 -21.51
C SER H 208 -26.48 92.18 -21.96
N PHE H 209 -27.37 92.27 -20.97
CA PHE H 209 -28.77 92.55 -21.22
C PHE H 209 -29.37 93.20 -19.97
N ASN H 210 -30.53 93.83 -20.14
CA ASN H 210 -31.25 94.42 -19.02
C ASN H 210 -32.58 93.70 -18.80
N ARG H 211 -32.81 93.29 -17.55
CA ARG H 211 -34.04 92.59 -17.18
C ARG H 211 -35.26 93.48 -17.48
N ASN H 212 -36.39 92.83 -17.73
CA ASN H 212 -37.64 93.52 -18.08
C ASN H 212 -37.55 94.24 -19.43
N GLU H 213 -36.59 95.16 -19.56
CA GLU H 213 -36.41 95.87 -20.83
C GLU H 213 -36.00 94.92 -21.94
N CYS H 214 -36.56 95.12 -23.13
CA CYS H 214 -36.23 94.26 -24.26
C CYS H 214 -36.70 94.91 -25.57
N ALA I 1 10.98 19.87 2.94
CA ALA I 1 11.47 19.42 4.24
C ALA I 1 12.98 19.64 4.36
N GLY I 2 13.75 18.72 3.80
CA GLY I 2 15.20 18.81 3.82
C GLY I 2 15.82 18.18 5.05
N ASP I 3 16.92 18.77 5.51
CA ASP I 3 17.66 18.23 6.65
C ASP I 3 16.96 18.56 7.97
N VAL I 4 15.93 17.78 8.28
CA VAL I 4 15.12 18.02 9.49
C VAL I 4 14.62 16.71 10.07
N NH2 I 5 14.44 15.72 9.36
N ALA J 1 -3.93 -13.96 5.54
CA ALA J 1 -3.14 -12.73 5.53
C ALA J 1 -3.47 -11.86 6.74
N GLY J 2 -4.70 -11.38 6.80
CA GLY J 2 -5.15 -10.58 7.92
C GLY J 2 -4.63 -9.17 7.92
N ASP J 3 -4.19 -8.70 9.07
CA ASP J 3 -3.79 -7.30 9.18
C ASP J 3 -2.42 -7.02 8.57
N VAL J 4 -2.42 -6.84 7.26
CA VAL J 4 -1.19 -6.60 6.52
C VAL J 4 -1.43 -5.64 5.37
N NH2 J 5 -2.54 -5.51 4.86
C1 NAG K . 13.53 -2.72 -0.79
C2 NAG K . 12.53 -1.72 -1.36
C3 NAG K . 11.13 -2.34 -1.41
C4 NAG K . 11.17 -3.70 -2.12
C5 NAG K . 12.26 -4.58 -1.54
C6 NAG K . 12.43 -5.88 -2.31
C7 NAG K . 13.37 0.51 -0.74
C8 NAG K . 13.20 1.68 0.18
N2 NAG K . 12.51 -0.50 -0.55
O3 NAG K . 10.27 -1.46 -2.12
O4 NAG K . 9.92 -4.36 -1.94
O5 NAG K . 13.51 -3.90 -1.58
O6 NAG K . 12.63 -5.63 -3.69
O7 NAG K . 14.24 0.48 -1.60
H1 NAG K . 13.27 -2.95 0.13
H2 NAG K . 12.79 -1.50 -2.27
H3 NAG K . 10.80 -2.46 -0.51
H4 NAG K . 11.33 -3.56 -3.06
H5 NAG K . 12.04 -4.79 -0.60
H61 NAG K . 13.20 -6.36 -1.95
H62 NAG K . 11.63 -6.42 -2.19
H81 NAG K . 13.89 2.34 0.00
H82 NAG K . 13.27 1.39 1.11
H83 NAG K . 12.32 2.09 0.04
HN2 NAG K . 11.88 -0.42 0.10
HO3 NAG K . 9.54 -1.30 -1.62
HO6 NAG K . 12.71 -6.41 -4.12
C1 NAG K . 9.10 -4.46 -3.16
C2 NAG K . 8.06 -5.54 -2.95
C3 NAG K . 7.36 -5.83 -4.27
C4 NAG K . 6.81 -4.55 -4.89
C5 NAG K . 7.88 -3.45 -4.94
C6 NAG K . 7.30 -2.10 -5.31
C7 NAG K . 8.73 -6.99 -1.08
C8 NAG K . 9.39 -8.28 -0.69
N2 NAG K . 8.66 -6.74 -2.40
O3 NAG K . 6.30 -6.75 -4.04
O4 NAG K . 6.38 -4.81 -6.22
O5 NAG K . 8.48 -3.28 -3.65
O6 NAG K . 6.93 -1.37 -4.15
O7 NAG K . 8.31 -6.20 -0.26
H1 NAG K . 9.76 -4.77 -3.80
H2 NAG K . 7.40 -5.20 -2.32
H3 NAG K . 8.00 -6.24 -4.89
H4 NAG K . 6.05 -4.24 -4.36
H5 NAG K . 8.56 -3.69 -5.59
H61 NAG K . 6.50 -2.24 -5.87
H62 NAG K . 7.95 -1.59 -5.81
H81 NAG K . 9.43 -8.34 0.28
H82 NAG K . 10.29 -8.31 -1.06
H83 NAG K . 8.87 -9.03 -1.04
HN2 NAG K . 8.99 -7.36 -2.97
HO3 NAG K . 6.29 -7.37 -4.67
HO6 NAG K . 6.75 -0.53 -4.38
C1 BMA K . 4.98 -5.22 -6.40
C2 BMA K . 4.52 -4.72 -7.76
C3 BMA K . 3.03 -4.93 -7.85
C4 BMA K . 2.62 -6.39 -7.49
C5 BMA K . 3.41 -6.97 -6.27
C6 BMA K . 3.35 -8.48 -6.25
O2 BMA K . 5.13 -5.46 -8.80
O3 BMA K . 2.55 -4.62 -9.15
O4 BMA K . 1.23 -6.39 -7.16
O5 BMA K . 4.79 -6.60 -6.35
O6 BMA K . 3.97 -8.94 -5.04
H1 BMA K . 4.38 -4.74 -5.60
H2 BMA K . 4.77 -3.65 -7.85
H3 BMA K . 2.51 -4.25 -7.16
H4 BMA K . 2.82 -7.03 -8.35
H5 BMA K . 2.96 -6.59 -5.33
H61 BMA K . 3.85 -8.87 -7.14
H62 BMA K . 2.28 -8.76 -6.29
HO2 BMA K . 5.76 -4.86 -9.24
HO4 BMA K . 0.79 -6.73 -7.96
C1 MAN K . 1.81 -3.33 -9.25
C2 MAN K . 1.05 -3.48 -10.59
C3 MAN K . 2.04 -3.61 -11.76
C4 MAN K . 3.11 -2.49 -11.71
C5 MAN K . 3.80 -2.47 -10.34
C6 MAN K . 4.77 -1.30 -10.20
O2 MAN K . 0.29 -2.30 -10.87
O3 MAN K . 1.37 -3.58 -13.02
O4 MAN K . 4.09 -2.74 -12.71
O5 MAN K . 2.81 -2.34 -9.29
O6 MAN K . 5.46 -1.46 -8.96
H1 MAN K . 1.12 -2.99 -8.47
H2 MAN K . 0.42 -4.37 -10.55
H3 MAN K . 2.55 -4.57 -11.69
H4 MAN K . 2.62 -1.53 -11.87
H5 MAN K . 4.36 -3.40 -10.21
H61 MAN K . 4.19 -0.37 -10.23
H62 MAN K . 5.45 -1.32 -11.06
HO2 MAN K . -0.61 -2.43 -10.55
HO3 MAN K . 1.36 -4.50 -13.32
HO4 MAN K . 3.88 -2.12 -13.43
C1 MAN K . 3.35 -9.88 -4.21
C2 MAN K . 3.04 -8.99 -2.99
C3 MAN K . 4.22 -8.93 -2.00
C4 MAN K . 4.85 -10.33 -1.79
C5 MAN K . 5.18 -10.96 -3.15
C6 MAN K . 5.79 -12.35 -3.03
O2 MAN K . 1.93 -9.52 -2.24
O3 MAN K . 3.82 -8.38 -0.75
O4 MAN K . 6.05 -10.19 -1.04
O5 MAN K . 3.96 -11.09 -3.89
O6 MAN K . 6.89 -12.26 -2.14
H1 MAN K . 2.40 -10.19 -4.70
H2 MAN K . 2.81 -7.97 -3.34
H3 MAN K . 4.99 -8.27 -2.40
H4 MAN K . 4.13 -10.97 -1.27
H5 MAN K . 5.88 -10.32 -3.69
H61 MAN K . 5.02 -13.04 -2.66
H62 MAN K . 6.09 -12.67 -4.04
HO2 MAN K . 1.14 -9.01 -2.45
HO3 MAN K . 4.23 -7.51 -0.71
HO4 MAN K . 5.78 -10.28 -0.11
C1 NAG L . 30.78 -35.11 -0.11
C2 NAG L . 31.98 -36.03 -0.15
C3 NAG L . 31.70 -37.20 -1.08
C4 NAG L . 30.41 -37.90 -0.67
C5 NAG L . 29.27 -36.89 -0.57
C6 NAG L . 28.00 -37.50 -0.01
C7 NAG L . 34.25 -35.15 0.22
C8 NAG L . 35.39 -34.38 -0.37
N2 NAG L . 33.18 -35.31 -0.56
O3 NAG L . 32.79 -38.11 -1.05
O4 NAG L . 30.08 -38.91 -1.62
O5 NAG L . 29.64 -35.83 0.32
O6 NAG L . 26.87 -37.17 -0.82
O7 NAG L . 34.30 -35.62 1.36
H1 NAG L . 30.62 -34.76 -1.01
H2 NAG L . 32.12 -36.38 0.75
H3 NAG L . 31.60 -36.86 -2.00
H4 NAG L . 30.55 -38.33 0.20
H5 NAG L . 29.08 -36.53 -1.45
H61 NAG L . 28.09 -38.47 0.03
H62 NAG L . 27.84 -37.15 0.89
H81 NAG L . 35.73 -34.85 -1.16
H82 NAG L . 36.09 -34.29 0.29
H83 NAG L . 35.07 -33.50 -0.64
HN2 NAG L . 33.20 -34.94 -1.39
HO3 NAG L . 32.96 -38.40 -1.87
HO6 NAG L . 26.13 -37.36 -0.38
C1 NAG L . 29.88 -40.33 -1.55
C2 NAG L . 29.82 -40.60 -3.06
C3 NAG L . 30.22 -42.04 -3.34
C4 NAG L . 31.55 -42.37 -2.71
C5 NAG L . 31.53 -42.01 -1.21
C6 NAG L . 32.87 -42.21 -0.54
C7 NAG L . 28.17 -39.27 -4.33
C8 NAG L . 29.27 -38.30 -4.66
N2 NAG L . 28.49 -40.32 -3.57
O3 NAG L . 30.28 -42.24 -4.75
O4 NAG L . 31.85 -43.76 -2.85
O5 NAG L . 31.19 -40.63 -1.06
O6 NAG L . 32.73 -43.02 0.63
O7 NAG L . 27.01 -39.09 -4.74
H1 NAG L . 29.23 -40.90 -1.10
H2 NAG L . 30.46 -40.01 -3.50
H3 NAG L . 29.54 -42.64 -2.97
H4 NAG L . 32.26 -41.85 -3.14
H5 NAG L . 30.86 -42.56 -0.77
H61 NAG L . 33.48 -42.65 -1.15
H62 NAG L . 33.22 -41.34 -0.28
H81 NAG L . 28.93 -37.60 -5.24
H82 NAG L . 29.61 -37.91 -3.84
H83 NAG L . 29.99 -38.78 -5.11
HN2 NAG L . 27.83 -40.91 -3.37
HO3 NAG L . 29.91 -43.02 -4.96
HO4 NAG L . 32.46 -43.87 -3.49
HO6 NAG L . 33.44 -42.91 1.15
C1 NAG M . -20.04 -1.26 -5.53
C2 NAG M . -19.62 -2.72 -5.53
C3 NAG M . -19.55 -3.24 -6.96
C4 NAG M . -20.88 -3.00 -7.66
C5 NAG M . -21.27 -1.52 -7.57
C6 NAG M . -22.64 -1.24 -8.14
C7 NAG M . -18.12 -3.85 -3.94
C8 NAG M . -16.74 -3.88 -3.35
N2 NAG M . -18.34 -2.90 -4.86
O3 NAG M . -19.25 -4.63 -6.95
O4 NAG M . -20.76 -3.36 -9.04
O5 NAG M . -21.29 -1.11 -6.20
O6 NAG M . -23.58 -2.23 -7.76
O7 NAG M . -19.00 -4.63 -3.59
H1 NAG M . -19.36 -0.72 -6.01
H2 NAG M . -20.30 -3.23 -5.06
H3 NAG M . -18.84 -2.76 -7.44
H4 NAG M . -21.57 -3.54 -7.25
H5 NAG M . -20.61 -1.00 -8.06
H61 NAG M . -22.59 -1.20 -9.11
H62 NAG M . -22.94 -0.37 -7.81
H81 NAG M . -16.09 -4.08 -4.05
H82 NAG M . -16.70 -4.57 -2.66
H83 NAG M . -16.54 -3.01 -2.95
HN2 NAG M . -17.66 -2.34 -5.08
HO3 NAG M . -18.63 -4.81 -7.55
HO6 NAG M . -24.38 -2.01 -8.07
C1 NAG M . -21.81 -4.42 -9.47
C2 NAG M . -21.51 -4.20 -10.95
C3 NAG M . -22.22 -5.27 -11.80
C4 NAG M . -21.88 -6.66 -11.29
C5 NAG M . -22.18 -6.76 -9.80
C6 NAG M . -21.81 -8.09 -9.20
C7 NAG M . -21.10 -1.99 -11.95
C8 NAG M . -21.70 -0.66 -12.30
N2 NAG M . -21.92 -2.86 -11.37
O3 NAG M . -21.80 -5.13 -13.16
O4 NAG M . -22.63 -7.64 -11.99
O5 NAG M . -21.46 -5.76 -9.09
O6 NAG M . -20.55 -8.55 -9.66
O7 NAG M . -19.92 -2.24 -12.17
H1 NAG M . -22.76 -4.28 -9.31
H2 NAG M . -20.56 -4.28 -11.09
H3 NAG M . -23.17 -5.13 -11.75
H4 NAG M . -20.93 -6.83 -11.44
H5 NAG M . -23.14 -6.61 -9.67
H61 NAG M . -22.48 -8.76 -9.44
H62 NAG M . -21.78 -8.00 -8.23
H81 NAG M . -21.02 -0.07 -12.68
H82 NAG M . -22.41 -0.79 -12.97
H83 NAG M . -22.08 -0.25 -11.51
HN2 NAG M . -22.79 -2.62 -11.23
HO3 NAG M . -22.50 -5.24 -13.69
HO6 NAG M . -20.22 -9.15 -9.10
C1 BMA M . -22.30 -8.39 -13.24
C2 BMA M . -22.99 -9.77 -13.26
C3 BMA M . -22.54 -10.53 -14.51
C4 BMA M . -22.73 -9.67 -15.78
C5 BMA M . -22.07 -8.27 -15.61
C6 BMA M . -22.36 -7.33 -16.76
O2 BMA M . -24.40 -9.64 -13.34
O3 BMA M . -23.22 -11.78 -14.64
O4 BMA M . -22.15 -10.32 -16.90
O5 BMA M . -22.59 -7.66 -14.42
O6 BMA M . -21.51 -6.19 -16.63
H1 BMA M . -21.21 -8.52 -13.14
H2 BMA M . -22.69 -10.33 -12.35
H3 BMA M . -21.47 -10.77 -14.42
H4 BMA M . -23.81 -9.51 -15.92
H5 BMA M . -20.98 -8.40 -15.52
H61 BMA M . -22.19 -7.86 -17.71
H62 BMA M . -23.43 -7.05 -16.71
HO2 BMA M . -24.75 -10.10 -12.56
HO4 BMA M . -22.91 -10.60 -17.45
C1 NAG N . -41.58 25.75 -11.70
C2 NAG N . -42.27 27.02 -11.27
C3 NAG N . -43.60 27.16 -12.00
C4 NAG N . -43.38 27.09 -13.50
C5 NAG N . -42.61 25.82 -13.87
C6 NAG N . -42.22 25.75 -15.33
C7 NAG N . -42.31 28.16 -9.09
C8 NAG N . -42.56 28.00 -7.62
N2 NAG N . -42.46 27.05 -9.83
O3 NAG N . -44.21 28.40 -11.64
O4 NAG N . -44.65 27.11 -14.18
O5 NAG N . -41.38 25.77 -13.11
O6 NAG N . -41.18 26.65 -15.63
O7 NAG N . -42.01 29.24 -9.59
H1 NAG N . -42.13 24.98 -11.47
H2 NAG N . -41.70 27.78 -11.53
H3 NAG N . -44.18 26.44 -11.72
H4 NAG N . -42.87 27.86 -13.79
H5 NAG N . -43.15 25.04 -13.64
H61 NAG N . -43.01 25.97 -15.86
H62 NAG N . -41.93 24.85 -15.54
H81 NAG N . -42.39 28.85 -7.17
H82 NAG N . -41.95 27.32 -7.26
H83 NAG N . -43.49 27.73 -7.47
HN2 NAG N . -42.69 26.28 -9.41
HO3 NAG N . -45.08 28.29 -11.57
HO6 NAG N . -40.87 26.49 -16.45
C1 NAG N . -45.24 28.11 -15.08
C2 NAG N . -46.60 27.54 -15.49
C3 NAG N . -47.57 28.67 -15.80
C4 NAG N . -47.63 29.67 -14.64
C5 NAG N . -46.21 30.12 -14.29
C6 NAG N . -46.12 31.02 -13.09
C7 NAG N . -46.38 25.35 -16.62
C8 NAG N . -46.45 24.71 -15.26
N2 NAG N . -46.45 26.68 -16.66
O3 NAG N . -48.86 28.13 -16.06
O4 NAG N . -48.38 30.81 -15.05
O5 NAG N . -45.41 28.96 -13.99
O6 NAG N . -44.76 31.24 -12.74
O7 NAG N . -46.27 24.67 -17.63
H1 NAG N . -44.87 28.63 -15.82
H2 NAG N . -46.95 27.02 -14.75
H3 NAG N . -47.27 29.13 -16.60
H4 NAG N . -48.06 29.25 -13.87
H5 NAG N . -45.83 30.56 -15.07
H61 NAG N . -46.53 31.89 -13.31
H62 NAG N . -46.59 30.62 -12.34
H81 NAG N . -45.68 25.01 -14.72
H82 NAG N . -47.27 24.97 -14.82
H83 NAG N . -46.42 23.74 -15.35
HN2 NAG N . -46.42 27.07 -17.48
HO3 NAG N . -49.24 28.56 -16.74
HO4 NAG N . -49.13 30.86 -14.57
HO6 NAG N . -44.50 30.59 -12.18
CA CA O . 2.57 12.04 -30.28
CA CA P . 10.64 0.55 -33.55
CA CA Q . 22.17 0.26 -39.84
CA CA R . 29.86 11.39 -43.24
S SO4 S . 5.11 29.47 -2.72
O1 SO4 S . 6.10 28.98 -1.77
O2 SO4 S . 5.77 29.79 -3.99
O3 SO4 S . 4.09 28.46 -2.95
O4 SO4 S . 4.48 30.68 -2.18
S SO4 T . 45.74 13.70 -29.60
O1 SO4 T . 46.82 12.72 -29.62
O2 SO4 T . 45.60 14.29 -30.93
O3 SO4 T . 44.49 13.04 -29.23
O4 SO4 T . 46.05 14.75 -28.64
S SO4 U . 24.45 -10.86 -32.95
O1 SO4 U . 24.91 -10.66 -34.32
O2 SO4 U . 25.26 -10.02 -32.05
O3 SO4 U . 24.61 -12.26 -32.57
O4 SO4 U . 23.05 -10.47 -32.84
C1 GOL V . 0.30 9.71 -10.04
O1 GOL V . 1.07 10.62 -10.79
C2 GOL V . 1.02 9.40 -8.74
O2 GOL V . 1.64 10.56 -8.25
C3 GOL V . 2.07 8.32 -8.95
O3 GOL V . 1.47 7.13 -9.41
H11 GOL V . 0.13 8.79 -10.61
H12 GOL V . -0.69 10.14 -9.82
HO1 GOL V . 0.62 10.77 -11.66
H2 GOL V . 0.30 9.04 -8.01
HO2 GOL V . 2.09 10.36 -7.40
H31 GOL V . 2.58 8.11 -8.01
H32 GOL V . 2.81 8.66 -9.67
HO3 GOL V . 2.15 6.43 -9.52
MN MN W . 19.90 15.06 7.94
MN MN X . 16.59 12.63 13.57
MN MN Y . 22.09 16.43 2.53
C1 NAG Z . 40.24 -39.00 2.83
C2 NAG Z . 40.57 -38.44 4.22
C3 NAG Z . 40.46 -39.54 5.26
C4 NAG Z . 39.10 -40.21 5.18
C5 NAG Z . 38.81 -40.69 3.76
C6 NAG Z . 37.42 -41.24 3.59
C7 NAG Z . 42.14 -36.66 4.85
C8 NAG Z . 43.55 -36.18 4.77
N2 NAG Z . 41.88 -37.83 4.24
O3 NAG Z . 40.67 -38.99 6.55
O4 NAG Z . 39.05 -41.33 6.07
O5 NAG Z . 38.94 -39.59 2.84
O6 NAG Z . 36.61 -40.36 2.81
O7 NAG Z . 41.27 -36.03 5.44
H1 NAG Z . 40.90 -39.67 2.59
H2 NAG Z . 39.90 -37.75 4.43
H3 NAG Z . 41.15 -40.21 5.08
H4 NAG Z . 38.41 -39.57 5.44
H5 NAG Z . 39.47 -41.38 3.52
H61 NAG Z . 37.01 -41.37 4.46
H62 NAG Z . 37.47 -42.11 3.13
H81 NAG Z . 43.63 -35.31 5.21
H82 NAG Z . 44.14 -36.82 5.22
H83 NAG Z . 43.82 -36.10 3.83
HN2 NAG Z . 42.56 -38.25 3.81
HO3 NAG Z . 41.14 -39.56 7.04
HO4 NAG Z . 38.62 -41.10 6.81
HO6 NAG Z . 35.81 -40.72 2.71
CA CA AA . -31.19 -34.74 -2.15
CA CA BA . -42.79 -25.55 -2.44
CA CA CA . -51.26 -23.41 7.37
CA CA DA . -50.11 -27.82 20.52
C1 MAN EA . -22.60 -13.07 -14.02
C2 MAN EA . -23.29 -14.41 -14.38
C3 MAN EA . -24.62 -14.57 -13.63
C4 MAN EA . -24.44 -14.30 -12.13
C5 MAN EA . -23.80 -12.92 -11.92
C6 MAN EA . -23.53 -12.62 -10.45
O2 MAN EA . -22.49 -15.52 -13.96
O3 MAN EA . -25.18 -15.87 -13.83
O4 MAN EA . -25.71 -14.34 -11.48
O5 MAN EA . -22.54 -12.87 -12.62
O6 MAN EA . -22.34 -11.85 -10.37
H1 MAN EA . -21.55 -13.11 -14.33
H2 MAN EA . -23.47 -14.44 -15.46
H3 MAN EA . -25.34 -13.85 -14.02
H4 MAN EA . -23.77 -15.07 -11.71
H5 MAN EA . -24.49 -12.15 -12.31
H61 MAN EA . -24.40 -12.06 -10.04
H62 MAN EA . -23.44 -13.57 -9.92
HO2 MAN EA . -22.02 -15.87 -14.73
HO3 MAN EA . -25.92 -15.73 -14.45
HO4 MAN EA . -25.72 -15.17 -10.97
S SO4 FA . -10.73 -16.66 26.94
O1 SO4 FA . -10.70 -16.30 25.54
O2 SO4 FA . -9.81 -15.81 27.69
O3 SO4 FA . -10.33 -18.06 27.09
O4 SO4 FA . -12.09 -16.48 27.46
S SO4 GA . -52.28 -11.16 0.76
O1 SO4 GA . -51.88 -12.20 -0.17
O2 SO4 GA . -52.37 -9.88 0.05
O3 SO4 GA . -53.57 -11.49 1.35
O4 SO4 GA . -51.27 -11.04 1.82
S SO4 HA . -15.21 -20.64 -6.79
O1 SO4 HA . -14.46 -20.62 -5.54
O2 SO4 HA . -14.33 -20.29 -7.89
O3 SO4 HA . -16.30 -19.68 -6.72
O4 SO4 HA . -15.75 -21.98 -7.00
CL CL IA . -42.34 -12.84 33.16
MN MN JA . 0.97 1.66 4.44
MN MN KA . -9.24 -6.57 12.32
C1 NAG LA . -44.70 34.38 -7.29
C2 NAG LA . -43.53 35.26 -6.87
C3 NAG LA . -43.37 36.42 -7.85
C4 NAG LA . -43.26 35.91 -9.27
C5 NAG LA . -44.45 35.01 -9.58
C6 NAG LA . -44.34 34.34 -10.92
C7 NAG LA . -42.70 35.93 -4.68
C8 NAG LA . -43.05 36.46 -3.33
N2 NAG LA . -43.71 35.74 -5.52
O3 NAG LA . -42.23 37.19 -7.50
O4 NAG LA . -43.22 36.98 -10.19
O5 NAG LA . -44.52 33.94 -8.62
O6 NAG LA . -44.64 32.95 -10.80
O7 NAG LA . -41.53 35.68 -4.99
H1 NAG LA . -45.53 34.89 -7.24
H2 NAG LA . -42.71 34.73 -6.91
H3 NAG LA . -44.17 36.99 -7.79
H4 NAG LA . -42.43 35.39 -9.35
H5 NAG LA . -45.27 35.53 -9.54
H61 NAG LA . -43.44 34.45 -11.27
H62 NAG LA . -44.98 34.76 -11.54
H81 NAG LA . -43.45 37.34 -3.43
H82 NAG LA . -43.70 35.86 -2.91
H83 NAG LA . -42.25 36.51 -2.78
HN2 NAG LA . -44.55 35.96 -5.25
HO3 NAG LA . -42.35 38.04 -7.75
HO4 NAG LA . -42.44 36.98 -10.62
HO6 NAG LA . -45.01 32.67 -11.56
MN MN MA . -4.46 -3.85 10.35
S SO4 NA . 21.16 54.56 -13.92
O1 SO4 NA . 21.51 53.14 -13.97
O2 SO4 NA . 22.31 55.36 -14.33
O3 SO4 NA . 20.05 54.82 -14.83
O4 SO4 NA . 20.79 54.93 -12.56
#